data_8DL1
#
_entry.id   8DL1
#
_cell.length_a   99.680
_cell.length_b   128.640
_cell.length_c   149.760
_cell.angle_alpha   90.000
_cell.angle_beta   105.370
_cell.angle_gamma   90.000
#
_symmetry.space_group_name_H-M   'P 1 21 1'
#
loop_
_entity.id
_entity.type
_entity.pdbx_description
1 polymer 'Alpha amylase, catalytic domain protein'
2 branched alpha-D-glucopyranose-(1-4)-alpha-D-glucopyranose-(1-4)-alpha-D-glucopyranose-(1-4)-alpha-D-glucopyranose-(1-4)-alpha-D-glucopyranose
3 branched alpha-D-glucopyranose-(1-4)-alpha-D-glucopyranose-(1-4)-alpha-D-glucopyranose
4 branched alpha-D-glucopyranose-(1-4)-alpha-D-glucopyranose-(1-4)-alpha-D-glucopyranose-(1-4)-alpha-D-glucopyranose
5 branched alpha-D-glucopyranose-(1-4)-[alpha-D-glucopyranose-(1-6)]alpha-D-glucopyranose-(1-4)-alpha-D-glucopyranose-(1-4)-alpha-D-glucopyranose-(1-4)-alpha-D-glucopyranose-(1-4)-alpha-D-glucopyranose
6 branched alpha-D-glucopyranose-(1-4)-alpha-D-glucopyranose-(1-6)-[alpha-D-glucopyranose-(1-4)]alpha-D-glucopyranose-(1-4)-alpha-D-glucopyranose-(1-4)-alpha-D-glucopyranose-(1-4)-alpha-D-glucopyranose
7 branched alpha-D-glucopyranose-(1-4)-alpha-D-glucopyranose-(1-6)-alpha-D-glucopyranose-(1-4)-alpha-D-glucopyranose-(1-4)-alpha-D-glucopyranose-(1-4)-alpha-D-glucopyranose
8 branched alpha-D-glucopyranose-(1-6)-alpha-D-glucopyranose-(1-4)-alpha-D-glucopyranose-(1-4)-alpha-D-glucopyranose-(1-4)-alpha-D-glucopyranose
9 non-polymer 1,2-ETHANEDIOL
10 non-polymer 'ACETATE ION'
11 non-polymer 'CALCIUM ION'
12 non-polymer 'MANGANESE (II) ION'
13 non-polymer 'PENTAETHYLENE GLYCOL'
14 non-polymer 'TRIETHYLENE GLYCOL'
15 non-polymer 'SODIUM ION'
16 non-polymer DI(HYDROXYETHYL)ETHER
17 non-polymer 'CHLORIDE ION'
18 water water
#
_entity_poly.entity_id   1
_entity_poly.type   'polypeptide(L)'
_entity_poly.pdbx_seq_one_letter_code
;GSDDDPLMPGERPSSGTDPAPEEQVLHDGFNFDPAIPKADEPLTITFKAPEGSNFYGYADDLYLHSGTGANWTGAPTWGD
NQNKYRLKKTKDNVWSITLSSSIRHFYSVAPSTPLQTINLIVRDAEGSQQTYDYATLVEDSQNGFIWEEPQKAPLPISGE
EKEGIHIHSATSIMLVLYDKDSQGGHKDCVFVTGNFNNWKLDSRYMMKYDETNHCWWITLEELTAGETQFQYFVYSASDG
GTYLCDPYCEQALEKGVDTNFPTGAQAPYVSVVSTNPQPYQWSAGEFEMKNKENPVIYELLLRDFTSSGNLAGAMEKLPY
LKELGIDAIELMPVQEFAGNDSWGYNTGLYFALDASYGTQNEYKAFIDACHQNGIAVIFDVVYNHTNNDNPFARMYWDTF
NNRPSTKNPWLNAVTPHQKYVFSPDDFNHTSEQTKAFVKRNLKYLLDTYHIDGFRFDFTKGFTQKQTTGDDDLAATDPAR
VSVLKEYYEAVKAVKEDAMVTMQHFCANEETTLATEGIHFWRNMNHSYCQSAMGWKDNSDFSGLYDTTRPNQFVGYMESH
DEERCAYKQIEYGNGALKTNLSERLKQLSSNAAFFFTVPGPKMLWQFGEMGYDISIDENGRTGKKPVLWEYQTERKSLVD
IYTKLITLRTTHSDLFNASSQFTWKVSYNDWDNGRTLTLKAVNGKQLHVYANFTNASIDYTIPEGTWYLYLENGNPVEGE
KKISVPAHEFRLYTNFAE
;
_entity_poly.pdbx_strand_id   A,B,C,D
#
# COMPACT_ATOMS: atom_id res chain seq x y z
N VAL A 25 -21.06 43.35 4.41
CA VAL A 25 -22.24 42.43 4.55
C VAL A 25 -21.72 41.04 4.92
N LEU A 26 -22.41 40.34 5.83
CA LEU A 26 -22.03 38.99 6.34
C LEU A 26 -23.24 38.06 6.24
N HIS A 27 -23.05 36.86 5.71
CA HIS A 27 -24.00 35.73 5.81
C HIS A 27 -23.84 35.05 7.17
N ASP A 28 -24.79 34.20 7.54
CA ASP A 28 -24.72 33.43 8.81
C ASP A 28 -23.57 32.41 8.70
N GLY A 29 -22.86 32.16 9.80
CA GLY A 29 -21.68 31.28 9.79
C GLY A 29 -20.45 32.02 9.31
N PHE A 30 -19.64 31.33 8.52
CA PHE A 30 -18.28 31.73 8.10
C PHE A 30 -18.34 32.59 6.84
N ASN A 31 -17.57 33.68 6.86
CA ASN A 31 -17.39 34.65 5.77
C ASN A 31 -15.89 34.84 5.57
N PHE A 32 -15.48 35.13 4.34
CA PHE A 32 -14.07 35.07 3.89
C PHE A 32 -13.73 36.37 3.14
N ASP A 33 -12.62 36.95 3.57
CA ASP A 33 -11.88 38.04 2.88
C ASP A 33 -10.43 37.60 2.78
N PRO A 34 -9.91 37.29 1.57
CA PRO A 34 -10.65 37.40 0.32
C PRO A 34 -11.80 36.39 0.18
N ALA A 35 -12.83 36.78 -0.59
CA ALA A 35 -14.06 36.01 -0.86
C ALA A 35 -13.68 34.59 -1.34
N ILE A 36 -12.63 34.49 -2.16
CA ILE A 36 -12.01 33.20 -2.59
C ILE A 36 -10.69 33.06 -1.85
N PRO A 37 -10.63 32.23 -0.78
CA PRO A 37 -9.38 32.00 -0.08
C PRO A 37 -8.23 31.60 -1.03
N LYS A 38 -7.05 32.17 -0.79
CA LYS A 38 -5.81 31.94 -1.57
C LYS A 38 -4.76 31.36 -0.62
N ALA A 39 -4.17 30.24 -1.02
CA ALA A 39 -3.29 29.45 -0.15
C ALA A 39 -2.11 30.31 0.29
N ASP A 40 -1.70 31.23 -0.58
CA ASP A 40 -0.41 31.96 -0.41
C ASP A 40 -0.67 33.44 -0.12
N GLU A 41 -1.90 33.81 0.24
CA GLU A 41 -2.24 35.15 0.79
C GLU A 41 -2.77 34.99 2.20
N PRO A 42 -2.85 36.09 2.99
CA PRO A 42 -3.53 36.06 4.28
C PRO A 42 -5.05 35.88 4.07
N LEU A 43 -5.72 35.50 5.14
CA LEU A 43 -7.18 35.27 5.11
C LEU A 43 -7.80 35.82 6.38
N THR A 44 -8.87 36.59 6.23
CA THR A 44 -9.71 37.02 7.37
C THR A 44 -11.00 36.21 7.32
N ILE A 45 -11.26 35.48 8.40
CA ILE A 45 -12.48 34.65 8.60
C ILE A 45 -13.33 35.41 9.61
N THR A 46 -14.57 35.67 9.26
CA THR A 46 -15.58 36.30 10.13
C THR A 46 -16.70 35.30 10.37
N PHE A 47 -17.02 35.04 11.62
CA PHE A 47 -18.08 34.08 12.01
C PHE A 47 -19.25 34.92 12.53
N LYS A 48 -20.44 34.68 11.98
CA LYS A 48 -21.69 35.33 12.44
C LYS A 48 -22.59 34.25 13.04
N ALA A 49 -22.88 34.34 14.35
CA ALA A 49 -23.81 33.44 15.05
C ALA A 49 -25.24 33.72 14.56
N PRO A 50 -25.91 32.73 13.93
CA PRO A 50 -27.31 32.90 13.55
C PRO A 50 -28.23 32.83 14.78
N GLU A 51 -29.40 33.47 14.69
CA GLU A 51 -30.46 33.49 15.73
C GLU A 51 -30.76 32.06 16.18
N GLY A 52 -31.00 31.85 17.48
CA GLY A 52 -31.33 30.55 18.08
C GLY A 52 -30.10 29.70 18.37
N SER A 53 -29.01 29.85 17.59
CA SER A 53 -27.77 29.05 17.68
C SER A 53 -27.12 29.29 19.05
N ASN A 54 -26.17 28.44 19.46
CA ASN A 54 -25.69 28.42 20.86
C ASN A 54 -24.73 29.59 21.15
N PHE A 55 -24.10 30.20 20.14
CA PHE A 55 -23.22 31.38 20.32
C PHE A 55 -23.98 32.68 20.03
N TYR A 56 -25.26 32.57 19.66
CA TYR A 56 -26.13 33.75 19.47
C TYR A 56 -26.21 34.56 20.79
N GLY A 57 -25.63 35.76 20.83
CA GLY A 57 -25.58 36.63 22.02
C GLY A 57 -24.45 36.27 22.97
N TYR A 58 -23.55 35.35 22.58
CA TYR A 58 -22.33 35.03 23.35
C TYR A 58 -21.50 36.32 23.46
N ALA A 59 -21.00 36.58 24.66
CA ALA A 59 -20.40 37.87 25.07
C ALA A 59 -18.89 37.87 24.82
N ASP A 60 -18.20 36.72 24.95
CA ASP A 60 -16.72 36.67 25.00
C ASP A 60 -16.17 36.41 23.60
N ASP A 61 -14.85 36.40 23.47
CA ASP A 61 -14.13 35.90 22.28
C ASP A 61 -14.34 34.39 22.08
N LEU A 62 -14.17 33.94 20.84
CA LEU A 62 -14.20 32.52 20.44
C LEU A 62 -12.80 32.10 20.01
N TYR A 63 -12.60 30.80 19.80
CA TYR A 63 -11.30 30.21 19.42
C TYR A 63 -11.51 29.29 18.21
N LEU A 64 -10.49 29.24 17.36
CA LEU A 64 -10.48 28.47 16.11
C LEU A 64 -9.74 27.16 16.31
N HIS A 65 -10.47 26.09 16.04
CA HIS A 65 -9.93 24.73 15.86
C HIS A 65 -9.99 24.44 14.37
N SER A 66 -8.84 24.34 13.70
CA SER A 66 -8.78 24.35 12.22
C SER A 66 -7.59 23.57 11.69
N GLY A 67 -7.67 23.16 10.44
CA GLY A 67 -6.58 22.46 9.72
C GLY A 67 -6.91 22.36 8.25
N THR A 68 -5.94 21.94 7.41
CA THR A 68 -6.11 21.93 5.94
C THR A 68 -6.26 20.50 5.44
N GLY A 69 -6.93 20.34 4.30
CA GLY A 69 -7.01 19.04 3.60
C GLY A 69 -7.89 18.06 4.35
N ALA A 70 -7.91 16.82 3.90
CA ALA A 70 -8.84 15.76 4.38
C ALA A 70 -8.61 15.52 5.88
N ASN A 71 -7.37 15.56 6.38
CA ASN A 71 -7.02 15.11 7.75
C ASN A 71 -6.61 16.30 8.64
N TRP A 72 -7.02 17.51 8.27
CA TRP A 72 -6.91 18.69 9.16
C TRP A 72 -5.44 18.92 9.54
N THR A 73 -4.56 19.00 8.55
CA THR A 73 -3.11 19.26 8.73
C THR A 73 -2.94 20.54 9.52
N GLY A 74 -2.11 20.48 10.55
CA GLY A 74 -1.79 21.65 11.38
C GLY A 74 -2.84 21.93 12.45
N ALA A 75 -3.83 21.06 12.69
CA ALA A 75 -4.84 21.31 13.75
C ALA A 75 -4.07 21.37 15.05
N PRO A 76 -4.46 22.23 16.01
CA PRO A 76 -3.81 22.22 17.31
C PRO A 76 -4.42 21.14 18.20
N THR A 77 -3.87 20.97 19.39
CA THR A 77 -4.54 20.31 20.54
C THR A 77 -5.84 21.05 20.86
N TRP A 78 -6.94 20.33 20.95
CA TRP A 78 -8.25 20.88 21.35
C TRP A 78 -8.09 21.75 22.60
N GLY A 79 -8.49 23.02 22.49
CA GLY A 79 -8.52 23.96 23.62
C GLY A 79 -7.29 24.87 23.67
N ASP A 80 -6.34 24.76 22.74
CA ASP A 80 -5.13 25.61 22.67
C ASP A 80 -5.57 27.08 22.48
N ASN A 81 -5.41 27.91 23.50
CA ASN A 81 -5.97 29.30 23.53
C ASN A 81 -4.88 30.34 23.24
N GLN A 82 -3.81 29.95 22.54
CA GLN A 82 -2.83 30.89 21.97
C GLN A 82 -3.58 31.95 21.19
N ASN A 83 -3.07 33.18 21.25
CA ASN A 83 -3.66 34.37 20.61
C ASN A 83 -3.90 34.16 19.11
N LYS A 84 -3.06 33.39 18.44
CA LYS A 84 -3.17 33.17 16.99
C LYS A 84 -4.47 32.40 16.64
N TYR A 85 -5.13 31.79 17.64
CA TYR A 85 -6.40 31.05 17.45
C TYR A 85 -7.59 31.82 18.00
N ARG A 86 -7.39 33.03 18.53
CA ARG A 86 -8.51 33.83 19.07
C ARG A 86 -9.27 34.54 17.94
N LEU A 87 -10.58 34.39 17.93
CA LEU A 87 -11.50 35.24 17.14
C LEU A 87 -12.01 36.35 18.06
N LYS A 88 -11.67 37.60 17.70
CA LYS A 88 -12.09 38.81 18.43
C LYS A 88 -13.53 39.11 18.09
N LYS A 89 -14.35 39.31 19.11
CA LYS A 89 -15.72 39.84 18.89
C LYS A 89 -15.56 41.28 18.39
N THR A 90 -16.07 41.58 17.21
CA THR A 90 -15.93 42.91 16.54
C THR A 90 -17.28 43.64 16.55
N LYS A 91 -18.40 42.93 16.53
CA LYS A 91 -19.76 43.45 16.77
C LYS A 91 -20.58 42.36 17.46
N ASP A 92 -21.77 42.71 17.92
CA ASP A 92 -22.85 41.75 18.30
C ASP A 92 -22.86 40.55 17.34
N ASN A 93 -22.63 39.35 17.87
CA ASN A 93 -22.73 38.06 17.12
C ASN A 93 -21.80 37.99 15.91
N VAL A 94 -20.66 38.69 15.95
CA VAL A 94 -19.66 38.68 14.84
C VAL A 94 -18.26 38.62 15.45
N TRP A 95 -17.48 37.62 15.04
CA TRP A 95 -16.08 37.42 15.52
C TRP A 95 -15.17 37.34 14.30
N SER A 96 -13.94 37.77 14.45
CA SER A 96 -13.03 37.83 13.28
C SER A 96 -11.63 37.39 13.69
N ILE A 97 -10.94 36.74 12.78
CA ILE A 97 -9.54 36.25 12.98
C ILE A 97 -8.81 36.36 11.64
N THR A 98 -7.55 36.72 11.68
CA THR A 98 -6.74 36.81 10.45
C THR A 98 -5.65 35.75 10.53
N LEU A 99 -5.50 34.97 9.45
CA LEU A 99 -4.39 34.00 9.32
C LEU A 99 -3.26 34.75 8.62
N SER A 100 -2.22 35.11 9.37
CA SER A 100 -1.28 36.17 8.97
C SER A 100 -0.13 35.52 8.21
N SER A 101 0.55 36.38 7.45
CA SER A 101 1.50 36.02 6.38
C SER A 101 0.62 35.36 5.32
N SER A 102 0.31 34.07 5.49
CA SER A 102 -0.59 33.35 4.54
C SER A 102 -1.29 32.17 5.25
N ILE A 103 -2.35 31.66 4.63
CA ILE A 103 -2.95 30.33 4.97
C ILE A 103 -1.84 29.29 5.06
N ARG A 104 -1.00 29.15 4.03
CA ARG A 104 0.03 28.07 4.01
C ARG A 104 0.96 28.26 5.22
N HIS A 105 1.39 29.50 5.49
CA HIS A 105 2.33 29.78 6.60
C HIS A 105 1.61 29.54 7.92
N PHE A 106 0.34 29.95 8.04
CA PHE A 106 -0.42 29.75 9.30
C PHE A 106 -0.44 28.27 9.70
N TYR A 107 -0.61 27.31 8.77
CA TYR A 107 -0.68 25.85 9.06
C TYR A 107 0.66 25.13 8.82
N SER A 108 1.75 25.84 8.53
CA SER A 108 3.09 25.23 8.27
C SER A 108 3.00 24.18 7.17
N VAL A 109 2.29 24.48 6.08
CA VAL A 109 2.15 23.57 4.92
C VAL A 109 3.32 23.87 3.96
N ALA A 110 3.98 22.83 3.45
CA ALA A 110 5.06 22.93 2.44
C ALA A 110 4.57 23.65 1.19
N PRO A 111 5.44 24.46 0.53
CA PRO A 111 5.06 25.22 -0.66
C PRO A 111 4.49 24.36 -1.80
N SER A 112 4.97 23.13 -1.97
CA SER A 112 4.57 22.24 -3.08
C SER A 112 3.41 21.31 -2.69
N THR A 113 2.87 21.42 -1.46
CA THR A 113 1.66 20.65 -1.06
C THR A 113 0.43 21.45 -1.49
N PRO A 114 -0.41 20.93 -2.42
CA PRO A 114 -1.66 21.60 -2.76
C PRO A 114 -2.44 21.81 -1.45
N LEU A 115 -2.80 23.06 -1.17
CA LEU A 115 -3.65 23.44 -0.01
C LEU A 115 -5.01 23.86 -0.57
N GLN A 116 -6.00 22.96 -0.55
CA GLN A 116 -7.25 23.08 -1.35
C GLN A 116 -8.49 23.23 -0.44
N THR A 117 -8.38 22.80 0.82
CA THR A 117 -9.47 23.02 1.80
C THR A 117 -8.91 23.47 3.15
N ILE A 118 -9.76 24.19 3.85
CA ILE A 118 -9.54 24.69 5.23
C ILE A 118 -10.80 24.24 6.01
N ASN A 119 -10.58 23.52 7.11
CA ASN A 119 -11.65 23.00 8.02
C ASN A 119 -11.72 23.85 9.27
N LEU A 120 -12.92 24.24 9.69
CA LEU A 120 -13.11 25.30 10.71
C LEU A 120 -14.13 24.85 11.73
N ILE A 121 -13.76 24.97 13.00
CA ILE A 121 -14.68 24.88 14.16
C ILE A 121 -14.38 26.09 15.04
N VAL A 122 -15.43 26.74 15.54
CA VAL A 122 -15.27 27.80 16.56
C VAL A 122 -15.74 27.19 17.88
N ARG A 123 -15.09 27.55 18.98
CA ARG A 123 -15.43 27.04 20.33
C ARG A 123 -15.26 28.14 21.38
N ASP A 124 -15.88 27.95 22.53
CA ASP A 124 -15.56 28.76 23.73
C ASP A 124 -14.13 28.42 24.19
N ALA A 125 -13.54 29.30 24.99
CA ALA A 125 -12.21 29.13 25.63
C ALA A 125 -12.14 27.79 26.37
N GLU A 126 -13.23 27.33 26.97
CA GLU A 126 -13.29 26.08 27.78
C GLU A 126 -13.20 24.82 26.88
N GLY A 127 -13.50 24.91 25.60
CA GLY A 127 -13.54 23.71 24.72
C GLY A 127 -14.75 22.85 25.00
N SER A 128 -15.83 23.47 25.44
CA SER A 128 -17.09 22.85 25.84
C SER A 128 -18.12 23.08 24.73
N GLN A 129 -18.55 24.31 24.51
CA GLN A 129 -19.43 24.68 23.37
C GLN A 129 -18.60 24.82 22.08
N GLN A 130 -19.18 24.41 20.96
CA GLN A 130 -18.49 24.40 19.67
C GLN A 130 -19.51 24.32 18.53
N THR A 131 -19.07 24.73 17.35
CA THR A 131 -19.66 24.31 16.06
C THR A 131 -18.99 22.99 15.66
N TYR A 132 -19.37 22.41 14.52
CA TYR A 132 -18.95 21.06 14.10
C TYR A 132 -18.39 21.19 12.68
N ASP A 133 -17.78 20.11 12.23
CA ASP A 133 -16.86 20.07 11.06
C ASP A 133 -17.48 20.87 9.92
N TYR A 134 -16.73 21.86 9.44
CA TYR A 134 -17.07 22.68 8.25
C TYR A 134 -15.79 22.79 7.41
N ALA A 135 -15.89 22.85 6.09
CA ALA A 135 -14.73 23.13 5.23
C ALA A 135 -15.12 24.14 4.16
N THR A 136 -14.15 24.94 3.71
CA THR A 136 -14.30 25.76 2.49
C THR A 136 -13.13 25.45 1.55
N LEU A 137 -13.30 25.83 0.31
CA LEU A 137 -12.30 25.62 -0.76
C LEU A 137 -11.27 26.73 -0.67
N VAL A 138 -10.02 26.37 -0.95
CA VAL A 138 -8.87 27.30 -1.08
C VAL A 138 -8.27 27.13 -2.48
N GLU A 139 -8.13 28.23 -3.21
CA GLU A 139 -7.39 28.28 -4.49
C GLU A 139 -5.89 28.23 -4.20
N ASP A 140 -5.18 27.34 -4.88
CA ASP A 140 -3.71 27.22 -4.79
C ASP A 140 -3.07 27.41 -6.18
N SER A 141 -3.06 28.65 -6.71
CA SER A 141 -2.34 29.08 -7.96
C SER A 141 -0.96 28.40 -8.05
N GLN A 142 -0.10 28.66 -7.08
CA GLN A 142 1.30 28.17 -6.97
C GLN A 142 1.35 26.68 -7.36
N ASN A 143 0.31 25.88 -7.05
CA ASN A 143 0.32 24.41 -7.28
C ASN A 143 -0.67 24.04 -8.39
N GLY A 144 -1.21 24.98 -9.15
CA GLY A 144 -2.06 24.71 -10.32
C GLY A 144 -3.54 24.45 -10.02
N PHE A 145 -3.99 24.50 -8.77
CA PHE A 145 -5.45 24.43 -8.44
C PHE A 145 -6.06 25.82 -8.64
N ILE A 146 -6.56 26.09 -9.86
CA ILE A 146 -7.33 27.34 -10.16
C ILE A 146 -8.83 26.99 -10.22
N TRP A 147 -9.69 27.81 -9.62
CA TRP A 147 -11.16 27.63 -9.66
C TRP A 147 -11.67 27.75 -11.10
N GLU A 148 -12.69 26.98 -11.47
CA GLU A 148 -13.43 27.15 -12.76
C GLU A 148 -14.93 27.10 -12.47
N GLU A 149 -15.75 27.81 -13.22
CA GLU A 149 -17.24 27.69 -13.12
C GLU A 149 -17.59 26.22 -13.37
N PRO A 150 -18.46 25.60 -12.55
CA PRO A 150 -18.93 24.26 -12.84
C PRO A 150 -19.92 24.32 -14.02
N GLN A 151 -19.88 23.34 -14.91
CA GLN A 151 -20.80 23.30 -16.10
C GLN A 151 -22.15 22.68 -15.72
N LYS A 152 -23.21 23.13 -16.40
CA LYS A 152 -24.51 22.43 -16.48
C LYS A 152 -24.51 21.60 -17.76
N ALA A 153 -24.99 20.37 -17.68
CA ALA A 153 -25.08 19.45 -18.82
C ALA A 153 -26.07 18.34 -18.50
N PRO A 154 -26.82 17.88 -19.51
CA PRO A 154 -27.80 16.81 -19.32
C PRO A 154 -27.16 15.45 -19.04
N LEU A 155 -27.73 14.75 -18.07
CA LEU A 155 -27.46 13.32 -17.79
C LEU A 155 -27.57 12.55 -19.10
N PRO A 156 -26.54 11.80 -19.55
CA PRO A 156 -26.63 11.11 -20.83
C PRO A 156 -27.41 9.79 -20.81
N ILE A 157 -27.95 9.41 -19.65
CA ILE A 157 -28.79 8.19 -19.45
C ILE A 157 -30.15 8.60 -18.88
N SER A 158 -31.14 7.71 -18.95
CA SER A 158 -32.52 7.88 -18.44
C SER A 158 -32.87 6.67 -17.53
N GLY A 159 -33.90 6.74 -16.69
CA GLY A 159 -34.48 5.55 -16.02
C GLY A 159 -34.52 5.65 -14.50
N GLU A 160 -34.90 4.56 -13.81
CA GLU A 160 -35.35 4.56 -12.38
C GLU A 160 -34.17 4.37 -11.41
N GLU A 161 -33.03 3.88 -11.88
CA GLU A 161 -31.86 3.66 -10.99
C GLU A 161 -30.68 4.43 -11.59
N LYS A 162 -30.92 5.69 -11.96
CA LYS A 162 -29.89 6.55 -12.61
C LYS A 162 -28.75 6.74 -11.61
N GLU A 163 -29.05 6.98 -10.33
CA GLU A 163 -28.04 7.37 -9.31
C GLU A 163 -27.10 6.19 -9.08
N GLY A 164 -25.84 6.51 -8.82
CA GLY A 164 -24.84 5.55 -8.36
C GLY A 164 -23.74 5.38 -9.40
N ILE A 165 -23.23 4.15 -9.52
CA ILE A 165 -21.96 3.81 -10.20
C ILE A 165 -22.35 2.96 -11.41
N HIS A 166 -22.03 3.42 -12.61
CA HIS A 166 -22.25 2.64 -13.85
C HIS A 166 -20.89 2.30 -14.47
N ILE A 167 -20.58 1.02 -14.57
CA ILE A 167 -19.37 0.52 -15.28
C ILE A 167 -19.66 0.55 -16.78
N HIS A 168 -19.04 1.49 -17.48
CA HIS A 168 -19.12 1.79 -18.93
C HIS A 168 -18.17 0.87 -19.73
N SER A 169 -16.99 0.56 -19.18
CA SER A 169 -15.90 -0.22 -19.83
C SER A 169 -14.89 -0.66 -18.77
N ALA A 170 -13.85 -1.40 -19.17
CA ALA A 170 -12.79 -1.88 -18.25
C ALA A 170 -12.07 -0.67 -17.65
N THR A 171 -12.15 0.49 -18.32
CA THR A 171 -11.33 1.70 -18.03
C THR A 171 -12.22 2.93 -17.74
N SER A 172 -13.54 2.79 -17.61
CA SER A 172 -14.40 3.98 -17.42
C SER A 172 -15.64 3.67 -16.59
N ILE A 173 -16.01 4.61 -15.71
CA ILE A 173 -17.27 4.47 -14.92
C ILE A 173 -17.95 5.84 -14.94
N MET A 174 -19.27 5.84 -14.94
CA MET A 174 -20.08 7.07 -14.79
C MET A 174 -20.61 7.11 -13.35
N LEU A 175 -20.46 8.26 -12.69
CA LEU A 175 -20.95 8.51 -11.32
C LEU A 175 -22.09 9.50 -11.45
N VAL A 176 -23.18 9.24 -10.71
CA VAL A 176 -24.39 10.08 -10.73
C VAL A 176 -24.80 10.30 -9.28
N LEU A 177 -24.75 11.56 -8.83
CA LEU A 177 -25.01 11.89 -7.40
C LEU A 177 -26.22 12.82 -7.33
N TYR A 178 -27.32 12.33 -6.77
CA TYR A 178 -28.56 13.11 -6.55
C TYR A 178 -28.25 14.31 -5.66
N ASP A 179 -28.78 15.48 -6.01
CA ASP A 179 -28.60 16.76 -5.27
C ASP A 179 -29.80 17.65 -5.50
N LYS A 180 -30.77 17.57 -4.59
CA LYS A 180 -31.86 18.55 -4.46
C LYS A 180 -32.30 18.54 -3.00
N ASP A 181 -32.19 19.66 -2.32
CA ASP A 181 -32.57 19.75 -0.88
C ASP A 181 -34.09 19.96 -0.80
N SER A 182 -34.63 19.86 0.41
CA SER A 182 -36.10 19.96 0.61
C SER A 182 -36.58 21.40 0.39
N GLN A 183 -35.68 22.37 0.22
CA GLN A 183 -36.09 23.75 -0.16
C GLN A 183 -35.90 23.97 -1.66
N GLY A 184 -35.60 22.93 -2.43
CA GLY A 184 -35.45 23.04 -3.89
C GLY A 184 -34.07 23.54 -4.31
N GLY A 185 -33.14 23.69 -3.38
CA GLY A 185 -31.76 24.16 -3.65
C GLY A 185 -30.80 23.00 -3.87
N HIS A 186 -29.57 23.29 -4.31
CA HIS A 186 -28.53 22.30 -4.61
C HIS A 186 -27.16 22.92 -4.41
N LYS A 187 -26.13 22.11 -4.52
CA LYS A 187 -24.75 22.54 -4.24
C LYS A 187 -24.25 23.39 -5.40
N ASP A 188 -23.10 24.01 -5.20
CA ASP A 188 -22.42 24.90 -6.18
C ASP A 188 -21.44 24.07 -7.00
N CYS A 189 -20.78 23.07 -6.44
CA CYS A 189 -19.89 22.19 -7.23
C CYS A 189 -19.60 20.88 -6.48
N VAL A 190 -19.14 19.88 -7.23
CA VAL A 190 -18.78 18.56 -6.70
C VAL A 190 -17.53 18.11 -7.45
N PHE A 191 -16.49 17.72 -6.71
CA PHE A 191 -15.28 17.11 -7.26
C PHE A 191 -15.38 15.62 -6.96
N VAL A 192 -14.81 14.81 -7.84
CA VAL A 192 -14.53 13.39 -7.52
C VAL A 192 -13.05 13.29 -7.24
N THR A 193 -12.68 12.59 -6.18
CA THR A 193 -11.29 12.42 -5.78
C THR A 193 -11.07 10.93 -5.56
N GLY A 194 -9.83 10.43 -5.68
CA GLY A 194 -9.57 8.99 -5.56
C GLY A 194 -8.15 8.59 -5.88
N ASN A 195 -7.95 7.28 -6.00
CA ASN A 195 -6.60 6.72 -6.22
C ASN A 195 -6.09 7.16 -7.61
N PHE A 196 -6.99 7.44 -8.55
CA PHE A 196 -6.69 7.92 -9.93
C PHE A 196 -6.16 9.38 -9.96
N ASN A 197 -6.35 10.24 -8.95
CA ASN A 197 -5.78 11.61 -8.99
C ASN A 197 -5.08 11.94 -7.67
N ASN A 198 -4.61 10.91 -6.98
CA ASN A 198 -3.91 11.02 -5.69
C ASN A 198 -4.71 11.83 -4.66
N TRP A 199 -6.04 11.71 -4.65
CA TRP A 199 -6.94 12.32 -3.62
C TRP A 199 -6.78 13.84 -3.58
N LYS A 200 -6.63 14.48 -4.74
CA LYS A 200 -6.61 15.95 -4.88
C LYS A 200 -7.93 16.38 -5.50
N LEU A 201 -8.31 17.63 -5.23
CA LEU A 201 -9.41 18.32 -5.94
C LEU A 201 -8.83 18.86 -7.25
N ASP A 202 -9.47 18.54 -8.36
CA ASP A 202 -8.89 18.85 -9.69
C ASP A 202 -10.04 19.26 -10.60
N SER A 203 -9.87 20.35 -11.31
CA SER A 203 -10.88 20.95 -12.19
C SER A 203 -11.31 19.93 -13.25
N ARG A 204 -10.43 19.01 -13.65
CA ARG A 204 -10.72 17.92 -14.62
C ARG A 204 -11.73 16.93 -14.02
N TYR A 205 -11.90 16.90 -12.69
CA TYR A 205 -12.78 15.91 -12.03
C TYR A 205 -13.98 16.62 -11.43
N MET A 206 -14.40 17.74 -12.05
CA MET A 206 -15.61 18.47 -11.61
C MET A 206 -16.82 17.83 -12.29
N MET A 207 -17.83 17.53 -11.49
CA MET A 207 -19.06 16.87 -11.99
C MET A 207 -19.86 17.98 -12.67
N LYS A 208 -20.65 17.62 -13.67
CA LYS A 208 -21.62 18.56 -14.30
C LYS A 208 -22.98 18.35 -13.65
N TYR A 209 -23.75 19.42 -13.53
CA TYR A 209 -25.08 19.37 -12.90
C TYR A 209 -26.17 19.38 -13.98
N ASP A 210 -27.11 18.43 -13.85
CA ASP A 210 -28.33 18.36 -14.68
C ASP A 210 -29.50 18.85 -13.80
N GLU A 211 -29.97 20.07 -14.02
CA GLU A 211 -31.02 20.72 -13.18
C GLU A 211 -32.36 20.03 -13.36
N THR A 212 -32.59 19.34 -14.47
CA THR A 212 -33.88 18.67 -14.71
C THR A 212 -33.93 17.40 -13.86
N ASN A 213 -32.89 16.56 -13.92
CA ASN A 213 -32.81 15.30 -13.15
C ASN A 213 -32.30 15.51 -11.71
N HIS A 214 -31.76 16.69 -11.39
CA HIS A 214 -31.26 17.03 -10.03
C HIS A 214 -30.07 16.12 -9.70
N CYS A 215 -29.17 15.91 -10.63
CA CYS A 215 -28.05 14.96 -10.52
C CYS A 215 -26.75 15.62 -10.96
N TRP A 216 -25.69 15.44 -10.18
CA TRP A 216 -24.30 15.64 -10.65
C TRP A 216 -23.91 14.37 -11.39
N TRP A 217 -23.07 14.49 -12.41
CA TRP A 217 -22.54 13.28 -13.11
C TRP A 217 -21.20 13.57 -13.70
N ILE A 218 -20.42 12.53 -13.92
CA ILE A 218 -19.14 12.66 -14.64
C ILE A 218 -18.81 11.26 -15.14
N THR A 219 -18.03 11.15 -16.20
CA THR A 219 -17.41 9.86 -16.59
C THR A 219 -15.93 9.97 -16.22
N LEU A 220 -15.47 9.06 -15.38
CA LEU A 220 -14.03 8.79 -15.15
C LEU A 220 -13.58 7.87 -16.27
N GLU A 221 -12.64 8.35 -17.10
CA GLU A 221 -11.99 7.59 -18.21
C GLU A 221 -10.54 7.29 -17.80
N GLU A 222 -9.93 6.29 -18.44
CA GLU A 222 -8.49 5.99 -18.29
C GLU A 222 -8.18 5.43 -16.89
N LEU A 223 -9.15 4.81 -16.23
CA LEU A 223 -8.89 3.97 -15.04
C LEU A 223 -8.16 2.71 -15.50
N THR A 224 -7.20 2.22 -14.74
CA THR A 224 -6.63 0.89 -14.96
C THR A 224 -7.65 -0.09 -14.36
N ALA A 225 -8.01 -1.14 -15.08
CA ALA A 225 -8.91 -2.23 -14.61
C ALA A 225 -8.34 -2.77 -13.30
N GLY A 226 -9.17 -3.37 -12.47
CA GLY A 226 -8.86 -3.57 -11.03
C GLY A 226 -9.71 -2.62 -10.20
N GLU A 227 -9.17 -2.07 -9.11
CA GLU A 227 -9.98 -1.36 -8.08
C GLU A 227 -9.78 0.15 -8.15
N THR A 228 -10.87 0.87 -8.42
CA THR A 228 -10.95 2.33 -8.27
C THR A 228 -11.50 2.61 -6.86
N GLN A 229 -10.84 3.53 -6.19
CA GLN A 229 -11.25 4.06 -4.88
C GLN A 229 -11.60 5.51 -5.07
N PHE A 230 -12.69 5.99 -4.48
CA PHE A 230 -13.07 7.40 -4.62
C PHE A 230 -13.99 7.89 -3.50
N GLN A 231 -14.01 9.21 -3.35
CA GLN A 231 -15.08 9.90 -2.60
C GLN A 231 -15.38 11.19 -3.34
N TYR A 232 -16.44 11.87 -2.93
CA TYR A 232 -16.84 13.17 -3.50
C TYR A 232 -16.46 14.23 -2.48
N PHE A 233 -16.08 15.40 -2.98
CA PHE A 233 -16.12 16.66 -2.23
C PHE A 233 -17.26 17.49 -2.77
N VAL A 234 -18.31 17.68 -1.97
CA VAL A 234 -19.50 18.50 -2.38
C VAL A 234 -19.30 19.85 -1.71
N TYR A 235 -19.74 20.94 -2.34
CA TYR A 235 -19.49 22.33 -1.90
C TYR A 235 -20.68 23.22 -2.25
N SER A 236 -21.11 24.02 -1.29
CA SER A 236 -21.91 25.24 -1.57
C SER A 236 -21.33 26.38 -0.74
N ALA A 237 -21.47 27.60 -1.23
CA ALA A 237 -21.17 28.85 -0.50
C ALA A 237 -21.89 28.83 0.86
N SER A 238 -23.15 28.40 0.88
CA SER A 238 -23.99 28.49 2.10
C SER A 238 -23.69 27.34 3.08
N ASP A 239 -23.21 26.19 2.64
CA ASP A 239 -23.09 25.00 3.51
C ASP A 239 -21.63 24.69 3.77
N GLY A 240 -20.75 25.23 2.92
CA GLY A 240 -19.35 24.81 2.89
C GLY A 240 -19.24 23.48 2.18
N GLY A 241 -18.11 22.82 2.35
CA GLY A 241 -17.83 21.54 1.67
C GLY A 241 -17.77 20.41 2.66
N THR A 242 -17.88 19.18 2.16
CA THR A 242 -17.74 17.95 2.95
C THR A 242 -17.38 16.82 1.99
N TYR A 243 -16.56 15.90 2.49
CA TYR A 243 -16.22 14.61 1.85
C TYR A 243 -17.33 13.59 2.15
N LEU A 244 -17.79 12.85 1.14
CA LEU A 244 -18.74 11.72 1.35
C LEU A 244 -18.58 10.68 0.24
N CYS A 245 -18.94 9.44 0.51
CA CYS A 245 -18.80 8.38 -0.52
C CYS A 245 -20.10 8.27 -1.33
N ASP A 246 -20.13 7.36 -2.29
CA ASP A 246 -21.36 7.09 -3.10
C ASP A 246 -22.34 6.21 -2.31
N PRO A 247 -23.59 6.67 -2.05
CA PRO A 247 -24.55 5.84 -1.30
C PRO A 247 -24.91 4.50 -1.96
N TYR A 248 -24.59 4.32 -3.25
CA TYR A 248 -24.96 3.12 -4.01
C TYR A 248 -23.73 2.26 -4.19
N CYS A 249 -22.57 2.56 -3.58
CA CYS A 249 -21.39 1.65 -3.72
C CYS A 249 -21.72 0.29 -3.09
N GLU A 250 -21.10 -0.74 -3.63
CA GLU A 250 -21.36 -2.16 -3.26
C GLU A 250 -20.22 -2.63 -2.36
N GLN A 251 -19.24 -1.76 -2.19
CA GLN A 251 -17.98 -2.06 -1.48
C GLN A 251 -17.43 -0.73 -0.94
N ALA A 252 -16.99 -0.71 0.33
CA ALA A 252 -16.50 0.49 1.02
C ALA A 252 -15.32 0.11 1.91
N LEU A 253 -14.30 0.97 1.99
CA LEU A 253 -13.29 0.92 3.05
C LEU A 253 -13.71 1.91 4.12
N GLU A 254 -13.60 1.51 5.38
CA GLU A 254 -14.02 2.34 6.52
C GLU A 254 -12.78 2.68 7.34
N LYS A 255 -12.56 3.95 7.62
CA LYS A 255 -11.35 4.35 8.37
C LYS A 255 -11.52 3.94 9.84
N GLY A 256 -10.49 3.34 10.44
CA GLY A 256 -10.54 2.71 11.77
C GLY A 256 -10.78 1.22 11.68
N VAL A 257 -11.19 0.70 10.52
CA VAL A 257 -11.36 -0.76 10.33
C VAL A 257 -10.39 -1.24 9.27
N ASP A 258 -10.44 -0.68 8.06
CA ASP A 258 -9.60 -1.17 6.93
C ASP A 258 -8.19 -0.59 7.07
N THR A 259 -7.19 -1.45 7.32
CA THR A 259 -5.76 -1.05 7.43
C THR A 259 -5.31 -0.37 6.13
N ASN A 260 -5.88 -0.72 4.98
CA ASN A 260 -5.54 -0.10 3.67
C ASN A 260 -6.44 1.11 3.37
N PHE A 261 -7.08 1.73 4.38
CA PHE A 261 -7.84 2.97 4.12
C PHE A 261 -6.88 4.04 3.64
N PRO A 262 -7.14 4.67 2.47
CA PRO A 262 -6.20 5.60 1.84
C PRO A 262 -5.89 6.83 2.71
N THR A 263 -4.60 7.15 2.73
CA THR A 263 -3.96 8.28 3.45
C THR A 263 -4.58 9.62 3.05
N GLY A 264 -4.85 9.82 1.77
CA GLY A 264 -5.33 11.12 1.28
C GLY A 264 -6.83 11.30 1.49
N ALA A 265 -7.54 10.23 1.86
CA ALA A 265 -9.01 10.20 1.97
C ALA A 265 -9.44 10.62 3.37
N GLN A 266 -10.62 11.23 3.48
CA GLN A 266 -11.24 11.56 4.78
C GLN A 266 -12.16 10.43 5.25
N ALA A 267 -12.08 10.11 6.54
CA ALA A 267 -13.11 9.34 7.28
C ALA A 267 -14.50 9.90 6.96
N PRO A 268 -15.56 9.06 6.98
CA PRO A 268 -15.44 7.64 7.30
C PRO A 268 -15.22 6.62 6.17
N TYR A 269 -15.76 6.92 4.97
CA TYR A 269 -15.85 5.89 3.92
C TYR A 269 -15.25 6.38 2.61
N VAL A 270 -14.64 5.41 1.96
CA VAL A 270 -14.19 5.46 0.55
C VAL A 270 -14.96 4.37 -0.21
N SER A 271 -15.61 4.73 -1.32
CA SER A 271 -16.27 3.77 -2.24
C SER A 271 -15.23 2.99 -3.06
N VAL A 272 -15.42 1.67 -3.21
CA VAL A 272 -14.56 0.79 -4.06
C VAL A 272 -15.40 0.18 -5.19
N VAL A 273 -14.91 0.29 -6.42
CA VAL A 273 -15.56 -0.28 -7.63
C VAL A 273 -14.48 -1.00 -8.44
N SER A 274 -14.75 -2.24 -8.86
CA SER A 274 -13.90 -2.96 -9.84
C SER A 274 -14.56 -2.89 -11.24
N THR A 275 -13.84 -2.41 -12.24
CA THR A 275 -14.37 -2.38 -13.62
C THR A 275 -14.25 -3.79 -14.22
N ASN A 276 -13.60 -4.70 -13.53
CA ASN A 276 -13.40 -6.09 -14.00
C ASN A 276 -13.75 -7.11 -12.91
N PRO A 277 -14.97 -7.13 -12.35
CA PRO A 277 -15.26 -8.04 -11.23
C PRO A 277 -15.16 -9.52 -11.64
N GLN A 278 -14.68 -10.40 -10.74
CA GLN A 278 -14.82 -11.88 -10.87
C GLN A 278 -16.23 -12.23 -10.42
N PRO A 279 -17.21 -12.46 -11.33
CA PRO A 279 -18.61 -12.55 -10.94
C PRO A 279 -18.89 -13.94 -10.34
N TYR A 280 -19.61 -14.02 -9.21
CA TYR A 280 -19.86 -15.30 -8.51
C TYR A 280 -20.76 -16.19 -9.39
N GLN A 281 -20.40 -17.46 -9.61
CA GLN A 281 -21.20 -18.50 -10.33
C GLN A 281 -22.19 -19.13 -9.35
N TRP A 282 -23.48 -18.80 -9.45
CA TRP A 282 -24.54 -19.37 -8.59
C TRP A 282 -24.80 -20.82 -9.01
N SER A 283 -24.99 -21.72 -8.05
CA SER A 283 -25.30 -23.15 -8.29
C SER A 283 -26.65 -23.29 -9.04
N ALA A 284 -26.84 -24.45 -9.69
CA ALA A 284 -28.11 -25.08 -10.14
C ALA A 284 -29.12 -24.03 -10.59
N GLY A 285 -30.33 -24.02 -10.00
CA GLY A 285 -31.33 -22.96 -10.24
C GLY A 285 -32.55 -23.17 -9.38
N GLU A 286 -33.39 -22.13 -9.25
CA GLU A 286 -34.73 -22.12 -8.59
C GLU A 286 -34.62 -22.69 -7.15
N PHE A 287 -34.60 -21.82 -6.13
CA PHE A 287 -34.70 -22.23 -4.71
C PHE A 287 -36.04 -21.81 -4.15
N GLU A 288 -36.66 -22.70 -3.41
CA GLU A 288 -37.95 -22.44 -2.72
C GLU A 288 -37.77 -22.78 -1.23
N MET A 289 -38.24 -21.89 -0.35
CA MET A 289 -38.20 -22.06 1.12
C MET A 289 -39.10 -23.28 1.44
N LYS A 290 -38.60 -24.30 2.12
CA LYS A 290 -39.50 -25.34 2.66
C LYS A 290 -40.39 -24.79 3.78
N ASN A 291 -41.55 -25.39 3.97
CA ASN A 291 -42.55 -25.01 5.00
C ASN A 291 -42.83 -23.51 4.93
N LYS A 292 -43.02 -22.98 3.72
CA LYS A 292 -43.03 -21.51 3.47
C LYS A 292 -44.20 -20.81 4.19
N GLU A 293 -45.29 -21.51 4.52
CA GLU A 293 -46.45 -20.87 5.21
C GLU A 293 -46.13 -20.66 6.68
N ASN A 294 -45.25 -21.47 7.28
CA ASN A 294 -45.07 -21.45 8.75
C ASN A 294 -43.66 -21.91 9.12
N PRO A 295 -42.65 -21.22 8.57
CA PRO A 295 -41.25 -21.63 8.74
C PRO A 295 -40.75 -21.46 10.18
N VAL A 296 -39.81 -22.32 10.55
CA VAL A 296 -38.92 -22.16 11.73
C VAL A 296 -37.69 -21.39 11.28
N ILE A 297 -37.51 -20.22 11.89
CA ILE A 297 -36.44 -19.22 11.60
C ILE A 297 -35.40 -19.23 12.72
N TYR A 298 -34.14 -19.39 12.35
CA TYR A 298 -32.98 -19.37 13.26
C TYR A 298 -32.34 -17.98 13.14
N GLU A 299 -32.47 -17.14 14.17
CA GLU A 299 -31.86 -15.79 14.21
C GLU A 299 -30.39 -15.94 14.61
N LEU A 300 -29.51 -15.41 13.78
CA LEU A 300 -28.05 -15.64 13.83
C LEU A 300 -27.34 -14.27 13.76
N LEU A 301 -26.42 -14.00 14.69
CA LEU A 301 -25.47 -12.87 14.60
C LEU A 301 -24.10 -13.41 14.19
N LEU A 302 -23.65 -13.10 12.97
CA LEU A 302 -22.37 -13.64 12.42
C LEU A 302 -21.23 -13.38 13.40
N ARG A 303 -21.22 -12.20 14.05
CA ARG A 303 -20.14 -11.81 14.99
C ARG A 303 -19.99 -12.87 16.11
N ASP A 304 -21.07 -13.51 16.57
CA ASP A 304 -21.01 -14.29 17.83
C ASP A 304 -21.41 -15.75 17.59
N PHE A 305 -21.72 -16.12 16.35
CA PHE A 305 -22.20 -17.47 16.01
C PHE A 305 -21.01 -18.43 15.98
N THR A 306 -19.82 -17.95 15.63
CA THR A 306 -18.56 -18.75 15.64
C THR A 306 -17.39 -17.88 16.10
N SER A 307 -16.30 -18.54 16.47
CA SER A 307 -15.05 -17.92 16.96
C SER A 307 -14.46 -17.03 15.87
N SER A 308 -14.67 -17.32 14.57
CA SER A 308 -14.10 -16.46 13.50
C SER A 308 -15.01 -15.26 13.23
N GLY A 309 -16.26 -15.30 13.69
CA GLY A 309 -17.15 -14.11 13.68
C GLY A 309 -17.54 -13.68 12.27
N ASN A 310 -17.56 -14.61 11.32
CA ASN A 310 -17.68 -14.23 9.90
C ASN A 310 -18.45 -15.30 9.12
N LEU A 311 -18.61 -15.08 7.84
CA LEU A 311 -19.33 -16.03 6.94
C LEU A 311 -18.58 -17.35 6.89
N ALA A 312 -17.25 -17.32 6.83
CA ALA A 312 -16.46 -18.55 6.60
C ALA A 312 -16.68 -19.48 7.81
N GLY A 313 -16.69 -18.91 9.02
CA GLY A 313 -16.95 -19.70 10.24
C GLY A 313 -18.37 -20.25 10.22
N ALA A 314 -19.35 -19.45 9.83
CA ALA A 314 -20.77 -19.85 9.85
C ALA A 314 -20.96 -20.97 8.84
N MET A 315 -20.22 -20.92 7.73
CA MET A 315 -20.49 -21.86 6.62
C MET A 315 -20.18 -23.27 7.14
N GLU A 316 -19.25 -23.41 8.05
CA GLU A 316 -18.86 -24.73 8.64
C GLU A 316 -20.00 -25.31 9.47
N LYS A 317 -20.97 -24.50 9.88
CA LYS A 317 -22.05 -24.93 10.80
C LYS A 317 -23.35 -25.12 10.03
N LEU A 318 -23.36 -25.00 8.71
CA LEU A 318 -24.64 -25.18 7.98
C LEU A 318 -25.16 -26.62 8.12
N PRO A 319 -24.27 -27.66 8.12
CA PRO A 319 -24.71 -29.04 8.36
C PRO A 319 -25.45 -29.19 9.69
N TYR A 320 -24.93 -28.58 10.74
CA TYR A 320 -25.55 -28.55 12.08
C TYR A 320 -26.97 -27.97 11.95
N LEU A 321 -27.13 -26.83 11.28
CA LEU A 321 -28.46 -26.16 11.21
C LEU A 321 -29.41 -26.98 10.33
N LYS A 322 -28.88 -27.60 9.26
CA LYS A 322 -29.72 -28.43 8.36
C LYS A 322 -30.34 -29.58 9.18
N GLU A 323 -29.51 -30.33 9.93
CA GLU A 323 -29.91 -31.46 10.83
C GLU A 323 -30.91 -31.01 11.89
N LEU A 324 -30.78 -29.77 12.35
CA LEU A 324 -31.66 -29.12 13.35
C LEU A 324 -33.04 -29.04 12.74
N GLY A 325 -33.12 -28.85 11.42
CA GLY A 325 -34.37 -28.94 10.64
C GLY A 325 -34.98 -27.58 10.36
N ILE A 326 -34.22 -26.50 10.59
CA ILE A 326 -34.75 -25.12 10.42
C ILE A 326 -35.08 -24.92 8.94
N ASP A 327 -36.00 -24.00 8.66
CA ASP A 327 -36.44 -23.66 7.28
C ASP A 327 -35.69 -22.42 6.77
N ALA A 328 -35.20 -21.53 7.66
CA ALA A 328 -34.66 -20.19 7.29
C ALA A 328 -33.63 -19.71 8.33
N ILE A 329 -32.57 -19.06 7.86
CA ILE A 329 -31.62 -18.33 8.74
C ILE A 329 -31.96 -16.86 8.58
N GLU A 330 -32.18 -16.17 9.69
CA GLU A 330 -32.34 -14.70 9.69
C GLU A 330 -31.03 -14.11 10.19
N LEU A 331 -30.31 -13.44 9.30
CA LEU A 331 -29.02 -12.81 9.62
C LEU A 331 -29.32 -11.45 10.22
N MET A 332 -28.79 -11.20 11.41
CA MET A 332 -28.80 -9.84 11.97
C MET A 332 -28.03 -8.97 10.99
N PRO A 333 -28.25 -7.64 11.02
CA PRO A 333 -27.96 -6.75 9.90
C PRO A 333 -26.53 -6.85 9.38
N VAL A 334 -26.42 -7.05 8.07
CA VAL A 334 -25.10 -7.26 7.41
C VAL A 334 -24.74 -6.08 6.53
N GLN A 335 -25.64 -5.10 6.38
CA GLN A 335 -25.34 -3.84 5.67
C GLN A 335 -24.28 -3.10 6.48
N GLU A 336 -23.41 -2.37 5.78
CA GLU A 336 -22.21 -1.71 6.35
C GLU A 336 -22.69 -0.94 7.56
N PHE A 337 -22.18 -1.30 8.72
CA PHE A 337 -22.49 -0.69 10.04
C PHE A 337 -21.22 0.00 10.59
N ALA A 338 -21.40 0.94 11.49
CA ALA A 338 -20.27 1.70 12.09
C ALA A 338 -19.31 0.68 12.73
N GLY A 339 -18.03 0.74 12.34
CA GLY A 339 -16.95 -0.10 12.90
C GLY A 339 -17.11 -1.53 12.44
N ASN A 340 -16.57 -2.47 13.20
CA ASN A 340 -16.58 -3.90 12.81
C ASN A 340 -16.97 -4.77 14.00
N ASP A 341 -17.61 -4.20 15.02
CA ASP A 341 -17.99 -4.97 16.24
C ASP A 341 -19.37 -4.50 16.69
N SER A 342 -20.41 -5.13 16.19
CA SER A 342 -21.78 -4.57 16.24
C SER A 342 -22.81 -5.68 16.08
N TRP A 343 -23.99 -5.44 16.66
CA TRP A 343 -25.23 -6.18 16.32
C TRP A 343 -25.61 -5.85 14.89
N GLY A 344 -25.45 -4.59 14.48
CA GLY A 344 -25.66 -4.12 13.11
C GLY A 344 -26.68 -3.00 12.97
N TYR A 345 -27.32 -2.56 14.05
CA TYR A 345 -28.44 -1.58 14.01
C TYR A 345 -27.86 -0.16 13.99
N ASN A 346 -26.94 0.07 13.06
CA ASN A 346 -26.18 1.34 12.95
C ASN A 346 -25.60 1.41 11.53
N THR A 347 -26.49 1.41 10.54
CA THR A 347 -26.16 1.25 9.11
C THR A 347 -25.66 2.60 8.58
N GLY A 348 -24.46 2.61 8.00
CA GLY A 348 -23.90 3.77 7.28
C GLY A 348 -24.10 3.66 5.78
N LEU A 349 -24.13 2.45 5.21
CA LEU A 349 -24.33 2.22 3.75
C LEU A 349 -25.23 1.03 3.53
N TYR A 350 -26.15 1.12 2.57
CA TYR A 350 -27.24 0.14 2.40
C TYR A 350 -26.97 -0.77 1.20
N PHE A 351 -26.05 -0.40 0.29
CA PHE A 351 -25.80 -1.20 -0.93
C PHE A 351 -24.47 -1.94 -0.81
N ALA A 352 -23.70 -1.61 0.24
CA ALA A 352 -22.43 -2.26 0.63
C ALA A 352 -22.70 -3.07 1.89
N LEU A 353 -22.39 -4.36 1.85
CA LEU A 353 -22.47 -5.25 3.04
C LEU A 353 -21.14 -5.13 3.80
N ASP A 354 -21.17 -5.33 5.11
CA ASP A 354 -19.99 -5.09 5.95
C ASP A 354 -18.91 -6.13 5.64
N ALA A 355 -17.72 -5.66 5.28
CA ALA A 355 -16.59 -6.52 4.84
C ALA A 355 -15.98 -7.23 6.05
N SER A 356 -16.33 -6.86 7.29
CA SER A 356 -15.88 -7.60 8.50
C SER A 356 -16.42 -9.04 8.48
N TYR A 357 -17.56 -9.30 7.83
CA TYR A 357 -18.14 -10.67 7.74
C TYR A 357 -17.62 -11.40 6.50
N GLY A 358 -17.28 -10.64 5.47
CA GLY A 358 -16.59 -11.15 4.27
C GLY A 358 -16.83 -10.28 3.04
N THR A 359 -16.32 -10.73 1.90
CA THR A 359 -16.44 -10.03 0.61
C THR A 359 -17.87 -10.20 0.09
N GLN A 360 -18.23 -9.44 -0.92
CA GLN A 360 -19.52 -9.65 -1.62
C GLN A 360 -19.66 -11.13 -2.01
N ASN A 361 -18.62 -11.75 -2.57
CA ASN A 361 -18.74 -13.11 -3.15
C ASN A 361 -18.82 -14.14 -2.02
N GLU A 362 -18.30 -13.84 -0.84
CA GLU A 362 -18.42 -14.72 0.33
C GLU A 362 -19.87 -14.70 0.82
N TYR A 363 -20.56 -13.55 0.77
CA TYR A 363 -22.01 -13.43 1.09
C TYR A 363 -22.84 -14.26 0.11
N LYS A 364 -22.54 -14.16 -1.19
CA LYS A 364 -23.22 -14.97 -2.23
C LYS A 364 -22.92 -16.46 -1.95
N ALA A 365 -21.65 -16.83 -1.73
CA ALA A 365 -21.28 -18.25 -1.52
C ALA A 365 -22.03 -18.77 -0.29
N PHE A 366 -22.06 -18.02 0.81
CA PHE A 366 -22.78 -18.40 2.06
C PHE A 366 -24.28 -18.63 1.76
N ILE A 367 -24.91 -17.71 1.03
CA ILE A 367 -26.35 -17.82 0.71
C ILE A 367 -26.57 -19.03 -0.21
N ASP A 368 -25.65 -19.25 -1.15
CA ASP A 368 -25.74 -20.39 -2.08
C ASP A 368 -25.67 -21.70 -1.28
N ALA A 369 -24.70 -21.80 -0.38
CA ALA A 369 -24.51 -22.94 0.53
C ALA A 369 -25.79 -23.16 1.36
N CYS A 370 -26.39 -22.11 1.93
CA CYS A 370 -27.65 -22.25 2.71
C CYS A 370 -28.69 -22.95 1.83
N HIS A 371 -28.90 -22.39 0.63
CA HIS A 371 -29.86 -22.89 -0.38
C HIS A 371 -29.57 -24.37 -0.68
N GLN A 372 -28.30 -24.74 -0.87
CA GLN A 372 -27.90 -26.12 -1.22
C GLN A 372 -28.17 -27.04 -0.03
N ASN A 373 -28.33 -26.50 1.18
CA ASN A 373 -28.65 -27.24 2.42
C ASN A 373 -30.17 -27.25 2.64
N GLY A 374 -30.97 -26.64 1.76
CA GLY A 374 -32.43 -26.57 1.94
C GLY A 374 -32.86 -25.36 2.78
N ILE A 375 -31.95 -24.47 3.14
CA ILE A 375 -32.24 -23.38 4.11
C ILE A 375 -32.37 -22.03 3.39
N ALA A 376 -33.47 -21.31 3.62
CA ALA A 376 -33.68 -19.94 3.12
C ALA A 376 -32.82 -18.92 3.93
N VAL A 377 -32.65 -17.72 3.39
CA VAL A 377 -31.91 -16.60 4.07
C VAL A 377 -32.77 -15.34 4.06
N ILE A 378 -32.97 -14.76 5.24
CA ILE A 378 -33.70 -13.49 5.48
C ILE A 378 -32.69 -12.47 5.99
N PHE A 379 -32.69 -11.25 5.42
CA PHE A 379 -31.87 -10.13 5.93
C PHE A 379 -32.75 -9.31 6.88
N ASP A 380 -32.24 -9.11 8.08
CA ASP A 380 -32.64 -8.02 8.99
C ASP A 380 -32.20 -6.67 8.35
N VAL A 381 -33.13 -5.76 8.11
CA VAL A 381 -32.85 -4.45 7.44
C VAL A 381 -33.38 -3.32 8.31
N VAL A 382 -32.62 -2.23 8.37
CA VAL A 382 -32.82 -1.13 9.36
C VAL A 382 -33.06 0.21 8.67
N TYR A 383 -34.31 0.57 8.37
CA TYR A 383 -34.66 1.80 7.64
C TYR A 383 -35.26 2.90 8.53
N ASN A 384 -35.44 2.66 9.83
CA ASN A 384 -35.85 3.76 10.73
C ASN A 384 -34.78 4.84 10.72
N HIS A 385 -33.52 4.44 10.83
CA HIS A 385 -32.40 5.37 11.05
C HIS A 385 -31.14 4.86 10.37
N THR A 386 -30.21 5.74 10.04
CA THR A 386 -28.82 5.44 9.57
C THR A 386 -27.88 6.06 10.61
N ASN A 387 -26.76 6.66 10.22
CA ASN A 387 -25.79 7.28 11.15
C ASN A 387 -25.11 8.43 10.42
N ASN A 388 -24.19 9.12 11.10
CA ASN A 388 -23.53 10.37 10.64
C ASN A 388 -22.64 10.07 9.43
N ASP A 389 -22.29 8.79 9.21
CA ASP A 389 -21.36 8.37 8.12
C ASP A 389 -22.09 8.28 6.78
N ASN A 390 -23.42 8.19 6.80
CA ASN A 390 -24.23 8.00 5.57
C ASN A 390 -24.07 9.25 4.71
N PRO A 391 -23.66 9.10 3.44
CA PRO A 391 -23.64 10.21 2.50
C PRO A 391 -24.92 11.05 2.52
N PHE A 392 -26.08 10.45 2.71
CA PHE A 392 -27.39 11.18 2.78
C PHE A 392 -27.38 12.16 3.95
N ALA A 393 -26.73 11.78 5.04
CA ALA A 393 -26.59 12.63 6.24
C ALA A 393 -25.57 13.74 5.93
N ARG A 394 -24.40 13.33 5.42
CA ARG A 394 -23.24 14.23 5.26
C ARG A 394 -23.59 15.25 4.16
N MET A 395 -24.43 14.90 3.19
CA MET A 395 -24.80 15.77 2.03
C MET A 395 -25.48 17.07 2.53
N TYR A 396 -26.36 17.01 3.54
CA TYR A 396 -27.10 18.18 4.06
C TYR A 396 -27.15 18.10 5.58
N TRP A 397 -26.14 18.70 6.17
CA TRP A 397 -25.78 18.60 7.58
C TRP A 397 -25.87 19.98 8.23
N ASP A 398 -26.26 20.00 9.48
CA ASP A 398 -26.29 21.22 10.31
C ASP A 398 -25.03 21.22 11.18
N THR A 399 -24.07 22.10 10.89
CA THR A 399 -22.75 22.21 11.57
C THR A 399 -22.88 23.03 12.85
N PHE A 400 -24.06 23.57 13.15
CA PHE A 400 -24.34 24.26 14.44
C PHE A 400 -24.83 23.26 15.47
N ASN A 401 -25.73 22.34 15.07
CA ASN A 401 -26.43 21.39 15.97
C ASN A 401 -25.95 19.95 15.79
N ASN A 402 -25.01 19.69 14.86
CA ASN A 402 -24.44 18.35 14.60
C ASN A 402 -25.55 17.30 14.36
N ARG A 403 -26.42 17.56 13.39
CA ARG A 403 -27.53 16.65 13.05
C ARG A 403 -27.95 16.98 11.62
N PRO A 404 -28.83 16.18 10.98
CA PRO A 404 -29.25 16.51 9.62
C PRO A 404 -29.79 17.94 9.52
N SER A 405 -29.46 18.60 8.42
CA SER A 405 -29.99 19.93 8.05
C SER A 405 -31.52 19.85 8.03
N THR A 406 -32.21 20.97 8.28
CA THR A 406 -33.68 21.06 8.01
C THR A 406 -33.94 20.91 6.48
N LYS A 407 -32.93 21.17 5.64
CA LYS A 407 -33.02 21.04 4.16
C LYS A 407 -32.78 19.59 3.72
N ASN A 408 -32.41 18.67 4.62
CA ASN A 408 -32.13 17.25 4.24
C ASN A 408 -33.39 16.59 3.67
N PRO A 409 -33.35 16.09 2.42
CA PRO A 409 -34.55 15.56 1.77
C PRO A 409 -34.87 14.10 2.15
N TRP A 410 -33.94 13.37 2.77
CA TRP A 410 -34.16 11.98 3.24
C TRP A 410 -34.41 11.94 4.75
N LEU A 411 -33.72 12.78 5.53
CA LEU A 411 -33.66 12.65 7.00
C LEU A 411 -34.37 13.80 7.70
N ASN A 412 -34.94 13.50 8.86
CA ASN A 412 -35.41 14.48 9.86
C ASN A 412 -34.20 15.12 10.56
N ALA A 413 -34.27 16.42 10.82
CA ALA A 413 -33.28 17.14 11.63
C ALA A 413 -33.34 16.60 13.07
N VAL A 414 -34.56 16.40 13.60
CA VAL A 414 -34.86 15.92 14.98
C VAL A 414 -35.87 14.78 14.90
N THR A 415 -35.60 13.68 15.59
CA THR A 415 -36.43 12.46 15.57
C THR A 415 -37.83 12.83 16.04
N PRO A 416 -38.89 12.57 15.26
CA PRO A 416 -40.26 12.87 15.71
C PRO A 416 -40.72 12.07 16.94
N HIS A 417 -40.34 10.79 17.02
CA HIS A 417 -40.73 9.83 18.10
C HIS A 417 -39.65 9.86 19.18
N GLN A 418 -39.79 10.77 20.14
CA GLN A 418 -38.68 11.13 21.07
C GLN A 418 -38.48 10.03 22.13
N LYS A 419 -39.43 9.12 22.26
CA LYS A 419 -39.26 7.93 23.12
C LYS A 419 -38.10 7.06 22.60
N TYR A 420 -37.88 7.01 21.28
CA TYR A 420 -36.91 6.09 20.65
C TYR A 420 -36.03 6.84 19.65
N VAL A 421 -34.86 7.27 20.14
CA VAL A 421 -33.85 8.03 19.39
C VAL A 421 -32.57 7.20 19.35
N PHE A 422 -32.37 6.40 18.31
CA PHE A 422 -31.26 5.40 18.30
C PHE A 422 -30.04 5.98 17.60
N SER A 423 -30.22 7.07 16.88
CA SER A 423 -29.11 7.79 16.21
C SER A 423 -29.61 9.19 15.91
N PRO A 424 -28.72 10.13 15.52
CA PRO A 424 -29.16 11.46 15.14
C PRO A 424 -29.88 11.54 13.77
N ASP A 425 -29.98 10.42 13.03
CA ASP A 425 -30.29 10.37 11.57
C ASP A 425 -31.50 9.48 11.33
N ASP A 426 -32.67 10.02 11.66
CA ASP A 426 -33.98 9.35 11.54
C ASP A 426 -34.51 9.59 10.13
N PHE A 427 -34.86 8.55 9.39
CA PHE A 427 -35.40 8.70 8.02
C PHE A 427 -36.81 9.30 8.08
N ASN A 428 -37.09 10.20 7.14
CA ASN A 428 -38.47 10.68 6.88
C ASN A 428 -39.12 9.74 5.87
N HIS A 429 -40.02 8.87 6.33
CA HIS A 429 -40.69 7.88 5.45
C HIS A 429 -41.86 8.51 4.70
N THR A 430 -42.10 9.82 4.81
CA THR A 430 -43.07 10.54 3.94
C THR A 430 -42.33 11.22 2.79
N SER A 431 -40.99 11.23 2.81
CA SER A 431 -40.16 11.73 1.69
C SER A 431 -40.24 10.73 0.53
N GLU A 432 -40.51 11.23 -0.67
CA GLU A 432 -40.49 10.43 -1.91
C GLU A 432 -39.07 9.93 -2.15
N GLN A 433 -38.06 10.75 -1.85
CA GLN A 433 -36.65 10.33 -2.03
C GLN A 433 -36.38 9.11 -1.12
N THR A 434 -36.81 9.15 0.14
CA THR A 434 -36.60 8.05 1.08
C THR A 434 -37.32 6.80 0.56
N LYS A 435 -38.58 6.93 0.20
CA LYS A 435 -39.39 5.76 -0.26
C LYS A 435 -38.71 5.14 -1.47
N ALA A 436 -38.24 5.94 -2.44
CA ALA A 436 -37.64 5.42 -3.69
C ALA A 436 -36.34 4.67 -3.35
N PHE A 437 -35.55 5.23 -2.44
CA PHE A 437 -34.30 4.62 -1.90
C PHE A 437 -34.57 3.26 -1.26
N VAL A 438 -35.57 3.17 -0.37
CA VAL A 438 -35.83 1.90 0.35
C VAL A 438 -36.26 0.84 -0.67
N LYS A 439 -37.16 1.17 -1.60
CA LYS A 439 -37.68 0.18 -2.59
C LYS A 439 -36.53 -0.33 -3.48
N ARG A 440 -35.65 0.61 -3.85
CA ARG A 440 -34.53 0.28 -4.76
C ARG A 440 -33.56 -0.64 -4.01
N ASN A 441 -33.37 -0.38 -2.70
CA ASN A 441 -32.45 -1.18 -1.86
C ASN A 441 -33.05 -2.58 -1.67
N LEU A 442 -34.36 -2.69 -1.41
CA LEU A 442 -35.04 -4.01 -1.23
C LEU A 442 -34.89 -4.83 -2.52
N LYS A 443 -35.10 -4.19 -3.67
CA LYS A 443 -34.91 -4.85 -4.98
C LYS A 443 -33.45 -5.25 -5.17
N TYR A 444 -32.51 -4.37 -4.84
CA TYR A 444 -31.07 -4.69 -5.01
C TYR A 444 -30.71 -5.96 -4.24
N LEU A 445 -31.12 -6.04 -2.96
CA LEU A 445 -30.71 -7.17 -2.09
C LEU A 445 -31.35 -8.45 -2.62
N LEU A 446 -32.61 -8.40 -3.09
CA LEU A 446 -33.28 -9.58 -3.71
C LEU A 446 -32.50 -9.99 -4.97
N ASP A 447 -32.19 -9.05 -5.87
CA ASP A 447 -31.57 -9.34 -7.21
C ASP A 447 -30.11 -9.80 -7.05
N THR A 448 -29.35 -9.21 -6.13
CA THR A 448 -27.89 -9.47 -6.02
C THR A 448 -27.61 -10.69 -5.15
N TYR A 449 -28.30 -10.79 -4.00
CA TYR A 449 -27.92 -11.76 -2.95
C TYR A 449 -28.89 -12.95 -2.97
N HIS A 450 -29.95 -12.92 -3.81
CA HIS A 450 -30.88 -14.06 -4.03
C HIS A 450 -31.52 -14.48 -2.69
N ILE A 451 -31.79 -13.53 -1.82
CA ILE A 451 -32.32 -13.83 -0.46
C ILE A 451 -33.83 -14.07 -0.57
N ASP A 452 -34.42 -14.58 0.52
CA ASP A 452 -35.75 -15.22 0.54
C ASP A 452 -36.76 -14.32 1.21
N GLY A 453 -36.28 -13.26 1.87
CA GLY A 453 -37.15 -12.25 2.50
C GLY A 453 -36.40 -11.38 3.48
N PHE A 454 -37.16 -10.64 4.27
CA PHE A 454 -36.68 -9.46 5.02
C PHE A 454 -37.36 -9.45 6.37
N ARG A 455 -36.59 -9.05 7.36
CA ARG A 455 -37.15 -8.66 8.66
C ARG A 455 -36.87 -7.18 8.77
N PHE A 456 -37.90 -6.36 8.76
CA PHE A 456 -37.78 -4.89 8.94
C PHE A 456 -37.74 -4.59 10.43
N ASP A 457 -36.58 -4.09 10.86
CA ASP A 457 -36.34 -3.51 12.19
C ASP A 457 -37.25 -2.30 12.44
N PHE A 458 -37.85 -2.25 13.63
CA PHE A 458 -38.48 -1.03 14.21
C PHE A 458 -39.34 -0.27 13.21
N THR A 459 -40.32 -0.96 12.63
CA THR A 459 -41.27 -0.38 11.63
C THR A 459 -42.19 0.64 12.32
N LYS A 460 -42.34 0.54 13.64
CA LYS A 460 -43.07 1.53 14.45
C LYS A 460 -42.44 2.93 14.28
N GLY A 461 -41.15 2.99 14.02
CA GLY A 461 -40.44 4.26 13.80
C GLY A 461 -40.70 4.89 12.44
N PHE A 462 -41.44 4.25 11.52
CA PHE A 462 -41.64 4.84 10.16
C PHE A 462 -42.78 5.84 10.26
N THR A 463 -42.61 6.92 11.01
CA THR A 463 -43.71 7.86 11.37
C THR A 463 -43.12 9.27 11.52
N GLN A 464 -43.90 10.29 11.12
CA GLN A 464 -43.54 11.72 11.21
C GLN A 464 -44.28 12.38 12.37
N LYS A 465 -45.19 11.67 13.06
CA LYS A 465 -45.95 12.31 14.14
C LYS A 465 -45.00 12.66 15.28
N GLN A 466 -45.21 13.82 15.90
CA GLN A 466 -44.51 14.25 17.12
C GLN A 466 -45.08 13.50 18.33
N THR A 467 -44.28 12.65 18.98
CA THR A 467 -44.70 11.85 20.17
C THR A 467 -43.55 11.82 21.16
N THR A 468 -43.84 11.51 22.43
CA THR A 468 -42.84 11.52 23.54
C THR A 468 -42.85 10.21 24.35
N GLY A 469 -43.76 9.27 24.09
CA GLY A 469 -43.98 8.07 24.93
C GLY A 469 -44.29 6.83 24.09
N ASP A 470 -44.84 5.79 24.71
CA ASP A 470 -45.19 4.53 24.02
C ASP A 470 -46.61 4.57 23.42
N ASP A 471 -47.60 5.12 24.13
CA ASP A 471 -49.03 5.06 23.72
C ASP A 471 -49.30 5.99 22.54
N ASP A 472 -48.78 7.21 22.56
CA ASP A 472 -48.98 8.18 21.43
C ASP A 472 -48.27 7.65 20.18
N LEU A 473 -47.09 7.04 20.34
CA LEU A 473 -46.36 6.45 19.19
C LEU A 473 -47.11 5.24 18.65
N ALA A 474 -47.66 4.41 19.55
CA ALA A 474 -48.32 3.13 19.19
C ALA A 474 -49.72 3.39 18.63
N ALA A 475 -50.33 4.54 18.86
CA ALA A 475 -51.62 4.92 18.23
C ALA A 475 -51.49 4.82 16.70
N THR A 476 -52.57 4.43 16.02
CA THR A 476 -52.56 4.18 14.57
C THR A 476 -52.08 5.45 13.87
N ASP A 477 -51.16 5.31 12.92
CA ASP A 477 -50.69 6.40 12.03
C ASP A 477 -50.95 5.87 10.64
N PRO A 478 -52.03 6.33 9.98
CA PRO A 478 -52.40 5.84 8.65
C PRO A 478 -51.30 5.96 7.59
N ALA A 479 -50.40 6.95 7.73
CA ALA A 479 -49.23 7.16 6.84
C ALA A 479 -48.18 6.06 7.07
N ARG A 480 -47.99 5.64 8.33
CA ARG A 480 -47.09 4.51 8.71
C ARG A 480 -47.63 3.21 8.11
N VAL A 481 -48.92 2.93 8.34
CA VAL A 481 -49.60 1.73 7.78
C VAL A 481 -49.39 1.77 6.26
N SER A 482 -49.59 2.95 5.67
CA SER A 482 -49.57 3.13 4.21
C SER A 482 -48.18 2.85 3.63
N VAL A 483 -47.12 3.35 4.28
CA VAL A 483 -45.75 3.19 3.74
C VAL A 483 -45.29 1.74 3.94
N LEU A 484 -45.72 1.10 5.01
CA LEU A 484 -45.37 -0.32 5.24
C LEU A 484 -46.01 -1.21 4.16
N LYS A 485 -47.26 -0.93 3.75
CA LYS A 485 -47.86 -1.66 2.59
C LYS A 485 -47.03 -1.41 1.33
N GLU A 486 -46.62 -0.17 1.09
CA GLU A 486 -45.85 0.21 -0.13
C GLU A 486 -44.59 -0.64 -0.17
N TYR A 487 -43.89 -0.73 0.97
CA TYR A 487 -42.60 -1.46 1.05
C TYR A 487 -42.86 -2.95 0.79
N TYR A 488 -43.89 -3.48 1.44
CA TYR A 488 -44.36 -4.87 1.24
C TYR A 488 -44.64 -5.14 -0.25
N GLU A 489 -45.43 -4.28 -0.88
CA GLU A 489 -45.84 -4.46 -2.31
C GLU A 489 -44.59 -4.35 -3.19
N ALA A 490 -43.61 -3.50 -2.82
CA ALA A 490 -42.37 -3.35 -3.63
C ALA A 490 -41.61 -4.67 -3.58
N VAL A 491 -41.57 -5.32 -2.42
CA VAL A 491 -40.86 -6.62 -2.28
C VAL A 491 -41.57 -7.70 -3.14
N LYS A 492 -42.89 -7.78 -3.01
CA LYS A 492 -43.74 -8.78 -3.73
C LYS A 492 -43.62 -8.59 -5.25
N ALA A 493 -43.51 -7.36 -5.75
CA ALA A 493 -43.36 -7.05 -7.20
C ALA A 493 -42.08 -7.68 -7.73
N VAL A 494 -41.04 -7.81 -6.90
CA VAL A 494 -39.73 -8.37 -7.32
C VAL A 494 -39.75 -9.89 -7.13
N LYS A 495 -40.31 -10.38 -6.01
CA LYS A 495 -40.32 -11.84 -5.70
C LYS A 495 -41.61 -12.14 -4.95
N GLU A 496 -42.61 -12.71 -5.65
CA GLU A 496 -43.99 -12.80 -5.10
C GLU A 496 -44.02 -13.78 -3.91
N ASP A 497 -43.05 -14.70 -3.78
CA ASP A 497 -42.96 -15.65 -2.64
C ASP A 497 -41.94 -15.18 -1.58
N ALA A 498 -41.52 -13.92 -1.55
CA ALA A 498 -40.58 -13.44 -0.53
C ALA A 498 -41.33 -13.30 0.79
N MET A 499 -40.71 -13.73 1.88
CA MET A 499 -41.28 -13.54 3.24
C MET A 499 -40.92 -12.14 3.75
N VAL A 500 -41.93 -11.35 4.10
CA VAL A 500 -41.76 -9.99 4.67
C VAL A 500 -42.26 -10.05 6.11
N THR A 501 -41.33 -9.89 7.04
CA THR A 501 -41.60 -9.82 8.49
C THR A 501 -41.27 -8.39 8.94
N MET A 502 -42.07 -7.86 9.84
CA MET A 502 -41.87 -6.53 10.43
C MET A 502 -41.85 -6.67 11.94
N GLN A 503 -40.85 -6.08 12.58
CA GLN A 503 -40.81 -5.90 14.05
C GLN A 503 -41.53 -4.59 14.35
N HIS A 504 -42.82 -4.67 14.70
CA HIS A 504 -43.75 -3.52 14.71
C HIS A 504 -44.21 -3.20 16.13
N PHE A 505 -44.80 -4.16 16.84
CA PHE A 505 -45.35 -4.00 18.23
C PHE A 505 -46.39 -2.87 18.28
N CYS A 506 -47.25 -2.75 17.28
CA CYS A 506 -48.40 -1.83 17.26
CA CYS A 506 -48.40 -1.80 17.19
C CYS A 506 -49.66 -2.63 16.88
N ALA A 507 -50.41 -3.07 17.89
CA ALA A 507 -51.54 -4.02 17.75
C ALA A 507 -52.53 -3.63 16.63
N ASN A 508 -53.08 -2.41 16.57
CA ASN A 508 -54.15 -2.13 15.56
C ASN A 508 -53.60 -2.22 14.14
N GLU A 509 -52.34 -1.81 13.97
CA GLU A 509 -51.73 -1.74 12.61
C GLU A 509 -51.43 -3.16 12.15
N GLU A 510 -51.04 -4.02 13.10
CA GLU A 510 -50.68 -5.44 12.80
C GLU A 510 -51.92 -6.17 12.26
N THR A 511 -53.10 -5.93 12.84
CA THR A 511 -54.38 -6.51 12.32
C THR A 511 -54.58 -6.12 10.86
N THR A 512 -54.48 -4.84 10.52
CA THR A 512 -54.64 -4.37 9.13
C THR A 512 -53.60 -5.02 8.22
N LEU A 513 -52.33 -4.93 8.61
CA LEU A 513 -51.21 -5.33 7.74
C LEU A 513 -51.12 -6.85 7.65
N ALA A 514 -51.50 -7.58 8.69
CA ALA A 514 -51.49 -9.08 8.64
C ALA A 514 -52.46 -9.56 7.55
N THR A 515 -53.59 -8.88 7.38
CA THR A 515 -54.59 -9.13 6.30
C THR A 515 -53.88 -9.10 4.92
N GLU A 516 -52.90 -8.23 4.71
CA GLU A 516 -52.16 -8.10 3.42
C GLU A 516 -51.15 -9.25 3.21
N GLY A 517 -50.82 -10.05 4.23
CA GLY A 517 -49.80 -11.09 4.11
C GLY A 517 -48.45 -10.72 4.74
N ILE A 518 -48.39 -9.58 5.45
CA ILE A 518 -47.19 -9.19 6.26
C ILE A 518 -47.15 -10.05 7.54
N HIS A 519 -45.96 -10.51 7.91
CA HIS A 519 -45.70 -11.25 9.18
C HIS A 519 -45.18 -10.27 10.24
N PHE A 520 -45.45 -10.58 11.50
CA PHE A 520 -45.08 -9.74 12.65
C PHE A 520 -44.46 -10.60 13.74
N TRP A 521 -43.38 -10.08 14.29
CA TRP A 521 -42.78 -10.56 15.55
C TRP A 521 -43.87 -10.59 16.62
N ARG A 522 -44.02 -11.74 17.25
CA ARG A 522 -44.90 -11.95 18.41
C ARG A 522 -44.01 -12.38 19.59
N ASN A 523 -43.77 -11.45 20.52
CA ASN A 523 -42.75 -11.58 21.59
C ASN A 523 -43.33 -12.34 22.78
N MET A 524 -42.93 -13.60 22.95
CA MET A 524 -43.47 -14.43 24.07
C MET A 524 -42.36 -14.70 25.07
N ASN A 525 -41.34 -13.87 25.06
CA ASN A 525 -40.12 -14.08 25.87
C ASN A 525 -40.52 -14.06 27.35
N HIS A 526 -41.33 -13.11 27.75
CA HIS A 526 -41.68 -12.92 29.17
C HIS A 526 -42.32 -14.21 29.72
N SER A 527 -43.35 -14.73 29.07
CA SER A 527 -44.10 -15.93 29.52
C SER A 527 -43.18 -17.15 29.62
N TYR A 528 -42.31 -17.38 28.62
CA TYR A 528 -41.47 -18.60 28.55
C TYR A 528 -40.26 -18.46 29.48
N CYS A 529 -39.85 -17.23 29.84
CA CYS A 529 -38.85 -17.01 30.92
C CYS A 529 -39.50 -17.43 32.24
N GLN A 530 -40.74 -16.99 32.46
CA GLN A 530 -41.47 -17.26 33.71
C GLN A 530 -41.63 -18.77 33.83
N SER A 531 -42.15 -19.45 32.80
CA SER A 531 -42.28 -20.93 32.83
C SER A 531 -40.89 -21.61 32.99
N ALA A 532 -39.86 -21.15 32.27
CA ALA A 532 -38.50 -21.74 32.37
C ALA A 532 -38.02 -21.70 33.83
N MET A 533 -38.38 -20.64 34.55
CA MET A 533 -37.96 -20.39 35.97
C MET A 533 -38.87 -21.13 36.95
N GLY A 534 -40.02 -21.62 36.52
CA GLY A 534 -41.01 -22.31 37.37
C GLY A 534 -41.88 -21.31 38.15
N TRP A 535 -42.12 -20.13 37.59
CA TRP A 535 -43.01 -19.11 38.20
C TRP A 535 -44.27 -18.96 37.33
N LYS A 536 -45.44 -19.27 37.88
CA LYS A 536 -46.69 -19.24 37.06
C LYS A 536 -47.11 -17.79 36.77
N ASP A 537 -46.66 -16.82 37.56
CA ASP A 537 -46.92 -15.37 37.33
C ASP A 537 -46.55 -15.02 35.87
N ASN A 538 -47.49 -14.43 35.15
CA ASN A 538 -47.26 -13.88 33.79
C ASN A 538 -46.64 -14.96 32.89
N SER A 539 -47.11 -16.22 32.99
CA SER A 539 -46.55 -17.39 32.26
C SER A 539 -47.46 -17.81 31.11
N ASP A 540 -48.48 -17.01 30.79
CA ASP A 540 -49.52 -17.38 29.82
C ASP A 540 -48.90 -17.47 28.41
N PHE A 541 -48.94 -18.64 27.78
CA PHE A 541 -48.34 -18.89 26.45
C PHE A 541 -49.28 -18.45 25.31
N SER A 542 -50.53 -18.06 25.62
CA SER A 542 -51.61 -18.05 24.58
C SER A 542 -51.31 -17.04 23.47
N GLY A 543 -50.55 -15.98 23.76
CA GLY A 543 -50.15 -14.99 22.76
C GLY A 543 -49.33 -15.57 21.60
N LEU A 544 -48.80 -16.79 21.72
CA LEU A 544 -48.04 -17.43 20.61
C LEU A 544 -48.92 -17.73 19.40
N TYR A 545 -50.20 -17.96 19.64
CA TYR A 545 -51.15 -18.42 18.61
C TYR A 545 -52.22 -17.34 18.46
N ASP A 546 -52.16 -16.63 17.35
CA ASP A 546 -53.24 -15.70 16.95
C ASP A 546 -54.36 -16.51 16.29
N THR A 547 -55.55 -16.49 16.90
CA THR A 547 -56.68 -17.34 16.47
C THR A 547 -57.17 -16.89 15.08
N THR A 548 -57.06 -15.62 14.73
CA THR A 548 -57.55 -15.07 13.44
C THR A 548 -56.62 -15.48 12.30
N ARG A 549 -55.31 -15.19 12.42
CA ARG A 549 -54.34 -15.44 11.34
C ARG A 549 -53.05 -15.99 11.94
N PRO A 550 -53.04 -17.23 12.45
CA PRO A 550 -51.89 -17.74 13.17
C PRO A 550 -50.61 -17.74 12.32
N ASN A 551 -50.74 -17.82 10.99
CA ASN A 551 -49.54 -17.90 10.12
C ASN A 551 -48.89 -16.52 9.95
N GLN A 552 -49.48 -15.44 10.44
CA GLN A 552 -48.93 -14.08 10.22
C GLN A 552 -48.07 -13.63 11.43
N PHE A 553 -47.97 -14.42 12.50
CA PHE A 553 -47.28 -14.01 13.75
C PHE A 553 -46.13 -14.96 14.01
N VAL A 554 -44.92 -14.41 13.91
CA VAL A 554 -43.66 -15.18 14.12
C VAL A 554 -43.39 -15.13 15.61
N GLY A 555 -43.70 -16.22 16.30
CA GLY A 555 -43.62 -16.29 17.76
C GLY A 555 -42.24 -16.74 18.18
N TYR A 556 -41.77 -16.24 19.31
CA TYR A 556 -40.42 -16.59 19.81
C TYR A 556 -40.45 -16.59 21.33
N MET A 557 -39.70 -17.50 21.90
CA MET A 557 -39.36 -17.54 23.34
C MET A 557 -38.12 -16.65 23.58
N GLU A 558 -37.29 -16.46 22.57
CA GLU A 558 -36.01 -15.72 22.67
C GLU A 558 -35.76 -14.93 21.37
N SER A 559 -35.21 -13.74 21.50
CA SER A 559 -34.62 -12.96 20.38
C SER A 559 -33.33 -12.32 20.89
N HIS A 560 -32.57 -11.71 19.97
CA HIS A 560 -31.30 -10.98 20.26
C HIS A 560 -31.56 -9.86 21.27
N ASP A 561 -32.78 -9.31 21.30
CA ASP A 561 -33.19 -8.21 22.23
C ASP A 561 -33.51 -8.69 23.65
N GLU A 562 -33.65 -10.00 23.90
CA GLU A 562 -34.17 -10.46 25.19
C GLU A 562 -33.12 -11.27 25.96
N GLU A 563 -33.37 -11.38 27.24
CA GLU A 563 -32.63 -12.23 28.18
C GLU A 563 -32.93 -13.70 27.83
N ARG A 564 -31.95 -14.56 28.02
CA ARG A 564 -32.05 -16.02 27.78
C ARG A 564 -32.91 -16.66 28.88
N CYS A 565 -33.86 -17.49 28.48
CA CYS A 565 -34.68 -18.33 29.39
C CYS A 565 -33.72 -19.11 30.30
N ALA A 566 -32.63 -19.69 29.78
CA ALA A 566 -31.73 -20.57 30.57
C ALA A 566 -30.90 -19.73 31.57
N TYR A 567 -30.67 -18.45 31.26
CA TYR A 567 -29.97 -17.53 32.20
C TYR A 567 -30.92 -17.19 33.36
N LYS A 568 -32.18 -16.91 33.10
CA LYS A 568 -33.11 -16.49 34.18
C LYS A 568 -33.25 -17.63 35.21
N GLN A 569 -33.20 -18.87 34.73
CA GLN A 569 -33.24 -20.07 35.59
C GLN A 569 -32.15 -19.89 36.65
N ILE A 570 -30.94 -19.60 36.21
CA ILE A 570 -29.75 -19.56 37.10
C ILE A 570 -29.92 -18.41 38.10
N GLU A 571 -30.43 -17.27 37.65
CA GLU A 571 -30.48 -16.04 38.48
C GLU A 571 -31.67 -16.13 39.44
N TYR A 572 -32.82 -16.66 39.01
CA TYR A 572 -34.10 -16.47 39.74
C TYR A 572 -34.96 -17.74 39.80
N GLY A 573 -34.44 -18.88 39.34
CA GLY A 573 -35.24 -20.10 39.20
C GLY A 573 -35.88 -20.48 40.52
N ASN A 574 -37.03 -21.12 40.43
CA ASN A 574 -37.68 -21.75 41.59
C ASN A 574 -36.92 -23.04 42.01
N GLY A 575 -36.38 -23.08 43.22
CA GLY A 575 -35.74 -24.27 43.81
C GLY A 575 -34.64 -24.84 42.93
N ALA A 576 -34.79 -26.09 42.51
CA ALA A 576 -33.73 -26.87 41.81
C ALA A 576 -33.42 -26.24 40.44
N LEU A 577 -34.34 -25.46 39.88
CA LEU A 577 -34.15 -24.82 38.56
C LEU A 577 -32.99 -23.81 38.62
N LYS A 578 -32.58 -23.35 39.80
CA LYS A 578 -31.36 -22.51 39.89
C LYS A 578 -30.11 -23.32 39.57
N THR A 579 -29.97 -24.52 40.11
CA THR A 579 -28.67 -25.20 40.29
C THR A 579 -28.57 -26.51 39.52
N ASN A 580 -29.70 -27.15 39.18
CA ASN A 580 -29.76 -28.53 38.64
C ASN A 580 -29.92 -28.45 37.12
N LEU A 581 -28.83 -28.72 36.38
CA LEU A 581 -28.78 -28.59 34.90
C LEU A 581 -29.79 -29.57 34.30
N SER A 582 -29.76 -30.82 34.78
CA SER A 582 -30.67 -31.90 34.35
C SER A 582 -32.12 -31.35 34.37
N GLU A 583 -32.53 -30.80 35.50
CA GLU A 583 -33.93 -30.33 35.68
C GLU A 583 -34.19 -29.10 34.79
N ARG A 584 -33.25 -28.17 34.69
CA ARG A 584 -33.35 -26.98 33.81
C ARG A 584 -33.55 -27.40 32.33
N LEU A 585 -32.83 -28.40 31.85
CA LEU A 585 -32.99 -28.86 30.44
C LEU A 585 -34.34 -29.56 30.25
N LYS A 586 -34.84 -30.26 31.26
CA LYS A 586 -36.22 -30.82 31.23
C LYS A 586 -37.24 -29.69 31.05
N GLN A 587 -37.19 -28.66 31.92
CA GLN A 587 -38.09 -27.50 31.83
C GLN A 587 -37.97 -26.78 30.49
N LEU A 588 -36.75 -26.56 29.97
CA LEU A 588 -36.56 -25.90 28.64
C LEU A 588 -37.13 -26.81 27.54
N SER A 589 -37.03 -28.14 27.73
CA SER A 589 -37.57 -29.11 26.75
C SER A 589 -39.11 -29.07 26.75
N SER A 590 -39.71 -28.84 27.91
CA SER A 590 -41.18 -28.69 28.07
C SER A 590 -41.66 -27.40 27.42
N ASN A 591 -40.90 -26.31 27.59
CA ASN A 591 -41.14 -25.02 26.90
C ASN A 591 -41.20 -25.29 25.39
N ALA A 592 -40.22 -26.00 24.86
CA ALA A 592 -40.10 -26.28 23.40
C ALA A 592 -41.27 -27.12 22.91
N ALA A 593 -41.74 -28.07 23.72
CA ALA A 593 -42.92 -28.91 23.45
C ALA A 593 -44.20 -28.06 23.46
N PHE A 594 -44.14 -26.86 24.03
CA PHE A 594 -45.28 -25.91 24.00
C PHE A 594 -44.98 -24.73 23.08
N PHE A 595 -44.13 -24.96 22.07
CA PHE A 595 -43.64 -23.88 21.17
C PHE A 595 -43.64 -24.37 19.71
N PHE A 596 -42.86 -25.40 19.40
CA PHE A 596 -42.71 -25.91 18.02
C PHE A 596 -43.94 -26.70 17.60
N THR A 597 -44.75 -27.09 18.57
CA THR A 597 -45.99 -27.86 18.36
C THR A 597 -47.15 -26.92 17.99
N VAL A 598 -46.93 -25.60 17.92
CA VAL A 598 -48.02 -24.60 17.79
C VAL A 598 -48.00 -24.09 16.36
N PRO A 599 -49.17 -24.01 15.69
CA PRO A 599 -49.21 -23.50 14.33
C PRO A 599 -48.63 -22.10 14.18
N GLY A 600 -48.20 -21.79 12.95
CA GLY A 600 -47.68 -20.47 12.58
C GLY A 600 -46.17 -20.48 12.62
N PRO A 601 -45.51 -19.50 11.96
CA PRO A 601 -44.05 -19.46 11.93
C PRO A 601 -43.52 -19.25 13.36
N LYS A 602 -42.31 -19.74 13.59
CA LYS A 602 -41.61 -19.69 14.90
C LYS A 602 -40.17 -19.24 14.65
N MET A 603 -39.59 -18.52 15.61
CA MET A 603 -38.17 -18.10 15.55
C MET A 603 -37.45 -18.52 16.83
N LEU A 604 -36.23 -19.00 16.69
CA LEU A 604 -35.32 -19.23 17.82
C LEU A 604 -34.03 -18.46 17.56
N TRP A 605 -33.52 -17.89 18.64
CA TRP A 605 -32.26 -17.08 18.70
C TRP A 605 -31.12 -18.07 18.91
N GLN A 606 -30.02 -17.91 18.18
CA GLN A 606 -28.90 -18.90 18.15
C GLN A 606 -28.62 -19.47 19.55
N PHE A 607 -28.52 -20.80 19.65
CA PHE A 607 -28.00 -21.55 20.82
C PHE A 607 -29.08 -21.73 21.91
N GLY A 608 -30.30 -21.20 21.72
CA GLY A 608 -31.43 -21.54 22.60
C GLY A 608 -31.64 -23.04 22.63
N GLU A 609 -31.40 -23.71 21.51
CA GLU A 609 -31.53 -25.18 21.39
C GLU A 609 -30.53 -25.88 22.31
N MET A 610 -29.48 -25.22 22.78
CA MET A 610 -28.52 -25.88 23.67
C MET A 610 -28.49 -25.17 25.01
N GLY A 611 -29.57 -24.48 25.36
CA GLY A 611 -29.75 -23.89 26.70
C GLY A 611 -28.79 -22.75 26.99
N TYR A 612 -28.38 -21.97 25.96
CA TYR A 612 -27.40 -20.89 26.13
C TYR A 612 -27.85 -19.98 27.27
N ASP A 613 -26.97 -19.78 28.23
CA ASP A 613 -27.33 -19.26 29.57
C ASP A 613 -26.36 -18.18 30.04
N ILE A 614 -25.71 -17.51 29.12
CA ILE A 614 -24.98 -16.25 29.42
C ILE A 614 -26.00 -15.10 29.36
N SER A 615 -25.99 -14.24 30.37
CA SER A 615 -26.86 -13.04 30.43
C SER A 615 -26.62 -12.16 29.21
N ILE A 616 -27.67 -11.56 28.69
CA ILE A 616 -27.59 -10.55 27.61
C ILE A 616 -26.67 -9.40 28.09
N ASP A 617 -26.61 -9.12 29.40
CA ASP A 617 -25.85 -7.96 29.97
C ASP A 617 -24.36 -8.33 30.14
N GLU A 618 -23.98 -9.59 29.98
CA GLU A 618 -22.55 -9.98 30.08
C GLU A 618 -21.78 -9.30 28.96
N ASN A 619 -20.72 -8.58 29.34
CA ASN A 619 -19.83 -7.83 28.42
C ASN A 619 -20.66 -6.69 27.80
N GLY A 620 -21.72 -6.26 28.47
CA GLY A 620 -22.67 -5.27 27.94
C GLY A 620 -23.72 -5.90 27.01
N ARG A 621 -24.92 -5.32 27.02
CA ARG A 621 -26.07 -5.76 26.20
C ARG A 621 -25.59 -6.18 24.79
N THR A 622 -24.97 -5.27 24.02
CA THR A 622 -24.57 -5.51 22.61
C THR A 622 -23.13 -6.00 22.49
N GLY A 623 -22.42 -6.21 23.60
CA GLY A 623 -21.04 -6.74 23.59
C GLY A 623 -20.97 -8.16 23.05
N LYS A 624 -19.80 -8.50 22.51
CA LYS A 624 -19.49 -9.88 22.06
C LYS A 624 -19.80 -10.88 23.19
N LYS A 625 -20.45 -11.98 22.85
CA LYS A 625 -20.88 -13.00 23.84
C LYS A 625 -19.92 -14.18 23.72
N PRO A 626 -19.72 -14.98 24.79
CA PRO A 626 -18.98 -16.23 24.65
C PRO A 626 -19.58 -17.16 23.57
N VAL A 627 -18.68 -17.80 22.85
CA VAL A 627 -18.99 -18.81 21.81
C VAL A 627 -18.81 -20.17 22.46
N LEU A 628 -19.89 -20.90 22.66
CA LEU A 628 -19.90 -22.08 23.56
C LEU A 628 -20.43 -23.29 22.78
N TRP A 629 -19.73 -23.70 21.72
CA TRP A 629 -20.16 -24.85 20.88
C TRP A 629 -20.10 -26.16 21.68
N GLU A 630 -19.34 -26.21 22.76
CA GLU A 630 -19.29 -27.41 23.63
C GLU A 630 -20.67 -27.67 24.25
N TYR A 631 -21.55 -26.66 24.31
CA TYR A 631 -22.96 -26.85 24.77
C TYR A 631 -23.72 -27.83 23.88
N GLN A 632 -23.34 -27.95 22.61
CA GLN A 632 -24.04 -28.83 21.64
C GLN A 632 -23.97 -30.31 22.09
N THR A 633 -22.86 -30.72 22.73
CA THR A 633 -22.67 -32.08 23.30
C THR A 633 -23.12 -32.10 24.78
N GLU A 634 -22.73 -31.13 25.61
CA GLU A 634 -23.09 -31.13 27.05
C GLU A 634 -24.60 -31.00 27.24
N ARG A 635 -25.33 -30.28 26.38
CA ARG A 635 -26.81 -30.18 26.46
C ARG A 635 -27.43 -30.83 25.21
N LYS A 636 -26.84 -31.90 24.68
CA LYS A 636 -27.35 -32.64 23.50
C LYS A 636 -28.79 -33.11 23.77
N SER A 637 -29.13 -33.48 25.00
CA SER A 637 -30.48 -33.95 25.31
C SER A 637 -31.52 -32.88 24.88
N LEU A 638 -31.23 -31.59 25.09
CA LEU A 638 -32.14 -30.49 24.67
C LEU A 638 -32.01 -30.28 23.15
N VAL A 639 -30.80 -30.38 22.61
CA VAL A 639 -30.58 -30.22 21.13
C VAL A 639 -31.43 -31.28 20.44
N ASP A 640 -31.43 -32.52 20.96
CA ASP A 640 -32.21 -33.65 20.40
C ASP A 640 -33.69 -33.30 20.41
N ILE A 641 -34.20 -32.78 21.51
CA ILE A 641 -35.66 -32.47 21.64
C ILE A 641 -36.03 -31.41 20.60
N TYR A 642 -35.29 -30.32 20.55
CA TYR A 642 -35.50 -29.26 19.55
C TYR A 642 -35.50 -29.89 18.15
N THR A 643 -34.52 -30.74 17.84
CA THR A 643 -34.36 -31.32 16.49
C THR A 643 -35.61 -32.12 16.14
N LYS A 644 -36.10 -32.93 17.08
CA LYS A 644 -37.25 -33.83 16.82
C LYS A 644 -38.50 -32.99 16.68
N LEU A 645 -38.68 -31.99 17.54
CA LEU A 645 -39.89 -31.13 17.49
C LEU A 645 -39.92 -30.34 16.18
N ILE A 646 -38.78 -29.80 15.78
CA ILE A 646 -38.72 -29.02 14.53
C ILE A 646 -38.95 -29.98 13.33
N THR A 647 -38.27 -31.11 13.31
CA THR A 647 -38.34 -32.10 12.21
C THR A 647 -39.79 -32.61 12.08
N LEU A 648 -40.50 -32.74 13.20
CA LEU A 648 -41.92 -33.17 13.23
C LEU A 648 -42.73 -32.26 12.30
N ARG A 649 -42.42 -30.96 12.23
CA ARG A 649 -43.18 -29.98 11.42
C ARG A 649 -42.93 -30.24 9.92
N THR A 650 -41.83 -30.89 9.55
CA THR A 650 -41.58 -31.30 8.16
C THR A 650 -42.25 -32.65 7.88
N THR A 651 -42.04 -33.66 8.72
CA THR A 651 -42.43 -35.06 8.40
C THR A 651 -43.95 -35.18 8.50
N HIS A 652 -44.59 -34.40 9.39
CA HIS A 652 -46.08 -34.35 9.54
C HIS A 652 -46.59 -32.92 9.37
N SER A 653 -46.22 -32.26 8.26
CA SER A 653 -46.57 -30.84 8.00
C SER A 653 -48.08 -30.63 7.91
N ASP A 654 -48.85 -31.65 7.48
CA ASP A 654 -50.34 -31.59 7.33
C ASP A 654 -50.98 -31.32 8.71
N LEU A 655 -50.35 -31.78 9.78
CA LEU A 655 -50.76 -31.45 11.16
C LEU A 655 -50.75 -29.95 11.42
N PHE A 656 -49.74 -29.22 10.95
CA PHE A 656 -49.49 -27.82 11.39
C PHE A 656 -50.14 -26.84 10.43
N ASN A 657 -50.86 -27.33 9.44
CA ASN A 657 -51.68 -26.49 8.55
C ASN A 657 -52.55 -25.59 9.43
N ALA A 658 -52.69 -24.32 9.09
CA ALA A 658 -53.47 -23.34 9.90
C ALA A 658 -54.96 -23.77 9.97
N SER A 659 -55.45 -24.62 9.06
CA SER A 659 -56.82 -25.21 9.10
C SER A 659 -57.00 -26.17 10.29
N SER A 660 -55.95 -26.85 10.72
CA SER A 660 -55.99 -27.75 11.89
C SER A 660 -56.67 -27.04 13.06
N GLN A 661 -57.45 -27.78 13.83
CA GLN A 661 -58.10 -27.25 15.05
C GLN A 661 -57.03 -27.31 16.15
N PHE A 662 -56.81 -26.19 16.84
CA PHE A 662 -55.75 -26.04 17.86
C PHE A 662 -56.37 -25.49 19.15
N THR A 663 -56.14 -26.17 20.27
CA THR A 663 -56.71 -25.77 21.58
C THR A 663 -55.65 -26.05 22.64
N TRP A 664 -55.52 -25.19 23.64
CA TRP A 664 -54.55 -25.46 24.71
C TRP A 664 -54.98 -24.79 26.00
N LYS A 665 -54.40 -25.22 27.10
CA LYS A 665 -54.66 -24.69 28.44
C LYS A 665 -53.30 -24.27 28.96
N VAL A 666 -53.00 -22.98 28.83
CA VAL A 666 -51.63 -22.45 29.09
C VAL A 666 -51.71 -21.17 29.91
N SER A 667 -52.77 -20.99 30.72
CA SER A 667 -52.98 -19.76 31.54
C SER A 667 -52.33 -19.90 32.91
N TYR A 668 -52.33 -18.77 33.63
CA TYR A 668 -51.95 -18.69 35.07
C TYR A 668 -52.64 -19.82 35.84
N ASN A 669 -53.88 -20.16 35.50
CA ASN A 669 -54.67 -21.18 36.23
C ASN A 669 -54.33 -22.59 35.76
N ASP A 670 -53.53 -22.74 34.71
CA ASP A 670 -53.12 -24.06 34.18
C ASP A 670 -51.69 -24.28 34.65
N TRP A 671 -51.51 -24.90 35.81
CA TRP A 671 -50.16 -25.01 36.39
C TRP A 671 -50.08 -26.24 37.28
N ASP A 672 -50.79 -26.23 38.39
CA ASP A 672 -50.71 -27.32 39.41
C ASP A 672 -51.18 -28.64 38.79
N ASN A 673 -52.06 -28.64 37.79
CA ASN A 673 -52.55 -29.90 37.15
C ASN A 673 -51.98 -30.04 35.72
N GLY A 674 -50.98 -29.25 35.37
CA GLY A 674 -50.30 -29.37 34.07
C GLY A 674 -50.89 -28.44 33.03
N ARG A 675 -50.24 -28.38 31.89
CA ARG A 675 -50.70 -27.60 30.72
C ARG A 675 -50.90 -28.62 29.62
N THR A 676 -51.87 -28.40 28.73
CA THR A 676 -52.24 -29.36 27.65
C THR A 676 -52.36 -28.63 26.32
N LEU A 677 -52.09 -29.33 25.25
CA LEU A 677 -52.44 -28.79 23.94
C LEU A 677 -52.81 -29.97 23.05
N THR A 678 -53.79 -29.73 22.17
CA THR A 678 -54.21 -30.74 21.17
C THR A 678 -54.28 -30.04 19.83
N LEU A 679 -53.66 -30.65 18.83
CA LEU A 679 -53.67 -30.19 17.43
C LEU A 679 -54.31 -31.29 16.58
N LYS A 680 -55.42 -30.97 15.91
CA LYS A 680 -56.23 -31.96 15.12
C LYS A 680 -56.31 -31.50 13.67
N ALA A 681 -55.69 -32.27 12.77
CA ALA A 681 -55.72 -32.07 11.30
C ALA A 681 -57.11 -32.47 10.75
N VAL A 682 -57.49 -31.86 9.62
CA VAL A 682 -58.76 -32.18 8.90
C VAL A 682 -58.69 -33.63 8.42
N ASN A 683 -57.51 -34.22 8.28
CA ASN A 683 -57.36 -35.63 7.82
C ASN A 683 -57.41 -36.59 9.01
N GLY A 684 -57.61 -36.12 10.24
CA GLY A 684 -57.75 -36.98 11.43
C GLY A 684 -56.47 -37.18 12.22
N LYS A 685 -55.32 -36.76 11.71
CA LYS A 685 -54.07 -36.84 12.51
C LYS A 685 -54.22 -35.90 13.73
N GLN A 686 -53.72 -36.36 14.87
CA GLN A 686 -53.80 -35.62 16.15
C GLN A 686 -52.45 -35.66 16.87
N LEU A 687 -52.11 -34.56 17.52
CA LEU A 687 -50.91 -34.40 18.37
C LEU A 687 -51.43 -33.95 19.73
N HIS A 688 -51.02 -34.59 20.81
CA HIS A 688 -51.39 -34.15 22.17
C HIS A 688 -50.13 -33.98 23.02
N VAL A 689 -50.04 -32.87 23.74
CA VAL A 689 -48.88 -32.61 24.64
C VAL A 689 -49.42 -32.30 26.01
N TYR A 690 -48.81 -32.91 27.02
CA TYR A 690 -49.00 -32.57 28.44
C TYR A 690 -47.63 -32.17 28.97
N ALA A 691 -47.60 -31.15 29.83
CA ALA A 691 -46.37 -30.71 30.52
C ALA A 691 -46.69 -30.37 31.96
N ASN A 692 -45.73 -30.70 32.81
CA ASN A 692 -45.67 -30.38 34.24
C ASN A 692 -44.55 -29.37 34.44
N PHE A 693 -44.87 -28.08 34.57
CA PHE A 693 -43.87 -26.99 34.79
C PHE A 693 -43.57 -26.82 36.29
N THR A 694 -44.19 -27.63 37.17
CA THR A 694 -44.13 -27.48 38.65
C THR A 694 -42.90 -28.20 39.16
N ASN A 695 -42.60 -28.07 40.46
CA ASN A 695 -41.47 -28.73 41.14
C ASN A 695 -41.89 -30.09 41.73
N ALA A 696 -43.05 -30.64 41.41
CA ALA A 696 -43.53 -31.92 41.96
C ALA A 696 -44.22 -32.73 40.85
N SER A 697 -44.29 -34.05 41.05
CA SER A 697 -45.00 -34.99 40.15
C SER A 697 -46.49 -34.67 40.20
N ILE A 698 -47.15 -34.86 39.08
CA ILE A 698 -48.60 -34.63 38.95
C ILE A 698 -49.18 -35.84 38.24
N ASP A 699 -50.35 -36.28 38.70
CA ASP A 699 -51.15 -37.34 38.06
C ASP A 699 -51.89 -36.76 36.87
N TYR A 700 -51.87 -37.46 35.76
CA TYR A 700 -52.61 -37.08 34.54
C TYR A 700 -53.27 -38.33 33.94
N THR A 701 -54.51 -38.17 33.50
CA THR A 701 -55.29 -39.19 32.77
C THR A 701 -55.13 -38.86 31.29
N ILE A 702 -54.44 -39.71 30.53
CA ILE A 702 -54.26 -39.49 29.08
C ILE A 702 -55.65 -39.45 28.47
N PRO A 703 -55.94 -38.56 27.52
CA PRO A 703 -57.25 -38.56 26.86
C PRO A 703 -57.48 -39.90 26.15
N GLU A 704 -58.74 -40.19 25.83
CA GLU A 704 -59.13 -41.50 25.24
C GLU A 704 -58.45 -41.66 23.89
N GLY A 705 -57.99 -42.86 23.57
CA GLY A 705 -57.53 -43.17 22.21
C GLY A 705 -56.32 -44.07 22.24
N THR A 706 -55.80 -44.33 21.05
CA THR A 706 -54.54 -45.10 20.86
C THR A 706 -53.48 -44.05 20.52
N TRP A 707 -52.45 -43.94 21.36
CA TRP A 707 -51.44 -42.87 21.27
C TRP A 707 -50.08 -43.51 21.16
N TYR A 708 -49.16 -42.89 20.43
CA TYR A 708 -47.74 -43.29 20.40
C TYR A 708 -46.91 -42.15 20.98
N LEU A 709 -45.87 -42.51 21.72
CA LEU A 709 -44.81 -41.60 22.21
C LEU A 709 -43.84 -41.43 21.05
N TYR A 710 -44.23 -40.53 20.13
CA TYR A 710 -43.61 -40.25 18.82
C TYR A 710 -42.13 -39.89 18.99
N LEU A 711 -41.75 -39.18 20.05
CA LEU A 711 -40.35 -38.81 20.33
C LEU A 711 -39.55 -40.01 20.82
N GLU A 712 -40.21 -41.12 21.18
CA GLU A 712 -39.60 -42.42 21.56
C GLU A 712 -39.81 -43.42 20.43
N GLY A 714 -42.12 -44.58 18.35
CA GLY A 714 -43.53 -44.80 17.98
C GLY A 714 -44.16 -45.90 18.81
N ASN A 715 -43.74 -46.07 20.05
CA ASN A 715 -44.20 -47.16 20.94
C ASN A 715 -45.57 -46.78 21.52
N PRO A 716 -46.57 -47.70 21.52
CA PRO A 716 -47.96 -47.34 21.80
C PRO A 716 -48.22 -47.05 23.28
N VAL A 717 -49.37 -46.44 23.55
CA VAL A 717 -49.86 -46.06 24.90
C VAL A 717 -51.40 -46.06 24.90
N GLU A 718 -51.99 -46.74 25.88
CA GLU A 718 -53.46 -46.75 26.13
C GLU A 718 -53.91 -45.37 26.61
N GLY A 719 -54.86 -44.76 25.90
CA GLY A 719 -55.63 -43.58 26.35
C GLY A 719 -56.61 -43.93 27.46
N GLU A 720 -57.13 -42.92 28.16
CA GLU A 720 -58.05 -43.04 29.32
C GLU A 720 -57.29 -43.70 30.48
N LYS A 721 -55.96 -43.82 30.37
CA LYS A 721 -55.04 -44.46 31.36
C LYS A 721 -54.32 -43.35 32.15
N LYS A 722 -53.95 -43.63 33.39
CA LYS A 722 -53.45 -42.62 34.34
C LYS A 722 -51.96 -42.83 34.59
N ILE A 723 -51.19 -41.74 34.49
CA ILE A 723 -49.72 -41.72 34.70
C ILE A 723 -49.37 -40.62 35.69
N SER A 724 -48.24 -40.81 36.33
CA SER A 724 -47.53 -39.82 37.14
C SER A 724 -46.47 -39.15 36.24
N VAL A 725 -46.57 -37.83 36.05
CA VAL A 725 -45.55 -37.08 35.26
C VAL A 725 -44.62 -36.34 36.22
N PRO A 726 -43.30 -36.64 36.20
CA PRO A 726 -42.38 -35.97 37.10
C PRO A 726 -42.27 -34.45 36.82
N ALA A 727 -41.88 -33.71 37.86
CA ALA A 727 -41.51 -32.29 37.79
C ALA A 727 -40.72 -32.02 36.50
N HIS A 728 -41.13 -30.98 35.77
CA HIS A 728 -40.38 -30.33 34.66
C HIS A 728 -40.55 -31.11 33.35
N GLU A 729 -41.30 -32.21 33.35
CA GLU A 729 -41.31 -33.14 32.19
C GLU A 729 -42.59 -32.91 31.39
N PHE A 730 -42.53 -33.36 30.14
CA PHE A 730 -43.68 -33.37 29.22
C PHE A 730 -43.87 -34.77 28.65
N ARG A 731 -45.05 -35.01 28.10
CA ARG A 731 -45.38 -36.22 27.31
C ARG A 731 -45.95 -35.74 25.97
N LEU A 732 -45.44 -36.26 24.87
CA LEU A 732 -46.01 -35.89 23.56
C LEU A 732 -46.55 -37.17 22.92
N TYR A 733 -47.80 -37.09 22.47
CA TYR A 733 -48.53 -38.24 21.89
C TYR A 733 -49.03 -37.89 20.49
N THR A 734 -48.87 -38.82 19.55
CA THR A 734 -49.50 -38.80 18.23
C THR A 734 -50.46 -39.99 18.16
N ASN A 735 -51.50 -39.87 17.34
CA ASN A 735 -52.43 -41.01 17.08
C ASN A 735 -51.96 -41.72 15.81
N PHE A 736 -50.72 -41.47 15.37
CA PHE A 736 -50.01 -42.17 14.27
C PHE A 736 -48.62 -42.60 14.77
N ALA A 737 -48.05 -43.67 14.22
CA ALA A 737 -46.80 -44.26 14.74
C ALA A 737 -45.57 -43.72 13.97
N GLU A 738 -45.71 -43.34 12.70
CA GLU A 738 -44.61 -42.71 11.89
C GLU A 738 -45.21 -41.85 10.77
N LEU B 26 -15.97 -47.81 59.18
CA LEU B 26 -16.06 -46.83 58.03
C LEU B 26 -15.21 -45.57 58.31
N HIS B 27 -14.36 -45.18 57.37
CA HIS B 27 -13.61 -43.89 57.39
C HIS B 27 -14.56 -42.74 57.02
N ASP B 28 -14.37 -41.56 57.62
CA ASP B 28 -14.83 -40.25 57.09
C ASP B 28 -14.63 -40.24 55.57
N GLY B 29 -15.57 -39.68 54.81
CA GLY B 29 -15.49 -39.69 53.35
C GLY B 29 -15.95 -40.99 52.75
N PHE B 30 -15.39 -41.40 51.62
CA PHE B 30 -15.81 -42.59 50.83
C PHE B 30 -15.17 -43.86 51.39
N ASN B 31 -15.91 -44.98 51.31
CA ASN B 31 -15.45 -46.36 51.64
C ASN B 31 -15.87 -47.29 50.51
N PHE B 32 -15.04 -48.28 50.20
CA PHE B 32 -15.24 -49.19 49.04
C PHE B 32 -15.36 -50.64 49.53
N ASP B 33 -16.20 -51.37 48.83
CA ASP B 33 -16.45 -52.83 48.96
C ASP B 33 -16.84 -53.27 47.56
N PRO B 34 -15.96 -53.95 46.78
CA PRO B 34 -14.64 -54.40 47.24
C PRO B 34 -13.71 -53.28 47.76
N ALA B 35 -12.77 -53.64 48.64
CA ALA B 35 -11.80 -52.69 49.25
C ALA B 35 -10.85 -52.14 48.19
N ILE B 36 -10.55 -52.95 47.18
CA ILE B 36 -9.79 -52.59 45.96
C ILE B 36 -10.79 -52.67 44.82
N PRO B 37 -11.42 -51.55 44.40
CA PRO B 37 -12.39 -51.60 43.30
C PRO B 37 -11.85 -52.46 42.17
N LYS B 38 -12.75 -53.17 41.49
CA LYS B 38 -12.43 -54.07 40.35
C LYS B 38 -13.27 -53.64 39.14
N ALA B 39 -12.63 -53.42 38.01
CA ALA B 39 -13.30 -52.88 36.81
C ALA B 39 -14.58 -53.68 36.54
N ASP B 40 -14.55 -55.01 36.69
CA ASP B 40 -15.57 -55.90 36.04
C ASP B 40 -16.38 -56.64 37.11
N GLU B 41 -16.41 -56.11 38.33
CA GLU B 41 -17.29 -56.54 39.42
C GLU B 41 -18.17 -55.37 39.86
N PRO B 42 -19.30 -55.66 40.55
CA PRO B 42 -20.00 -54.64 41.31
C PRO B 42 -19.04 -53.81 42.18
N LEU B 43 -19.45 -52.60 42.55
CA LEU B 43 -18.79 -51.82 43.60
C LEU B 43 -19.87 -51.20 44.47
N THR B 44 -19.69 -51.27 45.78
CA THR B 44 -20.54 -50.57 46.77
C THR B 44 -19.70 -49.47 47.40
N ILE B 45 -20.14 -48.24 47.15
CA ILE B 45 -19.53 -47.01 47.69
C ILE B 45 -20.39 -46.56 48.86
N THR B 46 -19.75 -46.32 50.00
CA THR B 46 -20.42 -45.78 51.18
C THR B 46 -19.73 -44.47 51.54
N PHE B 47 -20.54 -43.44 51.78
CA PHE B 47 -20.06 -42.09 52.10
C PHE B 47 -20.51 -41.75 53.52
N LYS B 48 -19.58 -41.22 54.31
CA LYS B 48 -19.85 -40.82 55.72
C LYS B 48 -19.43 -39.36 55.89
N ALA B 49 -20.40 -38.52 56.25
CA ALA B 49 -20.19 -37.08 56.56
C ALA B 49 -19.60 -36.89 57.97
N PRO B 50 -18.36 -36.37 58.11
CA PRO B 50 -17.79 -36.12 59.44
C PRO B 50 -18.37 -34.87 60.10
N GLU B 51 -18.28 -34.79 61.42
CA GLU B 51 -18.82 -33.65 62.22
C GLU B 51 -18.34 -32.34 61.56
N GLY B 52 -19.23 -31.37 61.42
CA GLY B 52 -18.89 -30.03 60.91
C GLY B 52 -18.81 -29.97 59.40
N SER B 53 -18.78 -31.11 58.69
CA SER B 53 -18.79 -31.13 57.20
C SER B 53 -20.17 -30.69 56.70
N ASN B 54 -20.36 -30.55 55.39
CA ASN B 54 -21.57 -29.87 54.83
C ASN B 54 -22.81 -30.78 54.88
N PHE B 55 -22.63 -32.09 54.81
CA PHE B 55 -23.74 -33.08 54.80
C PHE B 55 -23.88 -33.79 56.15
N TYR B 56 -23.16 -33.31 57.18
CA TYR B 56 -23.32 -33.75 58.59
C TYR B 56 -24.71 -33.34 59.07
N GLY B 57 -25.56 -34.30 59.44
CA GLY B 57 -26.96 -34.08 59.87
C GLY B 57 -27.90 -33.82 58.70
N TYR B 58 -27.49 -34.14 57.46
CA TYR B 58 -28.31 -33.89 56.25
C TYR B 58 -29.48 -34.87 56.28
N ALA B 59 -30.70 -34.34 56.07
CA ALA B 59 -31.97 -35.09 56.26
C ALA B 59 -32.13 -36.17 55.19
N ASP B 60 -31.91 -35.86 53.91
CA ASP B 60 -32.38 -36.71 52.78
C ASP B 60 -31.24 -37.50 52.15
N ASP B 61 -31.51 -38.17 51.03
CA ASP B 61 -30.54 -39.01 50.29
C ASP B 61 -29.62 -38.09 49.48
N LEU B 62 -28.56 -38.64 48.91
CA LEU B 62 -27.51 -37.91 48.18
C LEU B 62 -27.43 -38.55 46.80
N TYR B 63 -26.84 -37.85 45.83
CA TYR B 63 -26.72 -38.35 44.46
C TYR B 63 -25.25 -38.38 44.07
N LEU B 64 -24.93 -39.24 43.14
CA LEU B 64 -23.55 -39.46 42.68
C LEU B 64 -23.34 -38.79 41.31
N HIS B 65 -22.36 -37.91 41.27
CA HIS B 65 -21.79 -37.39 40.01
C HIS B 65 -20.40 -37.99 39.87
N SER B 66 -20.20 -38.83 38.87
CA SER B 66 -19.03 -39.73 38.79
C SER B 66 -18.72 -40.08 37.33
N GLY B 67 -17.50 -40.55 37.09
CA GLY B 67 -17.04 -40.91 35.74
C GLY B 67 -15.69 -41.58 35.86
N THR B 68 -15.16 -42.15 34.78
CA THR B 68 -13.91 -42.94 34.84
C THR B 68 -12.78 -42.18 34.14
N GLY B 69 -11.55 -42.40 34.62
CA GLY B 69 -10.33 -41.84 34.01
C GLY B 69 -10.23 -40.33 34.18
N ALA B 70 -9.29 -39.75 33.44
CA ALA B 70 -8.82 -38.35 33.59
C ALA B 70 -9.99 -37.40 33.30
N ASN B 71 -10.86 -37.74 32.35
CA ASN B 71 -11.93 -36.82 31.89
C ASN B 71 -13.32 -37.36 32.23
N TRP B 72 -13.46 -38.21 33.23
CA TRP B 72 -14.77 -38.55 33.82
C TRP B 72 -15.70 -39.17 32.75
N THR B 73 -15.23 -40.17 32.00
CA THR B 73 -16.06 -40.89 31.00
C THR B 73 -17.29 -41.43 31.73
N GLY B 74 -18.44 -41.29 31.09
CA GLY B 74 -19.72 -41.80 31.59
C GLY B 74 -20.41 -40.84 32.54
N ALA B 75 -19.91 -39.60 32.71
CA ALA B 75 -20.47 -38.68 33.73
C ALA B 75 -21.83 -38.21 33.23
N PRO B 76 -22.82 -38.06 34.12
CA PRO B 76 -24.12 -37.58 33.66
C PRO B 76 -24.13 -36.05 33.56
N THR B 77 -25.24 -35.53 33.07
CA THR B 77 -25.60 -34.10 33.20
C THR B 77 -25.70 -33.78 34.69
N TRP B 78 -25.06 -32.71 35.15
CA TRP B 78 -25.13 -32.30 36.57
C TRP B 78 -26.60 -32.27 37.02
N GLY B 79 -26.90 -33.06 38.06
CA GLY B 79 -28.20 -33.01 38.75
C GLY B 79 -29.11 -34.13 38.28
N ASP B 80 -28.65 -34.98 37.36
CA ASP B 80 -29.39 -36.18 36.91
C ASP B 80 -29.77 -37.08 38.11
N ASN B 81 -31.06 -37.09 38.49
CA ASN B 81 -31.55 -37.73 39.73
C ASN B 81 -32.22 -39.08 39.46
N GLN B 82 -31.90 -39.73 38.34
CA GLN B 82 -32.21 -41.15 38.09
C GLN B 82 -31.79 -41.99 39.30
N ASN B 83 -32.52 -43.06 39.57
CA ASN B 83 -32.31 -43.95 40.75
C ASN B 83 -30.93 -44.60 40.73
N LYS B 84 -30.39 -44.89 39.57
CA LYS B 84 -29.04 -45.49 39.48
C LYS B 84 -27.98 -44.56 40.07
N TYR B 85 -28.29 -43.27 40.33
CA TYR B 85 -27.33 -42.29 40.91
C TYR B 85 -27.64 -42.00 42.37
N ARG B 86 -28.73 -42.54 42.93
CA ARG B 86 -29.10 -42.24 44.33
C ARG B 86 -28.22 -43.03 45.31
N LEU B 87 -27.70 -42.37 46.33
CA LEU B 87 -27.11 -43.00 47.53
C LEU B 87 -28.16 -42.99 48.63
N LYS B 88 -28.66 -44.20 48.99
CA LYS B 88 -29.68 -44.42 50.06
C LYS B 88 -29.02 -44.10 51.39
N LYS B 89 -29.63 -43.25 52.21
CA LYS B 89 -29.15 -43.02 53.60
C LYS B 89 -29.46 -44.27 54.43
N THR B 90 -28.43 -44.93 54.98
CA THR B 90 -28.54 -46.20 55.74
C THR B 90 -28.46 -45.97 57.25
N LYS B 91 -27.74 -44.95 57.72
CA LYS B 91 -27.72 -44.55 59.17
C LYS B 91 -27.60 -43.03 59.28
N ASP B 92 -27.48 -42.51 60.50
CA ASP B 92 -27.19 -41.08 60.72
C ASP B 92 -25.87 -40.76 59.99
N ASN B 93 -25.87 -39.86 59.00
CA ASN B 93 -24.64 -39.33 58.34
C ASN B 93 -23.93 -40.42 57.53
N VAL B 94 -24.66 -41.43 57.04
CA VAL B 94 -24.08 -42.52 56.20
C VAL B 94 -24.99 -42.80 55.01
N TRP B 95 -24.42 -42.85 53.80
CA TRP B 95 -25.16 -43.09 52.53
C TRP B 95 -24.44 -44.15 51.71
N SER B 96 -25.22 -44.98 51.00
CA SER B 96 -24.67 -46.11 50.22
C SER B 96 -25.37 -46.20 48.88
N ILE B 97 -24.58 -46.58 47.88
CA ILE B 97 -25.00 -46.83 46.48
C ILE B 97 -24.18 -48.02 46.04
N THR B 98 -24.70 -48.77 45.07
CA THR B 98 -24.00 -49.91 44.44
C THR B 98 -24.03 -49.71 42.94
N LEU B 99 -22.91 -49.90 42.28
CA LEU B 99 -22.79 -49.85 40.81
C LEU B 99 -22.79 -51.31 40.35
N SER B 100 -23.77 -51.71 39.54
CA SER B 100 -23.86 -53.08 38.97
C SER B 100 -24.10 -52.94 37.46
N SER B 101 -24.04 -54.03 36.70
CA SER B 101 -23.49 -55.32 37.09
C SER B 101 -22.00 -55.19 37.45
N SER B 102 -21.32 -54.20 36.88
CA SER B 102 -19.88 -53.90 37.08
C SER B 102 -19.61 -52.38 36.96
N ILE B 103 -18.55 -51.91 37.61
CA ILE B 103 -18.01 -50.56 37.36
C ILE B 103 -18.09 -50.33 35.85
N ARG B 104 -17.52 -51.21 35.03
CA ARG B 104 -17.37 -50.95 33.56
C ARG B 104 -18.73 -50.83 32.87
N HIS B 105 -19.70 -51.66 33.25
CA HIS B 105 -21.07 -51.64 32.67
C HIS B 105 -21.73 -50.32 33.07
N PHE B 106 -21.64 -49.98 34.35
CA PHE B 106 -22.24 -48.76 34.92
C PHE B 106 -21.87 -47.53 34.08
N TYR B 107 -20.64 -47.42 33.55
CA TYR B 107 -20.20 -46.22 32.80
C TYR B 107 -20.21 -46.46 31.29
N SER B 108 -20.58 -47.66 30.84
CA SER B 108 -20.61 -48.03 29.40
C SER B 108 -19.22 -47.91 28.78
N VAL B 109 -18.18 -48.33 29.51
CA VAL B 109 -16.78 -48.32 29.01
C VAL B 109 -16.53 -49.60 28.20
N ALA B 110 -16.02 -49.48 26.98
CA ALA B 110 -15.59 -50.62 26.12
C ALA B 110 -14.77 -51.60 26.94
N PRO B 111 -14.89 -52.92 26.68
CA PRO B 111 -14.10 -53.92 27.41
C PRO B 111 -12.58 -53.74 27.22
N SER B 112 -12.14 -53.35 26.02
CA SER B 112 -10.71 -53.11 25.68
C SER B 112 -10.15 -51.95 26.52
N THR B 113 -10.84 -50.79 26.56
CA THR B 113 -10.44 -49.53 27.24
C THR B 113 -10.08 -49.80 28.70
N PRO B 114 -8.81 -49.63 29.15
CA PRO B 114 -8.48 -49.81 30.56
C PRO B 114 -9.23 -48.78 31.41
N LEU B 115 -9.78 -49.24 32.53
CA LEU B 115 -10.61 -48.44 33.48
C LEU B 115 -9.86 -48.50 34.81
N GLN B 116 -9.18 -47.39 35.15
CA GLN B 116 -8.11 -47.35 36.19
C GLN B 116 -8.43 -46.36 37.30
N THR B 117 -9.30 -45.38 37.05
CA THR B 117 -9.78 -44.42 38.10
C THR B 117 -11.30 -44.24 38.01
N ILE B 118 -11.89 -44.01 39.16
CA ILE B 118 -13.32 -43.63 39.24
C ILE B 118 -13.31 -42.31 40.00
N ASN B 119 -14.00 -41.30 39.47
CA ASN B 119 -14.08 -39.93 40.06
C ASN B 119 -15.43 -39.80 40.74
N LEU B 120 -15.45 -39.32 41.98
CA LEU B 120 -16.68 -39.33 42.80
C LEU B 120 -16.93 -37.96 43.43
N ILE B 121 -18.14 -37.46 43.20
CA ILE B 121 -18.75 -36.31 43.92
C ILE B 121 -20.13 -36.76 44.40
N VAL B 122 -20.50 -36.33 45.61
CA VAL B 122 -21.89 -36.47 46.13
C VAL B 122 -22.47 -35.07 46.25
N ARG B 123 -23.77 -34.97 45.97
CA ARG B 123 -24.51 -33.70 45.91
C ARG B 123 -25.90 -33.93 46.51
N ASP B 124 -26.53 -32.88 46.99
CA ASP B 124 -28.00 -32.87 47.24
C ASP B 124 -28.74 -33.04 45.88
N ALA B 125 -30.03 -33.35 45.95
CA ALA B 125 -30.95 -33.52 44.80
C ALA B 125 -30.98 -32.26 43.92
N GLU B 126 -30.82 -31.08 44.52
CA GLU B 126 -30.86 -29.78 43.82
C GLU B 126 -29.54 -29.49 43.11
N GLY B 127 -28.47 -30.19 43.48
CA GLY B 127 -27.13 -29.93 42.95
C GLY B 127 -26.61 -28.56 43.37
N SER B 128 -26.93 -28.13 44.60
CA SER B 128 -26.38 -26.88 45.18
C SER B 128 -25.21 -27.24 46.10
N GLN B 129 -25.42 -28.09 47.08
CA GLN B 129 -24.33 -28.57 47.97
C GLN B 129 -23.66 -29.78 47.35
N GLN B 130 -22.34 -29.82 47.42
CA GLN B 130 -21.54 -30.94 46.89
C GLN B 130 -20.23 -31.07 47.67
N THR B 131 -19.62 -32.25 47.56
CA THR B 131 -18.18 -32.49 47.73
C THR B 131 -17.48 -32.22 46.39
N TYR B 132 -16.17 -32.33 46.35
CA TYR B 132 -15.33 -31.85 45.21
C TYR B 132 -14.48 -33.00 44.70
N ASP B 133 -13.87 -32.78 43.53
CA ASP B 133 -13.20 -33.81 42.71
C ASP B 133 -12.44 -34.75 43.64
N TYR B 134 -12.81 -36.03 43.61
CA TYR B 134 -12.18 -37.15 44.34
C TYR B 134 -12.05 -38.31 43.37
N ALA B 135 -10.99 -39.09 43.49
CA ALA B 135 -10.81 -40.27 42.62
C ALA B 135 -10.22 -41.39 43.46
N THR B 136 -10.44 -42.63 43.03
CA THR B 136 -9.74 -43.81 43.61
C THR B 136 -9.31 -44.69 42.45
N LEU B 137 -8.30 -45.53 42.69
CA LEU B 137 -7.78 -46.53 41.71
C LEU B 137 -8.77 -47.69 41.59
N VAL B 138 -8.92 -48.20 40.38
CA VAL B 138 -9.63 -49.45 40.02
C VAL B 138 -8.60 -50.42 39.45
N GLU B 139 -8.53 -51.64 39.97
CA GLU B 139 -7.73 -52.72 39.33
C GLU B 139 -8.49 -53.16 38.09
N ASP B 140 -7.83 -53.23 36.94
CA ASP B 140 -8.42 -53.74 35.68
C ASP B 140 -7.62 -54.94 35.12
N SER B 141 -7.75 -56.12 35.76
CA SER B 141 -7.06 -57.40 35.43
C SER B 141 -7.30 -57.79 33.97
N GLN B 142 -8.55 -57.78 33.51
CA GLN B 142 -8.94 -57.99 32.09
C GLN B 142 -7.91 -57.27 31.18
N ASN B 143 -7.34 -56.15 31.62
CA ASN B 143 -6.51 -55.24 30.79
C ASN B 143 -5.09 -55.12 31.36
N GLY B 144 -4.72 -55.99 32.28
CA GLY B 144 -3.34 -56.10 32.77
C GLY B 144 -3.07 -55.14 33.91
N PHE B 145 -3.97 -54.20 34.19
CA PHE B 145 -3.75 -53.23 35.29
C PHE B 145 -3.98 -53.96 36.62
N ILE B 146 -2.93 -54.62 37.15
CA ILE B 146 -2.99 -55.39 38.44
C ILE B 146 -2.21 -54.61 39.51
N TRP B 147 -2.75 -54.56 40.74
CA TRP B 147 -2.26 -53.74 41.88
C TRP B 147 -0.89 -54.23 42.39
N GLU B 148 0.22 -53.71 41.83
CA GLU B 148 1.59 -53.96 42.36
C GLU B 148 1.98 -52.89 43.40
N GLU B 149 2.60 -53.28 44.51
CA GLU B 149 2.99 -52.34 45.59
C GLU B 149 4.22 -51.55 45.13
N PRO B 150 4.35 -50.27 45.55
CA PRO B 150 5.47 -49.43 45.10
C PRO B 150 6.78 -49.72 45.85
N GLN B 151 7.93 -49.44 45.23
CA GLN B 151 9.28 -49.77 45.79
C GLN B 151 9.83 -48.61 46.62
N LYS B 152 10.59 -48.93 47.68
CA LYS B 152 11.40 -47.95 48.45
C LYS B 152 12.84 -48.05 47.92
N ALA B 153 13.34 -47.00 47.27
CA ALA B 153 14.73 -46.88 46.75
C ALA B 153 15.23 -45.46 47.05
N PRO B 154 16.55 -45.25 47.27
CA PRO B 154 17.05 -43.92 47.64
C PRO B 154 17.36 -43.11 46.37
N LEU B 155 17.28 -41.78 46.47
CA LEU B 155 17.50 -40.87 45.32
C LEU B 155 18.93 -41.05 44.83
N PRO B 156 19.18 -41.21 43.52
CA PRO B 156 20.56 -41.23 43.02
C PRO B 156 21.27 -39.87 42.90
N ILE B 157 20.88 -38.84 43.68
CA ILE B 157 21.48 -37.46 43.65
C ILE B 157 21.42 -36.87 45.07
N SER B 158 22.32 -35.94 45.41
CA SER B 158 22.23 -35.09 46.63
C SER B 158 22.30 -33.63 46.18
N GLY B 159 22.17 -32.67 47.10
CA GLY B 159 22.29 -31.23 46.81
C GLY B 159 21.04 -30.48 47.22
N GLU B 160 20.92 -29.21 46.83
CA GLU B 160 19.95 -28.22 47.37
C GLU B 160 18.69 -28.10 46.49
N GLU B 161 18.71 -28.55 45.22
CA GLU B 161 17.57 -28.36 44.27
C GLU B 161 17.22 -29.72 43.62
N LYS B 162 17.01 -30.73 44.46
CA LYS B 162 16.81 -32.14 44.00
C LYS B 162 15.43 -32.29 43.35
N GLU B 163 14.42 -31.55 43.82
CA GLU B 163 13.02 -31.70 43.30
C GLU B 163 12.98 -31.16 41.87
N GLY B 164 12.25 -31.83 41.00
CA GLY B 164 11.90 -31.30 39.68
C GLY B 164 12.33 -32.23 38.57
N ILE B 165 12.65 -31.64 37.44
CA ILE B 165 12.91 -32.35 36.16
C ILE B 165 14.40 -32.26 35.88
N HIS B 166 15.08 -33.42 35.81
CA HIS B 166 16.54 -33.51 35.52
C HIS B 166 16.70 -34.17 34.17
N ILE B 167 17.23 -33.42 33.20
CA ILE B 167 17.59 -33.97 31.87
C ILE B 167 18.97 -34.62 32.04
N HIS B 168 19.03 -35.92 31.82
CA HIS B 168 20.24 -36.77 31.96
C HIS B 168 20.87 -36.96 30.58
N SER B 169 20.05 -37.06 29.54
CA SER B 169 20.47 -37.26 28.13
C SER B 169 19.38 -36.78 27.16
N ALA B 170 19.68 -36.82 25.88
CA ALA B 170 18.72 -36.50 24.80
C ALA B 170 17.48 -37.39 24.89
N THR B 171 17.51 -38.49 25.62
CA THR B 171 16.45 -39.53 25.57
C THR B 171 16.07 -39.94 26.99
N SER B 172 16.55 -39.27 28.04
CA SER B 172 16.22 -39.67 29.42
C SER B 172 16.07 -38.46 30.37
N ILE B 173 15.10 -38.54 31.27
CA ILE B 173 14.89 -37.49 32.29
C ILE B 173 14.66 -38.21 33.61
N MET B 174 15.08 -37.61 34.70
CA MET B 174 14.69 -38.11 36.05
C MET B 174 13.71 -37.09 36.64
N LEU B 175 12.62 -37.58 37.23
CA LEU B 175 11.55 -36.78 37.87
C LEU B 175 11.67 -37.02 39.36
N VAL B 176 11.67 -35.95 40.14
CA VAL B 176 11.71 -36.00 41.63
C VAL B 176 10.57 -35.13 42.15
N LEU B 177 9.65 -35.75 42.89
CA LEU B 177 8.45 -35.10 43.46
C LEU B 177 8.51 -35.18 44.99
N TYR B 178 8.56 -34.04 45.65
CA TYR B 178 8.55 -33.94 47.12
C TYR B 178 7.18 -34.44 47.60
N ASP B 179 7.19 -35.09 48.76
CA ASP B 179 5.97 -35.68 49.35
C ASP B 179 6.27 -35.90 50.81
N LYS B 180 6.00 -34.87 51.61
CA LYS B 180 5.86 -35.03 53.06
C LYS B 180 4.82 -34.01 53.53
N ASP B 181 3.71 -34.49 54.10
CA ASP B 181 2.67 -33.60 54.64
C ASP B 181 3.23 -33.02 55.93
N SER B 182 2.55 -32.03 56.51
CA SER B 182 3.00 -31.27 57.69
C SER B 182 2.83 -32.10 58.97
N GLN B 183 2.26 -33.30 58.89
CA GLN B 183 2.17 -34.22 60.06
C GLN B 183 3.20 -35.35 59.90
N GLY B 184 3.83 -35.51 58.74
CA GLY B 184 4.87 -36.52 58.48
C GLY B 184 4.40 -37.62 57.53
N GLY B 185 3.15 -37.57 57.08
CA GLY B 185 2.59 -38.58 56.16
C GLY B 185 3.06 -38.36 54.74
N HIS B 186 2.74 -39.31 53.86
CA HIS B 186 3.01 -39.24 52.41
C HIS B 186 2.03 -40.15 51.71
N LYS B 187 2.03 -40.13 50.38
CA LYS B 187 1.10 -40.90 49.53
C LYS B 187 1.52 -42.37 49.53
N ASP B 188 0.70 -43.23 48.92
CA ASP B 188 0.89 -44.70 48.94
C ASP B 188 1.56 -45.09 47.64
N CYS B 189 1.32 -44.33 46.60
CA CYS B 189 2.03 -44.50 45.31
C CYS B 189 1.85 -43.26 44.42
N VAL B 190 2.73 -43.11 43.45
CA VAL B 190 2.68 -42.05 42.40
C VAL B 190 3.02 -42.73 41.08
N PHE B 191 2.21 -42.50 40.06
CA PHE B 191 2.48 -42.91 38.67
C PHE B 191 2.86 -41.67 37.83
N VAL B 192 3.75 -41.85 36.86
CA VAL B 192 3.93 -40.87 35.77
C VAL B 192 3.16 -41.36 34.54
N THR B 193 2.35 -40.48 33.95
CA THR B 193 1.60 -40.67 32.68
C THR B 193 2.04 -39.59 31.69
N GLY B 194 1.96 -39.85 30.39
CA GLY B 194 2.40 -38.87 29.41
C GLY B 194 2.31 -39.41 28.02
N ASN B 195 2.88 -38.71 27.05
CA ASN B 195 2.81 -39.11 25.63
C ASN B 195 3.69 -40.34 25.37
N PHE B 196 4.51 -40.76 26.32
CA PHE B 196 5.34 -41.99 26.23
C PHE B 196 4.54 -43.26 26.56
N ASN B 197 3.44 -43.20 27.33
CA ASN B 197 2.62 -44.39 27.66
C ASN B 197 1.14 -44.10 27.35
N ASN B 198 0.86 -43.26 26.36
CA ASN B 198 -0.50 -42.84 25.93
C ASN B 198 -1.40 -42.54 27.13
N TRP B 199 -0.87 -41.93 28.19
CA TRP B 199 -1.62 -41.34 29.33
C TRP B 199 -2.33 -42.42 30.15
N LYS B 200 -1.70 -43.59 30.32
CA LYS B 200 -2.27 -44.70 31.14
C LYS B 200 -1.49 -44.79 32.45
N LEU B 201 -2.16 -45.21 33.51
CA LEU B 201 -1.51 -45.70 34.76
C LEU B 201 -0.91 -47.08 34.42
N ASP B 202 0.33 -47.31 34.83
CA ASP B 202 1.13 -48.45 34.33
C ASP B 202 2.19 -48.75 35.37
N SER B 203 2.26 -50.01 35.81
CA SER B 203 3.11 -50.45 36.96
C SER B 203 4.59 -50.14 36.66
N ARG B 204 4.98 -50.10 35.39
CA ARG B 204 6.35 -49.81 34.91
C ARG B 204 6.72 -48.34 35.16
N TYR B 205 5.73 -47.46 35.34
CA TYR B 205 5.95 -46.02 35.60
C TYR B 205 5.50 -45.66 37.01
N MET B 206 5.63 -46.60 37.95
CA MET B 206 5.42 -46.30 39.36
C MET B 206 6.71 -45.72 39.91
N MET B 207 6.63 -44.58 40.59
CA MET B 207 7.82 -43.89 41.13
C MET B 207 8.24 -44.66 42.37
N LYS B 208 9.54 -44.64 42.69
CA LYS B 208 10.11 -45.29 43.88
C LYS B 208 10.17 -44.17 44.93
N TYR B 209 9.89 -44.45 46.19
CA TYR B 209 9.94 -43.43 47.25
C TYR B 209 11.26 -43.54 48.01
N ASP B 210 11.83 -42.39 48.37
CA ASP B 210 13.03 -42.23 49.23
C ASP B 210 12.54 -41.63 50.54
N GLU B 211 12.46 -42.46 51.58
CA GLU B 211 11.96 -42.09 52.93
C GLU B 211 12.88 -41.06 53.59
N THR B 212 14.14 -40.93 53.13
CA THR B 212 15.15 -40.03 53.74
C THR B 212 14.96 -38.61 53.21
N ASN B 213 14.93 -38.44 51.89
CA ASN B 213 14.72 -37.13 51.22
C ASN B 213 13.23 -36.80 51.10
N HIS B 214 12.32 -37.73 51.43
CA HIS B 214 10.85 -37.53 51.34
C HIS B 214 10.48 -37.17 49.89
N CYS B 215 10.97 -37.97 48.94
CA CYS B 215 10.87 -37.70 47.49
C CYS B 215 10.53 -38.99 46.77
N TRP B 216 9.57 -38.90 45.84
CA TRP B 216 9.28 -39.92 44.81
C TRP B 216 10.23 -39.65 43.67
N TRP B 217 10.66 -40.70 42.98
CA TRP B 217 11.59 -40.52 41.85
C TRP B 217 11.47 -41.69 40.88
N ILE B 218 11.78 -41.40 39.63
CA ILE B 218 11.79 -42.36 38.50
C ILE B 218 12.68 -41.75 37.43
N THR B 219 13.36 -42.59 36.65
CA THR B 219 14.07 -42.20 35.40
C THR B 219 13.25 -42.73 34.23
N LEU B 220 12.92 -41.88 33.28
CA LEU B 220 12.24 -42.29 32.03
C LEU B 220 13.30 -42.38 30.94
N GLU B 221 13.37 -43.52 30.25
CA GLU B 221 14.35 -43.77 29.17
C GLU B 221 13.62 -44.08 27.86
N GLU B 222 14.37 -44.13 26.77
CA GLU B 222 13.86 -44.41 25.40
C GLU B 222 12.78 -43.38 25.03
N LEU B 223 12.95 -42.11 25.43
CA LEU B 223 12.15 -40.94 24.94
C LEU B 223 12.64 -40.56 23.53
N THR B 224 11.74 -40.14 22.63
CA THR B 224 12.07 -39.79 21.22
C THR B 224 12.19 -38.27 21.06
N GLU B 227 9.95 -33.68 22.46
CA GLU B 227 9.06 -33.00 23.43
C GLU B 227 8.30 -34.06 24.24
N THR B 228 8.62 -34.21 25.53
CA THR B 228 7.93 -35.11 26.46
C THR B 228 6.85 -34.31 27.20
N GLN B 229 5.64 -34.85 27.24
CA GLN B 229 4.51 -34.25 28.00
C GLN B 229 4.17 -35.22 29.10
N PHE B 230 3.92 -34.74 30.30
CA PHE B 230 3.55 -35.66 31.39
C PHE B 230 2.77 -34.95 32.47
N GLN B 231 2.12 -35.76 33.29
CA GLN B 231 1.67 -35.36 34.65
C GLN B 231 1.88 -36.56 35.58
N TYR B 232 1.68 -36.33 36.86
CA TYR B 232 1.67 -37.36 37.93
C TYR B 232 0.23 -37.72 38.29
N PHE B 233 0.01 -38.99 38.63
CA PHE B 233 -1.14 -39.48 39.42
C PHE B 233 -0.61 -39.90 40.78
N VAL B 234 -0.87 -39.08 41.79
CA VAL B 234 -0.51 -39.36 43.20
C VAL B 234 -1.76 -39.97 43.85
N TYR B 235 -1.56 -40.87 44.82
CA TYR B 235 -2.63 -41.68 45.45
C TYR B 235 -2.30 -42.03 46.90
N SER B 236 -3.27 -41.83 47.78
CA SER B 236 -3.29 -42.43 49.14
C SER B 236 -4.71 -42.88 49.49
N ALA B 237 -4.83 -43.83 50.43
CA ALA B 237 -6.12 -44.37 50.90
C ALA B 237 -6.89 -43.23 51.59
N SER B 238 -6.18 -42.40 52.32
CA SER B 238 -6.73 -41.27 53.09
C SER B 238 -7.26 -40.15 52.18
N ASP B 239 -6.62 -39.87 51.03
CA ASP B 239 -6.86 -38.66 50.19
C ASP B 239 -7.48 -39.06 48.84
N GLY B 240 -7.50 -40.34 48.49
CA GLY B 240 -7.74 -40.73 47.11
C GLY B 240 -6.64 -40.24 46.16
N GLY B 241 -6.95 -40.23 44.87
CA GLY B 241 -6.01 -39.92 43.79
C GLY B 241 -6.23 -38.53 43.22
N THR B 242 -5.15 -37.96 42.69
CA THR B 242 -5.10 -36.65 42.02
C THR B 242 -4.07 -36.67 40.89
N TYR B 243 -4.44 -36.17 39.72
CA TYR B 243 -3.52 -35.73 38.63
C TYR B 243 -2.99 -34.33 38.97
N LEU B 244 -1.71 -34.08 38.71
CA LEU B 244 -1.04 -32.76 38.92
C LEU B 244 0.26 -32.76 38.13
N CYS B 245 0.73 -31.60 37.67
CA CYS B 245 1.94 -31.54 36.81
C CYS B 245 3.15 -31.34 37.72
N ASP B 246 4.33 -31.14 37.16
CA ASP B 246 5.52 -30.92 38.02
C ASP B 246 5.61 -29.43 38.34
N PRO B 247 5.75 -29.05 39.62
CA PRO B 247 5.81 -27.65 40.01
C PRO B 247 7.04 -26.90 39.47
N TYR B 248 8.04 -27.61 38.98
CA TYR B 248 9.36 -27.04 38.58
C TYR B 248 9.46 -27.03 37.06
N CYS B 249 8.38 -27.38 36.36
CA CYS B 249 8.42 -27.38 34.86
C CYS B 249 8.60 -25.94 34.35
N GLU B 250 9.30 -25.81 33.22
CA GLU B 250 9.66 -24.51 32.59
C GLU B 250 8.72 -24.24 31.43
N GLN B 251 7.84 -25.18 31.17
CA GLN B 251 6.86 -25.07 30.07
C GLN B 251 5.69 -26.00 30.38
N ALA B 252 4.50 -25.55 30.06
CA ALA B 252 3.22 -26.15 30.48
C ALA B 252 2.18 -25.90 29.39
N LEU B 253 1.35 -26.91 29.11
CA LEU B 253 0.10 -26.74 28.35
C LEU B 253 -1.05 -26.61 29.35
N GLU B 254 -1.95 -25.67 29.07
CA GLU B 254 -3.09 -25.37 29.96
C GLU B 254 -4.37 -25.72 29.22
N LYS B 255 -5.18 -26.60 29.77
CA LYS B 255 -6.48 -26.91 29.13
C LYS B 255 -7.36 -25.64 29.12
N GLY B 256 -8.00 -25.37 27.98
CA GLY B 256 -8.85 -24.19 27.74
C GLY B 256 -8.08 -23.10 27.02
N VAL B 257 -6.76 -23.19 27.01
CA VAL B 257 -5.86 -22.21 26.36
C VAL B 257 -5.18 -22.96 25.21
N ASP B 258 -4.40 -24.01 25.47
CA ASP B 258 -3.58 -24.69 24.43
C ASP B 258 -4.50 -25.63 23.63
N THR B 259 -4.67 -25.39 22.32
CA THR B 259 -5.52 -26.22 21.44
C THR B 259 -4.91 -27.62 21.30
N ASN B 260 -3.60 -27.80 21.58
CA ASN B 260 -2.91 -29.11 21.52
C ASN B 260 -2.81 -29.75 22.91
N PHE B 261 -3.60 -29.32 23.90
CA PHE B 261 -3.66 -30.02 25.21
C PHE B 261 -4.03 -31.47 24.96
N PRO B 262 -3.27 -32.47 25.46
CA PRO B 262 -3.57 -33.87 25.18
C PRO B 262 -4.93 -34.33 25.72
N THR B 263 -5.65 -35.05 24.87
CA THR B 263 -7.03 -35.56 25.13
C THR B 263 -6.96 -36.58 26.26
N GLY B 264 -5.84 -37.26 26.43
CA GLY B 264 -5.68 -38.26 27.52
C GLY B 264 -5.35 -37.62 28.86
N ALA B 265 -4.96 -36.35 28.91
CA ALA B 265 -4.49 -35.73 30.16
C ALA B 265 -5.67 -35.05 30.88
N GLN B 266 -5.56 -34.89 32.19
CA GLN B 266 -6.52 -34.09 32.97
C GLN B 266 -6.04 -32.63 33.08
N ALA B 267 -6.96 -31.69 32.83
CA ALA B 267 -6.90 -30.28 33.26
C ALA B 267 -6.38 -30.20 34.69
N PRO B 268 -5.69 -29.12 35.11
CA PRO B 268 -5.37 -27.98 34.23
C PRO B 268 -4.10 -28.04 33.36
N TYR B 269 -3.06 -28.72 33.83
CA TYR B 269 -1.68 -28.56 33.30
C TYR B 269 -1.04 -29.92 32.99
N VAL B 270 -0.40 -30.02 31.83
CA VAL B 270 0.65 -31.03 31.58
C VAL B 270 1.97 -30.28 31.51
N SER B 271 3.00 -30.84 32.13
CA SER B 271 4.40 -30.36 32.06
C SER B 271 5.00 -30.74 30.70
N VAL B 272 5.72 -29.83 30.07
CA VAL B 272 6.40 -30.07 28.78
C VAL B 272 7.90 -29.94 29.01
N VAL B 273 8.66 -30.88 28.44
CA VAL B 273 10.15 -30.93 28.54
C VAL B 273 10.70 -31.14 27.14
N SER B 274 11.61 -30.25 26.75
CA SER B 274 12.47 -30.41 25.56
C SER B 274 13.83 -30.88 26.08
N THR B 275 14.17 -32.11 25.74
CA THR B 275 15.43 -32.79 26.10
C THR B 275 16.63 -32.02 25.51
N ASN B 276 16.58 -31.67 24.21
CA ASN B 276 17.68 -30.96 23.52
C ASN B 276 17.07 -29.82 22.71
N PRO B 277 16.81 -28.65 23.35
CA PRO B 277 16.36 -27.45 22.63
C PRO B 277 17.51 -26.54 22.15
N GLN B 278 17.32 -25.84 21.03
CA GLN B 278 18.24 -24.75 20.56
C GLN B 278 18.26 -23.71 21.67
N PRO B 279 19.37 -23.55 22.41
CA PRO B 279 19.43 -22.58 23.51
C PRO B 279 19.57 -21.14 22.99
N TYR B 280 18.97 -20.17 23.68
CA TYR B 280 19.04 -18.73 23.31
C TYR B 280 20.48 -18.25 23.46
N GLN B 281 21.01 -17.54 22.46
CA GLN B 281 22.36 -16.91 22.51
C GLN B 281 22.21 -15.47 23.02
N TRP B 282 22.56 -15.23 24.29
CA TRP B 282 22.57 -13.89 24.92
C TRP B 282 23.62 -13.01 24.22
N SER B 283 23.34 -11.73 24.00
CA SER B 283 24.32 -10.74 23.51
C SER B 283 25.49 -10.63 24.50
N ALA B 284 26.67 -10.18 24.03
CA ALA B 284 27.84 -9.82 24.86
C ALA B 284 27.72 -8.34 25.29
N GLU B 286 27.97 -7.86 29.62
CA GLU B 286 28.03 -6.95 30.81
C GLU B 286 26.86 -5.96 30.74
N PHE B 287 25.82 -6.15 31.57
CA PHE B 287 24.70 -5.18 31.71
C PHE B 287 24.56 -4.74 33.16
N GLU B 288 24.32 -3.46 33.35
CA GLU B 288 24.12 -2.83 34.68
C GLU B 288 23.03 -1.76 34.57
N MET B 289 22.09 -1.73 35.50
CA MET B 289 20.99 -0.75 35.47
C MET B 289 21.62 0.64 35.59
N LYS B 290 21.26 1.57 34.72
CA LYS B 290 21.67 2.99 34.88
C LYS B 290 20.82 3.66 35.96
N ASN B 291 21.37 4.70 36.60
CA ASN B 291 20.68 5.47 37.67
C ASN B 291 20.19 4.50 38.73
N LYS B 292 21.07 3.53 39.01
CA LYS B 292 20.83 2.32 39.84
C LYS B 292 20.29 2.68 41.23
N GLU B 293 20.60 3.85 41.80
CA GLU B 293 20.18 4.16 43.18
C GLU B 293 18.81 4.85 43.18
N ASN B 294 18.37 5.38 42.03
CA ASN B 294 17.15 6.21 42.02
C ASN B 294 16.47 6.11 40.66
N PRO B 295 16.23 4.88 40.19
CA PRO B 295 15.73 4.67 38.83
C PRO B 295 14.29 5.17 38.62
N VAL B 296 14.01 5.54 37.38
CA VAL B 296 12.63 5.72 36.85
C VAL B 296 12.20 4.38 36.24
N ILE B 297 11.13 3.82 36.81
CA ILE B 297 10.58 2.49 36.44
C ILE B 297 9.28 2.71 35.66
N TYR B 298 9.18 2.05 34.54
CA TYR B 298 8.00 2.00 33.64
C TYR B 298 7.26 0.67 33.86
N GLU B 299 6.07 0.76 34.45
CA GLU B 299 5.25 -0.40 34.78
C GLU B 299 4.45 -0.73 33.53
N LEU B 300 4.48 -2.00 33.16
CA LEU B 300 4.04 -2.46 31.82
C LEU B 300 3.27 -3.76 31.94
N LEU B 301 2.05 -3.81 31.40
CA LEU B 301 1.24 -5.05 31.20
C LEU B 301 1.32 -5.46 29.74
N LEU B 302 1.97 -6.57 29.46
CA LEU B 302 2.18 -7.02 28.04
C LEU B 302 0.84 -7.24 27.34
N ARG B 303 -0.19 -7.66 28.08
CA ARG B 303 -1.55 -7.86 27.50
C ARG B 303 -2.06 -6.56 26.84
N ASP B 304 -1.78 -5.39 27.40
CA ASP B 304 -2.48 -4.13 27.06
C ASP B 304 -1.50 -3.08 26.54
N PHE B 305 -0.22 -3.43 26.47
CA PHE B 305 0.84 -2.48 26.03
C PHE B 305 0.82 -2.34 24.51
N THR B 306 0.41 -3.37 23.79
CA THR B 306 0.31 -3.32 22.30
C THR B 306 -0.86 -4.17 21.82
N SER B 307 -1.21 -4.03 20.55
CA SER B 307 -2.35 -4.75 19.90
C SER B 307 -2.08 -6.24 19.86
N SER B 308 -0.84 -6.69 19.73
CA SER B 308 -0.46 -8.13 19.77
C SER B 308 -0.60 -8.70 21.17
N GLY B 309 -0.49 -7.88 22.20
CA GLY B 309 -0.68 -8.28 23.60
C GLY B 309 0.42 -9.21 24.08
N ASN B 310 1.63 -9.06 23.54
CA ASN B 310 2.71 -10.06 23.71
C ASN B 310 4.10 -9.42 23.62
N LEU B 311 5.13 -10.25 23.78
CA LEU B 311 6.55 -9.82 23.77
C LEU B 311 6.92 -9.32 22.38
N ALA B 312 6.44 -9.98 21.32
CA ALA B 312 6.75 -9.58 19.93
C ALA B 312 6.36 -8.10 19.76
N GLY B 313 5.14 -7.74 20.17
CA GLY B 313 4.62 -6.38 20.06
C GLY B 313 5.41 -5.41 20.91
N ALA B 314 5.73 -5.80 22.15
CA ALA B 314 6.42 -4.94 23.12
C ALA B 314 7.80 -4.60 22.55
N MET B 315 8.45 -5.57 21.92
CA MET B 315 9.84 -5.37 21.43
C MET B 315 9.91 -4.22 20.41
N GLU B 316 8.87 -4.02 19.61
CA GLU B 316 8.78 -2.91 18.64
C GLU B 316 8.76 -1.55 19.33
N LYS B 317 8.42 -1.47 20.61
CA LYS B 317 8.29 -0.17 21.32
C LYS B 317 9.52 0.11 22.17
N LEU B 318 10.52 -0.77 22.17
CA LEU B 318 11.70 -0.53 23.04
C LEU B 318 12.40 0.75 22.62
N PRO B 319 12.52 1.10 21.32
CA PRO B 319 13.15 2.37 20.95
C PRO B 319 12.36 3.57 21.49
N TYR B 320 11.03 3.50 21.51
CA TYR B 320 10.18 4.55 22.15
C TYR B 320 10.54 4.65 23.64
N LEU B 321 10.64 3.51 24.33
CA LEU B 321 10.84 3.53 25.81
C LEU B 321 12.24 4.04 26.13
N LYS B 322 13.24 3.65 25.33
CA LYS B 322 14.63 4.13 25.54
C LYS B 322 14.66 5.66 25.41
N GLU B 323 14.02 6.22 24.38
CA GLU B 323 13.98 7.69 24.11
C GLU B 323 13.31 8.43 25.28
N LEU B 324 12.29 7.82 25.88
CA LEU B 324 11.60 8.39 27.05
C LEU B 324 12.61 8.62 28.18
N GLY B 325 13.63 7.77 28.27
CA GLY B 325 14.77 7.96 29.19
C GLY B 325 14.66 7.11 30.45
N ILE B 326 13.71 6.16 30.48
CA ILE B 326 13.45 5.25 31.64
C ILE B 326 14.68 4.35 31.92
N ASP B 327 14.85 3.95 33.18
CA ASP B 327 15.97 3.07 33.61
C ASP B 327 15.54 1.61 33.62
N ALA B 328 14.25 1.33 33.79
CA ALA B 328 13.80 -0.06 34.00
C ALA B 328 12.35 -0.19 33.54
N ILE B 329 12.04 -1.36 33.00
CA ILE B 329 10.65 -1.80 32.74
C ILE B 329 10.30 -2.79 33.85
N GLU B 330 9.19 -2.56 34.54
CA GLU B 330 8.63 -3.55 35.50
C GLU B 330 7.48 -4.25 34.79
N LEU B 331 7.65 -5.53 34.48
CA LEU B 331 6.60 -6.37 33.85
C LEU B 331 5.61 -6.80 34.94
N MET B 332 4.33 -6.52 34.72
CA MET B 332 3.29 -7.20 35.52
C MET B 332 3.42 -8.70 35.29
N PRO B 333 2.87 -9.52 36.21
CA PRO B 333 3.28 -10.92 36.37
C PRO B 333 3.18 -11.77 35.09
N VAL B 334 4.30 -12.43 34.79
CA VAL B 334 4.53 -13.23 33.55
C VAL B 334 4.67 -14.73 33.89
N GLN B 335 4.68 -15.09 35.18
CA GLN B 335 4.64 -16.52 35.54
C GLN B 335 3.25 -17.07 35.17
N GLU B 336 3.22 -18.35 34.78
CA GLU B 336 2.02 -19.04 34.27
C GLU B 336 0.82 -18.66 35.14
N PHE B 337 -0.14 -17.96 34.56
CA PHE B 337 -1.36 -17.53 35.28
C PHE B 337 -2.57 -18.25 34.67
N ALA B 338 -3.64 -18.33 35.44
CA ALA B 338 -4.91 -18.96 35.01
C ALA B 338 -5.34 -18.29 33.71
N GLY B 339 -5.66 -19.12 32.71
CA GLY B 339 -6.11 -18.68 31.39
C GLY B 339 -5.03 -17.91 30.65
N ASN B 340 -5.46 -17.06 29.72
CA ASN B 340 -4.53 -16.30 28.86
C ASN B 340 -4.98 -14.85 28.75
N ASP B 341 -5.76 -14.36 29.70
CA ASP B 341 -6.28 -12.96 29.67
C ASP B 341 -6.35 -12.44 31.09
N SER B 342 -5.28 -11.80 31.55
CA SER B 342 -5.04 -11.55 32.98
C SER B 342 -4.07 -10.38 33.17
N TRP B 343 -4.21 -9.66 34.27
CA TRP B 343 -3.14 -8.85 34.86
C TRP B 343 -2.00 -9.76 35.31
N GLY B 344 -2.32 -10.93 35.85
CA GLY B 344 -1.35 -12.00 36.19
C GLY B 344 -1.28 -12.33 37.65
N TYR B 345 -2.14 -11.74 38.50
CA TYR B 345 -2.07 -11.93 39.97
C TYR B 345 -2.82 -13.22 40.32
N ASN B 346 -2.60 -14.28 39.54
CA ASN B 346 -3.30 -15.60 39.69
C ASN B 346 -2.33 -16.68 39.19
N THR B 347 -1.19 -16.82 39.87
CA THR B 347 -0.09 -17.73 39.48
C THR B 347 -0.43 -19.20 39.79
N GLY B 348 -0.36 -20.03 38.76
CA GLY B 348 -0.51 -21.48 38.81
C GLY B 348 0.83 -22.23 38.86
N LEU B 349 1.84 -21.75 38.14
CA LEU B 349 3.20 -22.35 38.09
C LEU B 349 4.23 -21.23 38.10
N TYR B 350 5.30 -21.39 38.89
CA TYR B 350 6.28 -20.32 39.21
C TYR B 350 7.56 -20.50 38.38
N PHE B 351 7.80 -21.65 37.75
CA PHE B 351 9.06 -21.86 36.95
C PHE B 351 8.75 -21.87 35.46
N ALA B 352 7.48 -21.86 35.11
CA ALA B 352 7.01 -21.75 33.72
C ALA B 352 6.41 -20.36 33.55
N LEU B 353 6.85 -19.65 32.51
CA LEU B 353 6.33 -18.32 32.17
C LEU B 353 5.12 -18.56 31.28
N ASP B 354 4.13 -17.69 31.37
CA ASP B 354 2.88 -17.83 30.56
C ASP B 354 3.22 -17.74 29.07
N ALA B 355 2.89 -18.78 28.33
CA ALA B 355 3.17 -18.91 26.87
C ALA B 355 2.25 -17.99 26.06
N SER B 356 1.20 -17.40 26.66
CA SER B 356 0.34 -16.41 25.96
C SER B 356 1.17 -15.17 25.56
N TYR B 357 2.25 -14.85 26.29
CA TYR B 357 3.11 -13.68 25.97
C TYR B 357 4.25 -14.04 25.02
N GLY B 358 4.70 -15.30 25.07
CA GLY B 358 5.67 -15.85 24.12
C GLY B 358 6.33 -17.10 24.64
N THR B 359 7.32 -17.63 23.90
CA THR B 359 8.08 -18.83 24.30
C THR B 359 9.15 -18.42 25.30
N GLN B 360 9.79 -19.39 25.95
CA GLN B 360 10.92 -19.08 26.85
C GLN B 360 11.95 -18.23 26.08
N ASN B 361 12.26 -18.60 24.84
CA ASN B 361 13.30 -17.85 24.10
C ASN B 361 12.78 -16.46 23.76
N GLU B 362 11.48 -16.27 23.58
CA GLU B 362 10.94 -14.91 23.35
C GLU B 362 11.13 -14.07 24.62
N TYR B 363 10.90 -14.62 25.81
CA TYR B 363 11.15 -13.89 27.07
C TYR B 363 12.62 -13.44 27.08
N LYS B 364 13.52 -14.35 26.72
CA LYS B 364 14.98 -14.08 26.86
C LYS B 364 15.34 -13.00 25.85
N ALA B 365 14.80 -13.09 24.65
CA ALA B 365 15.11 -12.14 23.57
C ALA B 365 14.66 -10.74 24.00
N PHE B 366 13.48 -10.63 24.61
CA PHE B 366 12.92 -9.30 24.99
C PHE B 366 13.82 -8.67 26.04
N ILE B 367 14.20 -9.46 27.05
CA ILE B 367 15.06 -8.97 28.15
C ILE B 367 16.42 -8.55 27.57
N ASP B 368 16.97 -9.35 26.65
CA ASP B 368 18.27 -9.06 25.98
C ASP B 368 18.15 -7.72 25.21
N ALA B 369 17.04 -7.52 24.52
CA ALA B 369 16.76 -6.30 23.74
C ALA B 369 16.64 -5.09 24.68
N CYS B 370 15.97 -5.24 25.83
CA CYS B 370 15.89 -4.16 26.85
C CYS B 370 17.33 -3.80 27.27
N HIS B 371 18.12 -4.82 27.58
CA HIS B 371 19.53 -4.62 27.99
C HIS B 371 20.30 -3.85 26.91
N GLN B 372 20.19 -4.26 25.65
CA GLN B 372 20.88 -3.62 24.51
C GLN B 372 20.42 -2.16 24.40
N ASN B 373 19.19 -1.85 24.81
CA ASN B 373 18.64 -0.47 24.77
C ASN B 373 18.99 0.29 26.06
N GLY B 374 19.86 -0.27 26.91
CA GLY B 374 20.24 0.33 28.21
C GLY B 374 19.15 0.19 29.28
N ILE B 375 18.12 -0.64 29.08
CA ILE B 375 16.95 -0.71 30.01
C ILE B 375 17.01 -1.99 30.82
N ALA B 376 16.86 -1.88 32.13
CA ALA B 376 16.76 -3.05 33.02
C ALA B 376 15.30 -3.59 33.02
N VAL B 377 15.14 -4.85 33.45
CA VAL B 377 13.83 -5.58 33.55
C VAL B 377 13.62 -6.05 35.01
N ILE B 378 12.51 -5.66 35.58
CA ILE B 378 12.00 -6.12 36.90
C ILE B 378 10.77 -7.02 36.67
N PHE B 379 10.74 -8.19 37.31
CA PHE B 379 9.55 -9.06 37.33
C PHE B 379 8.73 -8.80 38.60
N ASP B 380 7.45 -8.52 38.39
CA ASP B 380 6.41 -8.54 39.42
C ASP B 380 6.16 -10.02 39.76
N VAL B 381 6.30 -10.39 41.02
CA VAL B 381 6.19 -11.80 41.47
C VAL B 381 5.22 -11.85 42.66
N VAL B 382 4.40 -12.92 42.66
CA VAL B 382 3.17 -13.06 43.49
C VAL B 382 3.31 -14.33 44.35
N TYR B 383 3.88 -14.22 45.56
CA TYR B 383 4.09 -15.33 46.51
C TYR B 383 3.12 -15.27 47.70
N ASN B 384 2.21 -14.30 47.82
CA ASN B 384 1.16 -14.40 48.86
C ASN B 384 0.27 -15.64 48.66
N HIS B 385 -0.10 -15.90 47.41
CA HIS B 385 -1.13 -16.92 47.10
C HIS B 385 -0.87 -17.47 45.70
N THR B 386 -1.31 -18.70 45.46
CA THR B 386 -1.31 -19.34 44.13
C THR B 386 -2.78 -19.61 43.82
N ASN B 387 -3.06 -20.62 43.01
CA ASN B 387 -4.46 -20.99 42.64
C ASN B 387 -4.58 -22.50 42.74
N ASN B 388 -5.78 -23.02 42.46
CA ASN B 388 -6.14 -24.45 42.64
C ASN B 388 -5.37 -25.28 41.62
N ASP B 389 -4.87 -24.70 40.53
CA ASP B 389 -4.13 -25.46 39.49
C ASP B 389 -2.72 -25.87 39.94
N ASN B 390 -2.21 -25.22 40.99
CA ASN B 390 -0.80 -25.37 41.41
C ASN B 390 -0.61 -26.77 41.94
N PRO B 391 0.43 -27.49 41.49
CA PRO B 391 0.74 -28.81 42.04
C PRO B 391 0.76 -28.87 43.57
N PHE B 392 1.25 -27.83 44.23
CA PHE B 392 1.37 -27.81 45.71
C PHE B 392 -0.02 -27.84 46.35
N ALA B 393 -0.99 -27.22 45.70
CA ALA B 393 -2.38 -27.21 46.20
C ALA B 393 -2.98 -28.60 45.97
N ARG B 394 -2.85 -29.10 44.75
CA ARG B 394 -3.50 -30.35 44.31
C ARG B 394 -2.93 -31.55 45.08
N MET B 395 -1.70 -31.47 45.60
CA MET B 395 -0.96 -32.58 46.26
C MET B 395 -1.68 -32.94 47.57
N TYR B 396 -2.11 -31.94 48.34
CA TYR B 396 -2.75 -32.08 49.67
C TYR B 396 -3.98 -31.18 49.72
N TRP B 397 -5.11 -31.70 49.22
CA TRP B 397 -6.38 -30.96 48.97
C TRP B 397 -7.48 -31.50 49.89
N ASP B 398 -8.32 -30.64 50.44
CA ASP B 398 -9.57 -30.96 51.16
C ASP B 398 -10.74 -31.05 50.16
N THR B 399 -11.21 -32.27 49.83
CA THR B 399 -12.28 -32.51 48.83
C THR B 399 -13.66 -32.27 49.44
N PHE B 400 -13.75 -31.96 50.73
CA PHE B 400 -15.01 -31.50 51.36
C PHE B 400 -15.14 -29.99 51.21
N ASN B 401 -14.07 -29.21 51.40
CA ASN B 401 -14.17 -27.73 51.49
C ASN B 401 -13.60 -27.05 50.24
N ASN B 402 -13.03 -27.80 49.30
CA ASN B 402 -12.39 -27.27 48.07
C ASN B 402 -11.33 -26.23 48.46
N ARG B 403 -10.36 -26.63 49.27
CA ARG B 403 -9.23 -25.77 49.66
C ARG B 403 -8.09 -26.68 50.09
N PRO B 404 -6.89 -26.14 50.35
CA PRO B 404 -5.79 -26.99 50.81
C PRO B 404 -6.21 -27.71 52.10
N SER B 405 -5.76 -28.93 52.20
CA SER B 405 -5.80 -29.75 53.42
C SER B 405 -5.08 -29.03 54.57
N THR B 406 -5.50 -29.27 55.80
CA THR B 406 -4.81 -28.80 57.01
C THR B 406 -3.43 -29.47 57.10
N LYS B 407 -3.19 -30.52 56.34
CA LYS B 407 -1.90 -31.25 56.22
C LYS B 407 -0.95 -30.62 55.16
N ASN B 408 -1.40 -29.66 54.35
CA ASN B 408 -0.58 -29.09 53.24
C ASN B 408 0.68 -28.41 53.78
N PRO B 409 1.89 -28.80 53.36
CA PRO B 409 3.11 -28.27 54.00
C PRO B 409 3.48 -26.86 53.52
N TRP B 410 2.94 -26.44 52.38
CA TRP B 410 3.20 -25.12 51.76
C TRP B 410 2.08 -24.11 52.07
N LEU B 411 0.83 -24.56 52.00
CA LEU B 411 -0.37 -23.68 52.02
C LEU B 411 -1.16 -23.86 53.31
N ASN B 412 -1.82 -22.78 53.69
CA ASN B 412 -2.85 -22.72 54.73
C ASN B 412 -4.17 -23.22 54.16
N ALA B 413 -4.92 -23.95 54.98
CA ALA B 413 -6.27 -24.44 54.64
C ALA B 413 -7.16 -23.20 54.47
N VAL B 414 -7.01 -22.24 55.37
CA VAL B 414 -7.80 -20.98 55.43
C VAL B 414 -6.84 -19.81 55.55
N THR B 415 -7.08 -18.75 54.76
CA THR B 415 -6.28 -17.51 54.76
C THR B 415 -6.36 -16.89 56.16
N PRO B 416 -5.20 -16.71 56.83
CA PRO B 416 -5.13 -16.04 58.14
C PRO B 416 -5.58 -14.58 58.16
N HIS B 417 -5.25 -13.82 57.10
CA HIS B 417 -5.56 -12.38 56.93
C HIS B 417 -6.89 -12.25 56.16
N GLN B 418 -8.00 -12.38 56.90
CA GLN B 418 -9.35 -12.60 56.30
C GLN B 418 -9.81 -11.32 55.61
N LYS B 419 -9.20 -10.17 55.86
CA LYS B 419 -9.53 -8.93 55.10
C LYS B 419 -9.16 -9.06 53.61
N TYR B 420 -8.12 -9.82 53.27
CA TYR B 420 -7.64 -9.96 51.87
C TYR B 420 -7.45 -11.44 51.54
N VAL B 421 -8.43 -11.99 50.82
CA VAL B 421 -8.52 -13.42 50.42
C VAL B 421 -8.58 -13.42 48.89
N PHE B 422 -7.42 -13.49 48.23
CA PHE B 422 -7.35 -13.28 46.77
C PHE B 422 -7.50 -14.62 46.05
N SER B 423 -7.48 -15.73 46.78
CA SER B 423 -7.65 -17.08 46.20
C SER B 423 -7.81 -18.03 47.36
N PRO B 424 -8.23 -19.28 47.17
CA PRO B 424 -8.31 -20.24 48.26
C PRO B 424 -6.91 -20.67 48.74
N ASP B 425 -5.83 -20.30 48.03
CA ASP B 425 -4.50 -20.95 48.17
C ASP B 425 -3.44 -19.95 48.65
N ASP B 426 -3.47 -19.64 49.93
CA ASP B 426 -2.56 -18.71 50.61
C ASP B 426 -1.33 -19.46 51.16
N PHE B 427 -0.13 -19.05 50.73
CA PHE B 427 1.17 -19.62 51.14
C PHE B 427 1.43 -19.33 52.62
N ASN B 428 1.93 -20.37 53.30
CA ASN B 428 2.44 -20.28 54.68
C ASN B 428 3.94 -19.96 54.61
N HIS B 429 4.29 -18.70 54.90
CA HIS B 429 5.67 -18.18 54.82
C HIS B 429 6.46 -18.52 56.11
N THR B 430 5.88 -19.29 57.06
CA THR B 430 6.65 -19.84 58.21
C THR B 430 7.08 -21.29 57.89
N SER B 431 6.63 -21.83 56.75
CA SER B 431 6.97 -23.21 56.31
C SER B 431 8.34 -23.21 55.63
N GLU B 432 9.16 -24.19 55.99
CA GLU B 432 10.56 -24.29 55.51
C GLU B 432 10.49 -24.71 54.05
N GLN B 433 9.46 -25.45 53.68
CA GLN B 433 9.27 -25.90 52.28
C GLN B 433 8.92 -24.65 51.45
N THR B 434 8.06 -23.77 51.96
CA THR B 434 7.62 -22.56 51.23
C THR B 434 8.83 -21.64 51.04
N LYS B 435 9.55 -21.34 52.10
CA LYS B 435 10.73 -20.43 52.06
C LYS B 435 11.75 -20.97 51.07
N ALA B 436 11.98 -22.28 51.05
CA ALA B 436 12.96 -22.93 50.16
C ALA B 436 12.47 -22.76 48.73
N PHE B 437 11.16 -22.91 48.51
CA PHE B 437 10.53 -22.81 47.17
C PHE B 437 10.72 -21.38 46.64
N VAL B 438 10.39 -20.38 47.44
CA VAL B 438 10.47 -18.97 46.99
C VAL B 438 11.93 -18.64 46.64
N LYS B 439 12.85 -18.97 47.52
CA LYS B 439 14.28 -18.63 47.32
C LYS B 439 14.81 -19.31 46.07
N ARG B 440 14.48 -20.57 45.87
CA ARG B 440 14.87 -21.31 44.66
C ARG B 440 14.27 -20.62 43.42
N ASN B 441 13.01 -20.18 43.51
CA ASN B 441 12.31 -19.57 42.36
C ASN B 441 12.98 -18.22 42.05
N LEU B 442 13.27 -17.41 43.08
CA LEU B 442 13.95 -16.11 42.89
C LEU B 442 15.28 -16.35 42.15
N LYS B 443 16.06 -17.32 42.60
CA LYS B 443 17.39 -17.59 41.99
C LYS B 443 17.18 -18.07 40.57
N TYR B 444 16.15 -18.87 40.33
CA TYR B 444 15.88 -19.43 38.97
C TYR B 444 15.64 -18.28 37.99
N LEU B 445 14.78 -17.32 38.36
CA LEU B 445 14.39 -16.21 37.42
C LEU B 445 15.62 -15.36 37.13
N LEU B 446 16.42 -15.04 38.15
CA LEU B 446 17.71 -14.31 37.99
C LEU B 446 18.66 -15.06 37.05
N ASP B 447 18.90 -16.35 37.30
CA ASP B 447 19.92 -17.15 36.57
C ASP B 447 19.43 -17.39 35.14
N THR B 448 18.15 -17.72 34.95
CA THR B 448 17.61 -18.12 33.63
C THR B 448 17.29 -16.89 32.77
N TYR B 449 16.67 -15.87 33.37
CA TYR B 449 16.09 -14.75 32.61
C TYR B 449 16.97 -13.51 32.72
N HIS B 450 18.01 -13.50 33.55
CA HIS B 450 19.06 -12.42 33.61
C HIS B 450 18.38 -11.09 33.96
N ILE B 451 17.35 -11.15 34.79
CA ILE B 451 16.55 -9.95 35.16
C ILE B 451 17.31 -9.17 36.24
N ASP B 452 16.82 -7.98 36.54
CA ASP B 452 17.60 -6.93 37.25
C ASP B 452 16.99 -6.69 38.62
N GLY B 453 15.88 -7.33 38.89
CA GLY B 453 15.14 -7.03 40.12
C GLY B 453 13.78 -7.67 40.15
N PHE B 454 13.11 -7.43 41.27
CA PHE B 454 11.79 -8.00 41.57
C PHE B 454 10.95 -6.91 42.21
N ARG B 455 9.66 -6.90 41.88
CA ARG B 455 8.61 -6.25 42.68
C ARG B 455 7.75 -7.36 43.29
N PHE B 456 7.84 -7.51 44.60
CA PHE B 456 7.04 -8.49 45.40
C PHE B 456 5.66 -7.91 45.70
N ASP B 457 4.64 -8.52 45.11
CA ASP B 457 3.20 -8.27 45.32
C ASP B 457 2.83 -8.60 46.77
N PHE B 458 2.05 -7.72 47.40
CA PHE B 458 1.27 -8.00 48.63
C PHE B 458 2.12 -8.71 49.69
N THR B 459 3.23 -8.09 50.06
CA THR B 459 4.18 -8.60 51.08
C THR B 459 3.51 -8.47 52.46
N LYS B 460 2.48 -7.64 52.59
CA LYS B 460 1.69 -7.60 53.83
C LYS B 460 1.01 -8.97 54.06
N GLY B 461 0.73 -9.70 52.98
CA GLY B 461 0.11 -11.03 53.08
C GLY B 461 1.06 -12.10 53.59
N PHE B 462 2.36 -11.84 53.78
CA PHE B 462 3.32 -12.90 54.16
C PHE B 462 3.27 -13.09 55.69
N THR B 463 2.09 -13.37 56.23
CA THR B 463 1.80 -13.43 57.69
C THR B 463 0.88 -14.63 57.98
N GLN B 464 1.16 -15.30 59.11
CA GLN B 464 0.30 -16.36 59.70
C GLN B 464 -0.62 -15.79 60.80
N LYS B 465 -0.59 -14.50 61.13
CA LYS B 465 -1.44 -14.01 62.25
C LYS B 465 -2.88 -14.01 61.75
N GLN B 466 -3.79 -14.46 62.62
CA GLN B 466 -5.26 -14.44 62.41
C GLN B 466 -5.69 -12.99 62.53
N THR B 467 -6.14 -12.38 61.42
CA THR B 467 -6.61 -10.98 61.39
C THR B 467 -7.90 -10.94 60.57
N THR B 468 -8.65 -9.84 60.70
CA THR B 468 -9.93 -9.65 59.98
C THR B 468 -10.06 -8.24 59.44
N GLY B 469 -9.21 -7.30 59.84
CA GLY B 469 -9.26 -5.92 59.31
C GLY B 469 -7.95 -5.48 58.67
N ASP B 470 -7.79 -4.16 58.54
CA ASP B 470 -6.55 -3.50 58.04
C ASP B 470 -5.58 -3.26 59.20
N ASP B 471 -6.06 -2.79 60.37
CA ASP B 471 -5.19 -2.37 61.50
C ASP B 471 -4.48 -3.58 62.12
N ASP B 472 -5.20 -4.67 62.41
CA ASP B 472 -4.58 -5.89 63.01
C ASP B 472 -3.53 -6.41 62.03
N LEU B 473 -3.88 -6.46 60.74
CA LEU B 473 -2.97 -6.99 59.68
C LEU B 473 -1.72 -6.12 59.59
N ALA B 474 -1.88 -4.81 59.68
CA ALA B 474 -0.80 -3.81 59.47
C ALA B 474 0.11 -3.75 60.69
N ALA B 475 -0.35 -4.20 61.87
CA ALA B 475 0.47 -4.21 63.09
C ALA B 475 1.74 -5.04 62.83
N THR B 476 2.86 -4.64 63.41
CA THR B 476 4.17 -5.29 63.21
C THR B 476 4.05 -6.78 63.51
N ASP B 477 4.49 -7.61 62.55
CA ASP B 477 4.63 -9.08 62.69
C ASP B 477 6.10 -9.38 62.48
N PRO B 478 6.85 -9.68 63.57
CA PRO B 478 8.28 -9.96 63.45
C PRO B 478 8.56 -11.09 62.46
N ALA B 479 7.67 -12.09 62.36
CA ALA B 479 7.87 -13.22 61.44
C ALA B 479 7.81 -12.72 59.99
N ARG B 480 6.95 -11.73 59.71
CA ARG B 480 6.77 -11.18 58.34
C ARG B 480 8.00 -10.34 58.01
N VAL B 481 8.44 -9.48 58.93
CA VAL B 481 9.68 -8.67 58.76
C VAL B 481 10.82 -9.63 58.44
N SER B 482 10.87 -10.72 59.17
CA SER B 482 12.04 -11.62 59.15
C SER B 482 12.07 -12.41 57.83
N VAL B 483 10.93 -12.93 57.36
CA VAL B 483 10.93 -13.69 56.09
C VAL B 483 11.18 -12.73 54.92
N LEU B 484 10.70 -11.50 54.99
CA LEU B 484 10.96 -10.49 53.92
C LEU B 484 12.46 -10.15 53.86
N LYS B 485 13.15 -9.96 54.98
CA LYS B 485 14.61 -9.86 54.98
C LYS B 485 15.24 -11.09 54.32
N GLU B 486 14.77 -12.29 54.69
CA GLU B 486 15.33 -13.57 54.20
C GLU B 486 15.25 -13.58 52.67
N TYR B 487 14.10 -13.16 52.12
CA TYR B 487 13.87 -13.22 50.67
C TYR B 487 14.80 -12.19 50.01
N TYR B 488 14.91 -11.02 50.62
CA TYR B 488 15.82 -9.95 50.17
C TYR B 488 17.27 -10.46 50.13
N GLU B 489 17.72 -11.09 51.21
CA GLU B 489 19.12 -11.58 51.33
CA GLU B 489 19.11 -11.59 51.34
C GLU B 489 19.33 -12.69 50.30
N ALA B 490 18.32 -13.53 50.08
CA ALA B 490 18.44 -14.61 49.07
C ALA B 490 18.62 -13.99 47.69
N VAL B 491 17.90 -12.90 47.36
CA VAL B 491 18.10 -12.22 46.04
C VAL B 491 19.54 -11.66 45.96
N LYS B 492 19.96 -10.96 46.99
CA LYS B 492 21.29 -10.28 47.02
C LYS B 492 22.42 -11.30 46.96
N ALA B 493 22.22 -12.55 47.43
CA ALA B 493 23.29 -13.58 47.46
C ALA B 493 23.51 -14.06 46.03
N VAL B 494 22.47 -14.04 45.20
CA VAL B 494 22.60 -14.41 43.77
C VAL B 494 23.12 -13.21 42.98
N LYS B 495 22.64 -12.00 43.25
CA LYS B 495 22.94 -10.78 42.44
C LYS B 495 22.97 -9.55 43.34
N GLU B 496 24.18 -9.08 43.62
CA GLU B 496 24.43 -8.08 44.67
C GLU B 496 23.74 -6.78 44.28
N ASP B 497 23.63 -6.47 43.00
CA ASP B 497 23.07 -5.16 42.60
C ASP B 497 21.60 -5.34 42.15
N ALA B 498 20.96 -6.48 42.44
CA ALA B 498 19.55 -6.69 42.02
C ALA B 498 18.66 -5.73 42.81
N MET B 499 17.63 -5.17 42.16
CA MET B 499 16.72 -4.23 42.86
C MET B 499 15.55 -5.02 43.43
N VAL B 500 15.28 -4.81 44.70
CA VAL B 500 14.19 -5.51 45.41
C VAL B 500 13.23 -4.46 45.90
N THR B 501 12.03 -4.47 45.35
CA THR B 501 10.93 -3.57 45.71
C THR B 501 9.84 -4.44 46.28
N MET B 502 9.12 -3.91 47.27
CA MET B 502 7.97 -4.59 47.91
C MET B 502 6.78 -3.64 47.97
N GLN B 503 5.64 -4.14 47.56
CA GLN B 503 4.36 -3.43 47.75
C GLN B 503 3.82 -3.87 49.11
N HIS B 504 4.17 -3.12 50.15
CA HIS B 504 4.00 -3.55 51.56
C HIS B 504 2.83 -2.82 52.23
N PHE B 505 2.84 -1.49 52.24
CA PHE B 505 1.77 -0.62 52.81
C PHE B 505 1.61 -0.93 54.29
N CYS B 506 2.73 -1.14 54.97
CA CYS B 506 2.84 -1.36 56.46
CA CYS B 506 2.80 -1.30 56.43
C CYS B 506 3.93 -0.40 56.97
N ALA B 507 3.57 0.81 57.38
CA ALA B 507 4.51 1.94 57.60
C ALA B 507 5.67 1.54 58.54
N ASN B 508 5.38 1.01 59.72
CA ASN B 508 6.43 0.73 60.74
C ASN B 508 7.36 -0.39 60.28
N GLU B 509 6.83 -1.41 59.61
CA GLU B 509 7.69 -2.44 58.99
C GLU B 509 8.56 -1.83 57.88
N GLU B 510 8.04 -0.89 57.10
CA GLU B 510 8.82 -0.29 55.97
C GLU B 510 10.04 0.49 56.50
N THR B 511 9.87 1.25 57.58
CA THR B 511 10.98 1.97 58.26
C THR B 511 12.11 0.99 58.57
N THR B 512 11.79 -0.15 59.17
CA THR B 512 12.80 -1.19 59.57
C THR B 512 13.45 -1.80 58.32
N LEU B 513 12.63 -2.25 57.39
CA LEU B 513 13.13 -2.99 56.20
C LEU B 513 13.87 -2.02 55.28
N ALA B 514 13.50 -0.75 55.19
CA ALA B 514 14.15 0.21 54.27
C ALA B 514 15.63 0.33 54.65
N THR B 515 15.95 0.23 55.94
CA THR B 515 17.34 0.37 56.45
C THR B 515 18.16 -0.80 55.93
N GLU B 516 17.54 -1.95 55.61
CA GLU B 516 18.25 -3.13 55.04
C GLU B 516 18.53 -2.91 53.56
N GLY B 517 17.83 -1.95 52.96
CA GLY B 517 18.01 -1.60 51.54
C GLY B 517 16.87 -2.07 50.64
N ILE B 518 15.77 -2.55 51.22
CA ILE B 518 14.55 -2.92 50.44
C ILE B 518 13.85 -1.62 50.04
N HIS B 519 13.30 -1.58 48.83
CA HIS B 519 12.51 -0.44 48.32
C HIS B 519 11.04 -0.75 48.49
N PHE B 520 10.24 0.31 48.69
CA PHE B 520 8.79 0.23 48.96
C PHE B 520 8.02 1.11 47.98
N TRP B 521 6.88 0.62 47.50
CA TRP B 521 5.86 1.41 46.78
C TRP B 521 5.38 2.52 47.71
N ARG B 522 5.47 3.78 47.24
CA ARG B 522 4.94 4.99 47.93
C ARG B 522 3.85 5.59 47.03
N ASN B 523 2.58 5.35 47.39
CA ASN B 523 1.42 5.64 46.52
C ASN B 523 0.99 7.10 46.72
N MET B 524 1.22 7.96 45.73
CA MET B 524 0.84 9.39 45.82
C MET B 524 -0.29 9.68 44.83
N ASN B 525 -0.95 8.63 44.35
CA ASN B 525 -2.02 8.74 43.33
C ASN B 525 -3.13 9.70 43.81
N HIS B 526 -3.58 9.58 45.05
CA HIS B 526 -4.69 10.42 45.55
C HIS B 526 -4.33 11.92 45.38
N SER B 527 -3.15 12.32 45.86
CA SER B 527 -2.64 13.70 45.80
C SER B 527 -2.55 14.20 44.35
N TYR B 528 -1.91 13.44 43.46
CA TYR B 528 -1.66 13.91 42.09
C TYR B 528 -2.95 13.83 41.28
N CYS B 529 -3.92 13.01 41.68
CA CYS B 529 -5.27 13.03 41.07
C CYS B 529 -5.97 14.34 41.43
N GLN B 530 -5.94 14.73 42.71
CA GLN B 530 -6.54 16.00 43.20
C GLN B 530 -5.89 17.17 42.47
N SER B 531 -4.55 17.25 42.41
CA SER B 531 -3.84 18.32 41.68
C SER B 531 -4.18 18.27 40.16
N ALA B 532 -4.17 17.11 39.52
CA ALA B 532 -4.57 16.99 38.09
C ALA B 532 -5.96 17.62 37.87
N MET B 533 -6.88 17.39 38.81
CA MET B 533 -8.28 17.87 38.67
C MET B 533 -8.38 19.36 39.01
N GLY B 534 -7.34 19.94 39.61
CA GLY B 534 -7.35 21.34 40.07
C GLY B 534 -8.09 21.53 41.39
N TRP B 535 -8.13 20.53 42.26
CA TRP B 535 -8.73 20.68 43.61
C TRP B 535 -7.63 20.63 44.66
N LYS B 536 -7.54 21.62 45.53
CA LYS B 536 -6.46 21.63 46.54
C LYS B 536 -6.72 20.63 47.68
N ASP B 537 -7.96 20.23 47.96
CA ASP B 537 -8.24 19.25 49.04
C ASP B 537 -7.45 17.96 48.80
N ASN B 538 -6.74 17.50 49.83
CA ASN B 538 -5.93 16.25 49.83
C ASN B 538 -5.00 16.20 48.59
N SER B 539 -4.30 17.30 48.28
CA SER B 539 -3.44 17.45 47.09
C SER B 539 -1.97 17.50 47.49
N ASP B 540 -1.67 17.21 48.75
CA ASP B 540 -0.32 17.40 49.35
C ASP B 540 0.64 16.36 48.77
N PHE B 541 1.74 16.79 48.17
CA PHE B 541 2.71 15.92 47.48
C PHE B 541 3.80 15.42 48.45
N SER B 542 3.87 15.88 49.70
CA SER B 542 5.11 15.66 50.53
C SER B 542 5.42 14.18 50.73
N GLY B 543 4.44 13.29 50.72
CA GLY B 543 4.68 11.84 50.81
C GLY B 543 5.60 11.28 49.73
N LEU B 544 5.78 11.96 48.59
CA LEU B 544 6.67 11.46 47.51
C LEU B 544 8.11 11.37 48.02
N TYR B 545 8.48 12.25 48.96
CA TYR B 545 9.87 12.40 49.45
C TYR B 545 9.91 11.93 50.89
N ASP B 546 10.63 10.84 51.12
CA ASP B 546 10.92 10.35 52.49
C ASP B 546 12.19 11.06 52.98
N THR B 547 12.08 11.86 54.04
CA THR B 547 13.19 12.69 54.59
C THR B 547 14.31 11.80 55.14
N THR B 548 13.99 10.64 55.73
CA THR B 548 15.00 9.72 56.32
C THR B 548 15.79 9.03 55.20
N ARG B 549 15.10 8.42 54.25
CA ARG B 549 15.67 7.44 53.28
C ARG B 549 15.01 7.59 51.90
N PRO B 550 15.26 8.73 51.21
CA PRO B 550 14.49 9.10 50.03
C PRO B 550 14.64 8.04 48.92
N ASN B 551 15.81 7.40 48.81
CA ASN B 551 16.12 6.42 47.74
C ASN B 551 15.42 5.06 47.96
N GLN B 552 14.75 4.85 49.09
CA GLN B 552 14.15 3.53 49.39
C GLN B 552 12.65 3.57 49.07
N PHE B 553 12.09 4.71 48.63
CA PHE B 553 10.64 4.84 48.39
C PHE B 553 10.38 5.15 46.93
N VAL B 554 9.84 4.15 46.22
CA VAL B 554 9.45 4.22 44.79
C VAL B 554 8.11 4.94 44.72
N GLY B 555 8.19 6.24 44.42
CA GLY B 555 7.01 7.12 44.43
C GLY B 555 6.30 7.05 43.09
N TYR B 556 4.96 7.12 43.06
CA TYR B 556 4.21 7.05 41.76
C TYR B 556 2.94 7.87 41.85
N MET B 557 2.59 8.50 40.74
CA MET B 557 1.28 9.19 40.62
C MET B 557 0.23 8.17 40.15
N GLU B 558 0.67 7.11 39.50
CA GLU B 558 -0.22 6.11 38.85
C GLU B 558 0.42 4.73 38.98
N SER B 559 -0.42 3.70 39.14
CA SER B 559 -0.03 2.29 39.06
C SER B 559 -1.19 1.56 38.39
N HIS B 560 -0.95 0.30 38.03
CA HIS B 560 -2.03 -0.56 37.45
C HIS B 560 -3.25 -0.59 38.37
N ASP B 561 -3.07 -0.45 39.67
CA ASP B 561 -4.18 -0.55 40.65
C ASP B 561 -5.01 0.71 40.75
N GLU B 562 -4.58 1.83 40.17
CA GLU B 562 -5.20 3.14 40.50
C GLU B 562 -5.91 3.70 39.27
N GLU B 563 -6.88 4.56 39.52
CA GLU B 563 -7.53 5.36 38.46
C GLU B 563 -6.50 6.32 37.88
N ARG B 564 -6.70 6.66 36.61
CA ARG B 564 -5.84 7.56 35.83
C ARG B 564 -6.12 9.02 36.19
N CYS B 565 -5.04 9.78 36.44
CA CYS B 565 -5.11 11.24 36.68
C CYS B 565 -5.83 11.95 35.52
N ALA B 566 -5.52 11.60 34.27
CA ALA B 566 -6.14 12.26 33.10
C ALA B 566 -7.63 11.90 33.01
N TYR B 567 -8.04 10.70 33.45
CA TYR B 567 -9.45 10.30 33.43
C TYR B 567 -10.23 11.16 34.42
N LYS B 568 -9.71 11.33 35.63
CA LYS B 568 -10.42 12.04 36.71
C LYS B 568 -10.65 13.48 36.29
N GLN B 569 -9.71 14.06 35.54
CA GLN B 569 -9.87 15.42 34.94
C GLN B 569 -11.20 15.52 34.16
N ILE B 570 -11.43 14.59 33.22
CA ILE B 570 -12.64 14.57 32.34
C ILE B 570 -13.90 14.43 33.21
N GLU B 571 -13.90 13.58 34.21
CA GLU B 571 -15.12 13.23 34.96
C GLU B 571 -15.41 14.33 36.00
N TYR B 572 -14.43 14.78 36.78
CA TYR B 572 -14.68 15.64 37.97
C TYR B 572 -13.76 16.86 38.00
N GLY B 573 -13.15 17.23 36.87
CA GLY B 573 -12.21 18.36 36.78
C GLY B 573 -12.86 19.65 37.18
N ASN B 574 -12.09 20.54 37.80
CA ASN B 574 -12.44 21.95 38.06
C ASN B 574 -12.51 22.71 36.73
N GLY B 575 -13.65 23.28 36.41
CA GLY B 575 -13.82 24.18 35.25
C GLY B 575 -13.35 23.54 33.96
N ALA B 576 -12.51 24.28 33.24
CA ALA B 576 -12.04 23.93 31.89
C ALA B 576 -11.26 22.61 31.88
N LEU B 577 -10.81 22.13 33.05
CA LEU B 577 -10.02 20.87 33.12
C LEU B 577 -10.89 19.67 32.71
N LYS B 578 -12.22 19.82 32.62
CA LYS B 578 -13.09 18.74 32.09
C LYS B 578 -12.99 18.62 30.58
N THR B 579 -12.88 19.73 29.85
CA THR B 579 -13.24 19.82 28.41
C THR B 579 -12.04 20.26 27.58
N ASN B 580 -11.09 21.01 28.17
CA ASN B 580 -9.97 21.62 27.44
C ASN B 580 -8.74 20.71 27.58
N LEU B 581 -8.40 19.99 26.53
CA LEU B 581 -7.29 18.99 26.53
C LEU B 581 -5.97 19.72 26.69
N SER B 582 -5.81 20.85 26.00
CA SER B 582 -4.63 21.74 26.11
C SER B 582 -4.39 22.10 27.59
N GLU B 583 -5.41 22.53 28.31
CA GLU B 583 -5.25 22.90 29.75
C GLU B 583 -4.97 21.63 30.55
N ARG B 584 -5.63 20.51 30.22
CA ARG B 584 -5.41 19.23 30.96
C ARG B 584 -3.93 18.82 30.86
N LEU B 585 -3.35 18.90 29.66
CA LEU B 585 -1.96 18.46 29.39
C LEU B 585 -0.97 19.38 30.13
N LYS B 586 -1.25 20.69 30.19
CA LYS B 586 -0.42 21.61 31.02
C LYS B 586 -0.43 21.15 32.47
N GLN B 587 -1.61 20.93 33.04
CA GLN B 587 -1.78 20.55 34.47
C GLN B 587 -1.03 19.24 34.74
N LEU B 588 -1.13 18.24 33.85
CA LEU B 588 -0.40 16.96 33.97
C LEU B 588 1.10 17.19 33.90
N SER B 589 1.53 18.15 33.06
CA SER B 589 2.96 18.48 32.92
C SER B 589 3.45 19.16 34.21
N SER B 590 2.59 19.95 34.84
CA SER B 590 2.88 20.58 36.14
C SER B 590 3.02 19.51 37.22
N ASN B 591 2.11 18.53 37.25
CA ASN B 591 2.27 17.32 38.10
C ASN B 591 3.63 16.69 37.82
N ALA B 592 4.01 16.50 36.56
CA ALA B 592 5.26 15.78 36.24
C ALA B 592 6.48 16.61 36.70
N ALA B 593 6.40 17.94 36.61
CA ALA B 593 7.50 18.83 37.03
C ALA B 593 7.61 18.81 38.56
N PHE B 594 6.61 18.27 39.26
CA PHE B 594 6.63 18.09 40.73
C PHE B 594 6.74 16.61 41.11
N PHE B 595 7.35 15.82 40.25
CA PHE B 595 7.47 14.35 40.45
C PHE B 595 8.86 13.85 40.02
N PHE B 596 9.22 14.03 38.76
CA PHE B 596 10.53 13.53 38.25
C PHE B 596 11.70 14.41 38.74
N THR B 597 11.38 15.54 39.37
CA THR B 597 12.33 16.56 39.86
C THR B 597 12.69 16.23 41.32
N VAL B 598 12.13 15.14 41.86
CA VAL B 598 12.19 14.78 43.31
C VAL B 598 13.11 13.58 43.47
N PRO B 599 14.09 13.67 44.40
CA PRO B 599 14.98 12.55 44.67
C PRO B 599 14.21 11.25 44.99
N GLY B 600 14.89 10.13 44.81
CA GLY B 600 14.37 8.79 45.06
C GLY B 600 13.89 8.21 43.73
N PRO B 601 13.76 6.87 43.67
CA PRO B 601 13.25 6.22 42.47
C PRO B 601 11.77 6.62 42.28
N LYS B 602 11.31 6.44 41.05
CA LYS B 602 9.96 6.88 40.63
C LYS B 602 9.39 5.80 39.71
N MET B 603 8.10 5.59 39.71
CA MET B 603 7.46 4.66 38.77
C MET B 603 6.37 5.43 38.00
N LEU B 604 6.22 5.13 36.72
CA LEU B 604 5.05 5.56 35.92
C LEU B 604 4.41 4.32 35.28
N TRP B 605 3.10 4.35 35.26
CA TRP B 605 2.24 3.28 34.71
C TRP B 605 2.05 3.57 33.21
N GLN B 606 2.20 2.57 32.35
CA GLN B 606 2.18 2.71 30.87
C GLN B 606 1.18 3.77 30.42
N PHE B 607 1.66 4.68 29.58
CA PHE B 607 0.85 5.66 28.80
C PHE B 607 0.45 6.87 29.65
N GLY B 608 0.86 6.95 30.92
CA GLY B 608 0.68 8.17 31.73
C GLY B 608 1.32 9.37 31.06
N GLU B 609 2.48 9.15 30.44
CA GLU B 609 3.29 10.16 29.72
C GLU B 609 2.51 10.71 28.52
N MET B 610 1.45 10.02 28.06
CA MET B 610 0.64 10.51 26.93
C MET B 610 -0.78 10.80 27.41
N GLY B 611 -0.96 11.01 28.70
CA GLY B 611 -2.23 11.48 29.27
C GLY B 611 -3.33 10.44 29.11
N TYR B 612 -2.99 9.15 29.20
CA TYR B 612 -4.00 8.07 29.05
C TYR B 612 -5.15 8.29 30.01
N ASP B 613 -6.37 8.26 29.47
CA ASP B 613 -7.55 8.87 30.12
C ASP B 613 -8.77 7.96 29.96
N ILE B 614 -8.54 6.67 29.72
CA ILE B 614 -9.56 5.60 29.91
C ILE B 614 -9.60 5.21 31.40
N SER B 615 -10.78 5.19 31.96
CA SER B 615 -11.02 4.80 33.37
C SER B 615 -10.54 3.36 33.59
N ILE B 616 -9.92 3.11 34.74
CA ILE B 616 -9.59 1.74 35.22
C ILE B 616 -10.85 0.87 35.19
N ASP B 617 -12.05 1.47 35.29
CA ASP B 617 -13.28 0.63 35.36
C ASP B 617 -13.80 0.33 33.95
N GLU B 618 -13.25 0.94 32.90
CA GLU B 618 -13.74 0.65 31.55
C GLU B 618 -13.40 -0.80 31.19
N ASN B 619 -14.42 -1.53 30.77
CA ASN B 619 -14.38 -2.98 30.44
C ASN B 619 -14.09 -3.81 31.69
N GLY B 620 -14.38 -3.27 32.86
CA GLY B 620 -14.02 -3.90 34.15
C GLY B 620 -12.58 -3.58 34.57
N ARG B 621 -12.34 -3.57 35.87
CA ARG B 621 -11.08 -3.18 36.54
C ARG B 621 -9.90 -3.86 35.83
N THR B 622 -9.93 -5.19 35.75
CA THR B 622 -8.79 -6.00 35.27
C THR B 622 -9.04 -6.32 33.80
N GLY B 623 -10.07 -5.75 33.20
CA GLY B 623 -10.39 -5.99 31.78
C GLY B 623 -9.38 -5.38 30.82
N LYS B 624 -9.29 -5.97 29.63
CA LYS B 624 -8.46 -5.44 28.53
C LYS B 624 -8.81 -3.98 28.31
N LYS B 625 -7.79 -3.15 28.16
CA LYS B 625 -7.95 -1.69 27.99
C LYS B 625 -7.69 -1.34 26.55
N PRO B 626 -8.29 -0.26 26.01
CA PRO B 626 -7.96 0.26 24.68
C PRO B 626 -6.47 0.57 24.57
N VAL B 627 -5.89 0.14 23.47
CA VAL B 627 -4.49 0.40 23.05
C VAL B 627 -4.57 1.65 22.17
N LEU B 628 -3.93 2.75 22.61
CA LEU B 628 -4.11 4.10 22.04
C LEU B 628 -2.75 4.72 21.73
N TRP B 629 -1.92 4.07 20.90
CA TRP B 629 -0.60 4.60 20.48
C TRP B 629 -0.74 5.92 19.69
N GLU B 630 -1.92 6.25 19.16
CA GLU B 630 -2.12 7.55 18.44
C GLU B 630 -1.97 8.70 19.44
N TYR B 631 -2.17 8.46 20.74
CA TYR B 631 -1.96 9.46 21.81
C TYR B 631 -0.49 9.91 21.84
N GLN B 632 0.44 9.11 21.33
CA GLN B 632 1.88 9.46 21.30
C GLN B 632 2.15 10.73 20.47
N THR B 633 1.37 10.97 19.43
CA THR B 633 1.57 12.17 18.58
C THR B 633 0.49 13.19 18.95
N GLU B 634 -0.71 12.76 19.31
CA GLU B 634 -1.78 13.73 19.67
C GLU B 634 -1.44 14.45 20.99
N ARG B 635 -0.74 13.78 21.91
CA ARG B 635 -0.36 14.37 23.22
C ARG B 635 1.16 14.47 23.31
N LYS B 636 1.83 14.64 22.15
CA LYS B 636 3.31 14.70 22.07
C LYS B 636 3.86 15.77 23.02
N SER B 637 3.13 16.84 23.23
CA SER B 637 3.54 17.96 24.11
C SER B 637 3.77 17.43 25.54
N LEU B 638 2.92 16.52 26.04
CA LEU B 638 3.10 15.91 27.39
C LEU B 638 4.23 14.89 27.33
N VAL B 639 4.31 14.13 26.24
CA VAL B 639 5.35 13.07 26.15
C VAL B 639 6.74 13.73 26.17
N ASP B 640 6.85 14.89 25.51
CA ASP B 640 8.10 15.69 25.43
C ASP B 640 8.48 16.18 26.82
N ILE B 641 7.53 16.64 27.63
CA ILE B 641 7.81 17.11 29.03
C ILE B 641 8.32 15.92 29.84
N TYR B 642 7.65 14.76 29.72
CA TYR B 642 8.03 13.53 30.46
C TYR B 642 9.46 13.13 30.06
N THR B 643 9.72 13.12 28.76
CA THR B 643 11.03 12.74 28.17
C THR B 643 12.13 13.65 28.75
N LYS B 644 11.90 14.97 28.76
CA LYS B 644 12.93 15.94 29.19
C LYS B 644 13.11 15.89 30.71
N LEU B 645 12.04 15.77 31.49
CA LEU B 645 12.20 15.63 32.96
C LEU B 645 12.93 14.31 33.28
N ILE B 646 12.64 13.22 32.59
CA ILE B 646 13.26 11.91 32.92
C ILE B 646 14.75 11.98 32.51
N THR B 647 15.03 12.57 31.35
CA THR B 647 16.38 12.58 30.76
C THR B 647 17.30 13.43 31.63
N LEU B 648 16.72 14.50 32.19
CA LEU B 648 17.41 15.41 33.13
C LEU B 648 18.04 14.62 34.26
N ARG B 649 17.43 13.50 34.69
CA ARG B 649 17.95 12.71 35.85
C ARG B 649 19.19 11.91 35.42
N THR B 650 19.38 11.67 34.12
CA THR B 650 20.59 11.03 33.54
C THR B 650 21.64 12.11 33.25
N THR B 651 21.25 13.22 32.59
CA THR B 651 22.20 14.27 32.13
C THR B 651 22.82 15.02 33.32
N HIS B 652 22.05 15.29 34.38
CA HIS B 652 22.51 15.98 35.61
C HIS B 652 22.15 15.13 36.82
N SER B 653 22.58 13.87 36.85
CA SER B 653 22.24 12.91 37.93
C SER B 653 22.83 13.37 39.25
N ASP B 654 23.99 14.02 39.22
CA ASP B 654 24.67 14.55 40.43
C ASP B 654 23.65 15.34 41.27
N LEU B 655 22.77 16.07 40.60
CA LEU B 655 21.68 16.88 41.21
C LEU B 655 20.70 16.05 42.05
N PHE B 656 20.45 14.79 41.65
CA PHE B 656 19.39 13.93 42.25
C PHE B 656 20.03 12.97 43.24
N ASN B 657 21.34 13.04 43.38
CA ASN B 657 22.08 12.38 44.48
C ASN B 657 21.31 12.62 45.80
N ALA B 658 21.21 11.61 46.66
CA ALA B 658 20.42 11.71 47.91
C ALA B 658 21.06 12.74 48.86
N SER B 659 22.36 13.01 48.71
CA SER B 659 23.11 14.06 49.45
C SER B 659 22.67 15.49 49.04
N SER B 660 21.90 15.68 47.96
CA SER B 660 21.39 17.02 47.59
C SER B 660 20.37 17.45 48.63
N GLN B 661 20.25 18.75 48.87
CA GLN B 661 19.25 19.29 49.81
C GLN B 661 18.01 19.59 48.99
N PHE B 662 16.85 19.21 49.51
CA PHE B 662 15.58 19.22 48.78
C PHE B 662 14.54 19.87 49.68
N THR B 663 13.89 20.93 49.21
CA THR B 663 12.79 21.60 49.95
C THR B 663 11.66 21.87 48.98
N TRP B 664 10.43 21.89 49.47
CA TRP B 664 9.28 22.25 48.64
C TRP B 664 8.14 22.67 49.53
N LYS B 665 7.22 23.40 48.92
CA LYS B 665 5.96 23.85 49.53
C LYS B 665 4.86 23.30 48.61
N VAL B 666 4.27 22.19 49.05
CA VAL B 666 3.29 21.37 48.29
C VAL B 666 2.16 20.95 49.23
N SER B 667 1.89 21.73 50.29
CA SER B 667 0.80 21.47 51.26
C SER B 667 -0.51 22.08 50.75
N TYR B 668 -1.62 21.74 51.39
CA TYR B 668 -2.96 22.37 51.23
C TYR B 668 -2.82 23.90 51.18
N ASN B 669 -1.87 24.46 51.93
CA ASN B 669 -1.67 25.92 52.12
C ASN B 669 -0.91 26.50 50.93
N ASP B 670 -0.13 25.69 50.21
CA ASP B 670 0.64 26.13 49.02
C ASP B 670 -0.20 25.83 47.79
N TRP B 671 -1.02 26.78 47.35
CA TRP B 671 -1.93 26.59 46.19
C TRP B 671 -2.26 27.92 45.50
N ASP B 672 -2.93 28.81 46.23
CA ASP B 672 -3.41 30.13 45.73
C ASP B 672 -2.23 30.90 45.12
N ASN B 673 -1.03 30.81 45.68
CA ASN B 673 0.19 31.51 45.20
C ASN B 673 1.13 30.56 44.47
N GLY B 674 0.77 29.28 44.34
CA GLY B 674 1.58 28.31 43.59
C GLY B 674 2.36 27.39 44.52
N ARG B 675 3.15 26.48 43.95
CA ARG B 675 3.97 25.51 44.68
C ARG B 675 5.36 25.66 44.16
N THR B 676 6.35 25.35 45.00
CA THR B 676 7.76 25.58 44.67
C THR B 676 8.53 24.36 45.10
N LEU B 677 9.63 24.09 44.43
CA LEU B 677 10.64 23.17 44.96
C LEU B 677 12.01 23.68 44.54
N THR B 678 13.00 23.29 45.34
CA THR B 678 14.42 23.60 45.11
C THR B 678 15.22 22.35 45.45
N LEU B 679 16.09 21.96 44.56
CA LEU B 679 17.05 20.86 44.75
C LEU B 679 18.44 21.45 44.56
N LYS B 680 19.32 21.32 45.55
CA LYS B 680 20.69 21.92 45.51
C LYS B 680 21.73 20.83 45.70
N ALA B 681 22.54 20.54 44.69
CA ALA B 681 23.64 19.57 44.80
C ALA B 681 24.73 20.16 45.71
N VAL B 682 25.59 19.29 46.26
CA VAL B 682 26.79 19.71 47.04
C VAL B 682 27.70 20.58 46.16
N ASN B 683 27.79 20.27 44.85
CA ASN B 683 28.71 20.92 43.88
C ASN B 683 28.14 22.26 43.40
N GLY B 684 26.98 22.68 43.92
CA GLY B 684 26.38 23.99 43.65
C GLY B 684 25.39 24.00 42.50
N LYS B 685 25.23 22.90 41.74
CA LYS B 685 24.12 22.81 40.74
C LYS B 685 22.78 22.99 41.48
N GLN B 686 21.89 23.79 40.92
CA GLN B 686 20.56 24.06 41.52
C GLN B 686 19.44 23.92 40.48
N LEU B 687 18.28 23.45 40.94
CA LEU B 687 17.04 23.28 40.15
C LEU B 687 15.91 23.89 40.94
N HIS B 688 15.11 24.68 40.28
CA HIS B 688 14.00 25.39 40.93
C HIS B 688 12.77 25.22 40.05
N VAL B 689 11.62 24.87 40.65
CA VAL B 689 10.37 24.69 39.87
C VAL B 689 9.29 25.46 40.61
N TYR B 690 8.48 26.15 39.84
CA TYR B 690 7.28 26.84 40.30
C TYR B 690 6.14 26.26 39.48
N ALA B 691 4.98 26.00 40.08
CA ALA B 691 3.79 25.59 39.32
C ALA B 691 2.57 26.32 39.82
N ASN B 692 1.71 26.64 38.87
CA ASN B 692 0.36 27.19 39.11
C ASN B 692 -0.67 26.11 38.75
N PHE B 693 -1.25 25.46 39.77
CA PHE B 693 -2.30 24.41 39.64
C PHE B 693 -3.68 25.06 39.64
N THR B 694 -3.76 26.39 39.81
CA THR B 694 -5.04 27.15 39.92
C THR B 694 -5.60 27.43 38.53
N ASN B 695 -6.76 28.08 38.44
CA ASN B 695 -7.42 28.38 37.15
C ASN B 695 -7.17 29.83 36.71
N ALA B 696 -6.21 30.54 37.33
CA ALA B 696 -5.94 31.96 37.01
C ALA B 696 -4.44 32.20 37.12
N SER B 697 -3.92 33.12 36.31
CA SER B 697 -2.48 33.47 36.28
C SER B 697 -2.09 33.95 37.67
N ILE B 698 -0.87 33.69 38.07
CA ILE B 698 -0.29 34.17 39.35
C ILE B 698 1.04 34.85 39.04
N ASP B 699 1.30 35.96 39.72
CA ASP B 699 2.63 36.63 39.71
C ASP B 699 3.53 35.90 40.70
N TYR B 700 4.77 35.69 40.32
CA TYR B 700 5.83 35.06 41.14
C TYR B 700 7.13 35.76 40.79
N THR B 701 7.98 35.95 41.78
CA THR B 701 9.35 36.50 41.63
C THR B 701 10.33 35.32 41.61
N ILE B 702 11.13 35.18 40.55
CA ILE B 702 12.26 34.20 40.47
C ILE B 702 13.15 34.43 41.68
N PRO B 703 13.68 33.38 42.33
CA PRO B 703 14.72 33.55 43.35
C PRO B 703 15.95 34.29 42.81
N GLU B 704 16.75 34.89 43.71
CA GLU B 704 18.09 35.49 43.43
C GLU B 704 18.90 34.48 42.61
N GLY B 705 19.62 34.95 41.60
CA GLY B 705 20.61 34.15 40.85
C GLY B 705 20.45 34.36 39.35
N THR B 706 21.32 33.76 38.56
CA THR B 706 21.18 33.63 37.09
C THR B 706 20.59 32.23 36.77
N TRP B 707 19.42 32.22 36.13
CA TRP B 707 18.63 30.99 35.85
C TRP B 707 18.47 30.81 34.35
N TYR B 708 18.35 29.55 33.90
CA TYR B 708 18.08 29.12 32.50
C TYR B 708 16.82 28.25 32.48
N LEU B 709 15.87 28.62 31.64
CA LEU B 709 14.70 27.75 31.36
C LEU B 709 15.25 26.53 30.63
N TYR B 710 15.68 25.51 31.38
CA TYR B 710 16.42 24.34 30.84
C TYR B 710 15.58 23.52 29.84
N LEU B 711 14.24 23.53 29.94
CA LEU B 711 13.37 22.74 29.04
C LEU B 711 13.16 23.48 27.71
N GLU B 712 13.57 24.76 27.61
CA GLU B 712 13.37 25.66 26.43
C GLU B 712 14.45 26.75 26.37
N ASN B 715 18.75 28.91 27.49
CA ASN B 715 18.01 30.20 27.35
C ASN B 715 18.05 30.95 28.68
N PRO B 716 18.76 32.13 28.81
CA PRO B 716 19.04 32.76 30.10
C PRO B 716 17.86 33.58 30.68
N VAL B 717 17.91 33.98 31.98
CA VAL B 717 16.83 34.69 32.72
C VAL B 717 17.38 35.28 34.04
N GLU B 718 16.93 36.47 34.43
CA GLU B 718 17.46 37.23 35.59
C GLU B 718 16.67 36.90 36.87
N GLY B 719 17.33 36.37 37.89
CA GLY B 719 16.77 36.21 39.25
C GLY B 719 16.14 37.50 39.75
N GLU B 720 15.25 37.41 40.74
CA GLU B 720 14.46 38.53 41.31
C GLU B 720 13.54 39.16 40.25
N LYS B 721 13.57 38.72 38.98
CA LYS B 721 12.57 39.13 37.95
C LYS B 721 11.20 38.62 38.39
N LYS B 722 10.18 39.46 38.27
CA LYS B 722 8.77 39.07 38.49
C LYS B 722 8.22 38.49 37.19
N ILE B 723 7.34 37.48 37.28
CA ILE B 723 6.74 36.84 36.08
C ILE B 723 5.27 36.56 36.32
N SER B 724 4.56 36.39 35.23
CA SER B 724 3.14 36.03 35.19
C SER B 724 3.05 34.59 34.68
N VAL B 725 2.68 33.65 35.56
CA VAL B 725 2.62 32.20 35.20
C VAL B 725 1.16 31.88 34.95
N PRO B 726 0.76 31.58 33.69
CA PRO B 726 -0.65 31.29 33.40
C PRO B 726 -1.20 30.10 34.21
N ALA B 727 -2.52 30.03 34.37
CA ALA B 727 -3.22 28.85 34.93
C ALA B 727 -2.60 27.56 34.36
N HIS B 728 -2.24 26.62 35.25
CA HIS B 728 -1.98 25.18 34.92
C HIS B 728 -0.56 24.99 34.46
N GLU B 729 0.25 26.05 34.46
CA GLU B 729 1.63 26.03 33.88
C GLU B 729 2.67 25.96 34.97
N PHE B 730 3.85 25.47 34.62
CA PHE B 730 5.02 25.48 35.52
C PHE B 730 6.19 26.17 34.81
N ARG B 731 7.16 26.58 35.62
CA ARG B 731 8.45 27.11 35.12
C ARG B 731 9.54 26.30 35.80
N LEU B 732 10.43 25.72 35.02
CA LEU B 732 11.61 25.03 35.58
C LEU B 732 12.86 25.83 35.25
N TYR B 733 13.75 25.96 36.22
CA TYR B 733 14.97 26.79 36.15
C TYR B 733 16.17 25.99 36.65
N THR B 734 17.25 25.94 35.88
CA THR B 734 18.57 25.47 36.34
C THR B 734 19.48 26.70 36.47
N ASN B 735 20.45 26.64 37.39
CA ASN B 735 21.55 27.62 37.45
C ASN B 735 22.70 27.13 36.57
N PHE B 736 22.45 26.20 35.66
CA PHE B 736 23.39 25.78 34.59
C PHE B 736 22.62 25.70 33.26
N ALA B 737 23.34 25.73 32.14
CA ALA B 737 22.78 25.86 30.78
C ALA B 737 23.07 24.61 29.96
N GLU B 738 24.24 24.00 30.14
CA GLU B 738 24.63 22.74 29.45
C GLU B 738 24.57 21.61 30.48
N GLN C 24 -10.82 -29.78 -59.17
CA GLN C 24 -11.34 -29.04 -60.35
C GLN C 24 -10.17 -28.31 -61.02
N VAL C 25 -10.45 -27.13 -61.60
CA VAL C 25 -9.45 -26.19 -62.20
C VAL C 25 -9.14 -25.11 -61.17
N LEU C 26 -7.94 -24.53 -61.20
CA LEU C 26 -7.38 -23.68 -60.12
C LEU C 26 -7.32 -22.22 -60.60
N HIS C 27 -7.76 -21.28 -59.75
CA HIS C 27 -7.51 -19.84 -59.94
C HIS C 27 -6.23 -19.46 -59.18
N ASP C 28 -5.63 -18.35 -59.58
CA ASP C 28 -4.47 -17.72 -58.91
C ASP C 28 -4.69 -17.64 -57.39
N GLY C 29 -3.62 -17.83 -56.61
CA GLY C 29 -3.67 -17.83 -55.14
C GLY C 29 -4.22 -19.14 -54.59
N PHE C 30 -5.02 -19.07 -53.53
CA PHE C 30 -5.43 -20.23 -52.72
C PHE C 30 -6.71 -20.82 -53.29
N ASN C 31 -6.75 -22.15 -53.29
CA ASN C 31 -7.86 -23.01 -53.73
C ASN C 31 -8.03 -24.02 -52.62
N PHE C 32 -9.27 -24.43 -52.39
CA PHE C 32 -9.66 -25.25 -51.21
C PHE C 32 -10.45 -26.46 -51.69
N ASP C 33 -10.10 -27.61 -51.12
CA ASP C 33 -10.86 -28.88 -51.21
C ASP C 33 -11.03 -29.40 -49.79
N PRO C 34 -12.24 -29.39 -49.18
CA PRO C 34 -13.48 -28.91 -49.84
C PRO C 34 -13.57 -27.40 -50.16
N ALA C 35 -14.32 -27.07 -51.21
CA ALA C 35 -14.54 -25.70 -51.74
C ALA C 35 -15.02 -24.78 -50.62
N ILE C 36 -15.85 -25.31 -49.72
CA ILE C 36 -16.21 -24.70 -48.41
C ILE C 36 -15.42 -25.45 -47.33
N PRO C 37 -14.32 -24.88 -46.80
CA PRO C 37 -13.56 -25.55 -45.75
C PRO C 37 -14.48 -25.93 -44.58
N LYS C 38 -14.28 -27.09 -43.96
CA LYS C 38 -15.11 -27.54 -42.81
C LYS C 38 -14.18 -27.73 -41.61
N ALA C 39 -14.50 -27.08 -40.51
CA ALA C 39 -13.69 -27.08 -39.27
C ALA C 39 -13.30 -28.52 -38.88
N ASP C 40 -14.23 -29.46 -38.99
CA ASP C 40 -14.02 -30.84 -38.45
C ASP C 40 -13.81 -31.85 -39.58
N GLU C 41 -13.40 -31.40 -40.76
CA GLU C 41 -12.96 -32.29 -41.86
C GLU C 41 -11.53 -31.96 -42.27
N PRO C 42 -10.81 -32.90 -42.92
CA PRO C 42 -9.52 -32.59 -43.52
C PRO C 42 -9.71 -31.50 -44.59
N LEU C 43 -8.67 -30.71 -44.83
CA LEU C 43 -8.66 -29.68 -45.88
C LEU C 43 -7.40 -29.85 -46.73
N THR C 44 -7.54 -29.76 -48.05
CA THR C 44 -6.38 -29.64 -48.95
C THR C 44 -6.36 -28.19 -49.45
N ILE C 45 -5.24 -27.50 -49.24
CA ILE C 45 -4.97 -26.13 -49.77
C ILE C 45 -3.96 -26.24 -50.91
N THR C 46 -4.30 -25.67 -52.06
CA THR C 46 -3.41 -25.61 -53.24
C THR C 46 -3.19 -24.14 -53.58
N PHE C 47 -1.92 -23.73 -53.65
CA PHE C 47 -1.47 -22.37 -54.00
C PHE C 47 -0.93 -22.39 -55.43
N LYS C 48 -1.50 -21.54 -56.29
CA LYS C 48 -1.05 -21.31 -57.68
C LYS C 48 -0.45 -19.91 -57.76
N ALA C 49 0.86 -19.80 -58.01
CA ALA C 49 1.54 -18.49 -58.12
C ALA C 49 1.06 -17.83 -59.41
N PRO C 50 0.56 -16.59 -59.37
CA PRO C 50 0.25 -15.86 -60.60
C PRO C 50 1.53 -15.37 -61.31
N GLU C 51 1.46 -15.17 -62.63
CA GLU C 51 2.58 -14.67 -63.46
C GLU C 51 3.02 -13.34 -62.84
N GLY C 52 4.32 -13.11 -62.75
CA GLY C 52 4.90 -11.86 -62.25
C GLY C 52 5.18 -11.93 -60.76
N SER C 53 4.51 -12.84 -60.04
CA SER C 53 4.60 -12.95 -58.56
C SER C 53 5.95 -13.59 -58.19
N ASN C 54 6.33 -13.48 -56.91
CA ASN C 54 7.68 -13.90 -56.46
C ASN C 54 7.83 -15.42 -56.63
N PHE C 55 6.76 -16.22 -56.54
CA PHE C 55 6.87 -17.69 -56.54
C PHE C 55 6.58 -18.25 -57.95
N TYR C 56 6.41 -17.39 -58.93
CA TYR C 56 6.25 -17.80 -60.35
C TYR C 56 7.56 -18.40 -60.86
N GLY C 57 7.53 -19.66 -61.29
CA GLY C 57 8.73 -20.39 -61.73
C GLY C 57 9.68 -20.68 -60.58
N TYR C 58 9.17 -20.84 -59.36
CA TYR C 58 9.97 -21.18 -58.16
C TYR C 58 10.08 -22.70 -58.09
N ALA C 59 11.30 -23.23 -57.91
CA ALA C 59 11.66 -24.64 -58.17
C ALA C 59 11.40 -25.52 -56.94
N ASP C 60 11.44 -24.95 -55.74
CA ASP C 60 11.43 -25.72 -54.47
C ASP C 60 10.01 -25.75 -53.90
N ASP C 61 9.80 -26.57 -52.89
CA ASP C 61 8.60 -26.59 -52.05
C ASP C 61 8.54 -25.29 -51.25
N LEU C 62 7.33 -24.91 -50.85
CA LEU C 62 7.01 -23.74 -50.00
C LEU C 62 6.45 -24.26 -48.69
N TYR C 63 6.26 -23.37 -47.73
CA TYR C 63 5.85 -23.71 -46.34
C TYR C 63 4.68 -22.82 -45.94
N LEU C 64 3.81 -23.37 -45.11
CA LEU C 64 2.57 -22.70 -44.69
C LEU C 64 2.79 -22.05 -43.34
N HIS C 65 2.56 -20.73 -43.26
CA HIS C 65 2.41 -19.98 -41.98
C HIS C 65 0.93 -19.65 -41.81
N SER C 66 0.25 -20.34 -40.88
CA SER C 66 -1.22 -20.34 -40.78
C SER C 66 -1.66 -20.43 -39.31
N GLY C 67 -2.86 -19.93 -39.05
CA GLY C 67 -3.57 -20.06 -37.77
C GLY C 67 -5.02 -19.64 -37.95
N THR C 68 -5.86 -19.86 -36.95
CA THR C 68 -7.32 -19.69 -37.07
C THR C 68 -7.77 -18.44 -36.32
N GLY C 69 -8.82 -17.81 -36.85
CA GLY C 69 -9.46 -16.64 -36.23
C GLY C 69 -8.58 -15.41 -36.28
N ALA C 70 -9.00 -14.41 -35.52
CA ALA C 70 -8.48 -13.04 -35.62
C ALA C 70 -7.00 -13.07 -35.28
N ASN C 71 -6.59 -13.89 -34.31
CA ASN C 71 -5.21 -13.78 -33.79
C ASN C 71 -4.37 -15.00 -34.17
N TRP C 72 -4.76 -15.71 -35.24
CA TRP C 72 -3.94 -16.80 -35.84
C TRP C 72 -3.63 -17.87 -34.79
N THR C 73 -4.66 -18.42 -34.14
CA THR C 73 -4.53 -19.51 -33.16
C THR C 73 -3.81 -20.68 -33.84
N GLY C 74 -2.77 -21.20 -33.20
CA GLY C 74 -2.03 -22.37 -33.70
C GLY C 74 -0.93 -22.00 -34.67
N ALA C 75 -0.65 -20.72 -34.90
CA ALA C 75 0.46 -20.30 -35.78
C ALA C 75 1.76 -20.88 -35.23
N PRO C 76 2.66 -21.38 -36.09
CA PRO C 76 3.94 -21.86 -35.61
C PRO C 76 4.85 -20.63 -35.45
N THR C 77 6.03 -20.86 -34.88
CA THR C 77 7.19 -19.94 -34.99
C THR C 77 7.50 -19.72 -36.48
N TRP C 78 7.61 -18.47 -36.89
CA TRP C 78 7.97 -18.10 -38.27
C TRP C 78 9.16 -18.95 -38.72
N GLY C 79 9.00 -19.72 -39.81
CA GLY C 79 10.09 -20.50 -40.43
C GLY C 79 10.13 -21.97 -39.98
N ASP C 80 9.14 -22.41 -39.20
CA ASP C 80 9.10 -23.81 -38.74
C ASP C 80 8.86 -24.73 -39.95
N ASN C 81 9.86 -25.53 -40.32
CA ASN C 81 9.89 -26.26 -41.61
C ASN C 81 9.60 -27.76 -41.37
N GLN C 82 9.05 -28.11 -40.21
CA GLN C 82 8.42 -29.43 -39.97
C GLN C 82 7.61 -29.82 -41.21
N ASN C 83 7.53 -31.11 -41.48
CA ASN C 83 6.88 -31.66 -42.70
C ASN C 83 5.37 -31.32 -42.72
N LYS C 84 4.72 -31.21 -41.57
CA LYS C 84 3.28 -30.86 -41.56
C LYS C 84 3.03 -29.45 -42.15
N TYR C 85 4.04 -28.59 -42.27
CA TYR C 85 3.86 -27.24 -42.86
C TYR C 85 4.32 -27.19 -44.31
N ARG C 86 4.83 -28.29 -44.86
CA ARG C 86 5.39 -28.23 -46.22
C ARG C 86 4.28 -28.30 -47.27
N LEU C 87 4.27 -27.36 -48.21
CA LEU C 87 3.48 -27.44 -49.47
C LEU C 87 4.33 -28.13 -50.55
N LYS C 88 4.01 -29.39 -50.88
CA LYS C 88 4.69 -30.17 -51.95
C LYS C 88 4.28 -29.52 -53.28
N LYS C 89 5.25 -29.13 -54.07
CA LYS C 89 5.01 -28.68 -55.46
C LYS C 89 4.40 -29.85 -56.21
N THR C 90 3.17 -29.71 -56.73
CA THR C 90 2.44 -30.80 -57.44
C THR C 90 2.36 -30.50 -58.95
N LYS C 91 2.58 -29.26 -59.35
CA LYS C 91 2.60 -28.84 -60.77
C LYS C 91 3.59 -27.71 -60.89
N ASP C 92 3.78 -27.23 -62.12
CA ASP C 92 4.63 -26.08 -62.50
C ASP C 92 4.62 -25.01 -61.40
N ASN C 93 3.48 -24.36 -61.18
CA ASN C 93 3.35 -23.22 -60.25
C ASN C 93 2.17 -23.54 -59.33
N VAL C 94 2.08 -24.78 -58.89
CA VAL C 94 1.01 -25.28 -57.97
C VAL C 94 1.69 -26.09 -56.87
N TRP C 95 1.36 -25.76 -55.61
CA TRP C 95 1.88 -26.37 -54.36
C TRP C 95 0.67 -26.80 -53.54
N SER C 96 0.73 -27.95 -52.88
CA SER C 96 -0.43 -28.54 -52.19
C SER C 96 -0.03 -28.98 -50.79
N ILE C 97 -0.95 -28.83 -49.83
CA ILE C 97 -0.80 -29.29 -48.42
C ILE C 97 -2.17 -29.79 -47.97
N THR C 98 -2.19 -30.87 -47.19
CA THR C 98 -3.43 -31.42 -46.58
C THR C 98 -3.30 -31.20 -45.08
N LEU C 99 -4.33 -30.57 -44.50
CA LEU C 99 -4.48 -30.41 -43.04
C LEU C 99 -5.20 -31.66 -42.57
N SER C 100 -4.46 -32.61 -42.01
CA SER C 100 -4.98 -33.99 -41.92
C SER C 100 -5.64 -34.18 -40.58
N SER C 101 -6.51 -35.18 -40.54
CA SER C 101 -7.49 -35.41 -39.47
C SER C 101 -8.59 -34.38 -39.68
N SER C 102 -8.35 -33.13 -39.31
CA SER C 102 -9.31 -32.01 -39.45
C SER C 102 -8.58 -30.66 -39.33
N ILE C 103 -9.22 -29.59 -39.80
CA ILE C 103 -8.70 -28.21 -39.64
C ILE C 103 -8.49 -28.02 -38.14
N ARG C 104 -9.50 -28.34 -37.32
CA ARG C 104 -9.45 -28.18 -35.85
C ARG C 104 -8.25 -28.92 -35.25
N HIS C 105 -8.09 -30.20 -35.56
CA HIS C 105 -7.02 -31.05 -34.96
C HIS C 105 -5.66 -30.43 -35.33
N PHE C 106 -5.54 -30.01 -36.57
CA PHE C 106 -4.29 -29.48 -37.14
C PHE C 106 -3.84 -28.22 -36.36
N TYR C 107 -4.76 -27.36 -35.90
CA TYR C 107 -4.38 -26.12 -35.17
C TYR C 107 -4.56 -26.31 -33.64
N SER C 108 -4.97 -27.51 -33.23
CA SER C 108 -5.21 -27.93 -31.82
C SER C 108 -6.21 -26.98 -31.16
N VAL C 109 -7.29 -26.66 -31.86
CA VAL C 109 -8.37 -25.79 -31.32
C VAL C 109 -9.35 -26.70 -30.57
N ALA C 110 -9.86 -26.26 -29.41
CA ALA C 110 -10.89 -26.91 -28.58
C ALA C 110 -12.16 -27.13 -29.39
N PRO C 111 -12.82 -28.30 -29.21
CA PRO C 111 -14.00 -28.66 -30.00
C PRO C 111 -15.17 -27.65 -29.93
N SER C 112 -15.32 -26.96 -28.80
CA SER C 112 -16.41 -25.98 -28.57
C SER C 112 -15.96 -24.55 -28.96
N THR C 113 -14.69 -24.32 -29.38
CA THR C 113 -14.21 -23.00 -29.86
C THR C 113 -14.59 -22.82 -31.33
N PRO C 114 -15.45 -21.85 -31.71
CA PRO C 114 -15.80 -21.69 -33.12
C PRO C 114 -14.52 -21.49 -33.94
N LEU C 115 -14.42 -22.23 -35.04
CA LEU C 115 -13.29 -22.15 -36.01
C LEU C 115 -13.89 -21.68 -37.31
N GLN C 116 -13.70 -20.41 -37.61
CA GLN C 116 -14.52 -19.62 -38.56
C GLN C 116 -13.67 -19.05 -39.69
N THR C 117 -12.38 -18.88 -39.47
CA THR C 117 -11.46 -18.35 -40.50
C THR C 117 -10.14 -19.09 -40.38
N ILE C 118 -9.44 -19.17 -41.49
CA ILE C 118 -8.07 -19.72 -41.54
C ILE C 118 -7.22 -18.69 -42.29
N ASN C 119 -6.14 -18.24 -41.65
CA ASN C 119 -5.23 -17.20 -42.18
C ASN C 119 -4.02 -17.92 -42.78
N LEU C 120 -3.60 -17.49 -43.96
CA LEU C 120 -2.69 -18.26 -44.84
C LEU C 120 -1.61 -17.32 -45.38
N ILE C 121 -0.37 -17.70 -45.11
CA ILE C 121 0.86 -17.18 -45.76
C ILE C 121 1.64 -18.38 -46.29
N VAL C 122 2.11 -18.29 -47.54
CA VAL C 122 3.12 -19.22 -48.10
C VAL C 122 4.45 -18.49 -48.10
N ARG C 123 5.51 -19.21 -47.74
CA ARG C 123 6.90 -18.68 -47.68
C ARG C 123 7.91 -19.71 -48.19
N ASP C 124 9.12 -19.23 -48.48
CA ASP C 124 10.26 -20.12 -48.81
C ASP C 124 10.81 -20.69 -47.49
N ALA C 125 11.68 -21.70 -47.60
CA ALA C 125 12.26 -22.41 -46.44
C ALA C 125 13.02 -21.39 -45.58
N GLU C 126 13.58 -20.33 -46.17
CA GLU C 126 14.40 -19.32 -45.42
C GLU C 126 13.49 -18.30 -44.72
N GLY C 127 12.21 -18.28 -45.04
CA GLY C 127 11.27 -17.27 -44.55
C GLY C 127 11.72 -15.85 -44.91
N SER C 128 12.22 -15.65 -46.12
CA SER C 128 12.65 -14.33 -46.63
C SER C 128 11.71 -13.85 -47.74
N GLN C 129 11.11 -14.76 -48.50
CA GLN C 129 10.09 -14.44 -49.53
C GLN C 129 8.78 -15.03 -49.06
N GLN C 130 7.68 -14.29 -49.25
CA GLN C 130 6.37 -14.69 -48.70
C GLN C 130 5.25 -13.96 -49.43
N THR C 131 4.05 -14.53 -49.33
CA THR C 131 2.77 -13.82 -49.50
C THR C 131 2.46 -13.08 -48.20
N TYR C 132 1.43 -12.22 -48.22
CA TYR C 132 1.05 -11.40 -47.03
C TYR C 132 -0.36 -11.79 -46.61
N ASP C 133 -0.77 -11.31 -45.44
CA ASP C 133 -1.92 -11.86 -44.67
C ASP C 133 -3.11 -12.09 -45.60
N TYR C 134 -3.63 -13.30 -45.59
CA TYR C 134 -4.86 -13.70 -46.31
C TYR C 134 -5.68 -14.57 -45.37
N ALA C 135 -6.99 -14.51 -45.51
CA ALA C 135 -7.90 -15.36 -44.73
C ALA C 135 -9.01 -15.87 -45.65
N THR C 136 -9.49 -17.06 -45.36
CA THR C 136 -10.74 -17.56 -45.96
C THR C 136 -11.70 -17.98 -44.85
N LEU C 137 -12.99 -17.97 -45.15
CA LEU C 137 -14.04 -18.47 -44.24
C LEU C 137 -13.93 -19.99 -44.10
N VAL C 138 -14.30 -20.47 -42.92
CA VAL C 138 -14.47 -21.92 -42.59
C VAL C 138 -15.89 -22.11 -42.07
N GLU C 139 -16.60 -23.14 -42.52
CA GLU C 139 -17.90 -23.52 -41.91
C GLU C 139 -17.64 -24.35 -40.67
N ASP C 140 -18.28 -24.04 -39.56
CA ASP C 140 -18.17 -24.83 -38.30
C ASP C 140 -19.57 -25.21 -37.79
N SER C 141 -20.17 -26.24 -38.40
CA SER C 141 -21.52 -26.74 -38.04
C SER C 141 -21.56 -27.26 -36.61
N GLN C 142 -20.49 -27.89 -36.10
CA GLN C 142 -20.42 -28.41 -34.70
C GLN C 142 -20.62 -27.27 -33.69
N ASN C 143 -20.38 -26.02 -34.08
CA ASN C 143 -20.55 -24.84 -33.18
C ASN C 143 -21.60 -23.85 -33.72
N GLY C 144 -22.41 -24.23 -34.71
CA GLY C 144 -23.54 -23.40 -35.14
C GLY C 144 -23.21 -22.42 -36.24
N PHE C 145 -21.97 -22.38 -36.76
CA PHE C 145 -21.60 -21.42 -37.84
C PHE C 145 -21.80 -22.10 -39.20
N ILE C 146 -23.04 -22.01 -39.72
CA ILE C 146 -23.41 -22.41 -41.12
C ILE C 146 -23.51 -21.14 -41.96
N TRP C 147 -22.99 -21.18 -43.19
CA TRP C 147 -23.01 -20.01 -44.09
C TRP C 147 -24.44 -19.78 -44.55
N GLU C 148 -24.83 -18.52 -44.71
CA GLU C 148 -26.14 -18.08 -45.21
C GLU C 148 -25.89 -17.10 -46.35
N GLU C 149 -26.79 -17.03 -47.32
CA GLU C 149 -26.63 -16.13 -48.50
C GLU C 149 -26.76 -14.71 -47.97
N PRO C 150 -25.83 -13.79 -48.29
CA PRO C 150 -26.00 -12.38 -47.93
C PRO C 150 -27.18 -11.74 -48.69
N GLN C 151 -27.87 -10.77 -48.07
CA GLN C 151 -29.10 -10.13 -48.58
C GLN C 151 -28.79 -8.80 -49.26
N LYS C 152 -29.63 -8.40 -50.23
CA LYS C 152 -29.58 -7.11 -50.96
C LYS C 152 -30.71 -6.26 -50.40
N ALA C 153 -30.47 -4.98 -50.11
CA ALA C 153 -31.51 -4.09 -49.56
C ALA C 153 -31.04 -2.63 -49.56
N PRO C 154 -31.96 -1.69 -49.87
CA PRO C 154 -31.61 -0.27 -49.95
C PRO C 154 -31.37 0.25 -48.54
N LEU C 155 -30.44 1.19 -48.42
CA LEU C 155 -30.24 1.97 -47.18
C LEU C 155 -31.59 2.59 -46.84
N PRO C 156 -32.02 2.54 -45.56
CA PRO C 156 -33.16 3.35 -45.09
C PRO C 156 -32.89 4.84 -44.82
N ILE C 157 -31.76 5.38 -45.26
CA ILE C 157 -31.47 6.84 -45.20
C ILE C 157 -31.09 7.31 -46.60
N SER C 158 -31.27 8.60 -46.86
CA SER C 158 -30.77 9.34 -48.04
C SER C 158 -29.99 10.56 -47.53
N GLY C 159 -29.35 11.29 -48.44
CA GLY C 159 -28.58 12.49 -48.12
C GLY C 159 -27.10 12.27 -48.26
N GLU C 160 -26.33 13.23 -47.78
CA GLU C 160 -24.85 13.26 -47.75
C GLU C 160 -24.35 12.54 -46.48
N GLU C 161 -23.08 12.16 -46.46
CA GLU C 161 -22.41 11.57 -45.26
C GLU C 161 -23.20 10.36 -44.80
N LYS C 162 -23.60 9.51 -45.75
CA LYS C 162 -24.32 8.26 -45.44
C LYS C 162 -23.37 7.28 -44.70
N GLU C 163 -22.09 7.22 -45.06
CA GLU C 163 -21.14 6.20 -44.54
C GLU C 163 -20.83 6.48 -43.07
N GLY C 164 -20.69 5.44 -42.27
CA GLY C 164 -20.20 5.57 -40.89
C GLY C 164 -21.17 5.01 -39.88
N ILE C 165 -21.14 5.60 -38.68
CA ILE C 165 -21.84 5.15 -37.46
C ILE C 165 -23.02 6.05 -37.18
N HIS C 166 -24.22 5.49 -37.20
CA HIS C 166 -25.46 6.28 -36.96
C HIS C 166 -26.08 5.76 -35.67
N ILE C 167 -25.98 6.51 -34.57
CA ILE C 167 -26.63 6.11 -33.29
C ILE C 167 -28.12 6.42 -33.44
N HIS C 168 -28.97 5.42 -33.24
CA HIS C 168 -30.44 5.56 -33.41
C HIS C 168 -31.14 5.63 -32.04
N SER C 169 -30.56 5.02 -31.02
CA SER C 169 -31.18 4.87 -29.67
C SER C 169 -30.10 4.47 -28.66
N ALA C 170 -30.47 4.45 -27.39
CA ALA C 170 -29.68 3.93 -26.26
C ALA C 170 -29.25 2.48 -26.52
N THR C 171 -29.93 1.73 -27.39
CA THR C 171 -29.65 0.29 -27.60
C THR C 171 -29.41 -0.04 -29.07
N SER C 172 -29.22 0.95 -29.96
CA SER C 172 -29.12 0.65 -31.40
C SER C 172 -28.26 1.64 -32.19
N ILE C 173 -27.54 1.08 -33.14
CA ILE C 173 -26.63 1.82 -34.05
C ILE C 173 -26.77 1.21 -35.45
N MET C 174 -26.90 2.06 -36.45
CA MET C 174 -26.81 1.63 -37.85
C MET C 174 -25.37 1.88 -38.31
N LEU C 175 -24.75 0.86 -38.87
CA LEU C 175 -23.43 0.92 -39.54
C LEU C 175 -23.66 0.92 -41.05
N VAL C 176 -22.93 1.79 -41.74
CA VAL C 176 -22.92 1.93 -43.22
C VAL C 176 -21.47 1.90 -43.72
N LEU C 177 -21.12 0.93 -44.54
CA LEU C 177 -19.72 0.74 -45.00
C LEU C 177 -19.67 0.80 -46.52
N TYR C 178 -18.94 1.75 -47.07
CA TYR C 178 -18.78 1.90 -48.55
C TYR C 178 -18.00 0.69 -49.08
N ASP C 179 -18.48 0.17 -50.19
CA ASP C 179 -17.78 -0.91 -50.94
C ASP C 179 -18.14 -0.78 -52.41
N LYS C 180 -17.23 -0.21 -53.19
CA LYS C 180 -17.26 -0.20 -54.67
C LYS C 180 -15.83 0.03 -55.12
N ASP C 181 -15.19 -0.93 -55.80
CA ASP C 181 -13.77 -0.77 -56.19
C ASP C 181 -13.74 0.07 -57.48
N SER C 182 -12.54 0.45 -57.95
CA SER C 182 -12.35 1.35 -59.12
C SER C 182 -12.76 0.65 -60.42
N GLN C 183 -13.10 -0.63 -60.39
CA GLN C 183 -13.60 -1.36 -61.60
C GLN C 183 -15.08 -1.66 -61.44
N GLY C 184 -15.69 -1.16 -60.36
CA GLY C 184 -17.10 -1.39 -60.04
C GLY C 184 -17.35 -2.74 -59.38
N GLY C 185 -16.31 -3.45 -58.93
CA GLY C 185 -16.51 -4.66 -58.09
C GLY C 185 -16.86 -4.33 -56.62
N HIS C 186 -17.26 -5.34 -55.85
CA HIS C 186 -17.55 -5.25 -54.39
C HIS C 186 -17.36 -6.61 -53.72
N LYS C 187 -17.45 -6.63 -52.40
CA LYS C 187 -17.22 -7.83 -51.55
C LYS C 187 -18.44 -8.74 -51.68
N ASP C 188 -18.29 -9.99 -51.23
CA ASP C 188 -19.35 -11.04 -51.24
C ASP C 188 -20.16 -10.95 -49.95
N CYS C 189 -19.53 -10.64 -48.81
CA CYS C 189 -20.26 -10.40 -47.56
C CYS C 189 -19.42 -9.66 -46.54
N VAL C 190 -20.11 -9.14 -45.54
CA VAL C 190 -19.46 -8.37 -44.44
C VAL C 190 -20.16 -8.81 -43.16
N PHE C 191 -19.37 -9.17 -42.15
CA PHE C 191 -19.86 -9.46 -40.80
C PHE C 191 -19.42 -8.31 -39.88
N VAL C 192 -20.30 -7.91 -38.97
CA VAL C 192 -19.90 -7.00 -37.87
C VAL C 192 -19.58 -7.87 -36.66
N THR C 193 -18.36 -7.77 -36.14
CA THR C 193 -17.88 -8.48 -34.91
C THR C 193 -17.70 -7.43 -33.80
N GLY C 194 -17.92 -7.81 -32.55
CA GLY C 194 -17.65 -6.90 -31.43
C GLY C 194 -17.94 -7.49 -30.07
N ASN C 195 -17.99 -6.62 -29.08
CA ASN C 195 -18.16 -7.05 -27.67
C ASN C 195 -19.57 -7.60 -27.56
N PHE C 196 -20.52 -7.16 -28.39
CA PHE C 196 -21.91 -7.68 -28.43
C PHE C 196 -22.01 -9.13 -28.94
N ASN C 197 -21.04 -9.70 -29.66
CA ASN C 197 -21.14 -11.13 -30.11
C ASN C 197 -19.86 -11.90 -29.79
N ASN C 198 -19.12 -11.42 -28.80
CA ASN C 198 -17.77 -11.90 -28.37
C ASN C 198 -16.86 -12.16 -29.58
N TRP C 199 -16.84 -11.24 -30.55
CA TRP C 199 -15.88 -11.19 -31.67
C TRP C 199 -15.98 -12.46 -32.50
N LYS C 200 -17.19 -13.03 -32.61
CA LYS C 200 -17.50 -14.16 -33.52
C LYS C 200 -18.20 -13.67 -34.79
N LEU C 201 -17.93 -14.34 -35.90
CA LEU C 201 -18.76 -14.26 -37.13
C LEU C 201 -20.10 -14.97 -36.87
N ASP C 202 -21.20 -14.36 -37.23
CA ASP C 202 -22.55 -14.83 -36.83
C ASP C 202 -23.51 -14.27 -37.86
N SER C 203 -24.37 -15.13 -38.39
CA SER C 203 -25.20 -14.83 -39.60
C SER C 203 -26.18 -13.71 -39.26
N ARG C 204 -26.50 -13.50 -37.98
CA ARG C 204 -27.41 -12.41 -37.54
C ARG C 204 -26.74 -11.03 -37.72
N TYR C 205 -25.41 -10.98 -37.85
CA TYR C 205 -24.64 -9.71 -37.95
C TYR C 205 -24.06 -9.56 -39.35
N MET C 206 -24.59 -10.31 -40.32
CA MET C 206 -24.21 -10.15 -41.75
C MET C 206 -24.84 -8.84 -42.22
N MET C 207 -24.09 -7.94 -42.82
CA MET C 207 -24.67 -6.68 -43.34
C MET C 207 -25.41 -6.98 -44.65
N LYS C 208 -26.26 -6.04 -45.09
CA LYS C 208 -26.99 -6.10 -46.38
C LYS C 208 -26.40 -5.08 -47.33
N TYR C 209 -26.36 -5.39 -48.63
CA TYR C 209 -25.70 -4.56 -49.66
C TYR C 209 -26.76 -3.79 -50.46
N ASP C 210 -26.52 -2.48 -50.59
CA ASP C 210 -27.28 -1.52 -51.42
C ASP C 210 -26.45 -1.25 -52.67
N GLU C 211 -26.82 -1.92 -53.75
CA GLU C 211 -26.16 -1.80 -55.09
C GLU C 211 -26.16 -0.36 -55.58
N THR C 212 -27.22 0.38 -55.32
CA THR C 212 -27.34 1.78 -55.79
C THR C 212 -26.40 2.70 -54.99
N ASN C 213 -26.39 2.59 -53.65
CA ASN C 213 -25.59 3.50 -52.79
C ASN C 213 -24.17 2.95 -52.61
N HIS C 214 -23.88 1.77 -53.15
CA HIS C 214 -22.53 1.14 -53.06
C HIS C 214 -22.14 0.97 -51.58
N CYS C 215 -23.07 0.53 -50.72
CA CYS C 215 -22.94 0.53 -49.24
C CYS C 215 -23.54 -0.75 -48.64
N TRP C 216 -22.76 -1.42 -47.79
CA TRP C 216 -23.25 -2.43 -46.83
C TRP C 216 -23.90 -1.69 -45.66
N TRP C 217 -24.92 -2.24 -45.03
CA TRP C 217 -25.52 -1.62 -43.84
C TRP C 217 -26.18 -2.68 -42.96
N ILE C 218 -26.30 -2.37 -41.68
CA ILE C 218 -26.98 -3.25 -40.69
C ILE C 218 -27.37 -2.33 -39.55
N THR C 219 -28.48 -2.65 -38.88
CA THR C 219 -28.85 -2.04 -37.58
C THR C 219 -28.54 -3.05 -36.47
N LEU C 220 -27.57 -2.73 -35.61
CA LEU C 220 -27.27 -3.49 -34.38
C LEU C 220 -28.32 -3.10 -33.33
N GLU C 221 -29.02 -4.09 -32.78
CA GLU C 221 -30.08 -3.87 -31.77
C GLU C 221 -29.63 -4.52 -30.47
N GLU C 222 -30.26 -4.14 -29.34
CA GLU C 222 -30.05 -4.78 -28.03
C GLU C 222 -28.61 -4.55 -27.55
N LEU C 223 -28.01 -3.42 -27.92
CA LEU C 223 -26.72 -2.97 -27.36
C LEU C 223 -26.97 -2.51 -25.91
N THR C 224 -25.92 -2.42 -25.08
CA THR C 224 -26.00 -1.93 -23.67
C THR C 224 -25.52 -0.47 -23.58
N ALA C 225 -25.62 0.16 -22.40
CA ALA C 225 -25.47 1.62 -22.18
C ALA C 225 -24.02 2.02 -22.41
N GLY C 226 -23.10 1.13 -22.04
CA GLY C 226 -21.66 1.41 -22.04
C GLY C 226 -21.03 1.50 -23.43
N GLU C 227 -19.79 1.05 -23.51
CA GLU C 227 -18.96 1.12 -24.73
C GLU C 227 -19.35 -0.04 -25.66
N THR C 228 -19.88 0.25 -26.85
CA THR C 228 -19.86 -0.72 -27.97
C THR C 228 -18.49 -0.69 -28.66
N GLN C 229 -17.91 -1.86 -28.90
CA GLN C 229 -16.61 -2.02 -29.60
C GLN C 229 -16.85 -2.93 -30.79
N PHE C 230 -16.36 -2.57 -31.97
CA PHE C 230 -16.63 -3.41 -33.16
C PHE C 230 -15.52 -3.24 -34.20
N GLN C 231 -15.51 -4.21 -35.10
CA GLN C 231 -14.76 -4.10 -36.36
C GLN C 231 -15.58 -4.89 -37.39
N TYR C 232 -15.18 -4.81 -38.64
CA TYR C 232 -15.84 -5.56 -39.73
C TYR C 232 -14.96 -6.73 -40.15
N PHE C 233 -15.57 -7.82 -40.59
CA PHE C 233 -14.89 -8.87 -41.39
C PHE C 233 -15.49 -8.84 -42.79
N VAL C 234 -14.79 -8.24 -43.72
CA VAL C 234 -15.21 -8.15 -45.16
C VAL C 234 -14.63 -9.37 -45.86
N TYR C 235 -15.35 -9.93 -46.82
CA TYR C 235 -14.95 -11.17 -47.51
C TYR C 235 -15.42 -11.14 -48.96
N SER C 236 -14.53 -11.61 -49.84
CA SER C 236 -14.87 -12.05 -51.21
C SER C 236 -13.98 -13.24 -51.64
N ALA C 237 -14.50 -14.03 -52.59
CA ALA C 237 -13.83 -15.20 -53.21
C ALA C 237 -12.42 -14.79 -53.65
N SER C 238 -12.30 -13.70 -54.39
CA SER C 238 -11.01 -13.27 -54.98
C SER C 238 -10.06 -12.67 -53.94
N ASP C 239 -10.53 -11.93 -52.92
CA ASP C 239 -9.62 -11.23 -51.98
C ASP C 239 -9.43 -12.03 -50.70
N GLY C 240 -10.28 -13.02 -50.45
CA GLY C 240 -10.44 -13.62 -49.12
C GLY C 240 -11.05 -12.62 -48.15
N GLY C 241 -10.73 -12.80 -46.86
CA GLY C 241 -11.33 -12.03 -45.76
C GLY C 241 -10.34 -11.08 -45.13
N THR C 242 -10.83 -9.98 -44.56
CA THR C 242 -10.03 -8.91 -43.94
C THR C 242 -10.80 -8.31 -42.76
N TYR C 243 -10.14 -8.14 -41.61
CA TYR C 243 -10.64 -7.33 -40.47
C TYR C 243 -10.20 -5.87 -40.66
N LEU C 244 -11.15 -4.96 -40.44
CA LEU C 244 -10.91 -3.52 -40.55
C LEU C 244 -11.96 -2.78 -39.70
N CYS C 245 -11.63 -1.61 -39.17
CA CYS C 245 -12.55 -0.82 -38.30
C CYS C 245 -13.36 0.14 -39.18
N ASP C 246 -14.31 0.89 -38.62
CA ASP C 246 -15.02 1.93 -39.37
C ASP C 246 -14.10 3.13 -39.63
N PRO C 247 -13.92 3.53 -40.91
CA PRO C 247 -13.08 4.68 -41.25
C PRO C 247 -13.60 6.01 -40.69
N TYR C 248 -14.89 6.06 -40.37
CA TYR C 248 -15.57 7.27 -39.87
C TYR C 248 -15.74 7.21 -38.34
N CYS C 249 -15.11 6.28 -37.62
CA CYS C 249 -15.25 6.27 -36.15
C CYS C 249 -14.52 7.48 -35.55
N GLU C 250 -15.01 7.92 -34.40
CA GLU C 250 -14.52 9.13 -33.70
C GLU C 250 -13.60 8.70 -32.55
N GLN C 251 -13.63 7.42 -32.23
CA GLN C 251 -12.81 6.81 -31.18
C GLN C 251 -12.44 5.39 -31.60
N ALA C 252 -11.19 5.06 -31.36
CA ALA C 252 -10.59 3.76 -31.70
C ALA C 252 -9.64 3.33 -30.58
N LEU C 253 -9.55 2.04 -30.35
CA LEU C 253 -8.43 1.44 -29.59
C LEU C 253 -7.47 0.85 -30.60
N GLU C 254 -6.18 0.99 -30.32
CA GLU C 254 -5.05 0.61 -31.19
C GLU C 254 -4.28 -0.48 -30.45
N LYS C 255 -4.16 -1.66 -31.06
CA LYS C 255 -3.40 -2.78 -30.46
C LYS C 255 -1.91 -2.38 -30.40
N GLY C 256 -1.31 -2.57 -29.23
CA GLY C 256 0.11 -2.27 -28.97
C GLY C 256 0.24 -0.94 -28.26
N VAL C 257 -0.83 -0.17 -28.22
CA VAL C 257 -0.93 1.10 -27.45
C VAL C 257 -1.93 0.90 -26.34
N ASP C 258 -3.17 0.53 -26.67
CA ASP C 258 -4.28 0.51 -25.68
C ASP C 258 -4.23 -0.83 -24.91
N THR C 259 -4.00 -0.75 -23.60
CA THR C 259 -3.91 -1.95 -22.73
C THR C 259 -5.27 -2.67 -22.72
N ASN C 260 -6.36 -1.95 -22.94
CA ASN C 260 -7.74 -2.51 -22.98
C ASN C 260 -8.16 -2.92 -24.43
N PHE C 261 -7.24 -3.03 -25.39
CA PHE C 261 -7.62 -3.58 -26.71
C PHE C 261 -8.27 -4.96 -26.52
N PRO C 262 -9.46 -5.23 -27.08
CA PRO C 262 -10.13 -6.50 -26.79
C PRO C 262 -9.39 -7.72 -27.39
N THR C 263 -9.27 -8.81 -26.61
CA THR C 263 -8.45 -10.02 -26.98
C THR C 263 -9.09 -10.75 -28.17
N GLY C 264 -10.40 -10.63 -28.37
CA GLY C 264 -11.11 -11.26 -29.51
C GLY C 264 -10.91 -10.55 -30.87
N ALA C 265 -10.41 -9.31 -30.88
CA ALA C 265 -10.35 -8.43 -32.07
C ALA C 265 -8.97 -8.58 -32.72
N GLN C 266 -8.88 -8.30 -34.02
CA GLN C 266 -7.56 -8.29 -34.70
C GLN C 266 -7.00 -6.86 -34.71
N ALA C 267 -5.69 -6.72 -34.50
CA ALA C 267 -4.93 -5.50 -34.81
C ALA C 267 -5.29 -5.01 -36.21
N PRO C 268 -5.14 -3.71 -36.51
CA PRO C 268 -4.70 -2.73 -35.52
C PRO C 268 -5.78 -2.00 -34.72
N TYR C 269 -6.99 -1.85 -35.27
CA TYR C 269 -7.97 -0.92 -34.67
C TYR C 269 -9.33 -1.59 -34.46
N VAL C 270 -9.95 -1.24 -33.33
CA VAL C 270 -11.41 -1.44 -33.12
C VAL C 270 -12.04 -0.07 -32.97
N SER C 271 -13.22 0.10 -33.56
CA SER C 271 -14.03 1.30 -33.46
C SER C 271 -14.77 1.25 -32.11
N VAL C 272 -14.84 2.37 -31.41
CA VAL C 272 -15.50 2.45 -30.09
C VAL C 272 -16.60 3.50 -30.21
N VAL C 273 -17.79 3.20 -29.72
CA VAL C 273 -18.93 4.16 -29.71
C VAL C 273 -19.79 3.92 -28.48
N SER C 274 -20.43 4.97 -27.99
CA SER C 274 -21.44 4.90 -26.93
C SER C 274 -22.77 5.37 -27.50
N THR C 275 -23.73 4.51 -27.33
CA THR C 275 -25.18 4.66 -27.58
C THR C 275 -25.72 5.83 -26.73
N ASN C 276 -25.01 6.19 -25.65
CA ASN C 276 -25.30 7.31 -24.69
C ASN C 276 -24.19 8.35 -24.75
N PRO C 277 -24.08 9.13 -25.85
CA PRO C 277 -22.94 10.04 -26.01
C PRO C 277 -23.06 11.21 -25.03
N GLN C 278 -21.93 11.85 -24.74
CA GLN C 278 -21.81 12.99 -23.80
C GLN C 278 -21.20 14.16 -24.53
N PRO C 279 -22.02 14.97 -25.22
CA PRO C 279 -21.52 16.10 -26.00
C PRO C 279 -20.83 17.09 -25.05
N TYR C 280 -19.65 17.60 -25.43
CA TYR C 280 -18.86 18.56 -24.60
C TYR C 280 -19.66 19.87 -24.51
N GLN C 281 -19.69 20.51 -23.35
CA GLN C 281 -20.40 21.81 -23.17
C GLN C 281 -19.41 22.95 -23.47
N TRP C 282 -19.44 23.45 -24.69
CA TRP C 282 -18.60 24.60 -25.11
C TRP C 282 -18.99 25.81 -24.26
N SER C 283 -18.01 26.46 -23.63
CA SER C 283 -18.17 27.75 -22.90
C SER C 283 -18.97 28.75 -23.75
N ALA C 284 -19.72 29.66 -23.11
CA ALA C 284 -20.63 30.62 -23.81
C ALA C 284 -19.83 31.72 -24.54
N GLY C 285 -20.18 32.02 -25.79
CA GLY C 285 -19.66 33.19 -26.53
C GLY C 285 -19.00 32.82 -27.86
N GLU C 286 -19.22 33.65 -28.89
CA GLU C 286 -18.51 33.57 -30.19
C GLU C 286 -17.03 33.93 -29.95
N PHE C 287 -16.12 33.03 -30.32
CA PHE C 287 -14.66 33.28 -30.23
C PHE C 287 -14.30 34.15 -31.43
N GLU C 288 -13.62 35.28 -31.18
CA GLU C 288 -13.08 36.16 -32.24
C GLU C 288 -11.56 36.00 -32.25
N MET C 289 -11.03 35.29 -33.24
CA MET C 289 -9.58 35.25 -33.48
C MET C 289 -9.09 36.69 -33.69
N LYS C 290 -7.98 37.06 -33.06
CA LYS C 290 -7.36 38.40 -33.26
C LYS C 290 -6.33 38.31 -34.39
N ASN C 291 -6.12 39.44 -35.08
CA ASN C 291 -5.11 39.59 -36.15
C ASN C 291 -5.29 38.49 -37.19
N LYS C 292 -6.52 38.33 -37.66
CA LYS C 292 -6.90 37.29 -38.66
C LYS C 292 -6.11 37.45 -39.95
N GLU C 293 -5.79 38.68 -40.36
CA GLU C 293 -5.15 38.97 -41.68
C GLU C 293 -3.70 38.47 -41.66
N ASN C 294 -3.06 38.45 -40.48
CA ASN C 294 -1.59 38.39 -40.39
C ASN C 294 -1.17 37.81 -39.04
N PRO C 295 -1.71 36.63 -38.65
CA PRO C 295 -1.44 36.07 -37.32
C PRO C 295 0.01 35.62 -37.07
N VAL C 296 0.46 35.74 -35.83
CA VAL C 296 1.64 35.02 -35.28
C VAL C 296 1.16 33.63 -34.79
N ILE C 297 1.68 32.58 -35.42
CA ILE C 297 1.28 31.17 -35.20
C ILE C 297 2.41 30.47 -34.47
N TYR C 298 2.10 29.89 -33.31
CA TYR C 298 2.98 29.04 -32.48
C TYR C 298 2.75 27.55 -32.86
N GLU C 299 3.70 26.98 -33.60
CA GLU C 299 3.71 25.55 -33.94
C GLU C 299 4.11 24.76 -32.70
N LEU C 300 3.32 23.75 -32.40
CA LEU C 300 3.36 23.03 -31.11
C LEU C 300 3.19 21.54 -31.41
N LEU C 301 4.15 20.73 -30.94
CA LEU C 301 4.04 19.26 -30.89
C LEU C 301 3.72 18.85 -29.44
N LEU C 302 2.51 18.32 -29.22
CA LEU C 302 2.01 17.97 -27.86
C LEU C 302 2.93 16.95 -27.17
N ARG C 303 3.53 16.02 -27.93
CA ARG C 303 4.48 15.01 -27.41
C ARG C 303 5.63 15.70 -26.67
N ASP C 304 6.18 16.82 -27.18
CA ASP C 304 7.48 17.36 -26.71
C ASP C 304 7.29 18.74 -26.09
N PHE C 305 6.05 19.23 -26.01
CA PHE C 305 5.77 20.59 -25.49
C PHE C 305 5.90 20.59 -23.98
N THR C 306 5.49 19.51 -23.34
CA THR C 306 5.53 19.38 -21.86
C THR C 306 5.95 17.96 -21.50
N SER C 307 6.30 17.76 -20.23
CA SER C 307 6.68 16.48 -19.60
C SER C 307 5.55 15.46 -19.66
N SER C 308 4.29 15.88 -19.58
CA SER C 308 3.10 15.00 -19.73
C SER C 308 2.96 14.50 -21.17
N GLY C 309 3.49 15.26 -22.13
CA GLY C 309 3.42 14.90 -23.56
C GLY C 309 1.98 14.88 -24.07
N ASN C 310 1.11 15.73 -23.53
CA ASN C 310 -0.36 15.59 -23.75
C ASN C 310 -1.08 16.94 -23.64
N LEU C 311 -2.39 16.92 -23.84
CA LEU C 311 -3.28 18.11 -23.76
C LEU C 311 -3.31 18.64 -22.33
N ALA C 312 -3.36 17.76 -21.33
CA ALA C 312 -3.41 18.15 -19.90
C ALA C 312 -2.18 19.01 -19.60
N GLY C 313 -0.99 18.55 -20.00
CA GLY C 313 0.27 19.31 -19.84
C GLY C 313 0.21 20.65 -20.56
N ALA C 314 -0.15 20.65 -21.84
CA ALA C 314 -0.19 21.86 -22.69
C ALA C 314 -1.11 22.89 -22.05
N MET C 315 -2.23 22.46 -21.51
CA MET C 315 -3.30 23.30 -20.90
C MET C 315 -2.70 24.27 -19.87
N GLU C 316 -1.78 23.77 -19.04
CA GLU C 316 -1.13 24.53 -17.96
C GLU C 316 -0.29 25.69 -18.54
N LYS C 317 0.18 25.60 -19.78
CA LYS C 317 1.10 26.59 -20.39
C LYS C 317 0.32 27.63 -21.20
N LEU C 318 -1.03 27.59 -21.20
CA LEU C 318 -1.81 28.53 -22.09
C LEU C 318 -1.70 29.97 -21.55
N PRO C 319 -1.71 30.24 -20.23
CA PRO C 319 -1.43 31.59 -19.73
C PRO C 319 -0.08 32.15 -20.23
N TYR C 320 0.97 31.32 -20.26
CA TYR C 320 2.29 31.68 -20.83
C TYR C 320 2.13 32.11 -22.30
N LEU C 321 1.42 31.32 -23.12
CA LEU C 321 1.31 31.56 -24.58
C LEU C 321 0.44 32.80 -24.84
N LYS C 322 -0.64 32.97 -24.09
CA LYS C 322 -1.46 34.20 -24.13
C LYS C 322 -0.57 35.44 -23.89
N GLU C 323 0.26 35.42 -22.83
CA GLU C 323 1.10 36.56 -22.38
C GLU C 323 2.22 36.76 -23.41
N LEU C 324 2.62 35.71 -24.13
CA LEU C 324 3.62 35.81 -25.23
C LEU C 324 3.01 36.64 -26.38
N GLY C 325 1.68 36.59 -26.55
CA GLY C 325 0.94 37.49 -27.45
C GLY C 325 0.52 36.82 -28.75
N ILE C 326 0.72 35.51 -28.86
CA ILE C 326 0.42 34.73 -30.09
C ILE C 326 -1.07 34.85 -30.42
N ASP C 327 -1.40 34.68 -31.70
CA ASP C 327 -2.78 34.74 -32.24
C ASP C 327 -3.36 33.32 -32.38
N ALA C 328 -2.51 32.33 -32.59
CA ALA C 328 -2.95 30.97 -32.94
C ALA C 328 -1.89 29.96 -32.52
N ILE C 329 -2.36 28.80 -32.10
CA ILE C 329 -1.54 27.58 -31.95
C ILE C 329 -1.84 26.67 -33.14
N GLU C 330 -0.78 26.17 -33.79
CA GLU C 330 -0.83 25.13 -34.84
C GLU C 330 -0.35 23.81 -34.21
N LEU C 331 -1.27 22.88 -34.02
CA LEU C 331 -0.91 21.53 -33.49
C LEU C 331 -0.37 20.71 -34.66
N MET C 332 0.81 20.14 -34.46
CA MET C 332 1.27 19.01 -35.30
C MET C 332 0.24 17.87 -35.24
N PRO C 333 0.19 16.99 -36.25
CA PRO C 333 -0.98 16.15 -36.49
C PRO C 333 -1.48 15.40 -35.24
N VAL C 334 -2.78 15.49 -35.03
CA VAL C 334 -3.47 14.88 -33.86
C VAL C 334 -4.47 13.83 -34.31
N GLN C 335 -4.67 13.62 -35.61
CA GLN C 335 -5.52 12.50 -36.08
C GLN C 335 -4.77 11.22 -35.74
N GLU C 336 -5.50 10.14 -35.48
CA GLU C 336 -4.95 8.83 -35.03
C GLU C 336 -3.74 8.46 -35.88
N PHE C 337 -2.56 8.33 -35.28
CA PHE C 337 -1.32 7.93 -36.02
C PHE C 337 -0.79 6.61 -35.47
N ALA C 338 -0.01 5.90 -36.28
CA ALA C 338 0.62 4.61 -35.89
C ALA C 338 1.33 4.83 -34.56
N GLY C 339 0.97 4.00 -33.56
CA GLY C 339 1.65 4.02 -32.26
C GLY C 339 1.25 5.21 -31.43
N ASN C 340 2.07 5.56 -30.46
CA ASN C 340 1.79 6.67 -29.53
C ASN C 340 3.02 7.54 -29.32
N ASP C 341 3.97 7.58 -30.28
CA ASP C 341 5.25 8.33 -30.13
C ASP C 341 5.67 8.84 -31.51
N SER C 342 5.20 10.01 -31.89
CA SER C 342 5.17 10.40 -33.32
C SER C 342 5.10 11.91 -33.47
N TRP C 343 5.65 12.43 -34.57
CA TRP C 343 5.37 13.80 -35.03
C TRP C 343 3.89 13.87 -35.45
N GLY C 344 3.41 12.75 -36.01
CA GLY C 344 1.99 12.56 -36.37
C GLY C 344 1.77 12.35 -37.85
N TYR C 345 2.81 12.35 -38.68
CA TYR C 345 2.73 12.34 -40.17
C TYR C 345 2.55 10.92 -40.69
N ASN C 346 1.65 10.17 -40.05
CA ASN C 346 1.47 8.72 -40.29
C ASN C 346 0.07 8.37 -39.81
N THR C 347 -0.93 8.98 -40.44
CA THR C 347 -2.33 8.98 -39.96
C THR C 347 -2.95 7.66 -40.37
N GLY C 348 -3.54 6.92 -39.43
CA GLY C 348 -4.29 5.70 -39.73
C GLY C 348 -5.79 5.91 -39.82
N LEU C 349 -6.33 6.84 -39.02
CA LEU C 349 -7.78 7.19 -39.03
C LEU C 349 -7.90 8.71 -39.01
N TYR C 350 -8.81 9.29 -39.79
CA TYR C 350 -8.93 10.77 -39.96
C TYR C 350 -10.11 11.37 -39.18
N PHE C 351 -11.06 10.59 -38.69
CA PHE C 351 -12.18 11.13 -37.88
C PHE C 351 -12.00 10.83 -36.39
N ALA C 352 -10.97 10.07 -36.03
CA ALA C 352 -10.59 9.81 -34.63
C ALA C 352 -9.26 10.51 -34.37
N LEU C 353 -9.18 11.20 -33.25
CA LEU C 353 -7.95 11.86 -32.80
C LEU C 353 -7.17 10.88 -31.91
N ASP C 354 -5.85 11.01 -31.88
CA ASP C 354 -4.98 10.05 -31.16
C ASP C 354 -5.21 10.21 -29.67
N ALA C 355 -5.60 9.11 -29.02
CA ALA C 355 -5.91 9.11 -27.59
C ALA C 355 -4.65 9.23 -26.72
N SER C 356 -3.45 9.05 -27.29
CA SER C 356 -2.18 9.28 -26.56
C SER C 356 -2.10 10.74 -26.07
N TYR C 357 -2.78 11.67 -26.72
CA TYR C 357 -2.77 13.08 -26.25
C TYR C 357 -3.96 13.37 -25.33
N GLY C 358 -5.05 12.63 -25.47
CA GLY C 358 -6.23 12.76 -24.60
C GLY C 358 -7.49 12.24 -25.27
N THR C 359 -8.60 12.27 -24.53
CA THR C 359 -9.94 11.81 -24.97
C THR C 359 -10.50 12.86 -25.92
N GLN C 360 -11.53 12.49 -26.67
CA GLN C 360 -12.22 13.44 -27.58
C GLN C 360 -12.52 14.74 -26.82
N ASN C 361 -13.03 14.64 -25.60
CA ASN C 361 -13.51 15.84 -24.85
C ASN C 361 -12.33 16.60 -24.25
N GLU C 362 -11.18 15.96 -24.00
CA GLU C 362 -9.93 16.70 -23.66
C GLU C 362 -9.49 17.57 -24.86
N TYR C 363 -9.63 17.08 -26.10
CA TYR C 363 -9.32 17.87 -27.31
C TYR C 363 -10.25 19.08 -27.34
N LYS C 364 -11.53 18.88 -27.04
CA LYS C 364 -12.51 20.00 -27.14
C LYS C 364 -12.23 21.00 -26.00
N ALA C 365 -11.92 20.49 -24.80
CA ALA C 365 -11.59 21.31 -23.61
C ALA C 365 -10.34 22.16 -23.92
N PHE C 366 -9.31 21.57 -24.55
CA PHE C 366 -8.06 22.29 -24.87
C PHE C 366 -8.43 23.42 -25.84
N ILE C 367 -9.14 23.11 -26.93
CA ILE C 367 -9.49 24.12 -27.95
C ILE C 367 -10.36 25.20 -27.29
N ASP C 368 -11.25 24.82 -26.38
CA ASP C 368 -12.12 25.79 -25.69
C ASP C 368 -11.27 26.71 -24.80
N ALA C 369 -10.33 26.15 -24.05
CA ALA C 369 -9.42 26.90 -23.16
C ALA C 369 -8.55 27.87 -23.99
N CYS C 370 -7.97 27.41 -25.11
CA CYS C 370 -7.29 28.27 -26.12
C CYS C 370 -8.18 29.48 -26.44
N HIS C 371 -9.43 29.23 -26.86
CA HIS C 371 -10.39 30.28 -27.29
C HIS C 371 -10.61 31.28 -26.15
N GLN C 372 -10.77 30.77 -24.93
CA GLN C 372 -10.96 31.56 -23.69
C GLN C 372 -9.70 32.38 -23.37
N ASN C 373 -8.52 31.99 -23.87
CA ASN C 373 -7.27 32.76 -23.72
C ASN C 373 -7.07 33.69 -24.93
N GLY C 374 -8.05 33.81 -25.82
CA GLY C 374 -7.97 34.62 -27.06
C GLY C 374 -7.13 33.99 -28.16
N ILE C 375 -6.81 32.70 -28.08
CA ILE C 375 -5.91 32.01 -29.04
C ILE C 375 -6.72 31.06 -29.92
N ALA C 376 -6.54 31.17 -31.23
CA ALA C 376 -7.13 30.30 -32.25
C ALA C 376 -6.33 28.97 -32.32
N VAL C 377 -6.96 27.95 -32.91
CA VAL C 377 -6.33 26.61 -33.04
C VAL C 377 -6.38 26.19 -34.50
N ILE C 378 -5.21 25.84 -35.03
CA ILE C 378 -5.02 25.30 -36.40
C ILE C 378 -4.60 23.82 -36.31
N PHE C 379 -5.23 22.94 -37.09
CA PHE C 379 -4.82 21.52 -37.20
C PHE C 379 -3.95 21.32 -38.43
N ASP C 380 -2.79 20.70 -38.20
CA ASP C 380 -1.90 20.12 -39.23
C ASP C 380 -2.54 18.81 -39.72
N VAL C 381 -2.87 18.73 -41.01
CA VAL C 381 -3.64 17.61 -41.58
C VAL C 381 -2.87 17.02 -42.78
N VAL C 382 -2.85 15.69 -42.86
CA VAL C 382 -1.88 14.92 -43.69
C VAL C 382 -2.68 14.04 -44.64
N TYR C 383 -2.98 14.55 -45.84
CA TYR C 383 -3.83 13.86 -46.85
C TYR C 383 -2.99 13.40 -48.04
N ASN C 384 -1.69 13.59 -48.02
CA ASN C 384 -0.83 13.02 -49.11
C ASN C 384 -0.91 11.50 -49.00
N HIS C 385 -0.74 10.97 -47.79
CA HIS C 385 -0.65 9.51 -47.55
C HIS C 385 -1.35 9.16 -46.24
N THR C 386 -1.78 7.91 -46.13
CA THR C 386 -2.21 7.26 -44.87
C THR C 386 -1.23 6.12 -44.58
N ASN C 387 -1.71 5.04 -43.98
CA ASN C 387 -0.82 3.92 -43.57
C ASN C 387 -1.64 2.63 -43.73
N ASN C 388 -0.99 1.49 -43.52
CA ASN C 388 -1.59 0.17 -43.81
C ASN C 388 -2.76 -0.10 -42.84
N ASP C 389 -2.92 0.64 -41.74
CA ASP C 389 -4.00 0.38 -40.73
C ASP C 389 -5.32 1.04 -41.14
N ASN C 390 -5.30 1.96 -42.10
CA ASN C 390 -6.51 2.69 -42.53
C ASN C 390 -7.44 1.69 -43.20
N PRO C 391 -8.72 1.60 -42.78
CA PRO C 391 -9.70 0.78 -43.46
C PRO C 391 -9.72 0.95 -44.99
N PHE C 392 -9.39 2.13 -45.51
CA PHE C 392 -9.31 2.40 -46.97
C PHE C 392 -8.25 1.52 -47.63
N ALA C 393 -7.10 1.35 -46.97
CA ALA C 393 -6.00 0.50 -47.49
C ALA C 393 -6.44 -0.95 -47.42
N ARG C 394 -6.97 -1.37 -46.25
CA ARG C 394 -7.21 -2.78 -45.89
C ARG C 394 -8.39 -3.31 -46.72
N MET C 395 -9.33 -2.47 -47.13
CA MET C 395 -10.54 -2.89 -47.89
C MET C 395 -10.16 -3.48 -49.26
N TYR C 396 -9.12 -2.97 -49.90
CA TYR C 396 -8.71 -3.43 -51.25
C TYR C 396 -7.20 -3.45 -51.30
N TRP C 397 -6.66 -4.62 -50.96
CA TRP C 397 -5.22 -4.79 -50.66
C TRP C 397 -4.61 -5.83 -51.59
N ASP C 398 -3.37 -5.63 -52.00
CA ASP C 398 -2.59 -6.60 -52.82
C ASP C 398 -1.77 -7.46 -51.87
N THR C 399 -2.15 -8.72 -51.68
CA THR C 399 -1.51 -9.65 -50.71
C THR C 399 -0.17 -10.19 -51.26
N PHE C 400 0.23 -9.82 -52.50
CA PHE C 400 1.51 -10.28 -53.13
C PHE C 400 2.56 -9.18 -53.01
N ASN C 401 2.20 -7.94 -53.31
CA ASN C 401 3.11 -6.78 -53.28
C ASN C 401 2.96 -6.04 -51.95
N ASN C 402 1.97 -6.39 -51.13
CA ASN C 402 1.76 -5.80 -49.77
C ASN C 402 1.64 -4.26 -49.88
N ARG C 403 0.62 -3.84 -50.61
CA ARG C 403 0.35 -2.42 -50.92
C ARG C 403 -1.08 -2.36 -51.41
N PRO C 404 -1.64 -1.18 -51.65
CA PRO C 404 -3.01 -1.11 -52.11
C PRO C 404 -3.20 -1.85 -53.44
N SER C 405 -4.33 -2.52 -53.60
CA SER C 405 -4.85 -3.10 -54.86
C SER C 405 -4.80 -2.04 -55.97
N THR C 406 -4.61 -2.46 -57.22
CA THR C 406 -4.84 -1.59 -58.39
C THR C 406 -6.35 -1.26 -58.48
N LYS C 407 -7.24 -1.99 -57.80
CA LYS C 407 -8.71 -1.73 -57.77
C LYS C 407 -9.08 -0.70 -56.66
N ASN C 408 -8.14 -0.29 -55.80
CA ASN C 408 -8.41 0.61 -54.65
C ASN C 408 -8.92 1.98 -55.12
N PRO C 409 -10.16 2.40 -54.76
CA PRO C 409 -10.68 3.67 -55.27
C PRO C 409 -10.19 4.95 -54.57
N TRP C 410 -9.42 4.84 -53.46
CA TRP C 410 -8.85 6.01 -52.76
C TRP C 410 -7.35 6.16 -53.02
N LEU C 411 -6.66 5.03 -53.05
CA LEU C 411 -5.18 4.96 -52.96
C LEU C 411 -4.63 4.43 -54.28
N ASN C 412 -3.46 4.93 -54.62
CA ASN C 412 -2.55 4.40 -55.66
C ASN C 412 -1.89 3.13 -55.12
N ALA C 413 -1.69 2.16 -56.02
CA ALA C 413 -0.89 0.95 -55.75
C ALA C 413 0.55 1.38 -55.51
N VAL C 414 1.07 2.25 -56.37
CA VAL C 414 2.47 2.76 -56.27
C VAL C 414 2.42 4.29 -56.30
N THR C 415 3.17 4.92 -55.42
CA THR C 415 3.30 6.39 -55.32
C THR C 415 3.82 6.91 -56.66
N PRO C 416 3.06 7.80 -57.36
CA PRO C 416 3.52 8.45 -58.58
C PRO C 416 4.81 9.29 -58.43
N HIS C 417 4.91 10.03 -57.32
CA HIS C 417 6.07 10.91 -57.00
C HIS C 417 7.14 10.10 -56.25
N GLN C 418 7.99 9.40 -57.00
CA GLN C 418 8.95 8.41 -56.45
C GLN C 418 10.07 9.08 -55.65
N LYS C 419 10.29 10.38 -55.82
CA LYS C 419 11.23 11.12 -54.95
C LYS C 419 10.75 11.13 -53.48
N TYR C 420 9.44 11.16 -53.21
CA TYR C 420 8.90 11.26 -51.83
C TYR C 420 7.86 10.15 -51.60
N VAL C 421 8.28 9.07 -50.96
CA VAL C 421 7.44 7.88 -50.69
C VAL C 421 7.41 7.73 -49.19
N PHE C 422 6.41 8.31 -48.51
CA PHE C 422 6.40 8.43 -47.03
C PHE C 422 5.69 7.23 -46.41
N SER C 423 4.92 6.50 -47.22
CA SER C 423 4.21 5.29 -46.78
C SER C 423 3.88 4.51 -48.02
N PRO C 424 3.46 3.23 -47.90
CA PRO C 424 2.88 2.48 -49.01
C PRO C 424 1.55 2.99 -49.57
N ASP C 425 0.91 3.94 -48.87
CA ASP C 425 -0.53 4.29 -49.01
C ASP C 425 -0.68 5.76 -49.41
N ASP C 426 -0.42 6.03 -50.69
CA ASP C 426 -0.48 7.40 -51.26
C ASP C 426 -1.91 7.62 -51.78
N PHE C 427 -2.58 8.68 -51.30
CA PHE C 427 -3.91 9.07 -51.81
C PHE C 427 -3.82 9.58 -53.25
N ASN C 428 -4.79 9.13 -54.02
CA ASN C 428 -5.12 9.62 -55.37
C ASN C 428 -6.13 10.76 -55.28
N HIS C 429 -5.66 12.00 -55.47
CA HIS C 429 -6.48 13.23 -55.33
C HIS C 429 -7.20 13.57 -56.64
N THR C 430 -7.14 12.70 -57.67
CA THR C 430 -8.07 12.72 -58.83
C THR C 430 -9.24 11.78 -58.56
N SER C 431 -9.22 10.96 -57.52
CA SER C 431 -10.38 10.12 -57.15
C SER C 431 -11.49 11.00 -56.57
N GLU C 432 -12.72 10.82 -57.06
CA GLU C 432 -13.90 11.52 -56.51
C GLU C 432 -14.14 11.03 -55.06
N GLN C 433 -13.85 9.77 -54.76
CA GLN C 433 -14.06 9.21 -53.40
C GLN C 433 -13.03 9.83 -52.46
N THR C 434 -11.77 9.94 -52.86
CA THR C 434 -10.73 10.65 -52.07
C THR C 434 -11.18 12.10 -51.80
N LYS C 435 -11.60 12.81 -52.85
CA LYS C 435 -11.97 14.24 -52.77
C LYS C 435 -13.16 14.44 -51.83
N ALA C 436 -14.21 13.62 -51.91
CA ALA C 436 -15.41 13.71 -51.03
C ALA C 436 -15.00 13.39 -49.60
N PHE C 437 -14.11 12.42 -49.44
CA PHE C 437 -13.59 11.98 -48.12
C PHE C 437 -12.85 13.15 -47.44
N VAL C 438 -11.88 13.72 -48.11
CA VAL C 438 -11.12 14.90 -47.61
C VAL C 438 -12.08 16.05 -47.26
N LYS C 439 -12.99 16.40 -48.17
CA LYS C 439 -13.93 17.53 -47.97
C LYS C 439 -14.79 17.24 -46.75
N ARG C 440 -15.27 16.00 -46.61
CA ARG C 440 -16.12 15.64 -45.47
C ARG C 440 -15.31 15.73 -44.17
N ASN C 441 -14.06 15.31 -44.22
CA ASN C 441 -13.15 15.32 -43.04
C ASN C 441 -12.88 16.76 -42.57
N LEU C 442 -12.57 17.66 -43.51
CA LEU C 442 -12.33 19.10 -43.17
C LEU C 442 -13.58 19.68 -42.52
N LYS C 443 -14.76 19.39 -43.06
CA LYS C 443 -16.02 19.91 -42.50
C LYS C 443 -16.20 19.33 -41.08
N TYR C 444 -15.84 18.07 -40.88
CA TYR C 444 -16.04 17.34 -39.61
C TYR C 444 -15.17 18.01 -38.54
N LEU C 445 -13.92 18.35 -38.87
CA LEU C 445 -12.97 18.91 -37.87
C LEU C 445 -13.44 20.33 -37.48
N LEU C 446 -13.88 21.14 -38.46
CA LEU C 446 -14.46 22.50 -38.22
C LEU C 446 -15.70 22.38 -37.33
N ASP C 447 -16.65 21.52 -37.71
CA ASP C 447 -17.97 21.40 -37.04
C ASP C 447 -17.76 20.80 -35.66
N THR C 448 -16.87 19.83 -35.53
CA THR C 448 -16.84 19.02 -34.30
C THR C 448 -15.90 19.66 -33.29
N TYR C 449 -14.74 20.14 -33.75
CA TYR C 449 -13.65 20.60 -32.84
C TYR C 449 -13.57 22.13 -32.80
N HIS C 450 -14.36 22.83 -33.60
CA HIS C 450 -14.48 24.31 -33.58
C HIS C 450 -13.14 24.97 -33.88
N ILE C 451 -12.32 24.34 -34.71
CA ILE C 451 -10.96 24.89 -35.00
C ILE C 451 -11.06 26.09 -35.96
N ASP C 452 -10.00 26.88 -36.06
CA ASP C 452 -9.97 28.17 -36.78
C ASP C 452 -9.27 28.02 -38.11
N GLY C 453 -8.73 26.84 -38.41
CA GLY C 453 -7.97 26.69 -39.65
C GLY C 453 -7.19 25.42 -39.76
N PHE C 454 -6.50 25.29 -40.89
CA PHE C 454 -5.77 24.08 -41.30
C PHE C 454 -4.41 24.46 -41.89
N ARG C 455 -3.45 23.61 -41.59
CA ARG C 455 -2.14 23.55 -42.29
C ARG C 455 -2.10 22.21 -43.01
N PHE C 456 -2.26 22.23 -44.34
CA PHE C 456 -2.20 21.03 -45.22
C PHE C 456 -0.73 20.68 -45.44
N ASP C 457 -0.35 19.52 -44.92
CA ASP C 457 0.99 18.90 -45.08
C ASP C 457 1.19 18.50 -46.54
N PHE C 458 2.40 18.69 -47.06
CA PHE C 458 2.89 18.09 -48.34
C PHE C 458 1.83 18.13 -49.45
N THR C 459 1.33 19.32 -49.76
CA THR C 459 0.36 19.54 -50.87
C THR C 459 1.04 19.35 -52.24
N LYS C 460 2.36 19.42 -52.29
CA LYS C 460 3.14 19.04 -53.48
C LYS C 460 2.74 17.61 -53.87
N GLY C 461 2.51 16.76 -52.86
CA GLY C 461 2.19 15.34 -53.03
C GLY C 461 0.85 15.10 -53.67
N PHE C 462 -0.02 16.09 -53.82
CA PHE C 462 -1.41 15.88 -54.31
C PHE C 462 -1.42 15.81 -55.84
N THR C 463 -0.70 14.85 -56.41
CA THR C 463 -0.39 14.75 -57.87
C THR C 463 -0.36 13.27 -58.28
N GLN C 464 -0.93 12.99 -59.46
CA GLN C 464 -0.91 11.66 -60.11
C GLN C 464 0.25 11.57 -61.10
N LYS C 465 0.94 12.66 -61.43
CA LYS C 465 2.01 12.61 -62.45
C LYS C 465 3.15 11.73 -61.95
N GLN C 466 3.75 10.96 -62.86
CA GLN C 466 4.89 10.05 -62.60
C GLN C 466 6.18 10.88 -62.65
N THR C 467 6.92 10.94 -61.55
CA THR C 467 8.12 11.81 -61.40
C THR C 467 9.15 11.04 -60.59
N THR C 468 10.41 11.44 -60.66
CA THR C 468 11.50 10.74 -59.94
C THR C 468 12.30 11.74 -59.13
N GLY C 469 12.15 13.04 -59.39
CA GLY C 469 13.03 14.06 -58.78
C GLY C 469 12.24 15.18 -58.13
N ASP C 470 12.93 16.26 -57.81
CA ASP C 470 12.34 17.51 -57.27
C ASP C 470 11.80 18.37 -58.40
N ASP C 471 12.58 18.52 -59.49
CA ASP C 471 12.25 19.51 -60.56
C ASP C 471 11.01 19.04 -61.33
N ASP C 472 10.87 17.75 -61.64
CA ASP C 472 9.69 17.24 -62.41
C ASP C 472 8.43 17.32 -61.53
N LEU C 473 8.58 17.11 -60.22
CA LEU C 473 7.45 17.09 -59.23
C LEU C 473 6.95 18.53 -59.03
N ALA C 474 7.89 19.46 -58.89
CA ALA C 474 7.64 20.89 -58.61
C ALA C 474 7.01 21.60 -59.82
N ALA C 475 7.24 21.10 -61.05
CA ALA C 475 6.68 21.69 -62.29
C ALA C 475 5.16 21.75 -62.16
N THR C 476 4.54 22.82 -62.65
CA THR C 476 3.08 23.04 -62.51
C THR C 476 2.36 21.75 -62.94
N ASP C 477 1.29 21.43 -62.21
CA ASP C 477 0.31 20.34 -62.48
C ASP C 477 -1.06 20.96 -62.31
N PRO C 478 -1.79 21.29 -63.41
CA PRO C 478 -3.07 21.97 -63.32
C PRO C 478 -4.07 21.23 -62.39
N ALA C 479 -4.00 19.90 -62.36
CA ALA C 479 -4.85 19.00 -61.56
C ALA C 479 -4.52 19.19 -60.07
N ARG C 480 -3.24 19.30 -59.73
CA ARG C 480 -2.82 19.62 -58.34
C ARG C 480 -3.33 21.02 -57.95
N VAL C 481 -3.02 22.04 -58.75
CA VAL C 481 -3.51 23.44 -58.55
C VAL C 481 -5.03 23.40 -58.35
N SER C 482 -5.76 22.68 -59.21
CA SER C 482 -7.25 22.69 -59.16
C SER C 482 -7.79 21.95 -57.90
N VAL C 483 -7.14 20.88 -57.44
CA VAL C 483 -7.74 20.14 -56.28
C VAL C 483 -7.46 20.94 -54.99
N LEU C 484 -6.29 21.55 -54.87
CA LEU C 484 -5.96 22.45 -53.73
C LEU C 484 -6.97 23.61 -53.68
N LYS C 485 -7.37 24.12 -54.84
CA LYS C 485 -8.42 25.16 -54.92
C LYS C 485 -9.73 24.56 -54.41
N GLU C 486 -10.08 23.34 -54.81
CA GLU C 486 -11.35 22.67 -54.40
C GLU C 486 -11.40 22.50 -52.88
N TYR C 487 -10.27 22.12 -52.26
CA TYR C 487 -10.20 21.84 -50.81
C TYR C 487 -10.34 23.18 -50.08
N TYR C 488 -9.67 24.22 -50.59
CA TYR C 488 -9.73 25.59 -50.04
C TYR C 488 -11.20 26.00 -49.97
N GLU C 489 -11.92 25.87 -51.08
CA GLU C 489 -13.32 26.31 -51.22
C GLU C 489 -14.22 25.48 -50.30
N ALA C 490 -13.89 24.21 -50.08
CA ALA C 490 -14.68 23.30 -49.23
C ALA C 490 -14.64 23.85 -47.81
N VAL C 491 -13.46 24.27 -47.38
CA VAL C 491 -13.23 24.84 -46.04
C VAL C 491 -14.00 26.17 -45.93
N LYS C 492 -13.89 27.04 -46.94
CA LYS C 492 -14.55 28.37 -46.95
C LYS C 492 -16.08 28.23 -46.88
N ALA C 493 -16.67 27.24 -47.56
CA ALA C 493 -18.14 27.02 -47.52
C ALA C 493 -18.58 26.70 -46.10
N VAL C 494 -17.72 26.10 -45.29
CA VAL C 494 -18.12 25.78 -43.90
C VAL C 494 -17.88 27.01 -43.00
N LYS C 495 -16.72 27.66 -43.15
CA LYS C 495 -16.28 28.77 -42.27
C LYS C 495 -15.51 29.78 -43.11
N GLU C 496 -16.12 30.93 -43.44
CA GLU C 496 -15.54 31.91 -44.41
C GLU C 496 -14.22 32.43 -43.87
N ASP C 497 -14.07 32.53 -42.56
CA ASP C 497 -12.87 33.15 -41.95
C ASP C 497 -11.88 32.08 -41.43
N ALA C 498 -12.06 30.80 -41.75
CA ALA C 498 -11.08 29.73 -41.44
C ALA C 498 -9.78 30.01 -42.20
N MET C 499 -8.64 29.88 -41.55
CA MET C 499 -7.34 30.13 -42.20
C MET C 499 -6.92 28.83 -42.91
N VAL C 500 -6.54 28.95 -44.19
CA VAL C 500 -6.09 27.78 -45.00
C VAL C 500 -4.63 28.01 -45.37
N THR C 501 -3.73 27.28 -44.71
CA THR C 501 -2.29 27.30 -45.00
C THR C 501 -1.92 25.98 -45.66
N MET C 502 -1.07 26.03 -46.68
CA MET C 502 -0.52 24.83 -47.36
C MET C 502 1.01 24.89 -47.36
N GLN C 503 1.63 23.75 -47.10
CA GLN C 503 3.10 23.58 -47.10
C GLN C 503 3.46 23.04 -48.48
N HIS C 504 3.68 23.93 -49.46
CA HIS C 504 3.58 23.57 -50.89
C HIS C 504 4.98 23.52 -51.51
N PHE C 505 5.69 24.64 -51.51
CA PHE C 505 7.06 24.76 -52.07
C PHE C 505 7.09 24.45 -53.58
N CYS C 506 6.04 24.80 -54.35
CA CYS C 506 6.00 24.80 -55.85
C CYS C 506 5.74 26.25 -56.29
N ALA C 507 6.77 26.99 -56.69
CA ALA C 507 6.80 28.48 -56.67
C ALA C 507 5.65 29.02 -57.50
N ASN C 508 5.47 28.52 -58.73
CA ASN C 508 4.55 29.10 -59.72
C ASN C 508 3.11 28.75 -59.34
N GLU C 509 2.90 27.64 -58.61
CA GLU C 509 1.54 27.25 -58.14
C GLU C 509 1.10 28.15 -56.97
N GLU C 510 2.03 28.54 -56.09
CA GLU C 510 1.79 29.42 -54.90
C GLU C 510 1.34 30.80 -55.39
N THR C 511 2.05 31.34 -56.39
CA THR C 511 1.69 32.60 -57.10
C THR C 511 0.21 32.57 -57.51
N THR C 512 -0.24 31.52 -58.21
CA THR C 512 -1.64 31.36 -58.69
C THR C 512 -2.59 31.27 -57.51
N LEU C 513 -2.31 30.36 -56.58
CA LEU C 513 -3.25 30.03 -55.49
C LEU C 513 -3.21 31.12 -54.42
N ALA C 514 -2.09 31.82 -54.26
CA ALA C 514 -1.99 32.95 -53.30
C ALA C 514 -3.07 34.01 -53.63
N THR C 515 -3.40 34.21 -54.91
CA THR C 515 -4.45 35.18 -55.37
C THR C 515 -5.82 34.73 -54.87
N GLU C 516 -6.04 33.41 -54.74
CA GLU C 516 -7.34 32.83 -54.30
C GLU C 516 -7.53 33.05 -52.80
N GLY C 517 -6.45 33.36 -52.07
CA GLY C 517 -6.50 33.55 -50.61
C GLY C 517 -5.94 32.36 -49.84
N ILE C 518 -5.22 31.47 -50.51
CA ILE C 518 -4.53 30.34 -49.84
C ILE C 518 -3.20 30.86 -49.33
N HIS C 519 -2.89 30.60 -48.05
CA HIS C 519 -1.59 30.91 -47.42
C HIS C 519 -0.60 29.77 -47.66
N PHE C 520 0.69 30.09 -47.69
CA PHE C 520 1.78 29.14 -48.02
C PHE C 520 2.91 29.30 -47.01
N TRP C 521 3.51 28.19 -46.61
CA TRP C 521 4.76 28.20 -45.79
C TRP C 521 5.86 28.93 -46.58
N ARG C 522 6.51 29.87 -45.93
CA ARG C 522 7.62 30.68 -46.49
C ARG C 522 8.80 30.50 -45.56
N ASN C 523 9.70 29.61 -45.98
CA ASN C 523 10.80 29.05 -45.16
C ASN C 523 12.05 29.93 -45.31
N MET C 524 12.36 30.69 -44.26
CA MET C 524 13.50 31.61 -44.22
C MET C 524 14.47 31.11 -43.17
N ASN C 525 14.41 29.82 -42.83
CA ASN C 525 15.30 29.22 -41.79
C ASN C 525 16.77 29.41 -42.18
N HIS C 526 17.12 29.18 -43.45
CA HIS C 526 18.55 29.24 -43.86
C HIS C 526 19.11 30.65 -43.60
N SER C 527 18.38 31.71 -43.98
CA SER C 527 18.85 33.12 -43.87
C SER C 527 19.02 33.47 -42.39
N TYR C 528 18.03 33.18 -41.53
CA TYR C 528 18.06 33.59 -40.11
C TYR C 528 19.01 32.69 -39.31
N CYS C 529 19.38 31.53 -39.85
CA CYS C 529 20.46 30.65 -39.30
C CYS C 529 21.83 31.28 -39.57
N GLN C 530 22.06 31.72 -40.81
CA GLN C 530 23.29 32.46 -41.21
C GLN C 530 23.43 33.70 -40.30
N SER C 531 22.42 34.55 -40.23
CA SER C 531 22.42 35.77 -39.36
C SER C 531 22.61 35.40 -37.91
N ALA C 532 21.90 34.40 -37.41
CA ALA C 532 22.00 34.04 -35.98
C ALA C 532 23.45 33.64 -35.65
N MET C 533 24.14 33.03 -36.61
CA MET C 533 25.52 32.50 -36.46
C MET C 533 26.55 33.62 -36.70
N GLY C 534 26.10 34.71 -37.34
CA GLY C 534 26.93 35.89 -37.66
C GLY C 534 27.66 35.74 -38.99
N TRP C 535 27.09 35.02 -39.96
CA TRP C 535 27.68 34.81 -41.30
C TRP C 535 26.82 35.58 -42.33
N LYS C 536 27.47 36.47 -43.08
CA LYS C 536 26.85 37.35 -44.09
C LYS C 536 26.33 36.50 -45.27
N ASP C 537 27.02 35.39 -45.57
CA ASP C 537 26.67 34.53 -46.74
C ASP C 537 25.23 34.01 -46.61
N ASN C 538 24.43 34.13 -47.69
CA ASN C 538 23.03 33.62 -47.80
C ASN C 538 22.23 33.97 -46.54
N SER C 539 22.37 35.23 -46.08
CA SER C 539 21.67 35.82 -44.91
C SER C 539 20.54 36.74 -45.39
N ASP C 540 20.18 36.66 -46.66
CA ASP C 540 19.20 37.60 -47.27
C ASP C 540 17.79 37.34 -46.70
N PHE C 541 17.26 38.27 -45.88
CA PHE C 541 15.93 38.14 -45.20
C PHE C 541 14.77 38.42 -46.17
N SER C 542 15.02 38.84 -47.41
CA SER C 542 14.00 39.55 -48.22
C SER C 542 12.80 38.65 -48.59
N GLY C 543 13.00 37.33 -48.68
CA GLY C 543 11.94 36.34 -49.02
C GLY C 543 10.85 36.26 -47.95
N LEU C 544 11.07 36.80 -46.76
CA LEU C 544 10.02 36.87 -45.70
C LEU C 544 8.84 37.74 -46.13
N TYR C 545 9.06 38.74 -46.98
CA TYR C 545 8.04 39.75 -47.38
C TYR C 545 7.81 39.62 -48.87
N ASP C 546 6.69 39.03 -49.23
CA ASP C 546 6.20 38.97 -50.63
C ASP C 546 5.56 40.32 -50.96
N THR C 547 6.12 41.06 -51.93
CA THR C 547 5.65 42.43 -52.29
C THR C 547 4.26 42.35 -52.93
N THR C 548 3.94 41.25 -53.65
CA THR C 548 2.64 41.05 -54.34
C THR C 548 1.50 40.88 -53.32
N ARG C 549 1.62 39.90 -52.42
CA ARG C 549 0.58 39.56 -51.40
C ARG C 549 1.25 39.15 -50.11
N PRO C 550 1.69 40.12 -49.28
CA PRO C 550 2.51 39.81 -48.11
C PRO C 550 1.71 38.97 -47.10
N ASN C 551 0.39 39.09 -47.11
CA ASN C 551 -0.50 38.46 -46.11
C ASN C 551 -0.68 36.97 -46.43
N GLN C 552 -0.30 36.50 -47.63
CA GLN C 552 -0.50 35.10 -48.06
C GLN C 552 0.74 34.23 -47.79
N PHE C 553 1.80 34.77 -47.20
CA PHE C 553 3.04 33.99 -46.94
C PHE C 553 3.34 33.95 -45.44
N VAL C 554 3.20 32.75 -44.88
CA VAL C 554 3.48 32.46 -43.45
C VAL C 554 4.99 32.25 -43.34
N GLY C 555 5.71 33.32 -43.00
CA GLY C 555 7.17 33.31 -42.89
C GLY C 555 7.58 32.71 -41.57
N TYR C 556 8.69 31.98 -41.56
CA TYR C 556 9.27 31.42 -40.32
C TYR C 556 10.80 31.35 -40.42
N MET C 557 11.45 31.59 -39.28
CA MET C 557 12.88 31.37 -39.05
C MET C 557 13.09 29.91 -38.66
N GLU C 558 12.08 29.29 -38.01
CA GLU C 558 12.10 27.86 -37.55
C GLU C 558 10.75 27.17 -37.77
N SER C 559 10.80 25.89 -38.15
CA SER C 559 9.65 24.93 -38.16
C SER C 559 10.14 23.60 -37.56
N HIS C 560 9.22 22.66 -37.31
CA HIS C 560 9.56 21.31 -36.77
C HIS C 560 10.52 20.59 -37.74
N ASP C 561 10.50 20.96 -39.03
CA ASP C 561 11.32 20.29 -40.05
C ASP C 561 12.76 20.83 -40.10
N GLU C 562 13.10 21.89 -39.36
CA GLU C 562 14.39 22.61 -39.54
C GLU C 562 15.24 22.60 -38.27
N GLU C 563 16.56 22.72 -38.46
CA GLU C 563 17.55 22.94 -37.39
C GLU C 563 17.20 24.23 -36.63
N ARG C 564 17.49 24.25 -35.32
CA ARG C 564 17.36 25.42 -34.44
C ARG C 564 18.48 26.44 -34.71
N CYS C 565 18.09 27.71 -34.92
CA CYS C 565 19.01 28.86 -35.09
C CYS C 565 19.99 28.89 -33.90
N ALA C 566 19.50 28.71 -32.67
CA ALA C 566 20.34 28.76 -31.44
C ALA C 566 21.32 27.57 -31.36
N TYR C 567 21.00 26.41 -31.91
CA TYR C 567 21.94 25.26 -31.94
C TYR C 567 23.04 25.56 -32.96
N LYS C 568 22.67 26.14 -34.10
CA LYS C 568 23.64 26.42 -35.19
C LYS C 568 24.70 27.41 -34.69
N GLN C 569 24.32 28.31 -33.78
CA GLN C 569 25.26 29.21 -33.06
C GLN C 569 26.34 28.36 -32.36
N ILE C 570 25.93 27.35 -31.59
CA ILE C 570 26.88 26.52 -30.78
C ILE C 570 27.81 25.77 -31.74
N GLU C 571 27.26 25.12 -32.77
CA GLU C 571 28.02 24.21 -33.66
C GLU C 571 28.99 25.01 -34.55
N TYR C 572 28.52 26.08 -35.24
CA TYR C 572 29.31 26.73 -36.33
C TYR C 572 29.25 28.26 -36.25
N GLY C 573 29.01 28.84 -35.07
CA GLY C 573 28.91 30.29 -34.85
C GLY C 573 30.22 31.03 -35.02
N ASN C 574 30.15 32.22 -35.64
CA ASN C 574 31.27 33.19 -35.80
C ASN C 574 31.72 33.71 -34.44
N GLY C 575 32.90 33.29 -33.97
CA GLY C 575 33.56 33.80 -32.75
C GLY C 575 32.73 33.53 -31.51
N ALA C 576 32.45 34.58 -30.73
CA ALA C 576 31.80 34.50 -29.39
C ALA C 576 30.34 34.03 -29.50
N LEU C 577 29.77 33.94 -30.71
CA LEU C 577 28.38 33.47 -30.92
C LEU C 577 28.34 31.95 -30.72
N LYS C 578 29.51 31.30 -30.57
CA LYS C 578 29.67 29.86 -30.25
C LYS C 578 29.45 29.63 -28.76
N THR C 579 30.01 30.51 -27.92
CA THR C 579 30.29 30.23 -26.49
C THR C 579 29.65 31.30 -25.57
N ASN C 580 29.24 32.47 -26.08
CA ASN C 580 28.73 33.59 -25.22
C ASN C 580 27.21 33.64 -25.30
N LEU C 581 26.53 33.19 -24.25
CA LEU C 581 25.05 33.08 -24.26
C LEU C 581 24.46 34.48 -24.40
N SER C 582 24.93 35.41 -23.57
CA SER C 582 24.51 36.84 -23.58
C SER C 582 24.51 37.34 -25.03
N GLU C 583 25.61 37.12 -25.76
CA GLU C 583 25.75 37.64 -27.15
C GLU C 583 24.85 36.83 -28.09
N ARG C 584 24.68 35.54 -27.82
CA ARG C 584 23.81 34.66 -28.65
C ARG C 584 22.37 35.17 -28.59
N LEU C 585 21.89 35.52 -27.40
CA LEU C 585 20.49 35.97 -27.18
C LEU C 585 20.25 37.33 -27.83
N LYS C 586 21.21 38.26 -27.72
CA LYS C 586 21.18 39.55 -28.47
C LYS C 586 21.03 39.27 -29.96
N GLN C 587 21.88 38.42 -30.54
CA GLN C 587 21.83 38.12 -32.00
C GLN C 587 20.44 37.57 -32.35
N LEU C 588 19.91 36.65 -31.54
CA LEU C 588 18.55 36.08 -31.78
C LEU C 588 17.52 37.21 -31.62
N SER C 589 17.68 38.09 -30.64
CA SER C 589 16.81 39.28 -30.44
C SER C 589 16.75 40.10 -31.72
N SER C 590 17.89 40.26 -32.39
CA SER C 590 18.00 41.11 -33.60
C SER C 590 17.30 40.41 -34.78
N ASN C 591 17.44 39.08 -34.89
CA ASN C 591 16.67 38.27 -35.86
C ASN C 591 15.18 38.52 -35.68
N ALA C 592 14.72 38.47 -34.43
CA ALA C 592 13.29 38.67 -34.07
C ALA C 592 12.79 40.06 -34.53
N ALA C 593 13.62 41.08 -34.32
CA ALA C 593 13.35 42.49 -34.66
C ALA C 593 13.24 42.64 -36.18
N PHE C 594 13.82 41.69 -36.93
CA PHE C 594 13.72 41.67 -38.41
C PHE C 594 12.72 40.60 -38.86
N PHE C 595 11.77 40.23 -38.00
CA PHE C 595 10.83 39.10 -38.27
C PHE C 595 9.40 39.53 -37.95
N PHE C 596 9.12 39.81 -36.66
CA PHE C 596 7.78 40.15 -36.12
C PHE C 596 7.35 41.57 -36.51
N THR C 597 8.32 42.37 -36.97
CA THR C 597 8.15 43.78 -37.42
C THR C 597 7.77 43.82 -38.90
N VAL C 598 7.71 42.65 -39.56
CA VAL C 598 7.42 42.51 -41.01
C VAL C 598 5.96 42.14 -41.22
N PRO C 599 5.24 42.80 -42.16
CA PRO C 599 3.87 42.43 -42.49
C PRO C 599 3.71 40.98 -42.96
N GLY C 600 2.48 40.48 -42.93
CA GLY C 600 2.16 39.08 -43.27
C GLY C 600 2.17 38.20 -42.03
N PRO C 601 1.48 37.03 -42.08
CA PRO C 601 1.50 36.08 -40.97
C PRO C 601 2.93 35.55 -40.76
N LYS C 602 3.19 35.19 -39.50
CA LYS C 602 4.48 34.66 -39.01
C LYS C 602 4.21 33.40 -38.17
N MET C 603 5.10 32.41 -38.25
CA MET C 603 5.11 31.23 -37.37
C MET C 603 6.41 31.16 -36.57
N LEU C 604 6.33 30.83 -35.28
CA LEU C 604 7.49 30.35 -34.50
C LEU C 604 7.23 28.89 -34.08
N TRP C 605 8.30 28.11 -34.05
CA TRP C 605 8.34 26.69 -33.62
C TRP C 605 8.61 26.71 -32.11
N GLN C 606 7.86 25.92 -31.34
CA GLN C 606 7.89 25.93 -29.86
C GLN C 606 9.32 26.13 -29.38
N PHE C 607 9.48 27.07 -28.44
CA PHE C 607 10.68 27.32 -27.61
C PHE C 607 11.73 28.16 -28.38
N GLY C 608 11.46 28.55 -29.62
CA GLY C 608 12.30 29.51 -30.34
C GLY C 608 12.50 30.77 -29.52
N GLU C 609 11.46 31.22 -28.83
CA GLU C 609 11.39 32.46 -28.04
C GLU C 609 12.39 32.41 -26.88
N MET C 610 12.79 31.22 -26.42
CA MET C 610 13.71 31.07 -25.27
C MET C 610 15.03 30.47 -25.79
N GLY C 611 15.28 30.59 -27.09
CA GLY C 611 16.57 30.24 -27.72
C GLY C 611 16.89 28.76 -27.60
N TYR C 612 15.86 27.91 -27.70
CA TYR C 612 15.97 26.42 -27.65
C TYR C 612 17.09 25.99 -28.60
N ASP C 613 18.05 25.21 -28.10
CA ASP C 613 19.37 25.01 -28.76
C ASP C 613 19.76 23.54 -28.80
N ILE C 614 18.78 22.63 -28.70
CA ILE C 614 18.99 21.18 -28.99
C ILE C 614 18.89 20.96 -30.50
N SER C 615 19.84 20.22 -31.09
CA SER C 615 19.81 19.85 -32.52
C SER C 615 18.56 19.02 -32.83
N ILE C 616 18.00 19.21 -34.02
CA ILE C 616 16.87 18.40 -34.55
C ILE C 616 17.29 16.93 -34.55
N ASP C 617 18.59 16.68 -34.69
CA ASP C 617 19.13 15.30 -34.83
C ASP C 617 19.34 14.69 -33.45
N GLU C 618 19.23 15.44 -32.36
CA GLU C 618 19.40 14.83 -31.02
C GLU C 618 18.27 13.80 -30.84
N ASN C 619 18.67 12.56 -30.51
CA ASN C 619 17.74 11.43 -30.23
C ASN C 619 17.02 11.04 -31.53
N GLY C 620 17.60 11.34 -32.70
CA GLY C 620 16.99 11.16 -34.03
C GLY C 620 16.07 12.33 -34.41
N ARG C 621 15.96 12.61 -35.71
CA ARG C 621 15.14 13.73 -36.24
C ARG C 621 13.79 13.79 -35.52
N THR C 622 13.01 12.70 -35.53
CA THR C 622 11.59 12.68 -35.08
C THR C 622 11.52 12.21 -33.63
N GLY C 623 12.67 11.90 -33.02
CA GLY C 623 12.81 11.47 -31.62
C GLY C 623 12.32 12.51 -30.62
N LYS C 624 11.80 12.05 -29.49
CA LYS C 624 11.46 12.88 -28.31
C LYS C 624 12.65 13.79 -27.99
N LYS C 625 12.36 15.08 -27.83
CA LYS C 625 13.36 16.15 -27.59
C LYS C 625 13.26 16.50 -26.12
N PRO C 626 14.35 16.97 -25.49
CA PRO C 626 14.30 17.42 -24.10
C PRO C 626 13.28 18.55 -23.90
N VAL C 627 12.57 18.49 -22.79
CA VAL C 627 11.62 19.54 -22.35
C VAL C 627 12.35 20.45 -21.38
N LEU C 628 12.63 21.69 -21.79
CA LEU C 628 13.56 22.59 -21.05
C LEU C 628 12.85 23.91 -20.71
N TRP C 629 11.82 23.86 -19.85
CA TRP C 629 11.07 25.06 -19.40
C TRP C 629 11.93 25.96 -18.50
N GLU C 630 13.03 25.44 -17.95
CA GLU C 630 14.04 26.24 -17.19
C GLU C 630 14.53 27.38 -18.09
N TYR C 631 14.65 27.14 -19.40
CA TYR C 631 15.09 28.14 -20.41
C TYR C 631 14.17 29.36 -20.38
N GLN C 632 12.93 29.20 -19.94
CA GLN C 632 11.99 30.35 -19.84
C GLN C 632 12.57 31.46 -18.94
N THR C 633 13.29 31.09 -17.88
CA THR C 633 13.87 32.07 -16.92
C THR C 633 15.33 32.33 -17.33
N GLU C 634 16.11 31.30 -17.64
CA GLU C 634 17.55 31.42 -18.01
C GLU C 634 17.68 32.26 -19.30
N ARG C 635 16.69 32.28 -20.18
CA ARG C 635 16.69 33.15 -21.39
C ARG C 635 15.49 34.09 -21.38
N LYS C 636 15.05 34.51 -20.19
CA LYS C 636 13.90 35.43 -19.98
C LYS C 636 14.04 36.72 -20.80
N SER C 637 15.26 37.19 -21.05
CA SER C 637 15.52 38.43 -21.83
C SER C 637 15.11 38.25 -23.30
N LEU C 638 15.37 37.10 -23.93
CA LEU C 638 14.89 36.85 -25.33
C LEU C 638 13.36 36.71 -25.34
N VAL C 639 12.81 35.97 -24.36
CA VAL C 639 11.34 35.74 -24.23
C VAL C 639 10.67 37.13 -24.22
N ASP C 640 11.19 38.01 -23.37
CA ASP C 640 10.69 39.41 -23.20
C ASP C 640 10.72 40.13 -24.55
N ILE C 641 11.79 40.00 -25.34
CA ILE C 641 11.87 40.67 -26.68
C ILE C 641 10.74 40.10 -27.55
N TYR C 642 10.66 38.77 -27.67
CA TYR C 642 9.60 38.06 -28.44
C TYR C 642 8.23 38.58 -27.97
N THR C 643 7.99 38.64 -26.65
CA THR C 643 6.68 39.12 -26.11
C THR C 643 6.36 40.53 -26.64
N LYS C 644 7.30 41.46 -26.51
CA LYS C 644 7.06 42.88 -26.83
C LYS C 644 6.92 43.04 -28.34
N LEU C 645 7.68 42.30 -29.13
CA LEU C 645 7.60 42.44 -30.61
C LEU C 645 6.25 41.88 -31.08
N ILE C 646 5.87 40.71 -30.56
CA ILE C 646 4.60 40.06 -30.97
C ILE C 646 3.47 40.96 -30.50
N THR C 647 3.51 41.40 -29.23
CA THR C 647 2.44 42.24 -28.64
C THR C 647 2.33 43.56 -29.40
N LEU C 648 3.46 44.11 -29.88
CA LEU C 648 3.44 45.36 -30.69
C LEU C 648 2.45 45.21 -31.85
N ARG C 649 2.34 44.01 -32.44
CA ARG C 649 1.44 43.71 -33.59
C ARG C 649 -0.05 43.76 -33.22
N THR C 650 -0.40 43.63 -31.93
CA THR C 650 -1.78 43.77 -31.40
C THR C 650 -2.00 45.26 -31.04
N THR C 651 -1.21 45.77 -30.10
CA THR C 651 -1.23 47.17 -29.61
C THR C 651 -1.25 48.13 -30.80
N HIS C 652 -0.55 47.86 -31.91
CA HIS C 652 -0.50 48.81 -33.05
C HIS C 652 -0.73 48.06 -34.36
N SER C 653 -1.78 47.23 -34.46
CA SER C 653 -2.02 46.39 -35.65
C SER C 653 -2.09 47.25 -36.91
N ASP C 654 -2.60 48.49 -36.81
CA ASP C 654 -2.83 49.39 -37.98
C ASP C 654 -1.49 49.66 -38.70
N LEU C 655 -0.39 49.63 -37.95
CA LEU C 655 1.00 49.74 -38.47
C LEU C 655 1.25 48.63 -39.51
N PHE C 656 0.73 47.42 -39.27
CA PHE C 656 1.15 46.17 -39.95
C PHE C 656 0.20 45.77 -41.06
N ASN C 657 -0.87 46.52 -41.28
CA ASN C 657 -1.70 46.38 -42.50
C ASN C 657 -0.78 46.24 -43.72
N ALA C 658 -1.16 45.39 -44.69
CA ALA C 658 -0.43 45.20 -45.97
C ALA C 658 -0.56 46.45 -46.83
N SER C 659 -1.50 47.34 -46.51
CA SER C 659 -1.65 48.71 -47.09
C SER C 659 -0.56 49.65 -46.53
N SER C 660 0.25 49.22 -45.56
CA SER C 660 1.41 50.02 -45.07
C SER C 660 2.58 49.91 -46.06
N GLN C 661 3.35 50.98 -46.21
CA GLN C 661 4.62 50.99 -47.00
C GLN C 661 5.72 50.34 -46.14
N PHE C 662 6.33 49.30 -46.68
CA PHE C 662 7.37 48.51 -45.99
C PHE C 662 8.61 48.50 -46.87
N THR C 663 9.76 48.88 -46.31
CA THR C 663 11.05 48.88 -47.03
C THR C 663 12.15 48.46 -46.06
N TRP C 664 13.13 47.73 -46.55
CA TRP C 664 14.23 47.29 -45.69
C TRP C 664 15.45 46.96 -46.53
N LYS C 665 16.61 46.97 -45.89
CA LYS C 665 17.94 46.72 -46.51
C LYS C 665 18.50 45.51 -45.77
N VAL C 666 18.36 44.32 -46.35
CA VAL C 666 18.63 43.03 -45.65
C VAL C 666 19.27 42.05 -46.63
N SER C 667 19.96 42.59 -47.65
CA SER C 667 20.74 41.83 -48.67
C SER C 667 22.10 41.44 -48.08
N TYR C 668 22.86 40.65 -48.85
CA TYR C 668 24.30 40.34 -48.63
C TYR C 668 25.09 41.64 -48.40
N ASN C 669 24.79 42.67 -49.20
CA ASN C 669 25.49 44.00 -49.22
C ASN C 669 25.18 44.79 -47.94
N ASP C 670 24.01 44.57 -47.33
CA ASP C 670 23.58 45.24 -46.09
C ASP C 670 24.03 44.39 -44.89
N TRP C 671 25.22 44.67 -44.35
CA TRP C 671 25.82 43.86 -43.25
C TRP C 671 26.81 44.68 -42.43
N ASP C 672 27.89 45.18 -43.04
CA ASP C 672 29.01 45.83 -42.29
C ASP C 672 28.49 47.12 -41.65
N ASN C 673 27.51 47.80 -42.27
CA ASN C 673 26.90 49.06 -41.75
C ASN C 673 25.51 48.82 -41.11
N GLY C 674 25.08 47.56 -41.01
CA GLY C 674 23.87 47.16 -40.29
C GLY C 674 22.72 46.94 -41.26
N ARG C 675 21.54 46.57 -40.75
CA ARG C 675 20.33 46.44 -41.58
C ARG C 675 19.26 47.33 -40.97
N THR C 676 18.36 47.79 -41.84
CA THR C 676 17.25 48.70 -41.49
C THR C 676 15.98 48.20 -42.18
N LEU C 677 14.86 48.44 -41.50
CA LEU C 677 13.51 48.40 -42.08
C LEU C 677 12.77 49.62 -41.56
N THR C 678 11.85 50.06 -42.40
CA THR C 678 10.91 51.14 -42.10
C THR C 678 9.52 50.66 -42.47
N LEU C 679 8.59 50.88 -41.58
CA LEU C 679 7.17 50.52 -41.80
C LEU C 679 6.34 51.77 -41.49
N LYS C 680 5.60 52.24 -42.49
CA LYS C 680 4.92 53.56 -42.48
C LYS C 680 3.44 53.30 -42.73
N ALA C 681 2.59 53.55 -41.74
CA ALA C 681 1.13 53.34 -41.85
C ALA C 681 0.54 54.50 -42.67
N VAL C 682 -0.51 54.21 -43.45
CA VAL C 682 -1.36 55.22 -44.17
C VAL C 682 -1.73 56.37 -43.21
N ASN C 683 -1.87 56.09 -41.91
CA ASN C 683 -2.36 57.04 -40.89
C ASN C 683 -1.17 57.77 -40.26
N GLY C 684 0.01 57.66 -40.85
CA GLY C 684 1.20 58.44 -40.46
C GLY C 684 2.15 57.70 -39.53
N LYS C 685 1.69 56.73 -38.75
CA LYS C 685 2.53 56.04 -37.73
C LYS C 685 3.69 55.33 -38.43
N GLN C 686 4.88 55.41 -37.85
CA GLN C 686 6.15 54.93 -38.44
C GLN C 686 6.89 54.07 -37.42
N LEU C 687 7.50 53.00 -37.92
CA LEU C 687 8.37 52.08 -37.14
C LEU C 687 9.67 51.95 -37.93
N HIS C 688 10.79 52.14 -37.23
CA HIS C 688 12.15 52.06 -37.80
C HIS C 688 12.92 51.08 -36.93
N VAL C 689 13.60 50.11 -37.54
CA VAL C 689 14.50 49.23 -36.76
C VAL C 689 15.85 49.26 -37.43
N TYR C 690 16.90 49.26 -36.61
CA TYR C 690 18.30 49.11 -37.03
C TYR C 690 18.90 47.97 -36.22
N ALA C 691 19.54 47.03 -36.93
CA ALA C 691 20.18 45.87 -36.30
C ALA C 691 21.63 45.84 -36.75
N ASN C 692 22.51 45.47 -35.81
CA ASN C 692 23.94 45.22 -36.03
C ASN C 692 24.19 43.73 -35.83
N PHE C 693 24.31 42.99 -36.93
CA PHE C 693 24.53 41.51 -36.95
C PHE C 693 26.04 41.18 -36.82
N THR C 694 26.94 42.18 -36.77
CA THR C 694 28.42 42.02 -36.77
C THR C 694 28.91 41.94 -35.32
N ASN C 695 30.20 41.67 -35.11
CA ASN C 695 30.76 41.50 -33.75
C ASN C 695 31.54 42.75 -33.31
N ALA C 696 31.31 43.91 -33.94
CA ALA C 696 31.84 45.22 -33.48
C ALA C 696 30.76 46.30 -33.63
N SER C 697 30.76 47.25 -32.68
CA SER C 697 29.95 48.50 -32.66
C SER C 697 29.91 49.16 -34.05
N ILE C 698 28.73 49.55 -34.49
CA ILE C 698 28.52 50.43 -35.68
C ILE C 698 27.78 51.66 -35.19
N ASP C 699 28.27 52.84 -35.59
CA ASP C 699 27.56 54.11 -35.36
C ASP C 699 26.46 54.18 -36.43
N TYR C 700 25.29 54.68 -36.00
CA TYR C 700 24.09 54.80 -36.84
C TYR C 700 23.46 56.16 -36.56
N THR C 701 22.84 56.71 -37.60
CA THR C 701 22.31 58.08 -37.65
C THR C 701 20.77 57.95 -37.72
N ILE C 702 20.09 58.08 -36.57
CA ILE C 702 18.59 58.06 -36.44
C ILE C 702 18.01 59.02 -37.49
N PRO C 703 16.99 58.61 -38.28
CA PRO C 703 16.40 59.51 -39.27
C PRO C 703 15.76 60.79 -38.69
N GLU C 704 15.34 61.69 -39.58
CA GLU C 704 14.65 62.98 -39.28
C GLU C 704 13.37 62.66 -38.51
N GLY C 705 13.02 63.47 -37.51
CA GLY C 705 11.75 63.40 -36.78
C GLY C 705 11.96 63.22 -35.28
N THR C 706 10.87 63.07 -34.53
CA THR C 706 10.87 62.75 -33.08
C THR C 706 10.55 61.27 -32.89
N TRP C 707 11.48 60.54 -32.26
CA TRP C 707 11.40 59.06 -32.08
C TRP C 707 11.40 58.72 -30.59
N TYR C 708 10.90 57.53 -30.27
CA TYR C 708 10.91 56.92 -28.91
C TYR C 708 11.45 55.49 -29.01
N LEU C 709 12.21 55.06 -27.99
CA LEU C 709 12.61 53.65 -27.79
C LEU C 709 11.43 52.91 -27.14
N TYR C 710 10.49 52.47 -27.99
CA TYR C 710 9.17 51.91 -27.63
C TYR C 710 9.29 50.69 -26.70
N LEU C 711 10.32 49.85 -26.89
CA LEU C 711 10.50 48.59 -26.10
C LEU C 711 11.07 48.92 -24.71
N GLU C 712 11.82 50.02 -24.56
CA GLU C 712 12.55 50.38 -23.32
C GLU C 712 11.61 51.10 -22.34
N ASN C 713 10.69 51.93 -22.84
CA ASN C 713 9.61 52.56 -22.04
C ASN C 713 9.24 53.92 -22.64
N GLY C 714 8.76 53.95 -23.90
CA GLY C 714 8.35 55.17 -24.60
C GLY C 714 9.35 56.31 -24.38
N ASN C 715 10.64 55.99 -24.40
CA ASN C 715 11.77 56.91 -24.04
C ASN C 715 12.10 57.83 -25.22
N PRO C 716 11.79 59.15 -25.14
CA PRO C 716 11.94 60.05 -26.30
C PRO C 716 13.39 60.29 -26.76
N VAL C 717 13.57 60.76 -28.00
CA VAL C 717 14.89 61.13 -28.62
C VAL C 717 14.63 62.29 -29.60
N GLU C 720 17.36 63.44 -35.64
CA GLU C 720 18.60 63.34 -36.46
C GLU C 720 19.83 63.52 -35.55
N LYS C 721 20.11 62.52 -34.69
CA LYS C 721 21.38 62.38 -33.91
C LYS C 721 22.05 61.04 -34.28
N LYS C 722 23.24 60.76 -33.73
CA LYS C 722 24.07 59.56 -34.08
C LYS C 722 24.31 58.75 -32.79
N ILE C 723 23.96 57.46 -32.83
CA ILE C 723 24.06 56.52 -31.67
C ILE C 723 25.10 55.45 -32.04
N SER C 724 25.71 54.84 -31.02
CA SER C 724 26.65 53.70 -31.19
C SER C 724 25.95 52.40 -30.75
N VAL C 725 25.61 51.55 -31.73
CA VAL C 725 24.85 50.26 -31.60
C VAL C 725 25.85 49.12 -31.41
N PRO C 726 25.92 48.49 -30.21
CA PRO C 726 26.84 47.36 -30.01
C PRO C 726 26.66 46.16 -30.96
N ALA C 727 27.71 45.33 -31.04
CA ALA C 727 27.70 44.02 -31.71
C ALA C 727 26.43 43.27 -31.32
N HIS C 728 25.66 42.77 -32.30
CA HIS C 728 24.57 41.79 -32.06
C HIS C 728 23.31 42.50 -31.56
N GLU C 729 23.30 43.83 -31.50
CA GLU C 729 22.16 44.57 -30.90
C GLU C 729 21.32 45.20 -32.00
N PHE C 730 20.13 45.64 -31.62
CA PHE C 730 19.16 46.32 -32.50
C PHE C 730 18.54 47.49 -31.73
N ARG C 731 18.00 48.43 -32.50
CA ARG C 731 17.28 49.60 -31.97
C ARG C 731 15.95 49.72 -32.71
N LEU C 732 14.87 49.78 -31.93
CA LEU C 732 13.50 49.90 -32.45
C LEU C 732 12.98 51.28 -32.03
N TYR C 733 12.62 52.06 -33.04
CA TYR C 733 12.11 53.45 -32.93
C TYR C 733 10.72 53.51 -33.53
N THR C 734 9.78 54.03 -32.74
CA THR C 734 8.40 54.43 -33.16
C THR C 734 8.32 55.95 -33.06
N ASN C 735 7.46 56.56 -33.88
CA ASN C 735 7.14 58.01 -33.77
C ASN C 735 5.91 58.21 -32.87
N PHE C 736 5.73 57.39 -31.83
CA PHE C 736 4.57 57.47 -30.92
C PHE C 736 4.90 56.91 -29.52
N ALA C 737 4.10 57.36 -28.53
CA ALA C 737 3.93 56.82 -27.15
C ALA C 737 5.07 55.88 -26.77
N VAL D 25 51.52 42.58 -1.84
CA VAL D 25 51.65 41.08 -1.78
C VAL D 25 50.30 40.47 -2.17
N LEU D 26 50.23 39.83 -3.35
CA LEU D 26 49.08 39.04 -3.90
C LEU D 26 49.48 37.57 -4.01
N HIS D 27 48.63 36.62 -3.63
CA HIS D 27 48.86 35.18 -3.94
C HIS D 27 48.06 34.77 -5.18
N ASP D 28 48.41 33.62 -5.77
CA ASP D 28 47.75 33.04 -6.96
C ASP D 28 46.26 32.87 -6.71
N GLY D 29 45.44 33.27 -7.68
CA GLY D 29 43.98 33.12 -7.64
C GLY D 29 43.35 34.40 -7.16
N PHE D 30 42.34 34.29 -6.28
CA PHE D 30 41.55 35.44 -5.78
C PHE D 30 42.16 35.99 -4.47
N ASN D 31 42.20 37.33 -4.41
CA ASN D 31 42.64 38.16 -3.28
C ASN D 31 41.52 39.17 -3.02
N PHE D 32 41.23 39.46 -1.75
CA PHE D 32 40.04 40.26 -1.35
C PHE D 32 40.45 41.47 -0.50
N ASP D 33 39.85 42.62 -0.80
CA ASP D 33 39.92 43.86 0.01
C ASP D 33 38.50 44.40 0.13
N PRO D 34 37.87 44.34 1.33
CA PRO D 34 38.53 43.91 2.56
C PRO D 34 38.79 42.40 2.67
N ALA D 35 39.89 42.04 3.34
CA ALA D 35 40.36 40.65 3.60
C ALA D 35 39.18 39.72 3.93
N ILE D 36 38.33 40.12 4.88
CA ILE D 36 37.04 39.45 5.24
C ILE D 36 35.92 40.20 4.52
N PRO D 37 35.39 39.67 3.40
CA PRO D 37 34.29 40.35 2.71
C PRO D 37 33.13 40.66 3.67
N LYS D 38 32.45 41.80 3.44
CA LYS D 38 31.34 42.30 4.27
C LYS D 38 30.15 42.57 3.34
N ALA D 39 29.00 41.98 3.65
CA ALA D 39 27.83 41.97 2.75
C ALA D 39 27.47 43.41 2.33
N ASP D 40 27.58 44.38 3.25
CA ASP D 40 26.99 45.74 3.10
C ASP D 40 28.08 46.79 2.86
N GLU D 41 29.31 46.36 2.53
CA GLU D 41 30.42 47.23 2.08
C GLU D 41 30.86 46.80 0.68
N PRO D 42 31.52 47.69 -0.09
CA PRO D 42 32.09 47.29 -1.38
C PRO D 42 33.19 46.24 -1.19
N LEU D 43 33.49 45.53 -2.27
CA LEU D 43 34.55 44.50 -2.30
C LEU D 43 35.38 44.72 -3.57
N THR D 44 36.70 44.79 -3.40
CA THR D 44 37.66 44.75 -4.53
C THR D 44 38.22 43.32 -4.60
N ILE D 45 37.98 42.67 -5.73
CA ILE D 45 38.50 41.32 -6.06
C ILE D 45 39.66 41.50 -7.04
N THR D 46 40.80 40.91 -6.71
CA THR D 46 42.00 40.87 -7.58
C THR D 46 42.35 39.42 -7.92
N PHE D 47 42.30 39.10 -9.22
CA PHE D 47 42.66 37.76 -9.75
C PHE D 47 44.10 37.78 -10.26
N LYS D 48 44.93 36.88 -9.74
CA LYS D 48 46.33 36.66 -10.19
C LYS D 48 46.44 35.27 -10.82
N ALA D 49 46.69 35.21 -12.13
CA ALA D 49 46.84 33.95 -12.88
C ALA D 49 48.21 33.36 -12.57
N PRO D 50 48.30 32.14 -12.00
CA PRO D 50 49.59 31.47 -11.82
C PRO D 50 50.18 30.89 -13.12
N GLU D 51 51.52 30.77 -13.17
CA GLU D 51 52.28 30.05 -14.24
C GLU D 51 51.61 28.70 -14.46
N GLY D 52 51.32 28.33 -15.71
CA GLY D 52 50.65 27.07 -16.03
C GLY D 52 49.17 27.24 -16.31
N SER D 53 48.47 28.12 -15.57
CA SER D 53 47.01 28.35 -15.73
C SER D 53 46.73 28.97 -17.09
N ASN D 54 45.50 28.85 -17.60
CA ASN D 54 45.16 29.22 -18.99
C ASN D 54 45.14 30.76 -19.16
N PHE D 55 45.15 31.55 -18.09
CA PHE D 55 45.15 33.04 -18.23
C PHE D 55 46.56 33.64 -18.00
N TYR D 56 47.56 32.81 -17.69
CA TYR D 56 48.99 33.21 -17.59
C TYR D 56 49.43 33.87 -18.91
N GLY D 57 49.84 35.15 -18.86
CA GLY D 57 50.25 35.94 -20.03
C GLY D 57 49.10 36.31 -20.95
N TYR D 58 47.85 36.24 -20.47
CA TYR D 58 46.65 36.66 -21.23
C TYR D 58 46.67 38.18 -21.37
N ALA D 59 46.47 38.67 -22.60
CA ALA D 59 46.69 40.10 -22.95
C ALA D 59 45.48 40.96 -22.56
N ASP D 60 44.26 40.43 -22.63
CA ASP D 60 43.04 41.27 -22.56
C ASP D 60 42.46 41.27 -21.14
N ASP D 61 41.38 42.01 -20.97
CA ASP D 61 40.59 42.05 -19.71
C ASP D 61 39.80 40.75 -19.58
N LEU D 62 39.49 40.38 -18.34
CA LEU D 62 38.66 39.22 -17.95
C LEU D 62 37.32 39.73 -17.42
N TYR D 63 36.36 38.80 -17.27
CA TYR D 63 34.96 39.12 -16.87
C TYR D 63 34.59 38.18 -15.72
N LEU D 64 33.71 38.67 -14.85
CA LEU D 64 33.31 37.98 -13.61
C LEU D 64 31.93 37.39 -13.86
N HIS D 65 31.83 36.09 -13.64
CA HIS D 65 30.54 35.38 -13.48
C HIS D 65 30.48 34.96 -12.03
N SER D 66 29.49 35.49 -11.31
CA SER D 66 29.45 35.44 -9.82
C SER D 66 28.02 35.55 -9.30
N GLY D 67 27.84 35.17 -8.05
CA GLY D 67 26.55 35.26 -7.35
C GLY D 67 26.76 34.83 -5.92
N THR D 68 25.74 34.98 -5.08
CA THR D 68 25.85 34.73 -3.62
C THR D 68 25.07 33.47 -3.26
N GLY D 69 25.49 32.80 -2.19
CA GLY D 69 24.78 31.65 -1.60
C GLY D 69 24.88 30.41 -2.46
N ALA D 70 24.27 29.34 -1.94
CA ALA D 70 24.22 27.97 -2.52
C ALA D 70 23.99 28.03 -4.04
N ASN D 71 23.07 28.90 -4.49
CA ASN D 71 22.50 28.84 -5.85
C ASN D 71 22.84 30.09 -6.67
N TRP D 72 23.88 30.85 -6.25
CA TRP D 72 24.49 31.93 -7.08
C TRP D 72 23.45 33.02 -7.36
N THR D 73 22.82 33.55 -6.32
CA THR D 73 21.83 34.65 -6.46
C THR D 73 22.48 35.80 -7.25
N GLY D 74 21.73 36.34 -8.22
CA GLY D 74 22.14 37.54 -8.98
C GLY D 74 23.13 37.19 -10.08
N ALA D 75 23.36 35.91 -10.35
CA ALA D 75 24.32 35.52 -11.41
C ALA D 75 23.80 36.14 -12.69
N PRO D 76 24.68 36.66 -13.58
CA PRO D 76 24.24 37.11 -14.89
C PRO D 76 24.05 35.92 -15.86
N THR D 77 23.55 36.21 -17.06
CA THR D 77 23.64 35.31 -18.24
C THR D 77 25.11 35.15 -18.61
N TRP D 78 25.58 33.91 -18.68
CA TRP D 78 26.93 33.56 -19.17
C TRP D 78 27.33 34.49 -20.31
N GLY D 79 28.45 35.21 -20.15
CA GLY D 79 29.05 36.02 -21.24
C GLY D 79 28.63 37.48 -21.22
N ASP D 80 27.93 37.92 -20.17
CA ASP D 80 27.42 39.31 -20.04
C ASP D 80 28.61 40.24 -19.78
N ASN D 81 28.91 41.09 -20.77
CA ASN D 81 30.18 41.87 -20.90
C ASN D 81 29.95 43.35 -20.56
N GLN D 82 28.82 43.67 -19.93
CA GLN D 82 28.59 44.93 -19.17
C GLN D 82 29.85 45.33 -18.39
N ASN D 83 30.17 46.63 -18.40
CA ASN D 83 31.31 47.30 -17.71
C ASN D 83 31.36 46.84 -16.23
N LYS D 84 30.23 46.63 -15.55
CA LYS D 84 30.22 46.27 -14.10
C LYS D 84 30.74 44.85 -13.87
N TYR D 85 30.96 44.06 -14.93
CA TYR D 85 31.49 42.66 -14.80
C TYR D 85 32.95 42.56 -15.29
N ARG D 86 33.51 43.64 -15.83
CA ARG D 86 34.89 43.61 -16.39
C ARG D 86 35.91 43.67 -15.25
N LEU D 87 36.92 42.80 -15.29
CA LEU D 87 38.14 42.89 -14.45
C LEU D 87 39.24 43.60 -15.25
N LYS D 88 39.59 44.82 -14.85
CA LYS D 88 40.64 45.62 -15.52
C LYS D 88 41.99 44.94 -15.26
N LYS D 89 42.76 44.64 -16.30
CA LYS D 89 44.19 44.23 -16.15
C LYS D 89 44.99 45.39 -15.53
N THR D 90 45.66 45.16 -14.39
CA THR D 90 46.49 46.17 -13.67
C THR D 90 47.99 45.88 -13.90
N LYS D 91 48.46 44.70 -13.53
CA LYS D 91 49.87 44.24 -13.73
C LYS D 91 49.85 43.05 -14.70
N ASP D 92 51.00 42.58 -15.17
CA ASP D 92 51.05 41.27 -15.86
C ASP D 92 50.37 40.26 -14.93
N ASN D 93 49.39 39.52 -15.47
CA ASN D 93 48.70 38.37 -14.82
C ASN D 93 47.95 38.84 -13.58
N VAL D 94 47.49 40.08 -13.56
CA VAL D 94 46.71 40.59 -12.41
C VAL D 94 45.56 41.42 -12.98
N TRP D 95 44.36 41.12 -12.50
CA TRP D 95 43.10 41.77 -12.92
C TRP D 95 42.36 42.13 -11.66
N SER D 96 41.59 43.21 -11.70
CA SER D 96 40.89 43.72 -10.51
C SER D 96 39.51 44.23 -10.92
N ILE D 97 38.54 44.00 -10.07
CA ILE D 97 37.15 44.52 -10.19
C ILE D 97 36.71 44.95 -8.79
N THR D 98 35.83 45.95 -8.74
CA THR D 98 35.25 46.49 -7.49
C THR D 98 33.75 46.30 -7.58
N LEU D 99 33.15 45.74 -6.53
CA LEU D 99 31.66 45.59 -6.42
C LEU D 99 31.13 46.79 -5.64
N SER D 100 30.50 47.75 -6.34
CA SER D 100 30.18 49.10 -5.82
C SER D 100 28.86 49.12 -5.05
N SER D 101 28.72 50.17 -4.22
CA SER D 101 27.77 50.32 -3.10
C SER D 101 28.10 49.25 -2.06
N SER D 102 27.78 47.98 -2.35
CA SER D 102 28.06 46.83 -1.46
C SER D 102 27.91 45.52 -2.25
N ILE D 103 28.43 44.42 -1.69
CA ILE D 103 28.18 43.04 -2.19
C ILE D 103 26.66 42.90 -2.37
N ARG D 104 25.88 43.19 -1.30
CA ARG D 104 24.41 43.02 -1.26
C ARG D 104 23.75 43.81 -2.40
N HIS D 105 24.14 45.08 -2.59
CA HIS D 105 23.62 45.95 -3.68
C HIS D 105 24.04 45.36 -5.04
N PHE D 106 25.29 44.93 -5.16
CA PHE D 106 25.87 44.44 -6.44
C PHE D 106 25.01 43.29 -7.03
N TYR D 107 24.38 42.44 -6.20
CA TYR D 107 23.58 41.25 -6.61
C TYR D 107 22.09 41.38 -6.29
N SER D 108 21.62 42.56 -5.87
CA SER D 108 20.19 42.85 -5.57
C SER D 108 19.65 41.87 -4.52
N VAL D 109 20.32 41.75 -3.38
CA VAL D 109 19.96 40.78 -2.31
C VAL D 109 19.21 41.53 -1.20
N ALA D 110 17.94 41.18 -0.95
CA ALA D 110 17.12 41.78 0.13
C ALA D 110 17.96 41.89 1.40
N PRO D 111 17.81 42.98 2.20
CA PRO D 111 18.64 43.20 3.39
C PRO D 111 18.46 42.13 4.46
N SER D 112 17.33 41.43 4.47
CA SER D 112 16.95 40.35 5.43
C SER D 112 17.61 39.01 5.08
N THR D 113 17.84 38.73 3.78
CA THR D 113 18.48 37.49 3.24
C THR D 113 19.94 37.48 3.65
N PRO D 114 20.39 36.56 4.54
CA PRO D 114 21.81 36.50 4.89
C PRO D 114 22.66 36.30 3.61
N LEU D 115 23.79 37.00 3.53
CA LEU D 115 24.77 36.95 2.42
C LEU D 115 26.10 36.47 2.99
N GLN D 116 26.42 35.19 2.75
CA GLN D 116 27.40 34.43 3.58
C GLN D 116 28.49 33.77 2.71
N THR D 117 28.22 33.63 1.42
CA THR D 117 29.19 33.11 0.42
C THR D 117 29.07 33.98 -0.81
N ILE D 118 30.20 34.19 -1.46
CA ILE D 118 30.26 34.79 -2.82
C ILE D 118 30.93 33.73 -3.70
N ASN D 119 30.36 33.45 -4.87
CA ASN D 119 30.91 32.45 -5.81
C ASN D 119 31.49 33.20 -7.01
N LEU D 120 32.69 32.79 -7.45
CA LEU D 120 33.52 33.57 -8.40
C LEU D 120 34.08 32.66 -9.48
N ILE D 121 33.85 33.06 -10.74
CA ILE D 121 34.48 32.52 -11.96
C ILE D 121 35.00 33.71 -12.75
N VAL D 122 36.20 33.60 -13.31
CA VAL D 122 36.67 34.57 -14.34
C VAL D 122 36.70 33.84 -15.70
N ARG D 123 36.42 34.57 -16.78
CA ARG D 123 36.39 34.04 -18.16
C ARG D 123 36.98 35.12 -19.07
N ASP D 124 37.39 34.75 -20.29
CA ASP D 124 37.54 35.73 -21.40
C ASP D 124 36.16 36.29 -21.77
N ALA D 125 36.15 37.28 -22.66
CA ALA D 125 34.94 38.00 -23.12
C ALA D 125 34.08 37.08 -24.01
N GLU D 126 34.68 36.04 -24.62
CA GLU D 126 34.01 35.09 -25.55
C GLU D 126 33.20 34.05 -24.76
N GLY D 127 33.49 33.89 -23.46
CA GLY D 127 32.87 32.89 -22.57
C GLY D 127 33.37 31.49 -22.87
N SER D 128 34.52 31.39 -23.53
CA SER D 128 35.15 30.13 -24.00
C SER D 128 36.14 29.62 -22.94
N GLN D 129 37.12 30.42 -22.56
CA GLN D 129 38.09 30.06 -21.50
C GLN D 129 37.57 30.59 -20.14
N GLN D 130 37.79 29.85 -19.05
CA GLN D 130 37.27 30.21 -17.71
C GLN D 130 38.02 29.45 -16.62
N THR D 131 37.85 29.90 -15.38
CA THR D 131 38.10 29.12 -14.13
C THR D 131 36.77 28.48 -13.70
N TYR D 132 36.78 27.71 -12.62
CA TYR D 132 35.61 26.88 -12.25
C TYR D 132 35.23 27.14 -10.79
N ASP D 133 34.02 26.68 -10.47
CA ASP D 133 33.28 27.01 -9.24
C ASP D 133 34.27 27.18 -8.09
N TYR D 134 34.26 28.38 -7.53
CA TYR D 134 35.04 28.78 -6.34
C TYR D 134 34.13 29.68 -5.50
N ALA D 135 34.23 29.59 -4.19
CA ALA D 135 33.47 30.48 -3.27
C ALA D 135 34.35 30.84 -2.08
N THR D 136 34.08 31.99 -1.47
CA THR D 136 34.69 32.41 -0.17
C THR D 136 33.58 32.90 0.77
N LEU D 137 33.93 32.96 2.06
CA LEU D 137 33.00 33.38 3.14
C LEU D 137 32.82 34.91 3.06
N VAL D 138 31.60 35.38 3.33
CA VAL D 138 31.23 36.81 3.49
C VAL D 138 30.61 36.96 4.88
N GLU D 139 31.03 37.96 5.66
CA GLU D 139 30.42 38.30 6.98
C GLU D 139 29.19 39.18 6.77
N ASP D 140 28.06 38.85 7.39
CA ASP D 140 26.81 39.66 7.26
C ASP D 140 26.28 40.02 8.65
N SER D 141 26.94 40.93 9.37
CA SER D 141 26.58 41.32 10.77
C SER D 141 25.20 42.00 10.81
N GLN D 142 24.69 42.56 9.70
CA GLN D 142 23.30 43.12 9.61
C GLN D 142 22.25 41.99 9.79
N ASN D 143 22.61 40.73 9.47
CA ASN D 143 21.69 39.56 9.56
C ASN D 143 22.17 38.53 10.57
N GLY D 144 23.31 38.74 11.25
CA GLY D 144 23.70 37.93 12.42
C GLY D 144 25.01 37.20 12.22
N PHE D 145 25.36 36.81 10.99
CA PHE D 145 26.58 36.04 10.69
C PHE D 145 27.82 36.90 10.94
N ILE D 146 28.44 36.72 12.12
CA ILE D 146 29.80 37.19 12.49
C ILE D 146 30.66 35.93 12.67
N TRP D 147 31.97 36.03 12.40
CA TRP D 147 32.90 34.88 12.37
C TRP D 147 33.34 34.54 13.80
N GLU D 148 33.07 33.31 14.27
CA GLU D 148 33.70 32.71 15.48
C GLU D 148 34.93 31.90 15.03
N GLU D 149 36.02 31.90 15.81
CA GLU D 149 37.22 31.06 15.54
C GLU D 149 36.82 29.62 15.78
N PRO D 150 37.22 28.66 14.91
CA PRO D 150 36.92 27.24 15.11
C PRO D 150 37.70 26.62 16.28
N GLN D 151 37.10 25.64 16.95
CA GLN D 151 37.60 25.01 18.21
C GLN D 151 38.24 23.64 17.88
N LYS D 152 39.49 23.40 18.30
CA LYS D 152 40.10 22.03 18.37
C LYS D 152 39.45 21.30 19.55
N ALA D 153 39.17 19.99 19.43
CA ALA D 153 38.59 19.12 20.49
C ALA D 153 38.76 17.67 20.08
N PRO D 154 39.02 16.74 21.04
CA PRO D 154 39.20 15.34 20.72
C PRO D 154 37.86 14.67 20.40
N LEU D 155 37.88 13.55 19.67
CA LEU D 155 36.66 12.77 19.30
C LEU D 155 36.16 12.06 20.54
N PRO D 156 34.84 12.08 20.84
CA PRO D 156 34.26 11.25 21.91
C PRO D 156 34.16 9.74 21.66
N ILE D 157 34.78 9.20 20.59
CA ILE D 157 34.78 7.76 20.21
C ILE D 157 36.11 7.43 19.51
N SER D 158 36.44 6.14 19.36
CA SER D 158 37.59 5.66 18.54
C SER D 158 37.07 4.91 17.31
N GLU D 160 37.16 1.78 14.77
CA GLU D 160 37.30 0.99 13.52
C GLU D 160 36.73 1.81 12.35
N GLU D 161 35.56 2.45 12.52
CA GLU D 161 34.79 3.20 11.49
C GLU D 161 34.14 4.46 12.11
N LYS D 162 34.97 5.37 12.66
CA LYS D 162 34.54 6.62 13.37
C LYS D 162 33.82 7.59 12.43
N GLU D 163 34.19 7.65 11.15
CA GLU D 163 33.69 8.67 10.16
C GLU D 163 32.25 8.38 9.77
N GLY D 164 31.45 9.43 9.52
CA GLY D 164 30.07 9.34 9.03
C GLY D 164 29.05 9.80 10.06
N ILE D 165 27.88 9.18 10.06
CA ILE D 165 26.65 9.62 10.77
C ILE D 165 26.33 8.63 11.90
N HIS D 166 26.39 9.08 13.16
CA HIS D 166 26.03 8.29 14.39
C HIS D 166 24.72 8.81 15.00
N ILE D 167 23.64 8.02 14.92
CA ILE D 167 22.35 8.32 15.61
C ILE D 167 22.56 8.14 17.12
N HIS D 168 22.56 9.21 17.91
CA HIS D 168 22.66 9.11 19.40
C HIS D 168 21.25 8.90 19.99
N SER D 169 20.23 9.57 19.45
CA SER D 169 18.82 9.50 19.91
C SER D 169 17.90 10.00 18.80
N ALA D 170 16.58 10.05 19.05
CA ALA D 170 15.59 10.47 18.03
C ALA D 170 15.72 11.97 17.75
N THR D 171 16.40 12.73 18.60
CA THR D 171 16.53 14.21 18.48
C THR D 171 18.00 14.61 18.32
N SER D 172 18.92 13.64 18.22
CA SER D 172 20.37 13.90 18.33
C SER D 172 21.20 12.93 17.46
N ILE D 173 22.08 13.48 16.62
CA ILE D 173 23.05 12.72 15.75
C ILE D 173 24.42 13.39 15.89
N MET D 174 25.49 12.60 15.82
CA MET D 174 26.88 13.10 15.70
C MET D 174 27.38 12.96 14.25
N LEU D 175 27.97 14.02 13.71
CA LEU D 175 28.59 14.01 12.36
C LEU D 175 30.11 14.00 12.52
N VAL D 176 30.78 13.12 11.76
CA VAL D 176 32.27 12.97 11.75
C VAL D 176 32.74 12.97 10.29
N LEU D 177 33.52 13.98 9.91
CA LEU D 177 34.04 14.21 8.54
C LEU D 177 35.57 14.17 8.57
N TYR D 178 36.20 13.18 7.94
CA TYR D 178 37.67 13.07 7.79
C TYR D 178 38.17 14.27 6.97
N ASP D 179 39.35 14.79 7.31
CA ASP D 179 39.96 15.94 6.61
C ASP D 179 41.46 15.87 6.84
N LYS D 180 42.17 15.25 5.92
CA LYS D 180 43.65 15.32 5.78
C LYS D 180 44.01 15.06 4.32
N ASP D 181 44.51 16.10 3.64
CA ASP D 181 45.01 16.05 2.24
C ASP D 181 46.32 15.24 2.24
N SER D 182 46.78 14.79 1.08
CA SER D 182 47.96 13.88 0.97
C SER D 182 49.25 14.57 1.43
N GLN D 183 49.24 15.88 1.68
CA GLN D 183 50.43 16.66 2.15
C GLN D 183 50.42 16.85 3.67
N GLY D 184 49.29 16.67 4.34
CA GLY D 184 49.14 16.85 5.80
C GLY D 184 48.26 18.03 6.13
N GLY D 185 47.88 18.83 5.13
CA GLY D 185 46.98 20.00 5.25
C GLY D 185 45.53 19.60 5.55
N HIS D 186 44.75 20.56 6.06
CA HIS D 186 43.31 20.44 6.39
C HIS D 186 42.63 21.79 6.23
N LYS D 187 41.31 21.81 6.31
CA LYS D 187 40.49 23.01 6.05
C LYS D 187 40.66 24.00 7.23
N ASP D 188 40.14 25.21 7.09
CA ASP D 188 40.17 26.25 8.15
C ASP D 188 38.93 26.09 9.05
N CYS D 189 37.76 25.85 8.46
CA CYS D 189 36.51 25.53 9.20
C CYS D 189 35.56 24.63 8.38
N VAL D 190 34.54 24.07 9.03
CA VAL D 190 33.41 23.35 8.39
C VAL D 190 32.11 23.72 9.10
N PHE D 191 31.10 24.14 8.34
CA PHE D 191 29.71 24.35 8.82
C PHE D 191 28.87 23.12 8.46
N VAL D 192 27.95 22.71 9.35
CA VAL D 192 26.81 21.81 9.01
C VAL D 192 25.60 22.68 8.72
N THR D 193 25.13 22.64 7.47
CA THR D 193 23.86 23.27 7.04
CA THR D 193 23.85 23.27 7.07
C THR D 193 22.82 22.15 6.87
N GLY D 194 21.54 22.47 7.03
CA GLY D 194 20.46 21.48 6.91
C GLY D 194 19.09 22.10 7.08
N ASN D 195 18.04 21.26 7.15
CA ASN D 195 16.64 21.70 7.30
C ASN D 195 16.45 22.28 8.71
N PHE D 196 17.31 21.87 9.64
CA PHE D 196 17.34 22.28 11.06
C PHE D 196 17.85 23.72 11.24
N ASN D 197 18.29 24.42 10.17
CA ASN D 197 18.78 25.82 10.28
C ASN D 197 18.48 26.58 8.99
N ASN D 198 17.49 26.14 8.23
CA ASN D 198 17.05 26.83 6.98
C ASN D 198 18.23 26.99 6.01
N TRP D 199 19.23 26.08 6.05
CA TRP D 199 20.33 25.98 5.05
C TRP D 199 21.19 27.25 5.08
N LYS D 200 21.41 27.77 6.29
CA LYS D 200 22.22 28.97 6.55
C LYS D 200 23.54 28.48 7.14
N LEU D 201 24.62 29.22 6.93
CA LEU D 201 25.87 29.08 7.73
C LEU D 201 25.59 29.74 9.08
N ASP D 202 26.12 29.21 10.16
CA ASP D 202 25.67 29.56 11.54
C ASP D 202 26.71 29.02 12.52
N SER D 203 27.26 29.89 13.36
CA SER D 203 28.47 29.61 14.18
C SER D 203 28.14 28.58 15.27
N ARG D 204 26.87 28.46 15.65
CA ARG D 204 26.40 27.38 16.55
C ARG D 204 26.70 26.02 15.89
N TYR D 205 26.63 25.95 14.57
CA TYR D 205 26.70 24.71 13.77
C TYR D 205 28.07 24.55 13.10
N MET D 206 29.14 25.07 13.73
CA MET D 206 30.53 24.83 13.29
C MET D 206 31.05 23.57 13.99
N MET D 207 31.66 22.65 13.23
CA MET D 207 32.28 21.41 13.76
C MET D 207 33.56 21.77 14.52
N LYS D 208 33.96 20.90 15.44
CA LYS D 208 35.24 20.94 16.19
C LYS D 208 36.21 19.97 15.51
N TYR D 209 37.46 20.37 15.30
CA TYR D 209 38.52 19.56 14.65
C TYR D 209 39.39 18.87 15.71
N ASP D 210 39.62 17.56 15.49
CA ASP D 210 40.56 16.69 16.25
C ASP D 210 41.81 16.50 15.39
N GLU D 211 42.95 17.05 15.82
CA GLU D 211 44.27 17.04 15.12
C GLU D 211 44.87 15.61 15.10
N THR D 212 44.44 14.72 16.00
CA THR D 212 44.99 13.34 16.16
C THR D 212 44.33 12.38 15.16
N ASN D 213 43.00 12.35 15.12
CA ASN D 213 42.18 11.45 14.25
C ASN D 213 41.86 12.12 12.90
N HIS D 214 42.24 13.39 12.73
CA HIS D 214 42.07 14.18 11.48
C HIS D 214 40.58 14.20 11.08
N CYS D 215 39.69 14.57 12.01
CA CYS D 215 38.23 14.56 11.81
C CYS D 215 37.59 15.82 12.41
N TRP D 216 36.73 16.48 11.63
CA TRP D 216 35.69 17.43 12.09
C TRP D 216 34.57 16.63 12.75
N TRP D 217 33.99 17.15 13.84
CA TRP D 217 32.85 16.51 14.54
C TRP D 217 31.93 17.57 15.17
N ILE D 218 30.66 17.21 15.34
CA ILE D 218 29.60 18.02 16.02
C ILE D 218 28.45 17.05 16.36
N THR D 219 27.89 17.15 17.57
CA THR D 219 26.63 16.48 17.95
C THR D 219 25.50 17.47 17.67
N LEU D 220 24.65 17.20 16.69
CA LEU D 220 23.39 17.98 16.50
C LEU D 220 22.39 17.49 17.57
N GLU D 221 21.71 18.42 18.24
CA GLU D 221 20.71 18.15 19.31
C GLU D 221 19.42 18.86 18.92
N GLU D 222 18.35 18.70 19.70
CA GLU D 222 17.05 19.39 19.48
C GLU D 222 16.66 19.30 18.00
N LEU D 223 17.00 18.19 17.33
CA LEU D 223 16.45 17.82 16.00
C LEU D 223 15.01 17.32 16.19
N THR D 224 14.11 17.67 15.28
CA THR D 224 12.73 17.14 15.27
C THR D 224 12.77 15.78 14.53
N ALA D 225 12.59 14.68 15.29
CA ALA D 225 12.53 13.27 14.80
C ALA D 225 11.78 13.19 13.46
N GLY D 226 12.15 12.24 12.60
CA GLY D 226 11.77 12.22 11.17
C GLY D 226 13.01 12.27 10.30
N GLU D 227 12.94 12.97 9.15
CA GLU D 227 14.06 13.06 8.16
C GLU D 227 14.84 14.37 8.41
N THR D 228 16.09 14.25 8.87
CA THR D 228 17.09 15.35 8.88
C THR D 228 17.82 15.39 7.52
N GLN D 229 17.81 16.52 6.84
CA GLN D 229 18.58 16.76 5.60
C GLN D 229 19.76 17.69 5.90
N PHE D 230 20.92 17.45 5.29
CA PHE D 230 22.10 18.32 5.51
C PHE D 230 23.15 18.13 4.41
N GLN D 231 23.99 19.16 4.26
CA GLN D 231 25.32 19.09 3.60
C GLN D 231 26.28 19.86 4.49
N TYR D 232 27.58 19.61 4.30
CA TYR D 232 28.70 20.39 4.85
C TYR D 232 29.04 21.56 3.93
N PHE D 233 29.51 22.65 4.53
CA PHE D 233 30.26 23.72 3.84
C PHE D 233 31.65 23.73 4.44
N VAL D 234 32.63 23.19 3.69
CA VAL D 234 34.07 23.17 4.07
C VAL D 234 34.69 24.43 3.48
N TYR D 235 35.68 24.99 4.16
CA TYR D 235 36.33 26.27 3.80
C TYR D 235 37.81 26.21 4.19
N SER D 236 38.70 26.71 3.32
CA SER D 236 40.10 27.06 3.65
C SER D 236 40.50 28.30 2.85
N ALA D 237 41.50 29.03 3.34
CA ALA D 237 42.04 30.25 2.71
C ALA D 237 42.54 29.90 1.29
N SER D 238 43.22 28.77 1.10
CA SER D 238 43.83 28.36 -0.19
C SER D 238 42.76 27.88 -1.18
N ASP D 239 41.91 26.93 -0.79
CA ASP D 239 40.93 26.23 -1.67
C ASP D 239 39.60 27.00 -1.72
N GLY D 240 39.36 27.93 -0.80
CA GLY D 240 38.04 28.56 -0.65
C GLY D 240 37.01 27.60 -0.08
N GLY D 241 35.74 27.84 -0.40
CA GLY D 241 34.58 27.18 0.22
C GLY D 241 33.88 26.23 -0.74
N THR D 242 33.38 25.11 -0.22
CA THR D 242 32.73 24.03 -1.01
C THR D 242 31.59 23.42 -0.19
N TYR D 243 30.40 23.31 -0.79
CA TYR D 243 29.27 22.45 -0.30
C TYR D 243 29.47 21.01 -0.78
N LEU D 244 29.37 20.08 0.16
CA LEU D 244 29.41 18.62 -0.13
C LEU D 244 28.62 17.86 0.94
N CYS D 245 28.00 16.74 0.54
CA CYS D 245 27.22 15.85 1.42
C CYS D 245 28.16 14.89 2.14
N ASP D 246 27.64 14.00 3.00
CA ASP D 246 28.46 13.01 3.75
C ASP D 246 28.65 11.74 2.94
N PRO D 247 29.89 11.27 2.74
CA PRO D 247 30.15 10.10 1.90
C PRO D 247 29.69 8.76 2.51
N TYR D 248 29.39 8.73 3.82
CA TYR D 248 28.91 7.51 4.53
C TYR D 248 27.39 7.52 4.69
N CYS D 249 26.70 8.50 4.10
CA CYS D 249 25.22 8.58 4.18
C CYS D 249 24.59 7.41 3.42
N GLU D 250 23.53 6.83 3.99
CA GLU D 250 22.84 5.65 3.41
C GLU D 250 21.68 6.12 2.56
N GLN D 251 21.46 7.42 2.49
CA GLN D 251 20.32 8.02 1.77
C GLN D 251 20.66 9.46 1.39
N ALA D 252 20.34 9.84 0.15
CA ALA D 252 20.69 11.14 -0.43
C ALA D 252 19.54 11.58 -1.34
N LEU D 253 19.23 12.87 -1.36
CA LEU D 253 18.40 13.47 -2.42
C LEU D 253 19.36 14.07 -3.44
N GLU D 254 18.98 14.04 -4.71
CA GLU D 254 19.87 14.43 -5.83
C GLU D 254 19.16 15.50 -6.63
N LYS D 255 19.77 16.68 -6.74
CA LYS D 255 19.14 17.80 -7.48
C LYS D 255 19.00 17.36 -8.95
N GLY D 256 17.85 17.61 -9.56
CA GLY D 256 17.52 17.22 -10.94
C GLY D 256 16.84 15.87 -10.97
N VAL D 257 16.79 15.14 -9.86
CA VAL D 257 16.06 13.86 -9.76
C VAL D 257 14.93 14.00 -8.73
N ASP D 258 15.27 14.26 -7.47
CA ASP D 258 14.26 14.36 -6.37
C ASP D 258 13.57 15.74 -6.44
N THR D 259 12.26 15.76 -6.73
CA THR D 259 11.42 16.99 -6.79
C THR D 259 11.41 17.69 -5.42
N ASN D 260 11.68 17.01 -4.32
CA ASN D 260 11.73 17.62 -2.96
C ASN D 260 13.15 17.98 -2.53
N PHE D 261 14.11 18.10 -3.47
CA PHE D 261 15.49 18.55 -3.15
C PHE D 261 15.39 19.92 -2.50
N PRO D 262 15.93 20.17 -1.29
CA PRO D 262 15.70 21.46 -0.63
C PRO D 262 16.22 22.66 -1.44
N THR D 263 15.38 23.71 -1.61
CA THR D 263 15.64 24.91 -2.44
C THR D 263 16.85 25.70 -1.90
N GLY D 264 17.19 25.59 -0.61
CA GLY D 264 18.34 26.33 -0.02
C GLY D 264 19.65 25.56 -0.04
N ALA D 265 19.65 24.29 -0.48
CA ALA D 265 20.84 23.42 -0.56
C ALA D 265 21.44 23.53 -1.96
N GLN D 266 22.74 23.31 -2.08
CA GLN D 266 23.40 23.25 -3.40
C GLN D 266 23.41 21.82 -3.95
N ALA D 267 23.10 21.66 -5.24
CA ALA D 267 23.48 20.51 -6.10
C ALA D 267 24.92 20.09 -5.78
N PRO D 268 25.26 18.79 -5.86
CA PRO D 268 24.34 17.74 -6.30
C PRO D 268 23.53 16.98 -5.24
N TYR D 269 24.08 16.80 -4.03
CA TYR D 269 23.58 15.84 -3.02
C TYR D 269 23.31 16.52 -1.67
N VAL D 270 22.20 16.16 -1.02
CA VAL D 270 22.03 16.32 0.46
C VAL D 270 21.88 14.92 1.07
N SER D 271 22.60 14.68 2.17
CA SER D 271 22.50 13.45 2.98
C SER D 271 21.16 13.44 3.75
N VAL D 272 20.52 12.26 3.82
CA VAL D 272 19.25 12.05 4.58
C VAL D 272 19.46 11.01 5.67
N VAL D 273 18.99 11.34 6.87
CA VAL D 273 19.04 10.53 8.12
C VAL D 273 17.64 10.51 8.74
N SER D 274 17.08 9.32 8.94
CA SER D 274 15.91 9.11 9.83
C SER D 274 16.44 8.81 11.23
N THR D 275 16.04 9.62 12.21
CA THR D 275 16.30 9.40 13.65
C THR D 275 15.41 8.25 14.13
N ASN D 276 14.23 8.05 13.53
CA ASN D 276 13.22 7.00 13.90
C ASN D 276 13.01 6.04 12.73
N PRO D 277 13.98 5.15 12.43
CA PRO D 277 13.89 4.25 11.27
C PRO D 277 13.05 2.97 11.52
N GLN D 278 12.09 2.66 10.63
CA GLN D 278 11.25 1.43 10.66
C GLN D 278 12.05 0.27 10.07
N PRO D 279 12.89 -0.44 10.86
CA PRO D 279 13.88 -1.37 10.30
C PRO D 279 13.22 -2.51 9.51
N TYR D 280 13.97 -3.20 8.65
CA TYR D 280 13.44 -4.35 7.85
C TYR D 280 13.61 -5.64 8.67
N GLN D 281 12.55 -6.45 8.71
CA GLN D 281 12.53 -7.79 9.38
C GLN D 281 12.91 -8.85 8.34
N TRP D 282 14.17 -9.31 8.38
CA TRP D 282 14.70 -10.40 7.52
C TRP D 282 14.03 -11.73 7.88
N SER D 283 13.43 -12.41 6.90
CA SER D 283 12.69 -13.71 7.03
C SER D 283 13.51 -14.75 7.81
N PHE D 287 20.83 -18.57 4.53
CA PHE D 287 20.88 -18.73 3.05
C PHE D 287 22.30 -19.05 2.54
N GLU D 288 22.47 -20.16 1.83
CA GLU D 288 23.71 -20.53 1.08
C GLU D 288 23.36 -20.50 -0.41
N MET D 289 24.20 -19.88 -1.24
CA MET D 289 24.10 -19.98 -2.71
C MET D 289 24.13 -21.46 -3.05
N LYS D 290 23.19 -21.94 -3.86
CA LYS D 290 23.21 -23.35 -4.34
C LYS D 290 24.17 -23.42 -5.52
N ASN D 291 24.77 -24.59 -5.76
CA ASN D 291 25.77 -24.78 -6.84
C ASN D 291 26.89 -23.72 -6.68
N LYS D 292 27.40 -23.51 -5.45
CA LYS D 292 28.24 -22.33 -5.05
C LYS D 292 29.58 -22.31 -5.83
N GLU D 293 30.06 -23.46 -6.27
CA GLU D 293 31.39 -23.61 -6.92
C GLU D 293 31.30 -23.30 -8.42
N ASN D 294 30.12 -23.42 -9.03
CA ASN D 294 29.96 -23.29 -10.50
C ASN D 294 28.57 -22.73 -10.84
N PRO D 295 28.14 -21.62 -10.20
CA PRO D 295 26.76 -21.17 -10.37
C PRO D 295 26.47 -20.65 -11.80
N VAL D 296 25.19 -20.70 -12.16
CA VAL D 296 24.62 -19.93 -13.30
C VAL D 296 24.14 -18.59 -12.76
N ILE D 297 24.78 -17.52 -13.23
CA ILE D 297 24.55 -16.10 -12.84
C ILE D 297 23.74 -15.39 -13.93
N TYR D 298 22.67 -14.69 -13.53
CA TYR D 298 21.73 -13.99 -14.42
C TYR D 298 21.99 -12.48 -14.24
N GLU D 299 22.63 -11.85 -15.24
CA GLU D 299 23.00 -10.41 -15.17
C GLU D 299 21.72 -9.61 -15.45
N LEU D 300 21.41 -8.61 -14.63
CA LEU D 300 20.10 -7.92 -14.61
C LEU D 300 20.34 -6.41 -14.44
N LEU D 301 19.82 -5.61 -15.34
CA LEU D 301 19.73 -4.14 -15.18
C LEU D 301 18.30 -3.78 -14.78
N LEU D 302 18.14 -3.25 -13.58
CA LEU D 302 16.78 -3.03 -13.00
C LEU D 302 16.00 -2.06 -13.88
N ARG D 303 16.68 -1.06 -14.42
CA ARG D 303 16.09 -0.02 -15.29
C ARG D 303 15.31 -0.64 -16.47
N ASP D 304 15.82 -1.73 -17.03
CA ASP D 304 15.32 -2.31 -18.33
C ASP D 304 14.78 -3.72 -18.14
N PHE D 305 14.87 -4.30 -16.94
CA PHE D 305 14.40 -5.67 -16.65
C PHE D 305 12.87 -5.75 -16.73
N THR D 306 12.16 -4.71 -16.27
CA THR D 306 10.68 -4.61 -16.30
C THR D 306 10.28 -3.20 -16.71
N SER D 307 9.02 -3.01 -17.10
CA SER D 307 8.43 -1.71 -17.46
C SER D 307 8.46 -0.74 -16.27
N SER D 308 8.41 -1.22 -15.03
CA SER D 308 8.52 -0.36 -13.82
C SER D 308 9.95 0.16 -13.64
N GLY D 309 10.94 -0.52 -14.20
CA GLY D 309 12.36 -0.09 -14.11
C GLY D 309 12.86 -0.06 -12.67
N ASN D 310 12.33 -0.91 -11.80
CA ASN D 310 12.69 -0.82 -10.36
C ASN D 310 12.58 -2.19 -9.66
N LEU D 311 12.87 -2.22 -8.37
CA LEU D 311 12.82 -3.46 -7.55
C LEU D 311 11.41 -4.04 -7.55
N ALA D 312 10.38 -3.20 -7.45
CA ALA D 312 8.98 -3.63 -7.35
C ALA D 312 8.63 -4.43 -8.60
N GLY D 313 8.98 -3.90 -9.76
CA GLY D 313 8.76 -4.60 -11.04
C GLY D 313 9.48 -5.93 -11.02
N ALA D 314 10.74 -5.92 -10.60
CA ALA D 314 11.67 -7.07 -10.65
C ALA D 314 11.16 -8.21 -9.78
N MET D 315 10.74 -7.86 -8.56
CA MET D 315 10.22 -8.83 -7.54
C MET D 315 9.11 -9.69 -8.16
N GLU D 316 8.28 -9.10 -9.03
CA GLU D 316 7.20 -9.84 -9.72
C GLU D 316 7.76 -10.96 -10.59
N LYS D 317 9.01 -10.86 -11.07
CA LYS D 317 9.56 -11.79 -12.09
C LYS D 317 10.45 -12.85 -11.41
N LEU D 318 10.52 -12.89 -10.08
CA LEU D 318 11.39 -13.84 -9.35
C LEU D 318 10.93 -15.29 -9.51
N PRO D 319 9.60 -15.61 -9.47
CA PRO D 319 9.14 -16.96 -9.76
C PRO D 319 9.69 -17.49 -11.10
N TYR D 320 9.63 -16.65 -12.14
CA TYR D 320 10.15 -16.93 -13.50
C TYR D 320 11.65 -17.30 -13.41
N LEU D 321 12.45 -16.46 -12.74
CA LEU D 321 13.92 -16.64 -12.67
C LEU D 321 14.22 -17.91 -11.89
N LYS D 322 13.47 -18.14 -10.80
CA LYS D 322 13.53 -19.40 -9.99
C LYS D 322 13.29 -20.61 -10.90
N GLU D 323 12.23 -20.56 -11.71
CA GLU D 323 11.81 -21.67 -12.60
C GLU D 323 12.86 -21.84 -13.72
N LEU D 324 13.65 -20.82 -14.02
CA LEU D 324 14.75 -20.91 -15.03
C LEU D 324 15.86 -21.80 -14.45
N GLY D 325 16.06 -21.79 -13.13
CA GLY D 325 17.02 -22.66 -12.42
C GLY D 325 18.31 -21.92 -12.11
N ILE D 326 18.33 -20.60 -12.26
CA ILE D 326 19.54 -19.78 -11.99
C ILE D 326 19.89 -19.90 -10.50
N ASP D 327 21.16 -19.69 -10.16
CA ASP D 327 21.72 -19.74 -8.79
C ASP D 327 21.88 -18.32 -8.23
N ALA D 328 22.13 -17.33 -9.10
CA ALA D 328 22.39 -15.95 -8.64
C ALA D 328 21.88 -14.91 -9.65
N ILE D 329 21.40 -13.80 -9.10
CA ILE D 329 21.18 -12.54 -9.87
C ILE D 329 22.37 -11.63 -9.61
N GLU D 330 22.99 -11.15 -10.69
CA GLU D 330 24.04 -10.11 -10.62
C GLU D 330 23.39 -8.79 -11.02
N LEU D 331 23.24 -7.88 -10.06
CA LEU D 331 22.61 -6.57 -10.31
C LEU D 331 23.68 -5.63 -10.85
N MET D 332 23.41 -5.01 -12.00
CA MET D 332 24.23 -3.89 -12.49
C MET D 332 24.16 -2.79 -11.44
N PRO D 333 25.13 -1.85 -11.42
CA PRO D 333 25.40 -1.09 -10.20
C PRO D 333 24.17 -0.35 -9.66
N VAL D 334 23.94 -0.48 -8.37
CA VAL D 334 22.79 0.13 -7.65
C VAL D 334 23.28 1.19 -6.67
N GLN D 335 24.59 1.39 -6.51
CA GLN D 335 25.08 2.49 -5.65
C GLN D 335 24.70 3.83 -6.31
N GLU D 336 24.47 4.88 -5.52
CA GLU D 336 23.93 6.19 -6.04
C GLU D 336 24.75 6.56 -7.28
N PHE D 337 24.08 6.72 -8.42
CA PHE D 337 24.70 7.08 -9.71
C PHE D 337 24.12 8.40 -10.22
N ALA D 338 24.89 9.11 -11.05
CA ALA D 338 24.47 10.41 -11.62
C ALA D 338 23.11 10.23 -12.29
N GLY D 339 22.15 11.06 -11.92
CA GLY D 339 20.78 11.05 -12.45
C GLY D 339 20.04 9.79 -12.05
N ASN D 340 19.09 9.40 -12.91
CA ASN D 340 18.15 8.31 -12.58
C ASN D 340 17.88 7.45 -13.81
N ASP D 341 18.77 7.50 -14.81
CA ASP D 341 18.65 6.76 -16.09
C ASP D 341 20.05 6.36 -16.57
N SER D 342 20.53 5.19 -16.15
CA SER D 342 21.95 4.80 -16.19
C SER D 342 22.06 3.27 -16.12
N TRP D 343 23.13 2.75 -16.72
CA TRP D 343 23.70 1.42 -16.42
C TRP D 343 24.19 1.40 -14.97
N GLY D 344 24.75 2.52 -14.52
CA GLY D 344 25.17 2.72 -13.12
C GLY D 344 26.67 2.86 -12.94
N TYR D 345 27.46 2.84 -14.02
CA TYR D 345 28.95 2.92 -13.97
C TYR D 345 29.41 4.38 -13.84
N ASN D 346 28.89 5.06 -12.82
CA ASN D 346 29.06 6.53 -12.64
C ASN D 346 28.55 6.82 -11.22
N THR D 347 29.26 6.22 -10.27
CA THR D 347 28.88 6.22 -8.84
C THR D 347 29.28 7.54 -8.23
N GLY D 348 28.29 8.23 -7.64
CA GLY D 348 28.46 9.46 -6.84
C GLY D 348 28.65 9.17 -5.36
N LEU D 349 27.95 8.16 -4.81
CA LEU D 349 28.00 7.76 -3.37
C LEU D 349 27.96 6.24 -3.28
N TYR D 350 28.68 5.68 -2.31
CA TYR D 350 28.95 4.23 -2.21
C TYR D 350 28.17 3.57 -1.06
N PHE D 351 27.71 4.33 -0.05
CA PHE D 351 26.95 3.79 1.12
C PHE D 351 25.45 4.07 0.97
N ALA D 352 25.07 4.85 -0.03
CA ALA D 352 23.67 5.15 -0.39
C ALA D 352 23.40 4.49 -1.74
N LEU D 353 22.33 3.68 -1.81
CA LEU D 353 21.85 3.05 -3.07
C LEU D 353 20.92 4.01 -3.78
N ASP D 354 20.74 3.84 -5.09
CA ASP D 354 19.98 4.81 -5.90
C ASP D 354 18.50 4.65 -5.57
N ALA D 355 17.87 5.73 -5.11
CA ALA D 355 16.44 5.78 -4.71
C ALA D 355 15.57 5.53 -5.94
N SER D 356 16.11 5.70 -7.15
CA SER D 356 15.31 5.52 -8.39
C SER D 356 14.82 4.06 -8.47
N TYR D 357 15.54 3.10 -7.89
CA TYR D 357 15.14 1.68 -7.99
C TYR D 357 14.30 1.28 -6.76
N GLY D 358 14.50 1.98 -5.65
CA GLY D 358 13.68 1.76 -4.44
C GLY D 358 14.35 2.31 -3.21
N THR D 359 13.63 2.24 -2.09
CA THR D 359 14.10 2.66 -0.74
C THR D 359 15.06 1.60 -0.23
N GLN D 360 15.80 1.91 0.83
CA GLN D 360 16.70 0.96 1.51
C GLN D 360 15.95 -0.35 1.81
N ASN D 361 14.70 -0.26 2.26
CA ASN D 361 13.93 -1.46 2.68
C ASN D 361 13.44 -2.23 1.46
N GLU D 362 13.03 -1.55 0.40
CA GLU D 362 12.70 -2.20 -0.89
C GLU D 362 13.89 -3.03 -1.39
N TYR D 363 15.13 -2.59 -1.18
CA TYR D 363 16.34 -3.34 -1.61
C TYR D 363 16.53 -4.60 -0.76
N LYS D 364 16.40 -4.47 0.57
CA LYS D 364 16.46 -5.63 1.51
C LYS D 364 15.36 -6.63 1.18
N ALA D 365 14.15 -6.16 0.92
CA ALA D 365 13.00 -7.05 0.68
C ALA D 365 13.23 -7.84 -0.62
N PHE D 366 13.70 -7.16 -1.69
CA PHE D 366 14.05 -7.81 -2.97
C PHE D 366 15.10 -8.91 -2.74
N ILE D 367 16.18 -8.60 -2.02
CA ILE D 367 17.28 -9.57 -1.73
C ILE D 367 16.73 -10.68 -0.80
N ASP D 368 15.81 -10.34 0.09
CA ASP D 368 15.17 -11.33 0.99
C ASP D 368 14.34 -12.27 0.12
N ALA D 369 13.51 -11.70 -0.75
CA ALA D 369 12.62 -12.43 -1.68
C ALA D 369 13.43 -13.35 -2.60
N CYS D 370 14.59 -12.87 -3.09
CA CYS D 370 15.51 -13.68 -3.95
C CYS D 370 15.93 -14.92 -3.15
N HIS D 371 16.43 -14.71 -1.94
CA HIS D 371 16.89 -15.77 -1.00
C HIS D 371 15.78 -16.79 -0.75
N GLN D 372 14.53 -16.33 -0.55
CA GLN D 372 13.38 -17.24 -0.27
C GLN D 372 13.13 -18.12 -1.49
N ASN D 373 13.35 -17.59 -2.70
CA ASN D 373 13.20 -18.32 -3.98
C ASN D 373 14.46 -19.16 -4.27
N GLY D 374 15.41 -19.20 -3.34
CA GLY D 374 16.65 -20.00 -3.45
C GLY D 374 17.74 -19.30 -4.27
N ILE D 375 17.65 -17.99 -4.48
CA ILE D 375 18.52 -17.23 -5.44
C ILE D 375 19.43 -16.26 -4.67
N ALA D 376 20.73 -16.39 -4.87
CA ALA D 376 21.79 -15.49 -4.35
C ALA D 376 21.75 -14.11 -5.06
N VAL D 377 22.27 -13.08 -4.41
CA VAL D 377 22.41 -11.73 -5.04
C VAL D 377 23.86 -11.25 -5.03
N ILE D 378 24.34 -10.84 -6.20
CA ILE D 378 25.70 -10.29 -6.45
C ILE D 378 25.55 -8.81 -6.82
N PHE D 379 26.26 -7.89 -6.16
CA PHE D 379 26.30 -6.48 -6.58
C PHE D 379 27.48 -6.26 -7.54
N ASP D 380 27.23 -5.57 -8.63
CA ASP D 380 28.27 -4.97 -9.50
C ASP D 380 28.72 -3.66 -8.84
N VAL D 381 30.01 -3.56 -8.49
CA VAL D 381 30.62 -2.43 -7.74
C VAL D 381 31.77 -1.84 -8.55
N VAL D 382 31.87 -0.51 -8.53
CA VAL D 382 32.67 0.32 -9.47
C VAL D 382 33.65 1.18 -8.69
N TYR D 383 34.84 0.66 -8.39
CA TYR D 383 35.88 1.38 -7.60
C TYR D 383 36.98 1.93 -8.50
N ASN D 384 36.97 1.73 -9.82
CA ASN D 384 38.01 2.39 -10.65
C ASN D 384 37.92 3.92 -10.47
N HIS D 385 36.71 4.45 -10.52
CA HIS D 385 36.41 5.90 -10.64
C HIS D 385 35.05 6.23 -10.00
N THR D 386 34.91 7.47 -9.55
CA THR D 386 33.65 8.04 -9.06
C THR D 386 33.36 9.19 -10.03
N ASN D 387 32.72 10.26 -9.57
CA ASN D 387 32.35 11.42 -10.42
C ASN D 387 32.53 12.70 -9.58
N ASN D 388 32.23 13.84 -10.18
CA ASN D 388 32.45 15.18 -9.57
C ASN D 388 31.49 15.38 -8.37
N ASP D 389 30.42 14.60 -8.30
CA ASP D 389 29.40 14.72 -7.22
C ASP D 389 29.95 14.14 -5.92
N ASN D 390 30.94 13.25 -5.98
CA ASN D 390 31.44 12.55 -4.78
C ASN D 390 32.06 13.57 -3.81
N PRO D 391 31.65 13.57 -2.53
CA PRO D 391 32.29 14.38 -1.50
C PRO D 391 33.83 14.31 -1.55
N PHE D 392 34.37 13.11 -1.78
CA PHE D 392 35.84 12.83 -1.86
C PHE D 392 36.51 13.74 -2.90
N ALA D 393 35.87 13.93 -4.05
CA ALA D 393 36.33 14.79 -5.16
C ALA D 393 36.19 16.25 -4.74
N ARG D 394 34.99 16.61 -4.28
CA ARG D 394 34.63 18.01 -3.94
C ARG D 394 35.52 18.52 -2.80
N MET D 395 35.97 17.64 -1.91
CA MET D 395 36.71 18.02 -0.68
C MET D 395 38.05 18.69 -1.05
N TYR D 396 38.79 18.13 -2.02
CA TYR D 396 40.09 18.63 -2.52
C TYR D 396 40.08 18.69 -4.06
N TRP D 397 39.74 19.87 -4.56
CA TRP D 397 39.38 20.13 -5.97
C TRP D 397 40.29 21.23 -6.54
N ASP D 398 40.60 21.10 -7.83
CA ASP D 398 41.39 22.04 -8.64
C ASP D 398 40.41 22.94 -9.40
N THR D 399 40.20 24.17 -8.92
CA THR D 399 39.25 25.14 -9.54
C THR D 399 39.83 25.73 -10.83
N PHE D 400 41.07 25.39 -11.20
CA PHE D 400 41.70 25.86 -12.46
C PHE D 400 41.52 24.81 -13.56
N ASN D 401 41.77 23.54 -13.25
CA ASN D 401 41.74 22.44 -14.26
C ASN D 401 40.42 21.65 -14.17
N ASN D 402 39.59 21.91 -13.14
CA ASN D 402 38.27 21.28 -12.94
C ASN D 402 38.45 19.76 -12.82
N ARG D 403 39.24 19.33 -11.84
CA ARG D 403 39.55 17.91 -11.58
C ARG D 403 40.11 17.83 -10.16
N PRO D 404 40.32 16.62 -9.60
CA PRO D 404 40.87 16.53 -8.25
C PRO D 404 42.18 17.32 -8.11
N SER D 405 42.35 17.94 -6.94
CA SER D 405 43.61 18.56 -6.50
C SER D 405 44.71 17.48 -6.44
N THR D 406 45.97 17.89 -6.60
CA THR D 406 47.16 17.03 -6.39
C THR D 406 47.28 16.69 -4.89
N LYS D 407 46.59 17.42 -4.00
CA LYS D 407 46.59 17.19 -2.53
C LYS D 407 45.49 16.18 -2.16
N ASN D 408 44.65 15.77 -3.11
CA ASN D 408 43.49 14.86 -2.85
C ASN D 408 44.00 13.46 -2.46
N PRO D 409 43.61 12.91 -1.30
CA PRO D 409 44.23 11.70 -0.78
C PRO D 409 43.59 10.40 -1.28
N TRP D 410 42.42 10.51 -1.92
CA TRP D 410 41.70 9.33 -2.49
C TRP D 410 41.95 9.23 -4.00
N LEU D 411 42.02 10.37 -4.69
CA LEU D 411 41.86 10.46 -6.17
C LEU D 411 43.12 11.04 -6.81
N ASN D 412 43.41 10.59 -8.02
CA ASN D 412 44.46 11.15 -8.90
C ASN D 412 43.90 12.45 -9.47
N ALA D 413 44.75 13.46 -9.65
CA ALA D 413 44.36 14.67 -10.41
C ALA D 413 44.12 14.26 -11.87
N VAL D 414 44.94 13.34 -12.39
CA VAL D 414 44.88 12.89 -13.81
C VAL D 414 44.95 11.36 -13.85
N THR D 415 44.02 10.74 -14.58
CA THR D 415 43.89 9.27 -14.72
C THR D 415 45.21 8.72 -15.28
N PRO D 416 45.88 7.80 -14.56
CA PRO D 416 47.13 7.19 -15.01
C PRO D 416 47.03 6.38 -16.33
N HIS D 417 45.96 5.62 -16.46
CA HIS D 417 45.69 4.75 -17.63
C HIS D 417 44.92 5.58 -18.66
N GLN D 418 45.62 6.36 -19.49
CA GLN D 418 45.03 7.39 -20.39
C GLN D 418 44.19 6.75 -21.52
N LYS D 419 44.34 5.46 -21.77
CA LYS D 419 43.51 4.71 -22.76
C LYS D 419 42.03 4.66 -22.30
N TYR D 420 41.79 4.65 -20.99
CA TYR D 420 40.45 4.45 -20.36
C TYR D 420 40.21 5.52 -19.30
N VAL D 421 39.59 6.64 -19.70
CA VAL D 421 39.28 7.81 -18.82
C VAL D 421 37.77 7.91 -18.74
N PHE D 422 37.16 7.21 -17.77
CA PHE D 422 35.69 7.07 -17.71
C PHE D 422 35.08 8.26 -16.98
N SER D 423 35.88 8.95 -16.15
CA SER D 423 35.49 10.21 -15.48
C SER D 423 36.74 10.98 -15.08
N PRO D 424 36.59 12.24 -14.61
CA PRO D 424 37.73 12.99 -14.09
C PRO D 424 38.27 12.47 -12.75
N ASP D 425 37.57 11.52 -12.12
CA ASP D 425 37.76 11.14 -10.69
C ASP D 425 38.19 9.68 -10.59
N ASP D 426 39.46 9.44 -10.86
CA ASP D 426 40.08 8.09 -10.87
C ASP D 426 40.61 7.83 -9.47
N PHE D 427 40.22 6.71 -8.88
CA PHE D 427 40.71 6.32 -7.53
C PHE D 427 42.18 5.92 -7.64
N ASN D 428 42.94 6.34 -6.63
CA ASN D 428 44.34 5.93 -6.36
C ASN D 428 44.30 4.74 -5.39
N HIS D 429 44.41 3.52 -5.91
CA HIS D 429 44.29 2.29 -5.09
C HIS D 429 45.60 1.97 -4.38
N THR D 430 46.61 2.85 -4.43
CA THR D 430 47.78 2.75 -3.52
C THR D 430 47.60 3.71 -2.33
N SER D 431 46.54 4.52 -2.29
CA SER D 431 46.23 5.36 -1.10
C SER D 431 45.66 4.45 -0.02
N GLU D 432 46.25 4.48 1.16
CA GLU D 432 45.74 3.73 2.34
C GLU D 432 44.33 4.23 2.67
N GLN D 433 44.03 5.51 2.44
CA GLN D 433 42.66 6.08 2.68
C GLN D 433 41.68 5.39 1.73
N THR D 434 42.05 5.24 0.44
CA THR D 434 41.19 4.61 -0.59
C THR D 434 40.92 3.15 -0.21
N LYS D 435 41.96 2.37 0.10
CA LYS D 435 41.81 0.91 0.35
C LYS D 435 40.90 0.71 1.57
N ALA D 436 41.02 1.55 2.60
CA ALA D 436 40.23 1.44 3.84
C ALA D 436 38.76 1.73 3.53
N PHE D 437 38.53 2.71 2.65
CA PHE D 437 37.18 3.10 2.20
C PHE D 437 36.50 1.93 1.48
N VAL D 438 37.21 1.33 0.52
CA VAL D 438 36.74 0.20 -0.32
C VAL D 438 36.40 -1.00 0.59
N LYS D 439 37.30 -1.40 1.50
CA LYS D 439 37.08 -2.52 2.46
C LYS D 439 35.90 -2.20 3.38
N ARG D 440 35.86 -0.99 3.94
CA ARG D 440 34.71 -0.59 4.78
C ARG D 440 33.41 -0.72 3.99
N ASN D 441 33.41 -0.32 2.71
CA ASN D 441 32.20 -0.25 1.87
C ASN D 441 31.76 -1.68 1.52
N LEU D 442 32.72 -2.56 1.21
CA LEU D 442 32.42 -3.98 0.87
C LEU D 442 31.74 -4.63 2.09
N LYS D 443 32.33 -4.39 3.27
CA LYS D 443 31.80 -4.85 4.58
C LYS D 443 30.39 -4.26 4.80
N TYR D 444 30.17 -2.96 4.58
CA TYR D 444 28.86 -2.30 4.80
C TYR D 444 27.78 -3.02 3.96
N LEU D 445 28.05 -3.27 2.68
CA LEU D 445 27.07 -3.86 1.73
C LEU D 445 26.74 -5.30 2.17
N LEU D 446 27.74 -6.07 2.62
CA LEU D 446 27.52 -7.48 3.04
C LEU D 446 26.66 -7.49 4.32
N ASP D 447 26.99 -6.63 5.28
CA ASP D 447 26.31 -6.56 6.61
C ASP D 447 24.87 -6.05 6.42
N THR D 448 24.69 -4.93 5.73
CA THR D 448 23.40 -4.22 5.61
C THR D 448 22.47 -4.94 4.62
N TYR D 449 22.99 -5.42 3.48
CA TYR D 449 22.09 -5.90 2.38
C TYR D 449 22.16 -7.42 2.22
N HIS D 450 23.01 -8.11 2.98
CA HIS D 450 22.98 -9.59 3.10
C HIS D 450 23.27 -10.23 1.75
N ILE D 451 24.06 -9.54 0.90
CA ILE D 451 24.39 -10.03 -0.48
C ILE D 451 25.44 -11.16 -0.39
N ASP D 452 25.56 -11.90 -1.48
CA ASP D 452 26.28 -13.20 -1.58
C ASP D 452 27.59 -13.07 -2.34
N GLY D 453 27.89 -11.91 -2.92
CA GLY D 453 29.18 -11.66 -3.58
C GLY D 453 29.19 -10.36 -4.35
N PHE D 454 30.31 -10.12 -5.04
CA PHE D 454 30.53 -8.92 -5.87
C PHE D 454 31.10 -9.30 -7.23
N ARG D 455 30.71 -8.52 -8.24
CA ARG D 455 31.47 -8.34 -9.49
C ARG D 455 32.15 -6.96 -9.42
N PHE D 456 33.47 -6.95 -9.37
CA PHE D 456 34.31 -5.72 -9.46
C PHE D 456 34.43 -5.29 -10.93
N ASP D 457 33.90 -4.10 -11.22
CA ASP D 457 34.05 -3.39 -12.51
C ASP D 457 35.50 -2.94 -12.70
N PHE D 458 36.00 -3.11 -13.93
CA PHE D 458 37.27 -2.56 -14.47
C PHE D 458 38.42 -2.65 -13.45
N THR D 459 38.71 -3.85 -12.95
CA THR D 459 39.84 -4.07 -11.99
C THR D 459 41.20 -3.77 -12.65
N LYS D 460 41.30 -3.82 -13.97
CA LYS D 460 42.52 -3.42 -14.75
C LYS D 460 42.85 -1.96 -14.44
N GLY D 461 41.84 -1.17 -14.09
CA GLY D 461 41.98 0.26 -13.76
C GLY D 461 42.64 0.52 -12.42
N PHE D 462 42.86 -0.47 -11.57
CA PHE D 462 43.33 -0.21 -10.18
C PHE D 462 44.87 -0.12 -10.18
N THR D 463 45.42 0.84 -10.92
CA THR D 463 46.86 0.92 -11.25
C THR D 463 47.27 2.39 -11.24
N GLN D 464 48.46 2.68 -10.69
CA GLN D 464 49.08 4.03 -10.71
C GLN D 464 50.12 4.14 -11.85
N LYS D 465 50.31 3.12 -12.68
CA LYS D 465 51.29 3.21 -13.79
C LYS D 465 50.73 4.14 -14.88
N GLN D 466 51.56 5.08 -15.32
CA GLN D 466 51.29 5.96 -16.49
C GLN D 466 51.31 5.08 -17.75
N THR D 467 50.17 4.92 -18.42
CA THR D 467 50.03 4.14 -19.68
C THR D 467 49.19 4.97 -20.65
N THR D 468 49.21 4.60 -21.93
CA THR D 468 48.47 5.29 -23.02
C THR D 468 47.75 4.28 -23.92
N GLY D 469 47.96 2.97 -23.73
CA GLY D 469 47.35 1.95 -24.61
C GLY D 469 46.84 0.75 -23.83
N ASP D 470 46.56 -0.34 -24.57
CA ASP D 470 46.06 -1.62 -24.02
C ASP D 470 47.22 -2.50 -23.52
N ASP D 471 48.34 -2.59 -24.26
CA ASP D 471 49.45 -3.55 -23.96
C ASP D 471 50.21 -3.11 -22.71
N ASP D 472 50.51 -1.81 -22.58
CA ASP D 472 51.22 -1.26 -21.38
C ASP D 472 50.34 -1.39 -20.13
N LEU D 473 49.03 -1.14 -20.25
CA LEU D 473 48.06 -1.25 -19.13
C LEU D 473 47.94 -2.71 -18.67
N ALA D 474 47.88 -3.65 -19.62
CA ALA D 474 47.62 -5.07 -19.36
C ALA D 474 48.89 -5.80 -18.90
N ALA D 475 50.08 -5.20 -19.07
CA ALA D 475 51.34 -5.71 -18.50
C ALA D 475 51.14 -5.88 -16.99
N THR D 476 51.72 -6.92 -16.39
CA THR D 476 51.57 -7.20 -14.95
C THR D 476 51.96 -5.93 -14.17
N ASP D 477 51.11 -5.56 -13.21
CA ASP D 477 51.40 -4.49 -12.21
C ASP D 477 51.29 -5.15 -10.86
N PRO D 478 52.41 -5.42 -10.17
CA PRO D 478 52.35 -6.18 -8.93
C PRO D 478 51.56 -5.43 -7.84
N ALA D 479 51.44 -4.11 -7.92
CA ALA D 479 50.60 -3.29 -7.00
C ALA D 479 49.12 -3.57 -7.26
N ARG D 480 48.72 -3.66 -8.54
CA ARG D 480 47.33 -3.99 -8.96
C ARG D 480 47.00 -5.40 -8.44
N VAL D 481 47.88 -6.35 -8.69
CA VAL D 481 47.68 -7.76 -8.22
C VAL D 481 47.49 -7.75 -6.69
N SER D 482 48.34 -7.06 -5.93
CA SER D 482 48.32 -7.08 -4.44
C SER D 482 47.07 -6.35 -3.91
N VAL D 483 46.70 -5.20 -4.47
CA VAL D 483 45.48 -4.51 -3.98
C VAL D 483 44.28 -5.41 -4.27
N LEU D 484 44.25 -6.12 -5.42
CA LEU D 484 43.07 -6.96 -5.75
C LEU D 484 42.98 -8.14 -4.77
N LYS D 485 44.10 -8.75 -4.38
CA LYS D 485 44.15 -9.79 -3.31
C LYS D 485 43.66 -9.22 -1.98
N GLU D 486 43.98 -7.95 -1.67
CA GLU D 486 43.57 -7.30 -0.40
C GLU D 486 42.04 -7.17 -0.37
N TYR D 487 41.45 -6.73 -1.49
CA TYR D 487 39.99 -6.48 -1.56
C TYR D 487 39.27 -7.84 -1.46
N TYR D 488 39.82 -8.88 -2.11
CA TYR D 488 39.36 -10.29 -1.99
C TYR D 488 39.35 -10.67 -0.50
N GLU D 489 40.49 -10.53 0.19
CA GLU D 489 40.65 -10.94 1.61
C GLU D 489 39.60 -10.23 2.47
N ALA D 490 39.40 -8.93 2.27
CA ALA D 490 38.48 -8.10 3.09
C ALA D 490 37.06 -8.69 3.03
N VAL D 491 36.63 -9.09 1.84
CA VAL D 491 35.30 -9.69 1.58
C VAL D 491 35.20 -11.02 2.33
N LYS D 492 36.22 -11.87 2.18
CA LYS D 492 36.27 -13.25 2.76
C LYS D 492 36.24 -13.16 4.30
N ALA D 493 36.92 -12.17 4.87
CA ALA D 493 36.99 -11.90 6.32
C ALA D 493 35.59 -11.64 6.87
N VAL D 494 34.73 -10.97 6.07
CA VAL D 494 33.32 -10.63 6.45
C VAL D 494 32.42 -11.84 6.18
N LYS D 495 32.62 -12.56 5.08
CA LYS D 495 31.72 -13.68 4.66
C LYS D 495 32.51 -14.66 3.80
N GLU D 496 33.04 -15.74 4.42
CA GLU D 496 34.06 -16.67 3.85
C GLU D 496 33.56 -17.35 2.58
N ASP D 497 32.23 -17.48 2.40
CA ASP D 497 31.64 -18.12 1.20
C ASP D 497 31.06 -17.07 0.24
N ALA D 498 31.42 -15.77 0.35
CA ALA D 498 31.02 -14.72 -0.62
C ALA D 498 31.77 -14.95 -1.94
N MET D 499 31.06 -14.96 -3.06
CA MET D 499 31.71 -15.06 -4.41
C MET D 499 32.35 -13.71 -4.75
N VAL D 500 33.65 -13.71 -5.07
CA VAL D 500 34.37 -12.50 -5.54
C VAL D 500 34.66 -12.72 -7.03
N THR D 501 34.05 -11.90 -7.88
CA THR D 501 34.21 -11.96 -9.35
C THR D 501 34.87 -10.63 -9.75
N MET D 502 35.83 -10.67 -10.68
CA MET D 502 36.50 -9.45 -11.18
C MET D 502 36.45 -9.42 -12.70
N GLN D 503 36.02 -8.30 -13.26
CA GLN D 503 36.07 -8.05 -14.72
C GLN D 503 37.41 -7.42 -15.01
N HIS D 504 38.39 -8.24 -15.41
CA HIS D 504 39.82 -7.87 -15.37
C HIS D 504 40.37 -7.84 -16.79
N PHE D 505 40.15 -8.91 -17.56
CA PHE D 505 40.62 -8.99 -18.96
C PHE D 505 42.12 -8.76 -19.01
N CYS D 506 42.84 -9.49 -18.19
CA CYS D 506 44.30 -9.33 -18.04
C CYS D 506 44.88 -10.69 -17.64
N ALA D 507 45.11 -11.52 -18.66
CA ALA D 507 45.34 -12.99 -18.57
C ALA D 507 46.53 -13.26 -17.65
N ASN D 508 47.60 -12.48 -17.79
CA ASN D 508 48.85 -12.67 -17.00
C ASN D 508 48.52 -12.59 -15.51
N GLU D 509 47.81 -11.55 -15.05
CA GLU D 509 47.45 -11.40 -13.61
C GLU D 509 46.34 -12.39 -13.25
N GLU D 510 45.52 -12.80 -14.22
CA GLU D 510 44.40 -13.75 -13.99
C GLU D 510 44.95 -15.11 -13.55
N THR D 511 45.97 -15.65 -14.24
CA THR D 511 46.63 -16.95 -13.90
C THR D 511 46.98 -16.99 -12.41
N THR D 512 47.64 -15.95 -11.89
CA THR D 512 48.00 -15.83 -10.45
C THR D 512 46.74 -15.79 -9.60
N LEU D 513 45.83 -14.87 -9.91
CA LEU D 513 44.72 -14.51 -8.98
C LEU D 513 43.66 -15.62 -9.01
N ALA D 514 43.44 -16.27 -10.16
CA ALA D 514 42.45 -17.37 -10.26
C ALA D 514 42.79 -18.47 -9.24
N THR D 515 44.07 -18.77 -9.04
CA THR D 515 44.54 -19.84 -8.11
C THR D 515 44.37 -19.42 -6.65
N GLU D 516 44.00 -18.16 -6.36
CA GLU D 516 43.87 -17.64 -4.97
C GLU D 516 42.41 -17.34 -4.63
N GLY D 517 41.47 -17.86 -5.41
CA GLY D 517 40.05 -17.79 -5.05
C GLY D 517 39.27 -16.83 -5.92
N ILE D 518 39.92 -15.91 -6.63
CA ILE D 518 39.18 -14.88 -7.45
C ILE D 518 38.62 -15.53 -8.72
N HIS D 519 37.35 -15.27 -9.04
CA HIS D 519 36.70 -15.60 -10.33
C HIS D 519 36.83 -14.41 -11.28
N PHE D 520 36.96 -14.69 -12.58
CA PHE D 520 37.14 -13.67 -13.65
C PHE D 520 36.10 -13.88 -14.75
N TRP D 521 35.58 -12.77 -15.25
CA TRP D 521 34.79 -12.72 -16.51
C TRP D 521 35.62 -13.33 -17.63
N ARG D 522 35.03 -14.24 -18.39
CA ARG D 522 35.63 -14.90 -19.57
C ARG D 522 34.66 -14.71 -20.73
N ASN D 523 35.00 -13.77 -21.60
CA ASN D 523 34.12 -13.21 -22.65
C ASN D 523 34.20 -14.11 -23.89
N MET D 524 33.18 -14.94 -24.11
CA MET D 524 33.06 -15.79 -25.35
C MET D 524 32.03 -15.20 -26.32
N ASN D 525 31.76 -13.89 -26.27
CA ASN D 525 30.66 -13.27 -27.04
C ASN D 525 30.99 -13.36 -28.54
N HIS D 526 32.24 -13.02 -28.92
CA HIS D 526 32.62 -13.04 -30.36
C HIS D 526 32.38 -14.45 -30.96
N SER D 527 32.81 -15.51 -30.28
CA SER D 527 32.72 -16.90 -30.80
C SER D 527 31.25 -17.28 -30.98
N TYR D 528 30.43 -17.06 -29.95
CA TYR D 528 29.04 -17.55 -29.93
C TYR D 528 28.17 -16.68 -30.86
N CYS D 529 28.59 -15.46 -31.15
CA CYS D 529 27.92 -14.59 -32.16
C CYS D 529 28.21 -15.16 -33.54
N GLN D 530 29.45 -15.54 -33.81
CA GLN D 530 29.82 -16.16 -35.12
C GLN D 530 29.04 -17.46 -35.30
N SER D 531 29.01 -18.34 -34.30
CA SER D 531 28.24 -19.60 -34.39
C SER D 531 26.75 -19.27 -34.53
N ALA D 532 26.21 -18.33 -33.76
CA ALA D 532 24.76 -17.98 -33.85
C ALA D 532 24.41 -17.57 -35.30
N MET D 533 25.33 -16.84 -35.93
CA MET D 533 25.18 -16.33 -37.32
C MET D 533 25.44 -17.41 -38.37
N GLY D 534 26.09 -18.52 -38.01
CA GLY D 534 26.42 -19.60 -38.96
C GLY D 534 27.70 -19.33 -39.73
N TRP D 535 28.62 -18.56 -39.16
CA TRP D 535 29.96 -18.31 -39.73
C TRP D 535 31.01 -19.03 -38.88
N LYS D 536 31.78 -19.93 -39.49
CA LYS D 536 32.83 -20.70 -38.76
C LYS D 536 34.01 -19.78 -38.41
N ASP D 537 34.22 -18.68 -39.15
CA ASP D 537 35.29 -17.70 -38.83
C ASP D 537 35.20 -17.32 -37.33
N ASN D 538 36.31 -17.49 -36.60
CA ASN D 538 36.49 -16.97 -35.22
C ASN D 538 35.33 -17.48 -34.35
N SER D 539 34.95 -18.75 -34.50
CA SER D 539 33.77 -19.36 -33.84
C SER D 539 34.18 -20.36 -32.77
N ASP D 540 35.47 -20.40 -32.43
CA ASP D 540 36.06 -21.38 -31.49
C ASP D 540 35.45 -21.18 -30.10
N PHE D 541 34.77 -22.18 -29.53
CA PHE D 541 34.24 -22.13 -28.13
C PHE D 541 35.30 -22.39 -27.05
N SER D 542 36.51 -22.89 -27.39
CA SER D 542 37.38 -23.56 -26.39
C SER D 542 37.71 -22.65 -25.19
N GLY D 543 37.77 -21.33 -25.40
CA GLY D 543 38.01 -20.30 -24.37
C GLY D 543 37.03 -20.33 -23.19
N LEU D 544 35.85 -20.96 -23.34
CA LEU D 544 34.82 -21.07 -22.27
C LEU D 544 35.33 -21.95 -21.11
N TYR D 545 36.15 -22.94 -21.43
CA TYR D 545 36.67 -23.96 -20.49
C TYR D 545 38.15 -23.72 -20.28
N ASP D 546 38.51 -23.25 -19.09
CA ASP D 546 39.92 -23.10 -18.68
C ASP D 546 40.36 -24.43 -18.06
N THR D 547 41.28 -25.13 -18.71
CA THR D 547 41.72 -26.49 -18.31
C THR D 547 42.34 -26.49 -16.89
N THR D 548 43.09 -25.46 -16.51
CA THR D 548 43.78 -25.41 -15.20
C THR D 548 42.76 -25.23 -14.07
N ARG D 549 41.92 -24.20 -14.16
CA ARG D 549 40.96 -23.80 -13.10
C ARG D 549 39.60 -23.53 -13.71
N PRO D 550 38.84 -24.57 -14.13
CA PRO D 550 37.59 -24.35 -14.86
C PRO D 550 36.59 -23.53 -14.05
N ASN D 551 36.60 -23.67 -12.73
CA ASN D 551 35.60 -23.09 -11.80
C ASN D 551 35.90 -21.61 -11.53
N GLN D 552 37.05 -21.09 -11.97
CA GLN D 552 37.44 -19.71 -11.66
C GLN D 552 37.10 -18.74 -12.82
N PHE D 553 36.54 -19.22 -13.94
CA PHE D 553 36.24 -18.35 -15.12
C PHE D 553 34.74 -18.41 -15.41
N VAL D 554 34.10 -17.27 -15.15
CA VAL D 554 32.65 -17.04 -15.41
C VAL D 554 32.51 -16.74 -16.89
N GLY D 555 32.23 -17.79 -17.66
CA GLY D 555 32.05 -17.76 -19.12
C GLY D 555 30.70 -17.15 -19.50
N TYR D 556 30.67 -16.40 -20.60
CA TYR D 556 29.38 -15.86 -21.13
C TYR D 556 29.45 -15.72 -22.65
N MET D 557 28.29 -15.91 -23.27
CA MET D 557 28.02 -15.62 -24.69
C MET D 557 27.59 -14.16 -24.80
N GLU D 558 27.01 -13.60 -23.73
CA GLU D 558 26.45 -12.23 -23.73
C GLU D 558 26.73 -11.55 -22.39
N SER D 559 27.04 -10.26 -22.44
CA SER D 559 26.98 -9.36 -21.25
C SER D 559 26.32 -8.07 -21.67
N HIS D 560 25.99 -7.18 -20.72
CA HIS D 560 25.49 -5.80 -20.97
C HIS D 560 26.43 -5.04 -21.92
N ASP D 561 27.73 -5.41 -22.00
CA ASP D 561 28.76 -4.69 -22.79
C ASP D 561 28.74 -5.14 -24.25
N GLU D 562 28.01 -6.19 -24.59
CA GLU D 562 28.17 -6.82 -25.93
C GLU D 562 26.87 -6.76 -26.70
N GLU D 563 27.00 -6.86 -28.02
CA GLU D 563 25.91 -7.10 -28.98
C GLU D 563 25.27 -8.44 -28.66
N ARG D 564 23.97 -8.55 -28.89
CA ARG D 564 23.19 -9.78 -28.71
C ARG D 564 23.48 -10.70 -29.90
N CYS D 565 23.72 -11.97 -29.62
CA CYS D 565 23.89 -13.03 -30.64
C CYS D 565 22.63 -13.10 -31.52
N ALA D 566 21.44 -12.96 -30.96
CA ALA D 566 20.15 -13.02 -31.73
C ALA D 566 20.01 -11.81 -32.68
N TYR D 567 20.58 -10.66 -32.33
CA TYR D 567 20.57 -9.46 -33.20
C TYR D 567 21.51 -9.70 -34.40
N LYS D 568 22.71 -10.23 -34.14
CA LYS D 568 23.74 -10.42 -35.20
C LYS D 568 23.18 -11.29 -36.28
N GLN D 569 22.38 -12.30 -35.87
CA GLN D 569 21.64 -13.21 -36.79
C GLN D 569 20.84 -12.38 -37.79
N ILE D 570 19.95 -11.49 -37.30
CA ILE D 570 19.11 -10.58 -38.14
C ILE D 570 19.99 -9.84 -39.15
N GLU D 571 21.04 -9.19 -38.65
CA GLU D 571 21.85 -8.20 -39.41
C GLU D 571 22.79 -8.92 -40.40
N TYR D 572 23.44 -10.01 -39.98
CA TYR D 572 24.59 -10.58 -40.76
C TYR D 572 24.47 -12.10 -40.90
N GLY D 573 23.36 -12.71 -40.49
CA GLY D 573 23.15 -14.16 -40.53
C GLY D 573 23.50 -14.77 -41.88
N ASN D 574 23.83 -16.06 -41.85
CA ASN D 574 24.12 -16.90 -43.04
C ASN D 574 22.82 -17.57 -43.50
N GLY D 575 22.37 -17.27 -44.72
CA GLY D 575 21.10 -17.75 -45.30
C GLY D 575 19.93 -17.56 -44.39
N ALA D 576 19.28 -18.67 -44.04
CA ALA D 576 18.04 -18.73 -43.23
C ALA D 576 18.27 -18.20 -41.80
N LEU D 577 19.52 -18.09 -41.32
CA LEU D 577 19.72 -17.60 -39.93
C LEU D 577 19.42 -16.08 -39.87
N LYS D 578 19.19 -15.44 -41.01
CA LYS D 578 18.87 -14.00 -41.08
C LYS D 578 17.36 -13.79 -40.93
N THR D 579 16.52 -14.65 -41.55
CA THR D 579 15.08 -14.39 -41.77
C THR D 579 14.18 -15.49 -41.18
N ASN D 580 14.74 -16.64 -40.78
CA ASN D 580 13.96 -17.79 -40.27
C ASN D 580 14.11 -17.85 -38.74
N LEU D 581 13.06 -17.49 -37.99
CA LEU D 581 13.11 -17.43 -36.50
C LEU D 581 13.26 -18.85 -35.95
N SER D 582 12.51 -19.80 -36.51
CA SER D 582 12.55 -21.21 -36.08
C SER D 582 14.02 -21.69 -36.14
N GLU D 583 14.72 -21.37 -37.22
CA GLU D 583 16.11 -21.84 -37.44
C GLU D 583 17.06 -21.10 -36.49
N ARG D 584 16.87 -19.78 -36.31
CA ARG D 584 17.65 -18.92 -35.38
C ARG D 584 17.54 -19.49 -33.97
N LEU D 585 16.34 -19.89 -33.54
CA LEU D 585 16.16 -20.37 -32.15
C LEU D 585 16.84 -21.74 -31.99
N LYS D 586 16.87 -22.56 -33.05
CA LYS D 586 17.60 -23.86 -33.03
C LYS D 586 19.10 -23.59 -32.85
N GLN D 587 19.67 -22.74 -33.70
CA GLN D 587 21.08 -22.34 -33.62
C GLN D 587 21.41 -21.84 -32.21
N LEU D 588 20.57 -20.97 -31.63
CA LEU D 588 20.85 -20.42 -30.28
C LEU D 588 20.74 -21.54 -29.24
N SER D 589 19.83 -22.49 -29.46
CA SER D 589 19.64 -23.64 -28.55
C SER D 589 20.87 -24.54 -28.59
N SER D 590 21.48 -24.71 -29.78
CA SER D 590 22.75 -25.46 -29.98
C SER D 590 23.89 -24.73 -29.26
N ASN D 591 23.99 -23.41 -29.41
CA ASN D 591 24.96 -22.61 -28.63
C ASN D 591 24.81 -22.98 -27.16
N ALA D 592 23.57 -22.97 -26.67
CA ALA D 592 23.27 -23.20 -25.24
C ALA D 592 23.71 -24.62 -24.85
N ALA D 593 23.54 -25.60 -25.72
CA ALA D 593 23.96 -27.00 -25.47
C ALA D 593 25.51 -27.10 -25.48
N PHE D 594 26.20 -26.07 -25.94
CA PHE D 594 27.69 -25.95 -25.97
C PHE D 594 28.12 -24.87 -24.97
N PHE D 595 27.26 -24.59 -23.98
CA PHE D 595 27.48 -23.53 -22.98
C PHE D 595 27.14 -24.04 -21.58
N PHE D 596 25.88 -24.40 -21.32
CA PHE D 596 25.45 -24.79 -19.95
C PHE D 596 25.98 -26.19 -19.61
N THR D 597 26.38 -26.97 -20.62
CA THR D 597 26.92 -28.35 -20.50
C THR D 597 28.38 -28.35 -20.08
N VAL D 598 29.00 -27.16 -19.94
CA VAL D 598 30.46 -26.98 -19.76
C VAL D 598 30.72 -26.66 -18.29
N PRO D 599 31.66 -27.38 -17.63
CA PRO D 599 32.01 -27.10 -16.24
C PRO D 599 32.38 -25.64 -15.99
N GLY D 600 32.26 -25.20 -14.75
CA GLY D 600 32.64 -23.84 -14.33
C GLY D 600 31.44 -22.91 -14.36
N PRO D 601 31.54 -21.76 -13.66
CA PRO D 601 30.44 -20.80 -13.58
C PRO D 601 30.09 -20.19 -14.96
N LYS D 602 28.83 -19.84 -15.13
CA LYS D 602 28.30 -19.31 -16.41
C LYS D 602 27.46 -18.09 -16.09
N MET D 603 27.52 -17.08 -16.96
CA MET D 603 26.65 -15.88 -16.86
C MET D 603 25.76 -15.79 -18.11
N LEU D 604 24.50 -15.40 -17.92
CA LEU D 604 23.61 -14.99 -19.03
C LEU D 604 23.07 -13.58 -18.73
N TRP D 605 23.04 -12.77 -19.77
CA TRP D 605 22.55 -11.36 -19.77
C TRP D 605 21.03 -11.41 -20.01
N GLN D 606 20.26 -10.72 -19.14
CA GLN D 606 18.76 -10.80 -19.13
C GLN D 606 18.22 -10.92 -20.57
N PHE D 607 17.38 -11.92 -20.82
CA PHE D 607 16.55 -12.10 -22.04
C PHE D 607 17.30 -12.88 -23.14
N GLY D 608 18.58 -13.22 -22.93
CA GLY D 608 19.28 -14.17 -23.82
C GLY D 608 18.51 -15.47 -23.97
N GLU D 609 17.89 -15.95 -22.88
CA GLU D 609 17.13 -17.21 -22.81
C GLU D 609 15.89 -17.13 -23.72
N MET D 610 15.47 -15.93 -24.12
CA MET D 610 14.32 -15.76 -25.04
C MET D 610 14.75 -15.06 -26.32
N GLY D 611 16.05 -15.04 -26.62
CA GLY D 611 16.54 -14.64 -27.96
C GLY D 611 16.44 -13.15 -28.15
N TYR D 612 16.54 -12.38 -27.05
CA TYR D 612 16.47 -10.90 -27.12
C TYR D 612 17.37 -10.45 -28.27
N ASP D 613 16.83 -9.69 -29.23
CA ASP D 613 17.48 -9.42 -30.54
C ASP D 613 17.36 -7.93 -30.92
N ILE D 614 17.32 -7.05 -29.93
CA ILE D 614 17.48 -5.58 -30.12
C ILE D 614 18.98 -5.27 -30.01
N SER D 615 19.50 -4.55 -30.99
CA SER D 615 20.92 -4.13 -31.03
C SER D 615 21.22 -3.38 -29.74
N ILE D 616 22.42 -3.61 -29.21
CA ILE D 616 22.94 -2.82 -28.06
C ILE D 616 22.88 -1.33 -28.43
N ASP D 617 22.95 -1.01 -29.73
CA ASP D 617 23.08 0.39 -30.26
C ASP D 617 21.71 1.08 -30.45
N GLU D 618 20.60 0.33 -30.50
CA GLU D 618 19.20 0.83 -30.38
C GLU D 618 19.05 1.81 -29.21
N ASN D 619 18.74 3.07 -29.53
CA ASN D 619 18.48 4.15 -28.54
C ASN D 619 19.80 4.53 -27.85
N GLY D 620 20.94 4.30 -28.51
CA GLY D 620 22.29 4.49 -27.96
C GLY D 620 22.71 3.30 -27.11
N ARG D 621 24.02 3.04 -27.05
CA ARG D 621 24.66 1.94 -26.27
C ARG D 621 24.00 1.80 -24.89
N THR D 622 24.07 2.84 -24.04
CA THR D 622 23.60 2.77 -22.63
C THR D 622 22.12 3.20 -22.52
N GLY D 623 21.45 3.44 -23.64
CA GLY D 623 20.07 3.93 -23.67
C GLY D 623 19.05 2.90 -23.20
N LYS D 624 17.90 3.37 -22.71
CA LYS D 624 16.78 2.49 -22.32
C LYS D 624 16.51 1.53 -23.48
N LYS D 625 16.34 0.26 -23.17
CA LYS D 625 16.06 -0.81 -24.17
C LYS D 625 14.60 -1.20 -24.07
N PRO D 626 13.97 -1.62 -25.19
CA PRO D 626 12.64 -2.22 -25.14
C PRO D 626 12.51 -3.37 -24.14
N VAL D 627 11.40 -3.36 -23.39
CA VAL D 627 11.02 -4.44 -22.44
C VAL D 627 10.06 -5.37 -23.21
N LEU D 628 10.44 -6.63 -23.44
CA LEU D 628 9.78 -7.52 -24.41
C LEU D 628 9.46 -8.88 -23.78
N TRP D 629 8.68 -8.89 -22.70
CA TRP D 629 8.30 -10.16 -22.01
C TRP D 629 7.39 -11.03 -22.89
N GLU D 630 6.87 -10.51 -23.99
CA GLU D 630 6.13 -11.31 -25.00
C GLU D 630 7.03 -12.43 -25.55
N TYR D 631 8.35 -12.19 -25.61
CA TYR D 631 9.39 -13.14 -26.07
C TYR D 631 9.37 -14.41 -25.23
N GLN D 632 8.96 -14.30 -23.97
CA GLN D 632 8.86 -15.47 -23.05
C GLN D 632 7.90 -16.51 -23.62
N THR D 633 6.86 -16.13 -24.36
CA THR D 633 5.89 -17.10 -24.93
C THR D 633 6.26 -17.35 -26.38
N GLU D 634 6.58 -16.31 -27.15
CA GLU D 634 6.86 -16.44 -28.60
C GLU D 634 8.15 -17.27 -28.81
N ARG D 635 9.09 -17.24 -27.87
CA ARG D 635 10.37 -18.01 -27.96
C ARG D 635 10.42 -18.96 -26.77
N LYS D 636 9.26 -19.48 -26.36
CA LYS D 636 9.17 -20.47 -25.26
C LYS D 636 10.11 -21.66 -25.52
N SER D 637 10.27 -22.08 -26.78
CA SER D 637 11.08 -23.29 -27.12
C SER D 637 12.53 -23.08 -26.66
N LEU D 638 13.08 -21.86 -26.84
CA LEU D 638 14.46 -21.53 -26.40
C LEU D 638 14.50 -21.40 -24.88
N VAL D 639 13.51 -20.75 -24.27
CA VAL D 639 13.41 -20.64 -22.79
C VAL D 639 13.39 -22.04 -22.17
N ASP D 640 12.63 -22.97 -22.77
CA ASP D 640 12.54 -24.38 -22.27
C ASP D 640 13.91 -25.05 -22.38
N ILE D 641 14.65 -24.84 -23.46
CA ILE D 641 16.00 -25.48 -23.60
C ILE D 641 16.93 -24.89 -22.55
N TYR D 642 17.00 -23.56 -22.43
CA TYR D 642 17.80 -22.90 -21.37
C TYR D 642 17.41 -23.52 -20.03
N THR D 643 16.10 -23.62 -19.78
CA THR D 643 15.54 -24.10 -18.50
C THR D 643 16.07 -25.51 -18.22
N LYS D 644 15.93 -26.42 -19.18
CA LYS D 644 16.31 -27.84 -19.00
C LYS D 644 17.83 -27.95 -18.78
N LEU D 645 18.64 -27.26 -19.58
CA LEU D 645 20.12 -27.33 -19.47
C LEU D 645 20.56 -26.74 -18.13
N ILE D 646 19.98 -25.64 -17.68
CA ILE D 646 20.40 -25.08 -16.36
C ILE D 646 19.97 -26.07 -15.28
N THR D 647 18.73 -26.58 -15.33
CA THR D 647 18.17 -27.49 -14.31
C THR D 647 19.01 -28.78 -14.25
N LEU D 648 19.43 -29.30 -15.41
CA LEU D 648 20.36 -30.44 -15.49
C LEU D 648 21.51 -30.24 -14.51
N ARG D 649 22.04 -29.04 -14.36
CA ARG D 649 23.26 -28.80 -13.55
C ARG D 649 22.97 -29.04 -12.07
N THR D 650 21.71 -28.93 -11.62
CA THR D 650 21.30 -29.20 -10.22
C THR D 650 20.97 -30.69 -10.08
N THR D 651 20.14 -31.21 -10.98
CA THR D 651 19.68 -32.63 -11.02
C THR D 651 20.88 -33.57 -11.08
N HIS D 652 21.91 -33.25 -11.87
CA HIS D 652 23.09 -34.12 -12.05
C HIS D 652 24.37 -33.30 -11.83
N SER D 653 24.47 -32.64 -10.67
CA SER D 653 25.59 -31.74 -10.30
C SER D 653 26.92 -32.49 -10.27
N ASP D 654 26.93 -33.79 -9.97
CA ASP D 654 28.16 -34.62 -9.89
C ASP D 654 28.80 -34.71 -11.30
N LEU D 655 27.97 -34.59 -12.32
CA LEU D 655 28.44 -34.51 -13.74
C LEU D 655 29.38 -33.31 -13.91
N PHE D 656 29.03 -32.17 -13.29
CA PHE D 656 29.62 -30.83 -13.59
C PHE D 656 30.71 -30.46 -12.60
N ASN D 657 31.03 -31.36 -11.67
CA ASN D 657 32.23 -31.25 -10.80
C ASN D 657 33.47 -31.04 -11.68
N ALA D 658 34.37 -30.14 -11.28
CA ALA D 658 35.59 -29.78 -12.05
C ALA D 658 36.50 -31.02 -12.20
N SER D 659 36.38 -32.03 -11.33
CA SER D 659 37.10 -33.33 -11.39
C SER D 659 36.65 -34.16 -12.62
N SER D 660 35.39 -34.03 -13.05
CA SER D 660 34.85 -34.75 -14.24
C SER D 660 35.77 -34.53 -15.44
N GLN D 661 35.92 -35.51 -16.33
CA GLN D 661 36.74 -35.33 -17.55
C GLN D 661 35.88 -34.64 -18.60
N PHE D 662 36.43 -33.63 -19.27
CA PHE D 662 35.71 -32.79 -20.27
C PHE D 662 36.56 -32.66 -21.53
N THR D 663 36.01 -33.05 -22.65
CA THR D 663 36.67 -32.89 -23.96
C THR D 663 35.61 -32.44 -24.97
N TRP D 664 36.03 -31.65 -25.95
CA TRP D 664 35.11 -31.16 -27.02
C TRP D 664 35.91 -30.80 -28.25
N LYS D 665 35.23 -30.84 -29.40
CA LYS D 665 35.76 -30.44 -30.72
C LYS D 665 34.92 -29.25 -31.20
N VAL D 666 35.49 -28.05 -31.03
CA VAL D 666 34.74 -26.76 -31.12
C VAL D 666 35.56 -25.71 -31.87
N SER D 667 36.57 -26.13 -32.63
CA SER D 667 37.53 -25.26 -33.35
C SER D 667 36.91 -24.92 -34.69
N TYR D 668 37.53 -23.99 -35.40
CA TYR D 668 37.21 -23.60 -36.80
C TYR D 668 37.11 -24.85 -37.68
N ASN D 669 37.91 -25.89 -37.39
CA ASN D 669 37.96 -27.12 -38.24
C ASN D 669 36.81 -28.06 -37.87
N ASP D 670 36.17 -27.87 -36.71
CA ASP D 670 34.98 -28.65 -36.29
C ASP D 670 33.72 -27.87 -36.69
N TRP D 671 33.23 -28.11 -37.90
CA TRP D 671 32.06 -27.40 -38.46
C TRP D 671 31.25 -28.30 -39.40
N ASP D 672 31.80 -28.60 -40.59
CA ASP D 672 31.12 -29.36 -41.68
C ASP D 672 30.62 -30.72 -41.17
N ASN D 673 31.27 -31.34 -40.19
CA ASN D 673 30.84 -32.65 -39.60
C ASN D 673 30.26 -32.47 -38.20
N GLY D 674 30.02 -31.22 -37.77
CA GLY D 674 29.46 -30.95 -36.45
C GLY D 674 30.52 -30.73 -35.41
N ARG D 675 30.10 -30.40 -34.18
CA ARG D 675 30.95 -30.20 -33.00
C ARG D 675 30.45 -31.21 -31.96
N THR D 676 31.30 -31.63 -31.04
CA THR D 676 30.94 -32.68 -30.05
C THR D 676 31.46 -32.25 -28.69
N LEU D 677 30.85 -32.72 -27.63
CA LEU D 677 31.47 -32.64 -26.30
C LEU D 677 31.07 -33.89 -25.51
N THR D 678 31.94 -34.27 -24.58
CA THR D 678 31.74 -35.43 -23.68
C THR D 678 32.20 -34.98 -22.31
N LEU D 679 31.33 -35.15 -21.31
CA LEU D 679 31.61 -34.88 -19.90
C LEU D 679 31.44 -36.20 -19.12
N LYS D 680 32.54 -36.75 -18.60
CA LYS D 680 32.60 -38.06 -17.87
C LYS D 680 32.88 -37.82 -16.39
N ALA D 681 31.91 -38.14 -15.53
CA ALA D 681 32.03 -37.97 -14.07
C ALA D 681 32.93 -39.06 -13.50
N VAL D 682 33.48 -38.80 -12.31
CA VAL D 682 34.32 -39.75 -11.54
C VAL D 682 33.54 -41.05 -11.31
N ASN D 683 32.21 -40.98 -11.21
CA ASN D 683 31.34 -42.09 -10.75
C ASN D 683 30.72 -42.86 -11.94
N GLY D 684 31.14 -42.59 -13.19
CA GLY D 684 30.68 -43.36 -14.37
C GLY D 684 29.61 -42.64 -15.20
N LYS D 685 28.95 -41.61 -14.66
CA LYS D 685 27.93 -40.83 -15.41
C LYS D 685 28.62 -40.12 -16.56
N GLN D 686 27.95 -40.05 -17.71
CA GLN D 686 28.46 -39.40 -18.93
C GLN D 686 27.37 -38.51 -19.54
N LEU D 687 27.78 -37.38 -20.13
CA LEU D 687 26.95 -36.54 -21.01
C LEU D 687 27.68 -36.38 -22.33
N HIS D 688 26.97 -36.54 -23.44
CA HIS D 688 27.54 -36.36 -24.79
C HIS D 688 26.59 -35.44 -25.58
N VAL D 689 27.13 -34.39 -26.19
CA VAL D 689 26.33 -33.47 -27.05
C VAL D 689 26.98 -33.47 -28.42
N TYR D 690 26.17 -33.61 -29.47
CA TYR D 690 26.53 -33.29 -30.88
C TYR D 690 25.68 -32.10 -31.33
N ALA D 691 26.22 -31.21 -32.17
CA ALA D 691 25.45 -30.12 -32.81
C ALA D 691 25.90 -29.88 -34.24
N ASN D 692 24.94 -29.50 -35.09
CA ASN D 692 25.15 -29.15 -36.51
C ASN D 692 24.87 -27.66 -36.61
N PHE D 693 25.93 -26.84 -36.67
CA PHE D 693 25.84 -25.37 -36.75
C PHE D 693 25.75 -24.96 -38.22
N THR D 694 25.72 -25.92 -39.16
CA THR D 694 25.72 -25.67 -40.64
C THR D 694 24.28 -25.48 -41.12
N ASN D 695 24.11 -25.08 -42.38
CA ASN D 695 22.78 -24.85 -43.01
C ASN D 695 22.27 -26.14 -43.68
N ALA D 696 22.93 -27.28 -43.50
CA ALA D 696 22.49 -28.56 -44.12
C ALA D 696 22.54 -29.70 -43.11
N SER D 697 21.76 -30.74 -43.38
CA SER D 697 21.71 -32.02 -42.63
C SER D 697 23.09 -32.69 -42.65
N ILE D 698 23.45 -33.35 -41.56
CA ILE D 698 24.71 -34.14 -41.42
C ILE D 698 24.32 -35.48 -40.79
N ASP D 699 24.89 -36.58 -41.28
CA ASP D 699 24.80 -37.90 -40.61
C ASP D 699 25.83 -37.95 -39.49
N TYR D 700 25.44 -38.48 -38.33
CA TYR D 700 26.30 -38.70 -37.16
C TYR D 700 26.07 -40.12 -36.64
N THR D 701 27.15 -40.76 -36.20
CA THR D 701 27.15 -42.08 -35.55
C THR D 701 27.28 -41.84 -34.05
N ILE D 702 26.22 -42.12 -33.30
CA ILE D 702 26.25 -42.05 -31.80
C ILE D 702 27.35 -42.98 -31.34
N PRO D 703 28.19 -42.59 -30.35
CA PRO D 703 29.19 -43.50 -29.80
C PRO D 703 28.60 -44.81 -29.23
N GLU D 704 29.44 -45.84 -29.12
CA GLU D 704 29.17 -47.16 -28.49
C GLU D 704 28.63 -46.91 -27.07
N GLY D 705 27.53 -47.58 -26.69
CA GLY D 705 26.95 -47.53 -25.33
C GLY D 705 25.43 -47.55 -25.36
N THR D 706 24.80 -47.54 -24.18
CA THR D 706 23.31 -47.39 -24.02
C THR D 706 23.04 -45.93 -23.61
N TRP D 707 22.51 -45.13 -24.55
CA TRP D 707 22.38 -43.65 -24.48
C TRP D 707 20.91 -43.20 -24.45
N TYR D 708 20.56 -42.29 -23.54
CA TYR D 708 19.21 -41.71 -23.37
C TYR D 708 19.19 -40.26 -23.91
N LEU D 709 18.12 -39.87 -24.61
CA LEU D 709 17.85 -38.45 -24.92
C LEU D 709 17.22 -37.81 -23.67
N TYR D 710 18.05 -37.18 -22.84
CA TYR D 710 17.68 -36.71 -21.49
C TYR D 710 16.63 -35.59 -21.55
N LEU D 711 16.67 -34.74 -22.58
CA LEU D 711 15.76 -33.56 -22.70
C LEU D 711 14.36 -33.99 -23.15
N GLU D 712 14.26 -35.18 -23.77
CA GLU D 712 13.00 -35.81 -24.28
C GLU D 712 12.66 -37.02 -23.41
N GLY D 714 13.02 -38.76 -21.11
CA GLY D 714 14.21 -39.62 -20.95
C GLY D 714 14.17 -40.84 -21.87
N ASN D 715 13.74 -40.67 -23.14
CA ASN D 715 13.59 -41.77 -24.14
C ASN D 715 14.97 -42.33 -24.51
N PRO D 716 15.15 -43.67 -24.67
CA PRO D 716 16.43 -44.27 -25.08
C PRO D 716 16.62 -44.41 -26.60
N VAL D 717 17.82 -44.76 -27.07
CA VAL D 717 18.14 -44.83 -28.53
C VAL D 717 18.56 -46.26 -28.89
N GLU D 720 23.32 -46.99 -30.30
CA GLU D 720 24.60 -46.52 -30.89
C GLU D 720 24.56 -46.73 -32.42
N LYS D 721 23.72 -45.95 -33.12
CA LYS D 721 23.34 -46.09 -34.57
C LYS D 721 23.74 -44.84 -35.36
N LYS D 722 23.43 -44.79 -36.66
CA LYS D 722 23.70 -43.63 -37.54
C LYS D 722 22.39 -42.88 -37.76
N ILE D 723 22.38 -41.57 -37.49
CA ILE D 723 21.18 -40.68 -37.54
C ILE D 723 21.50 -39.49 -38.43
N SER D 724 20.47 -38.91 -39.05
CA SER D 724 20.55 -37.59 -39.74
C SER D 724 20.18 -36.50 -38.73
N VAL D 725 21.07 -35.54 -38.49
CA VAL D 725 20.82 -34.37 -37.60
C VAL D 725 20.58 -33.16 -38.50
N PRO D 726 19.38 -32.55 -38.46
CA PRO D 726 19.08 -31.40 -39.31
C PRO D 726 19.96 -30.18 -38.99
N ALA D 727 20.06 -29.27 -39.98
CA ALA D 727 20.67 -27.93 -39.84
C ALA D 727 20.21 -27.29 -38.52
N HIS D 728 21.17 -26.81 -37.73
CA HIS D 728 21.00 -25.88 -36.57
C HIS D 728 20.62 -26.67 -35.32
N GLU D 729 20.49 -28.00 -35.42
CA GLU D 729 19.98 -28.78 -34.27
C GLU D 729 21.13 -29.41 -33.47
N PHE D 730 20.82 -29.83 -32.25
CA PHE D 730 21.76 -30.56 -31.37
C PHE D 730 21.09 -31.85 -30.90
N ARG D 731 21.90 -32.81 -30.46
CA ARG D 731 21.46 -34.05 -29.80
C ARG D 731 22.24 -34.19 -28.50
N LEU D 732 21.52 -34.30 -27.39
CA LEU D 732 22.11 -34.44 -26.05
C LEU D 732 21.80 -35.85 -25.52
N TYR D 733 22.85 -36.61 -25.25
CA TYR D 733 22.76 -38.01 -24.81
C TYR D 733 23.41 -38.13 -23.43
N THR D 734 22.72 -38.80 -22.50
CA THR D 734 23.20 -39.25 -21.16
C THR D 734 23.24 -40.77 -21.12
N ASN D 735 24.04 -41.36 -20.22
CA ASN D 735 24.09 -42.84 -20.03
C ASN D 735 23.25 -43.24 -18.80
N PHE D 736 22.39 -42.35 -18.32
CA PHE D 736 21.41 -42.60 -17.24
C PHE D 736 20.03 -42.12 -17.71
N ALA D 737 18.98 -42.80 -17.23
CA ALA D 737 17.56 -42.55 -17.58
C ALA D 737 17.10 -41.25 -16.90
#